data_6ZO6
#
_entry.id   6ZO6
#
_cell.length_a   146.281
_cell.length_b   161.008
_cell.length_c   245.457
_cell.angle_alpha   90.000
_cell.angle_beta   90.000
_cell.angle_gamma   90.000
#
_symmetry.space_group_name_H-M   'P 21 21 21'
#
loop_
_entity.id
_entity.type
_entity.pdbx_description
1 polymer 'Multidrug efflux pump subunit AcrB'
2 polymer DARPIN
3 non-polymer DODECYL-BETA-D-MALTOSIDE
4 non-polymer N-OCTANE
5 non-polymer DECYLAMINE-N,N-DIMETHYL-N-OXIDE
6 non-polymer GLYCEROL
7 non-polymer DODECANE
8 non-polymer HEXANE
9 non-polymer 1,2-ETHANEDIOL
10 non-polymer 'TRIETHYLENE GLYCOL'
11 non-polymer '(4S,4AS,5AR,12AS)-4,7-BIS(DIMETHYLAMINO)-3,10,12,12A-TETRAHYDROXY-1,11-DIOXO-1,4,4A,5,5A,6,11,12A-OCTAHYDROTETRACENE-2- CARBOXAMIDE'
12 non-polymer '(2S)-3-hydroxypropane-1,2-diyl didecanoate'
13 non-polymer DECANE
14 non-polymer 'CHLORIDE ION'
15 non-polymer PENTADECANE
16 non-polymer 'TETRAETHYLENE GLYCOL'
17 non-polymer Octadecane
18 non-polymer HEXADECANE
19 non-polymer 'SULFATE ION'
20 non-polymer TETRADECANE
21 non-polymer PHOSPHATIDYLETHANOLAMINE
22 non-polymer '(2S)-3-{[(R)-(2-aminoethoxy)(hydroxy)phosphoryl]oxy}-2-hydroxypropyl hexadecanoate'
23 non-polymer 'PENTAETHYLENE GLYCOL'
24 water water
#
loop_
_entity_poly.entity_id
_entity_poly.type
_entity_poly.pdbx_seq_one_letter_code
_entity_poly.pdbx_strand_id
1 'polypeptide(L)'
;MPNFFIDRPIFAWVIAIIIMLAGGLAILKLPVAQYPTIAPPAVTISASYPGADAKTVQDTVTQVIEQNMNGIDNLMYMSS
NSDSTGTVQITLTFESGTDADIAQVQVQNKLQLAMPLLPQEVQQQGVSVEKSSSSFLMVVGVINTDGTMTQEDISDYVAA
NMKDAISRTSGVGDVQLFGSQYAMRIWMNPNELNKFQLTPVDVITAIKAQNAQVAAGQLGGTPPVKGQQLNASIIAQTRL
TSTEEFGKILLKVNQDGSRVLLRDVAKIELGGENYDIIAEFNGQPASGLGIKLATGANALDTAAAIRAELAKMEPFFPSG
LKIVYPYDTTPFVKISIHEVVKTLVEAIILVFLVMYLFLQNFRATLIPTIAVPVVLLGTFAVLAAFGFSINTLTMFGMVL
AIGLLVDDAIVVVENVERVMAEEGLPPKEATRKSMGQIQGALVGIAMVLSAVFVPMAFFGGSTGAIYRQFSITIVSAMAL
SVLVALILTPALCATMLKPIAKGDHGEGKKGFFGWFNRMFEKSTHHYTDSVGGILRSTGRYLVLYLIIVVGMAYLFVRLP
SSFLPDEDQGVFMTMVQLPAGATQERTQKVLNEVTHYYLTKEKNNVESVFAVNGFGFAPRGQNTGIAFVSLKDWADRPGE
ENKVEAITMRATRAFSQIKDAMVFAFNLPAIVELGTATGFDFELIDQAGLGHEKLTQARNQLLAEAAKHPDMLTSVRPNG
LEDTPQFKIDIDQEKAQALGVSINDINTTLGAAWGGSYVNDFIDRGRVKKVYVMSEAKYRMLPDDIGDWYVRAADGQMVP
FSAFSSSRWEYGSPRLERYNGLPSMEILGQAAPGKSTGEAMELMEQLASKLPTGVGYDWTGMSYQERLSGNQAPSLYAIS
LIVVFLCLAALYESWSIPFSVMLVVPLGVIGALLAATFRGLTNDVYFQVGLLTTIGLSAKNAILIVEFAKDLMDKEGKGL
IEATLDAVRMRLRPILMTSLAFILGVMPLVISTGAGSGAQNAVGTGVMGGMVTATVLAIFFVPVFFVVVRRRFSRKNEDI
EHSHTVDHHLEHHHHHH
;
A,B,C
2 'polypeptide(L)'
;MRGSHHHHHHGSDLGKKLLEAARAGRDDEVRILMANGADVNAADVVGWTPLHLAAYWGHLEIVEVLLKNGADVNAYDTLG
STPLHLAAHFGHLEIVEVLLKNGADVNAKDDNGITPLHLAANRGHLEIVEVLLKYGADVNAQDKFGKTAFDISINNGNED
LAEILQKLN
;
D,E
#
# COMPACT_ATOMS: atom_id res chain seq x y z
N MET A 1 -32.44 32.32 -13.97
CA MET A 1 -31.76 31.48 -15.01
C MET A 1 -32.68 31.27 -16.22
N PRO A 2 -33.95 30.84 -16.05
CA PRO A 2 -34.84 30.61 -17.19
C PRO A 2 -34.94 31.80 -18.15
N ASN A 3 -35.26 32.99 -17.63
CA ASN A 3 -35.39 34.25 -18.40
C ASN A 3 -34.05 34.57 -19.10
N PHE A 4 -32.94 34.36 -18.41
CA PHE A 4 -31.55 34.59 -18.90
C PHE A 4 -31.28 33.72 -20.14
N PHE A 5 -31.67 32.45 -20.09
CA PHE A 5 -31.37 31.42 -21.13
C PHE A 5 -32.45 31.37 -22.21
N ILE A 6 -33.63 31.94 -21.93
CA ILE A 6 -34.72 32.14 -22.94
C ILE A 6 -34.23 33.15 -23.99
N ASP A 7 -33.44 34.14 -23.58
CA ASP A 7 -32.86 35.20 -24.45
C ASP A 7 -31.56 34.70 -25.10
N ARG A 8 -30.86 33.77 -24.44
CA ARG A 8 -29.54 33.22 -24.88
C ARG A 8 -29.64 31.70 -25.04
N PRO A 9 -30.29 31.19 -26.11
CA PRO A 9 -30.39 29.75 -26.33
C PRO A 9 -29.07 29.06 -26.73
N ILE A 10 -28.14 29.78 -27.38
CA ILE A 10 -26.81 29.23 -27.79
C ILE A 10 -25.97 28.97 -26.53
N PHE A 11 -26.06 29.86 -25.53
CA PHE A 11 -25.43 29.68 -24.19
C PHE A 11 -25.98 28.39 -23.57
N ALA A 12 -27.31 28.25 -23.55
CA ALA A 12 -28.04 27.07 -23.00
C ALA A 12 -27.57 25.79 -23.69
N TRP A 13 -27.39 25.82 -25.02
CA TRP A 13 -26.87 24.70 -25.83
C TRP A 13 -25.44 24.35 -25.42
N VAL A 14 -24.56 25.36 -25.35
CA VAL A 14 -23.12 25.21 -25.01
C VAL A 14 -22.97 24.46 -23.68
N ILE A 15 -23.74 24.86 -22.66
CA ILE A 15 -23.74 24.23 -21.30
C ILE A 15 -24.14 22.75 -21.44
N ALA A 16 -25.20 22.47 -22.20
CA ALA A 16 -25.75 21.11 -22.44
C ALA A 16 -24.73 20.27 -23.20
N ILE A 17 -24.05 20.85 -24.20
CA ILE A 17 -23.00 20.18 -25.03
C ILE A 17 -21.81 19.83 -24.13
N ILE A 18 -21.35 20.77 -23.30
CA ILE A 18 -20.19 20.60 -22.37
C ILE A 18 -20.52 19.50 -21.35
N ILE A 19 -21.76 19.46 -20.85
CA ILE A 19 -22.26 18.38 -19.93
C ILE A 19 -22.13 17.02 -20.63
N MET A 20 -22.47 16.95 -21.91
CA MET A 20 -22.47 15.70 -22.71
C MET A 20 -21.04 15.29 -23.06
N LEU A 21 -20.13 16.25 -23.27
CA LEU A 21 -18.68 16.00 -23.47
C LEU A 21 -18.10 15.35 -22.21
N ALA A 22 -18.37 15.94 -21.04
CA ALA A 22 -17.97 15.44 -19.71
C ALA A 22 -18.53 14.03 -19.50
N GLY A 23 -19.79 13.81 -19.89
CA GLY A 23 -20.45 12.50 -19.85
C GLY A 23 -19.79 11.49 -20.77
N GLY A 24 -19.52 11.90 -22.02
CA GLY A 24 -18.85 11.07 -23.04
C GLY A 24 -17.46 10.65 -22.59
N LEU A 25 -16.66 11.60 -22.12
CA LEU A 25 -15.26 11.38 -21.65
C LEU A 25 -15.24 10.51 -20.39
N ALA A 26 -16.26 10.63 -19.54
CA ALA A 26 -16.45 9.80 -18.32
C ALA A 26 -16.70 8.34 -18.74
N ILE A 27 -17.62 8.12 -19.69
CA ILE A 27 -18.03 6.77 -20.18
C ILE A 27 -16.81 6.03 -20.74
N LEU A 28 -15.90 6.73 -21.42
CA LEU A 28 -14.68 6.14 -22.05
C LEU A 28 -13.68 5.70 -20.97
N LYS A 29 -13.63 6.41 -19.84
CA LYS A 29 -12.60 6.22 -18.78
C LYS A 29 -13.18 5.41 -17.61
N LEU A 30 -14.45 5.61 -17.25
CA LEU A 30 -15.10 4.97 -16.06
C LEU A 30 -14.88 3.46 -16.09
N PRO A 31 -14.57 2.82 -14.94
CA PRO A 31 -14.49 1.36 -14.87
C PRO A 31 -15.87 0.72 -15.10
N VAL A 32 -15.89 -0.45 -15.75
CA VAL A 32 -17.13 -1.26 -15.97
C VAL A 32 -16.99 -2.57 -15.17
N ALA A 33 -17.99 -2.87 -14.34
CA ALA A 33 -18.11 -4.11 -13.54
C ALA A 33 -19.58 -4.57 -13.55
N GLN A 34 -19.85 -5.75 -13.00
CA GLN A 34 -21.24 -6.28 -12.83
C GLN A 34 -21.86 -5.61 -11.60
N TYR A 35 -21.13 -5.59 -10.48
CA TYR A 35 -21.55 -5.01 -9.18
C TYR A 35 -20.42 -4.20 -8.56
N PRO A 36 -20.70 -3.34 -7.56
CA PRO A 36 -19.64 -2.80 -6.69
C PRO A 36 -19.00 -3.93 -5.85
N THR A 37 -17.70 -3.79 -5.56
CA THR A 37 -16.89 -4.79 -4.80
C THR A 37 -17.26 -4.71 -3.31
N ILE A 38 -18.04 -5.69 -2.82
CA ILE A 38 -18.52 -5.75 -1.41
C ILE A 38 -17.82 -6.90 -0.66
N ALA A 39 -17.23 -7.86 -1.38
CA ALA A 39 -16.52 -9.03 -0.81
C ALA A 39 -15.34 -8.55 0.03
N PRO A 40 -15.18 -9.05 1.28
CA PRO A 40 -14.06 -8.66 2.12
C PRO A 40 -12.72 -9.16 1.58
N PRO A 41 -11.63 -8.36 1.66
CA PRO A 41 -10.29 -8.80 1.23
C PRO A 41 -9.83 -10.06 1.97
N ALA A 42 -9.24 -11.01 1.24
CA ALA A 42 -8.69 -12.29 1.76
C ALA A 42 -7.25 -12.46 1.27
N VAL A 43 -6.29 -12.53 2.21
CA VAL A 43 -4.85 -12.81 1.94
C VAL A 43 -4.58 -14.28 2.26
N THR A 44 -4.07 -15.04 1.28
CA THR A 44 -3.80 -16.50 1.38
C THR A 44 -2.30 -16.75 1.41
N ILE A 45 -1.81 -17.46 2.44
CA ILE A 45 -0.42 -17.99 2.54
C ILE A 45 -0.45 -19.45 2.04
N SER A 46 0.37 -19.77 1.05
CA SER A 46 0.52 -21.13 0.47
C SER A 46 1.97 -21.62 0.63
N ALA A 47 2.14 -22.82 1.16
CA ALA A 47 3.44 -23.53 1.29
C ALA A 47 3.25 -25.01 0.93
N SER A 48 4.32 -25.65 0.41
CA SER A 48 4.34 -27.06 -0.03
C SER A 48 5.48 -27.80 0.66
N TYR A 49 5.18 -28.96 1.24
CA TYR A 49 6.16 -29.90 1.88
C TYR A 49 6.14 -31.21 1.10
N PRO A 50 7.04 -31.39 0.10
CA PRO A 50 7.05 -32.58 -0.74
C PRO A 50 7.07 -33.91 0.02
N GLY A 51 6.09 -34.78 -0.24
CA GLY A 51 5.99 -36.14 0.32
C GLY A 51 5.62 -36.13 1.79
N ALA A 52 5.00 -35.06 2.28
CA ALA A 52 4.58 -34.88 3.68
C ALA A 52 3.08 -35.20 3.82
N ASP A 53 2.71 -35.88 4.92
CA ASP A 53 1.31 -36.18 5.29
C ASP A 53 0.69 -34.92 5.92
N ALA A 54 -0.62 -34.93 6.14
CA ALA A 54 -1.43 -33.78 6.62
C ALA A 54 -0.94 -33.31 8.00
N LYS A 55 -0.60 -34.24 8.89
CA LYS A 55 -0.20 -33.93 10.30
C LYS A 55 1.20 -33.31 10.31
N THR A 56 2.13 -33.88 9.53
CA THR A 56 3.53 -33.38 9.37
C THR A 56 3.49 -31.92 8.91
N VAL A 57 2.67 -31.62 7.89
CA VAL A 57 2.47 -30.26 7.32
C VAL A 57 1.97 -29.33 8.44
N GLN A 58 0.91 -29.73 9.14
CA GLN A 58 0.23 -28.93 10.20
C GLN A 58 1.22 -28.58 11.31
N ASP A 59 2.01 -29.56 11.77
CA ASP A 59 2.79 -29.50 13.04
C ASP A 59 4.19 -28.91 12.79
N THR A 60 4.63 -28.78 11.53
CA THR A 60 5.97 -28.24 11.16
C THR A 60 5.84 -26.91 10.39
N VAL A 61 4.67 -26.60 9.83
CA VAL A 61 4.46 -25.39 8.97
C VAL A 61 3.27 -24.58 9.49
N THR A 62 2.06 -25.12 9.39
CA THR A 62 0.77 -24.40 9.62
C THR A 62 0.76 -23.77 11.02
N GLN A 63 1.02 -24.57 12.06
CA GLN A 63 0.99 -24.13 13.48
C GLN A 63 2.06 -23.05 13.72
N VAL A 64 3.24 -23.20 13.11
CA VAL A 64 4.39 -22.25 13.26
C VAL A 64 3.99 -20.90 12.68
N ILE A 65 3.39 -20.88 11.49
CA ILE A 65 2.93 -19.64 10.78
C ILE A 65 1.76 -19.02 11.57
N GLU A 66 0.76 -19.83 11.92
CA GLU A 66 -0.48 -19.41 12.64
C GLU A 66 -0.12 -18.70 13.95
N GLN A 67 0.83 -19.25 14.72
CA GLN A 67 1.27 -18.72 16.04
C GLN A 67 1.96 -17.36 15.87
N ASN A 68 2.50 -17.08 14.68
CA ASN A 68 3.23 -15.82 14.36
C ASN A 68 2.25 -14.77 13.80
N MET A 69 1.06 -15.18 13.33
CA MET A 69 0.00 -14.26 12.85
C MET A 69 -0.64 -13.56 14.06
N ASN A 70 -0.21 -12.33 14.36
CA ASN A 70 -0.74 -11.49 15.48
C ASN A 70 -0.47 -10.02 15.18
N GLY A 71 -1.25 -9.12 15.78
CA GLY A 71 -1.14 -7.66 15.61
C GLY A 71 -1.36 -7.25 14.16
N ILE A 72 -2.35 -7.84 13.50
CA ILE A 72 -2.73 -7.57 12.08
C ILE A 72 -4.06 -6.81 12.08
N ASP A 73 -4.10 -5.65 11.43
CA ASP A 73 -5.25 -4.70 11.46
C ASP A 73 -6.42 -5.27 10.66
N ASN A 74 -7.64 -5.13 11.20
CA ASN A 74 -8.93 -5.36 10.50
C ASN A 74 -9.10 -6.84 10.14
N LEU A 75 -8.48 -7.75 10.91
CA LEU A 75 -8.59 -9.22 10.72
C LEU A 75 -9.89 -9.71 11.36
N MET A 76 -10.80 -10.28 10.55
CA MET A 76 -12.11 -10.81 11.01
C MET A 76 -11.92 -12.23 11.55
N TYR A 77 -11.25 -13.10 10.78
CA TYR A 77 -10.95 -14.50 11.16
C TYR A 77 -9.83 -15.07 10.28
N MET A 78 -9.28 -16.21 10.69
CA MET A 78 -8.19 -16.97 10.01
C MET A 78 -8.59 -18.44 9.94
N SER A 79 -8.54 -19.04 8.74
CA SER A 79 -8.81 -20.48 8.48
C SER A 79 -7.63 -21.08 7.70
N SER A 80 -7.31 -22.36 7.96
CA SER A 80 -6.18 -23.09 7.32
C SER A 80 -6.57 -24.55 7.02
N ASN A 81 -5.94 -25.12 5.98
CA ASN A 81 -6.05 -26.55 5.59
C ASN A 81 -4.64 -27.13 5.45
N SER A 82 -4.38 -28.26 6.12
CA SER A 82 -3.14 -29.06 6.02
C SER A 82 -3.49 -30.45 5.48
N ASP A 83 -3.10 -30.76 4.24
CA ASP A 83 -3.52 -31.99 3.51
C ASP A 83 -2.30 -32.88 3.23
N SER A 84 -2.55 -34.12 2.79
CA SER A 84 -1.55 -35.20 2.60
C SER A 84 -0.89 -35.12 1.22
N THR A 85 -1.21 -34.08 0.43
CA THR A 85 -0.46 -33.71 -0.81
C THR A 85 0.78 -32.89 -0.43
N GLY A 86 0.96 -32.62 0.87
CA GLY A 86 2.10 -31.83 1.40
C GLY A 86 1.80 -30.34 1.37
N THR A 87 0.56 -29.96 1.06
CA THR A 87 0.13 -28.56 0.81
C THR A 87 -0.53 -27.99 2.08
N VAL A 88 -0.30 -26.70 2.34
CA VAL A 88 -0.99 -25.91 3.41
C VAL A 88 -1.47 -24.60 2.78
N GLN A 89 -2.68 -24.16 3.15
CA GLN A 89 -3.28 -22.87 2.72
C GLN A 89 -3.93 -22.20 3.94
N ILE A 90 -3.33 -21.09 4.40
CA ILE A 90 -3.83 -20.25 5.53
C ILE A 90 -4.47 -18.98 4.93
N THR A 91 -5.80 -18.88 4.99
CA THR A 91 -6.59 -17.72 4.49
C THR A 91 -6.89 -16.77 5.66
N LEU A 92 -6.48 -15.51 5.53
CA LEU A 92 -6.79 -14.42 6.50
C LEU A 92 -7.77 -13.44 5.84
N THR A 93 -9.02 -13.40 6.33
CA THR A 93 -10.12 -12.54 5.82
C THR A 93 -10.15 -11.24 6.63
N PHE A 94 -10.30 -10.10 5.95
CA PHE A 94 -10.21 -8.73 6.54
C PHE A 94 -11.56 -8.02 6.41
N GLU A 95 -11.75 -6.94 7.21
CA GLU A 95 -12.97 -6.09 7.19
C GLU A 95 -13.11 -5.44 5.80
N SER A 96 -14.35 -5.23 5.35
CA SER A 96 -14.68 -4.50 4.09
C SER A 96 -14.10 -3.08 4.17
N GLY A 97 -13.28 -2.71 3.18
CA GLY A 97 -12.65 -1.38 3.08
C GLY A 97 -11.16 -1.41 3.41
N THR A 98 -10.65 -2.56 3.87
CA THR A 98 -9.22 -2.79 4.21
C THR A 98 -8.38 -2.69 2.93
N ASP A 99 -7.31 -1.89 2.96
CA ASP A 99 -6.31 -1.79 1.87
C ASP A 99 -5.58 -3.14 1.75
N ALA A 100 -5.81 -3.86 0.65
CA ALA A 100 -5.30 -5.22 0.38
C ALA A 100 -3.77 -5.21 0.34
N ASP A 101 -3.16 -4.11 -0.13
CA ASP A 101 -1.70 -3.89 -0.19
C ASP A 101 -1.10 -3.98 1.22
N ILE A 102 -1.69 -3.24 2.16
CA ILE A 102 -1.23 -3.14 3.58
C ILE A 102 -1.51 -4.48 4.29
N ALA A 103 -2.65 -5.10 4.01
CA ALA A 103 -3.04 -6.44 4.54
C ALA A 103 -1.96 -7.46 4.18
N GLN A 104 -1.57 -7.53 2.90
CA GLN A 104 -0.52 -8.42 2.37
C GLN A 104 0.81 -8.11 3.07
N VAL A 105 1.18 -6.83 3.15
CA VAL A 105 2.46 -6.34 3.74
C VAL A 105 2.54 -6.75 5.22
N GLN A 106 1.45 -6.56 5.97
CA GLN A 106 1.37 -6.88 7.43
C GLN A 106 1.45 -8.39 7.63
N VAL A 107 0.75 -9.17 6.79
CA VAL A 107 0.72 -10.67 6.86
C VAL A 107 2.15 -11.21 6.63
N GLN A 108 2.86 -10.69 5.63
CA GLN A 108 4.20 -11.19 5.23
C GLN A 108 5.25 -10.80 6.29
N ASN A 109 5.16 -9.59 6.84
CA ASN A 109 6.05 -9.09 7.94
C ASN A 109 6.06 -10.13 9.07
N LYS A 110 4.90 -10.73 9.36
CA LYS A 110 4.71 -11.75 10.43
C LYS A 110 5.18 -13.13 9.92
N LEU A 111 4.93 -13.45 8.64
CA LEU A 111 5.35 -14.72 8.00
C LEU A 111 6.88 -14.84 8.02
N GLN A 112 7.60 -13.74 7.80
CA GLN A 112 9.08 -13.69 7.71
C GLN A 112 9.71 -14.05 9.06
N LEU A 113 8.99 -13.86 10.17
CA LEU A 113 9.45 -14.23 11.54
C LEU A 113 9.36 -15.76 11.70
N ALA A 114 8.45 -16.40 10.96
CA ALA A 114 8.19 -17.86 10.98
C ALA A 114 9.09 -18.59 9.97
N MET A 115 9.46 -17.92 8.88
CA MET A 115 10.16 -18.52 7.70
C MET A 115 11.40 -19.31 8.13
N PRO A 116 12.31 -18.76 8.97
CA PRO A 116 13.53 -19.47 9.36
C PRO A 116 13.26 -20.79 10.12
N LEU A 117 12.14 -20.86 10.84
CA LEU A 117 11.75 -22.03 11.69
C LEU A 117 11.14 -23.14 10.84
N LEU A 118 10.74 -22.85 9.61
CA LEU A 118 10.11 -23.83 8.67
C LEU A 118 11.17 -24.77 8.14
N PRO A 119 10.82 -26.02 7.76
CA PRO A 119 11.77 -26.95 7.14
C PRO A 119 12.38 -26.39 5.85
N GLN A 120 13.64 -26.74 5.57
CA GLN A 120 14.43 -26.25 4.41
C GLN A 120 13.74 -26.65 3.10
N GLU A 121 13.10 -27.82 3.08
CA GLU A 121 12.37 -28.38 1.90
C GLU A 121 11.18 -27.49 1.56
N VAL A 122 10.50 -26.95 2.57
CA VAL A 122 9.27 -26.10 2.41
C VAL A 122 9.70 -24.72 1.90
N GLN A 123 10.80 -24.17 2.44
CA GLN A 123 11.38 -22.86 2.03
C GLN A 123 11.80 -22.91 0.56
N GLN A 124 12.36 -24.04 0.12
CA GLN A 124 12.94 -24.23 -1.25
C GLN A 124 11.81 -24.46 -2.27
N GLN A 125 10.62 -24.90 -1.84
CA GLN A 125 9.43 -25.03 -2.71
C GLN A 125 8.85 -23.64 -3.00
N GLY A 126 9.13 -22.66 -2.13
CA GLY A 126 8.70 -21.27 -2.29
C GLY A 126 7.34 -21.03 -1.65
N VAL A 127 7.33 -20.32 -0.50
CA VAL A 127 6.09 -19.86 0.18
C VAL A 127 5.59 -18.61 -0.56
N SER A 128 4.28 -18.52 -0.80
CA SER A 128 3.64 -17.41 -1.57
C SER A 128 2.54 -16.75 -0.72
N VAL A 129 2.53 -15.40 -0.69
CA VAL A 129 1.47 -14.56 -0.07
C VAL A 129 0.73 -13.85 -1.20
N GLU A 130 -0.57 -14.11 -1.34
CA GLU A 130 -1.41 -13.63 -2.48
C GLU A 130 -2.70 -12.99 -1.95
N LYS A 131 -3.13 -11.91 -2.61
CA LYS A 131 -4.37 -11.15 -2.31
C LYS A 131 -5.28 -11.20 -3.56
N SER A 132 -6.13 -12.23 -3.65
CA SER A 132 -7.00 -12.50 -4.82
C SER A 132 -8.37 -13.03 -4.37
N SER A 133 -9.34 -13.01 -5.27
CA SER A 133 -10.66 -13.68 -5.14
C SER A 133 -10.43 -15.20 -5.05
N SER A 134 -11.35 -15.93 -4.43
CA SER A 134 -11.29 -17.40 -4.23
C SER A 134 -11.74 -18.12 -5.51
N SER A 135 -12.55 -17.48 -6.33
CA SER A 135 -13.10 -18.02 -7.61
C SER A 135 -12.23 -17.58 -8.79
N PHE A 136 -12.42 -18.21 -9.95
CA PHE A 136 -11.64 -17.97 -11.19
C PHE A 136 -12.30 -16.86 -12.01
N LEU A 137 -11.50 -15.87 -12.42
CA LEU A 137 -11.89 -14.81 -13.41
C LEU A 137 -12.11 -15.47 -14.78
N MET A 138 -11.15 -16.31 -15.19
CA MET A 138 -11.20 -17.05 -16.48
C MET A 138 -10.24 -18.25 -16.42
N VAL A 139 -10.42 -19.21 -17.34
CA VAL A 139 -9.46 -20.31 -17.64
C VAL A 139 -8.99 -20.13 -19.09
N VAL A 140 -7.69 -19.92 -19.29
CA VAL A 140 -7.05 -19.84 -20.63
C VAL A 140 -6.54 -21.25 -20.99
N GLY A 141 -7.31 -21.99 -21.80
CA GLY A 141 -6.97 -23.35 -22.25
C GLY A 141 -6.01 -23.31 -23.44
N VAL A 142 -5.10 -24.28 -23.51
CA VAL A 142 -4.08 -24.42 -24.60
C VAL A 142 -4.12 -25.87 -25.12
N ILE A 143 -4.26 -26.03 -26.44
CA ILE A 143 -4.37 -27.34 -27.14
C ILE A 143 -3.43 -27.33 -28.35
N ASN A 144 -3.20 -28.50 -28.96
CA ASN A 144 -2.48 -28.67 -30.24
C ASN A 144 -3.43 -29.35 -31.24
N THR A 145 -3.89 -28.60 -32.25
CA THR A 145 -4.91 -29.03 -33.24
C THR A 145 -4.34 -30.08 -34.19
N ASP A 146 -3.02 -30.05 -34.41
CA ASP A 146 -2.29 -31.01 -35.29
C ASP A 146 -2.00 -32.30 -34.51
N GLY A 147 -2.14 -32.28 -33.19
CA GLY A 147 -1.93 -33.44 -32.29
C GLY A 147 -0.49 -33.87 -32.24
N THR A 148 0.44 -32.90 -32.36
CA THR A 148 1.92 -33.13 -32.40
C THR A 148 2.50 -33.11 -30.98
N MET A 149 1.82 -32.42 -30.05
CA MET A 149 2.29 -32.22 -28.64
C MET A 149 1.33 -32.91 -27.67
N THR A 150 1.87 -33.62 -26.68
CA THR A 150 1.13 -34.34 -25.62
C THR A 150 0.68 -33.35 -24.53
N GLN A 151 -0.15 -33.82 -23.59
CA GLN A 151 -0.65 -33.04 -22.42
C GLN A 151 0.53 -32.46 -21.64
N GLU A 152 1.61 -33.23 -21.51
CA GLU A 152 2.83 -32.87 -20.72
C GLU A 152 3.65 -31.82 -21.47
N ASP A 153 3.79 -31.97 -22.79
CA ASP A 153 4.53 -31.03 -23.69
C ASP A 153 3.86 -29.65 -23.66
N ILE A 154 2.53 -29.61 -23.75
CA ILE A 154 1.72 -28.35 -23.75
C ILE A 154 1.84 -27.70 -22.37
N SER A 155 1.76 -28.51 -21.30
CA SER A 155 1.85 -28.08 -19.88
C SER A 155 3.22 -27.40 -19.63
N ASP A 156 4.30 -28.00 -20.14
CA ASP A 156 5.68 -27.46 -20.01
C ASP A 156 5.78 -26.13 -20.75
N TYR A 157 5.28 -26.06 -21.99
CA TYR A 157 5.35 -24.86 -22.86
C TYR A 157 4.65 -23.68 -22.18
N VAL A 158 3.42 -23.91 -21.69
CA VAL A 158 2.58 -22.89 -20.99
C VAL A 158 3.38 -22.36 -19.78
N ALA A 159 3.97 -23.26 -19.00
CA ALA A 159 4.75 -22.96 -17.77
C ALA A 159 6.02 -22.17 -18.12
N ALA A 160 6.71 -22.56 -19.20
CA ALA A 160 8.07 -22.09 -19.55
C ALA A 160 8.02 -20.80 -20.38
N ASN A 161 6.91 -20.55 -21.11
CA ASN A 161 6.84 -19.48 -22.15
C ASN A 161 5.69 -18.50 -21.88
N MET A 162 4.61 -18.92 -21.20
CA MET A 162 3.34 -18.14 -21.12
C MET A 162 3.05 -17.68 -19.68
N LYS A 163 3.19 -18.57 -18.69
CA LYS A 163 2.66 -18.38 -17.31
C LYS A 163 3.27 -17.14 -16.63
N ASP A 164 4.59 -16.98 -16.69
CA ASP A 164 5.34 -15.92 -15.97
C ASP A 164 4.79 -14.54 -16.32
N ALA A 165 4.70 -14.22 -17.61
CA ALA A 165 4.24 -12.91 -18.14
C ALA A 165 2.80 -12.64 -17.69
N ILE A 166 1.95 -13.67 -17.67
CA ILE A 166 0.52 -13.59 -17.23
C ILE A 166 0.48 -13.32 -15.71
N SER A 167 1.37 -13.98 -14.95
CA SER A 167 1.48 -13.86 -13.48
C SER A 167 1.92 -12.45 -13.08
N ARG A 168 2.68 -11.76 -13.93
CA ARG A 168 3.23 -10.41 -13.68
C ARG A 168 2.22 -9.32 -14.09
N THR A 169 1.20 -9.67 -14.88
CA THR A 169 0.16 -8.75 -15.39
C THR A 169 -0.62 -8.17 -14.20
N SER A 170 -0.86 -6.86 -14.20
CA SER A 170 -1.57 -6.11 -13.12
C SER A 170 -3.03 -6.55 -13.07
N GLY A 171 -3.52 -6.92 -11.87
CA GLY A 171 -4.89 -7.42 -11.65
C GLY A 171 -4.95 -8.93 -11.49
N VAL A 172 -3.92 -9.63 -11.99
CA VAL A 172 -3.78 -11.12 -11.85
C VAL A 172 -3.24 -11.43 -10.46
N GLY A 173 -4.12 -11.80 -9.53
CA GLY A 173 -3.80 -12.07 -8.11
C GLY A 173 -3.16 -13.43 -7.92
N ASP A 174 -3.60 -14.43 -8.68
CA ASP A 174 -3.08 -15.83 -8.64
C ASP A 174 -3.25 -16.49 -10.02
N VAL A 175 -2.25 -17.29 -10.42
CA VAL A 175 -2.28 -18.12 -11.67
C VAL A 175 -2.02 -19.58 -11.27
N GLN A 176 -2.91 -20.49 -11.69
N GLN A 176 -2.90 -20.49 -11.68
CA GLN A 176 -2.82 -21.95 -11.42
CA GLN A 176 -2.79 -21.95 -11.40
C GLN A 176 -2.60 -22.69 -12.75
C GLN A 176 -2.60 -22.70 -12.73
N LEU A 177 -1.43 -23.34 -12.90
CA LEU A 177 -1.11 -24.18 -14.09
C LEU A 177 -1.89 -25.49 -14.00
N PHE A 178 -2.77 -25.76 -14.97
CA PHE A 178 -3.51 -27.03 -15.11
C PHE A 178 -2.58 -28.04 -15.82
N GLY A 179 -1.60 -28.52 -15.07
CA GLY A 179 -0.45 -29.32 -15.56
C GLY A 179 0.78 -29.06 -14.70
N SER A 180 1.96 -29.42 -15.19
CA SER A 180 3.25 -29.24 -14.49
C SER A 180 4.34 -28.83 -15.49
N GLN A 181 5.20 -27.89 -15.10
CA GLN A 181 6.47 -27.55 -15.79
C GLN A 181 7.38 -28.79 -15.74
N TYR A 182 8.22 -28.99 -16.75
CA TYR A 182 9.21 -30.10 -16.80
C TYR A 182 10.25 -29.89 -15.70
N ALA A 183 10.69 -31.00 -15.11
CA ALA A 183 11.87 -31.11 -14.22
C ALA A 183 12.74 -32.28 -14.71
N MET A 184 14.03 -32.26 -14.42
CA MET A 184 14.94 -33.41 -14.73
C MET A 184 14.62 -34.54 -13.74
N ARG A 185 13.83 -35.51 -14.17
CA ARG A 185 13.34 -36.64 -13.32
C ARG A 185 14.36 -37.77 -13.33
N ILE A 186 14.94 -38.06 -12.16
CA ILE A 186 15.88 -39.19 -11.92
C ILE A 186 15.10 -40.30 -11.19
N TRP A 187 14.58 -41.27 -11.94
CA TRP A 187 13.76 -42.40 -11.42
C TRP A 187 14.68 -43.53 -10.96
N MET A 188 14.95 -43.60 -9.65
CA MET A 188 15.96 -44.52 -9.04
C MET A 188 15.44 -45.96 -9.07
N ASN A 189 16.37 -46.92 -9.24
CA ASN A 189 16.13 -48.39 -9.15
C ASN A 189 16.82 -48.90 -7.89
N PRO A 190 16.07 -49.47 -6.90
CA PRO A 190 16.67 -49.93 -5.65
C PRO A 190 17.54 -51.19 -5.83
N ASN A 191 17.21 -52.04 -6.80
CA ASN A 191 17.95 -53.29 -7.11
C ASN A 191 19.34 -52.94 -7.65
N GLU A 192 19.42 -51.92 -8.51
CA GLU A 192 20.70 -51.48 -9.14
CA GLU A 192 20.69 -51.48 -9.14
C GLU A 192 21.52 -50.67 -8.14
N LEU A 193 20.85 -49.87 -7.30
CA LEU A 193 21.50 -49.05 -6.23
C LEU A 193 22.20 -49.98 -5.24
N ASN A 194 21.49 -51.01 -4.77
CA ASN A 194 21.99 -52.02 -3.80
C ASN A 194 23.16 -52.81 -4.42
N LYS A 195 23.08 -53.10 -5.71
CA LYS A 195 24.09 -53.90 -6.47
C LYS A 195 25.47 -53.23 -6.36
N PHE A 196 25.55 -51.91 -6.57
CA PHE A 196 26.79 -51.11 -6.56
C PHE A 196 27.03 -50.51 -5.17
N GLN A 197 26.25 -50.92 -4.16
CA GLN A 197 26.35 -50.49 -2.74
C GLN A 197 26.19 -48.96 -2.66
N LEU A 198 25.12 -48.43 -3.26
CA LEU A 198 24.78 -46.99 -3.29
C LEU A 198 23.34 -46.80 -2.78
N THR A 199 23.02 -45.57 -2.37
CA THR A 199 21.69 -45.17 -1.82
C THR A 199 21.26 -43.85 -2.46
N PRO A 200 19.99 -43.43 -2.29
CA PRO A 200 19.55 -42.10 -2.72
C PRO A 200 20.42 -40.93 -2.21
N VAL A 201 21.05 -41.09 -1.03
CA VAL A 201 21.94 -40.07 -0.41
C VAL A 201 23.14 -39.83 -1.34
N ASP A 202 23.71 -40.91 -1.89
CA ASP A 202 24.88 -40.87 -2.82
C ASP A 202 24.47 -40.22 -4.13
N VAL A 203 23.28 -40.56 -4.64
CA VAL A 203 22.69 -40.02 -5.91
C VAL A 203 22.54 -38.50 -5.77
N ILE A 204 21.98 -38.03 -4.65
CA ILE A 204 21.72 -36.59 -4.36
C ILE A 204 23.06 -35.85 -4.23
N THR A 205 24.02 -36.42 -3.51
CA THR A 205 25.38 -35.84 -3.28
C THR A 205 26.10 -35.64 -4.62
N ALA A 206 26.00 -36.62 -5.53
CA ALA A 206 26.67 -36.63 -6.86
C ALA A 206 26.06 -35.55 -7.76
N ILE A 207 24.74 -35.39 -7.74
CA ILE A 207 23.99 -34.39 -8.56
C ILE A 207 24.39 -32.98 -8.13
N LYS A 208 24.37 -32.70 -6.82
CA LYS A 208 24.77 -31.39 -6.23
C LYS A 208 26.22 -31.07 -6.63
N ALA A 209 27.07 -32.10 -6.72
CA ALA A 209 28.53 -31.99 -7.01
C ALA A 209 28.77 -31.79 -8.51
N GLN A 210 28.03 -32.51 -9.37
CA GLN A 210 28.31 -32.60 -10.83
C GLN A 210 27.25 -31.85 -11.65
N ASN A 211 26.19 -31.33 -11.01
CA ASN A 211 25.24 -30.36 -11.61
C ASN A 211 25.39 -29.03 -10.85
N ALA A 212 26.57 -28.41 -10.98
CA ALA A 212 26.99 -27.20 -10.23
C ALA A 212 27.30 -26.05 -11.20
N GLN A 213 27.00 -24.82 -10.79
CA GLN A 213 27.36 -23.56 -11.50
C GLN A 213 28.41 -22.83 -10.67
N VAL A 214 29.70 -23.06 -10.97
CA VAL A 214 30.86 -22.65 -10.13
C VAL A 214 31.31 -21.24 -10.55
N ALA A 215 31.46 -20.34 -9.56
CA ALA A 215 32.07 -19.00 -9.69
C ALA A 215 33.58 -19.14 -9.47
N ALA A 216 34.37 -19.05 -10.55
CA ALA A 216 35.80 -19.45 -10.60
C ALA A 216 36.73 -18.25 -10.79
N GLY A 217 36.19 -17.01 -10.74
CA GLY A 217 36.99 -15.77 -10.82
C GLY A 217 37.45 -15.47 -12.23
N GLN A 218 38.59 -14.78 -12.36
CA GLN A 218 39.13 -14.25 -13.64
C GLN A 218 40.66 -14.45 -13.70
N LEU A 219 41.19 -14.63 -14.91
CA LEU A 219 42.62 -14.43 -15.26
C LEU A 219 42.87 -12.92 -15.30
N GLY A 220 43.95 -12.45 -14.68
CA GLY A 220 44.30 -11.02 -14.58
C GLY A 220 43.20 -10.22 -13.88
N GLY A 221 42.53 -10.84 -12.91
CA GLY A 221 41.46 -10.20 -12.12
C GLY A 221 42.01 -9.18 -11.14
N THR A 222 41.20 -8.20 -10.75
CA THR A 222 41.59 -7.08 -9.85
C THR A 222 41.63 -7.59 -8.40
N PRO A 223 42.59 -7.15 -7.56
CA PRO A 223 43.70 -6.29 -8.00
C PRO A 223 44.79 -7.08 -8.74
N PRO A 224 45.23 -6.63 -9.94
CA PRO A 224 46.20 -7.38 -10.74
C PRO A 224 47.65 -7.00 -10.44
N VAL A 225 48.60 -7.71 -11.04
CA VAL A 225 50.07 -7.39 -10.98
C VAL A 225 50.38 -6.31 -12.03
N LYS A 226 51.57 -5.72 -11.94
CA LYS A 226 52.07 -4.69 -12.90
C LYS A 226 52.41 -5.39 -14.23
N GLY A 227 51.89 -4.85 -15.35
CA GLY A 227 52.19 -5.31 -16.71
C GLY A 227 51.31 -6.46 -17.15
N GLN A 228 50.09 -6.56 -16.61
CA GLN A 228 49.09 -7.60 -16.98
C GLN A 228 48.46 -7.20 -18.32
N GLN A 229 48.42 -8.14 -19.28
CA GLN A 229 47.89 -7.93 -20.66
C GLN A 229 46.62 -8.76 -20.88
N LEU A 230 46.47 -9.89 -20.17
CA LEU A 230 45.32 -10.82 -20.31
C LEU A 230 44.30 -10.55 -19.20
N ASN A 231 43.03 -10.39 -19.57
CA ASN A 231 41.86 -10.35 -18.64
C ASN A 231 40.73 -11.18 -19.25
N ALA A 232 40.41 -12.33 -18.62
CA ALA A 232 39.42 -13.31 -19.12
C ALA A 232 38.71 -13.98 -17.93
N SER A 233 37.39 -14.19 -18.06
CA SER A 233 36.55 -14.94 -17.09
C SER A 233 36.95 -16.42 -17.12
N ILE A 234 37.18 -17.01 -15.94
CA ILE A 234 37.42 -18.47 -15.77
C ILE A 234 36.05 -19.17 -15.68
N ILE A 235 35.78 -20.08 -16.61
CA ILE A 235 34.51 -20.89 -16.67
C ILE A 235 34.85 -22.32 -16.25
N ALA A 236 34.34 -22.75 -15.09
CA ALA A 236 34.45 -24.13 -14.56
C ALA A 236 33.17 -24.89 -14.89
N GLN A 237 32.65 -25.69 -13.94
CA GLN A 237 31.37 -26.45 -14.10
C GLN A 237 30.21 -25.49 -14.32
N THR A 238 29.30 -25.84 -15.24
CA THR A 238 28.01 -25.15 -15.51
C THR A 238 26.87 -26.15 -15.31
N ARG A 239 25.64 -25.66 -15.14
CA ARG A 239 24.42 -26.51 -14.97
C ARG A 239 24.31 -27.44 -16.18
N LEU A 240 23.93 -28.71 -15.94
CA LEU A 240 23.68 -29.71 -17.00
C LEU A 240 22.36 -29.36 -17.70
N THR A 241 22.25 -29.66 -19.01
CA THR A 241 21.20 -29.13 -19.91
C THR A 241 20.34 -30.26 -20.51
N SER A 242 20.75 -31.53 -20.38
CA SER A 242 20.13 -32.68 -21.09
C SER A 242 20.19 -33.94 -20.22
N THR A 243 19.31 -34.92 -20.51
CA THR A 243 19.24 -36.25 -19.86
C THR A 243 20.57 -36.99 -20.06
N GLU A 244 21.21 -36.81 -21.22
CA GLU A 244 22.52 -37.42 -21.61
C GLU A 244 23.58 -37.03 -20.57
N GLU A 245 23.68 -35.73 -20.25
CA GLU A 245 24.69 -35.16 -19.33
C GLU A 245 24.44 -35.67 -17.90
N PHE A 246 23.17 -35.72 -17.48
CA PHE A 246 22.74 -36.26 -16.16
C PHE A 246 23.04 -37.76 -16.10
N GLY A 247 22.86 -38.47 -17.22
CA GLY A 247 23.10 -39.92 -17.37
C GLY A 247 24.53 -40.31 -17.09
N LYS A 248 25.50 -39.46 -17.46
CA LYS A 248 26.96 -39.76 -17.37
C LYS A 248 27.57 -39.10 -16.13
N ILE A 249 26.73 -38.75 -15.14
CA ILE A 249 27.19 -38.33 -13.77
C ILE A 249 27.84 -39.54 -13.11
N LEU A 250 29.13 -39.43 -12.76
CA LEU A 250 29.93 -40.54 -12.17
C LEU A 250 29.65 -40.63 -10.67
N LEU A 251 28.96 -41.70 -10.24
CA LEU A 251 28.61 -41.97 -8.82
C LEU A 251 29.85 -42.51 -8.09
N LYS A 252 30.51 -43.52 -8.67
CA LYS A 252 31.75 -44.12 -8.11
C LYS A 252 32.49 -44.92 -9.21
N VAL A 253 33.80 -45.11 -9.02
CA VAL A 253 34.65 -46.01 -9.84
C VAL A 253 34.95 -47.25 -8.99
N ASN A 254 34.61 -48.45 -9.49
CA ASN A 254 34.83 -49.75 -8.80
C ASN A 254 36.34 -49.98 -8.66
N GLN A 255 36.73 -50.99 -7.85
CA GLN A 255 38.13 -51.31 -7.51
C GLN A 255 38.93 -51.67 -8.77
N ASP A 256 38.27 -52.26 -9.77
CA ASP A 256 38.89 -52.74 -11.04
C ASP A 256 38.94 -51.62 -12.08
N GLY A 257 38.24 -50.50 -11.83
CA GLY A 257 38.28 -49.28 -12.68
C GLY A 257 37.01 -49.08 -13.50
N SER A 258 36.05 -50.02 -13.40
CA SER A 258 34.72 -49.93 -14.07
C SER A 258 33.90 -48.82 -13.43
N ARG A 259 33.27 -47.96 -14.25
CA ARG A 259 32.56 -46.73 -13.81
C ARG A 259 31.06 -47.02 -13.62
N VAL A 260 30.50 -46.58 -12.49
CA VAL A 260 29.03 -46.62 -12.20
C VAL A 260 28.48 -45.22 -12.46
N LEU A 261 27.79 -45.03 -13.59
CA LEU A 261 27.12 -43.75 -13.96
C LEU A 261 25.70 -43.74 -13.38
N LEU A 262 25.04 -42.58 -13.37
CA LEU A 262 23.69 -42.39 -12.77
C LEU A 262 22.64 -43.14 -13.62
N ARG A 263 22.89 -43.29 -14.93
CA ARG A 263 21.97 -43.98 -15.88
C ARG A 263 22.01 -45.50 -15.65
N ASP A 264 22.99 -45.99 -14.90
CA ASP A 264 23.14 -47.44 -14.54
C ASP A 264 22.25 -47.79 -13.34
N VAL A 265 21.89 -46.79 -12.51
CA VAL A 265 21.11 -46.99 -11.25
C VAL A 265 19.75 -46.28 -11.32
N ALA A 266 19.41 -45.65 -12.45
CA ALA A 266 18.17 -44.85 -12.60
C ALA A 266 17.84 -44.60 -14.08
N LYS A 267 16.54 -44.51 -14.39
CA LYS A 267 16.02 -44.00 -15.69
C LYS A 267 15.91 -42.47 -15.60
N ILE A 268 16.40 -41.77 -16.63
CA ILE A 268 16.54 -40.28 -16.65
C ILE A 268 15.73 -39.74 -17.83
N GLU A 269 14.63 -39.02 -17.54
CA GLU A 269 13.74 -38.40 -18.56
C GLU A 269 13.36 -36.99 -18.12
N LEU A 270 12.88 -36.18 -19.08
CA LEU A 270 12.36 -34.81 -18.87
C LEU A 270 10.85 -34.89 -18.61
N GLY A 271 10.45 -34.84 -17.34
CA GLY A 271 9.06 -35.04 -16.87
C GLY A 271 8.61 -33.95 -15.92
N GLY A 272 7.32 -33.94 -15.56
CA GLY A 272 6.69 -32.89 -14.74
C GLY A 272 7.25 -32.83 -13.33
N GLU A 273 7.25 -31.63 -12.72
CA GLU A 273 7.58 -31.43 -11.27
C GLU A 273 6.68 -32.33 -10.43
N ASN A 274 5.38 -32.35 -10.75
CA ASN A 274 4.37 -33.29 -10.19
C ASN A 274 3.58 -33.91 -11.35
N TYR A 275 2.88 -35.01 -11.07
CA TYR A 275 2.02 -35.77 -12.03
C TYR A 275 0.60 -35.85 -11.48
N ASP A 276 0.17 -34.82 -10.73
CA ASP A 276 -1.13 -34.76 -10.02
C ASP A 276 -2.19 -34.16 -10.94
N ILE A 277 -1.86 -33.08 -11.66
CA ILE A 277 -2.82 -32.24 -12.43
C ILE A 277 -2.73 -32.60 -13.92
N ILE A 278 -3.83 -33.15 -14.48
CA ILE A 278 -3.96 -33.55 -15.91
C ILE A 278 -5.30 -32.99 -16.43
N ALA A 279 -5.24 -32.17 -17.49
CA ALA A 279 -6.40 -31.42 -18.04
C ALA A 279 -6.77 -31.95 -19.43
N GLU A 280 -8.05 -31.83 -19.79
CA GLU A 280 -8.62 -32.17 -21.13
C GLU A 280 -9.57 -31.05 -21.57
N PHE A 281 -9.54 -30.70 -22.86
CA PHE A 281 -10.49 -29.74 -23.51
C PHE A 281 -11.29 -30.49 -24.58
N ASN A 282 -12.59 -30.73 -24.31
CA ASN A 282 -13.53 -31.47 -25.19
C ASN A 282 -12.96 -32.87 -25.48
N GLY A 283 -12.33 -33.49 -24.48
CA GLY A 283 -11.84 -34.89 -24.54
C GLY A 283 -10.39 -35.00 -24.97
N GLN A 284 -9.83 -33.98 -25.64
CA GLN A 284 -8.47 -34.03 -26.23
C GLN A 284 -7.46 -33.48 -25.22
N PRO A 285 -6.16 -33.82 -25.36
CA PRO A 285 -5.13 -33.33 -24.44
C PRO A 285 -5.06 -31.80 -24.39
N ALA A 286 -4.93 -31.23 -23.20
CA ALA A 286 -4.90 -29.76 -22.95
C ALA A 286 -4.09 -29.44 -21.68
N SER A 287 -3.52 -28.24 -21.64
CA SER A 287 -3.08 -27.53 -20.41
C SER A 287 -3.85 -26.21 -20.32
N GLY A 288 -3.48 -25.32 -19.40
CA GLY A 288 -4.08 -23.98 -19.29
C GLY A 288 -3.65 -23.25 -18.04
N LEU A 289 -4.19 -22.03 -17.85
CA LEU A 289 -3.92 -21.14 -16.70
C LEU A 289 -5.23 -20.73 -16.04
N GLY A 290 -5.48 -21.21 -14.82
CA GLY A 290 -6.58 -20.76 -13.95
C GLY A 290 -6.24 -19.43 -13.30
N ILE A 291 -6.78 -18.33 -13.82
CA ILE A 291 -6.44 -16.94 -13.40
C ILE A 291 -7.47 -16.46 -12.38
N LYS A 292 -7.00 -15.85 -11.29
CA LYS A 292 -7.84 -15.28 -10.21
C LYS A 292 -7.57 -13.76 -10.11
N LEU A 293 -8.65 -12.97 -10.01
CA LEU A 293 -8.63 -11.49 -9.99
C LEU A 293 -8.06 -11.02 -8.64
N ALA A 294 -7.00 -10.20 -8.67
CA ALA A 294 -6.38 -9.56 -7.49
C ALA A 294 -7.43 -8.70 -6.78
N THR A 295 -7.36 -8.64 -5.44
CA THR A 295 -8.36 -7.98 -4.56
C THR A 295 -8.61 -6.53 -5.02
N GLY A 296 -9.85 -6.24 -5.45
CA GLY A 296 -10.32 -4.88 -5.79
C GLY A 296 -9.91 -4.43 -7.18
N ALA A 297 -9.30 -5.31 -7.98
CA ALA A 297 -8.90 -5.05 -9.38
C ALA A 297 -10.14 -5.20 -10.29
N ASN A 298 -10.14 -4.51 -11.43
CA ASN A 298 -11.26 -4.53 -12.41
C ASN A 298 -11.15 -5.79 -13.27
N ALA A 299 -12.22 -6.59 -13.34
CA ALA A 299 -12.30 -7.88 -14.04
C ALA A 299 -12.08 -7.68 -15.55
N LEU A 300 -12.75 -6.70 -16.15
CA LEU A 300 -12.74 -6.45 -17.62
C LEU A 300 -11.36 -5.90 -18.05
N ASP A 301 -10.81 -4.94 -17.32
CA ASP A 301 -9.49 -4.32 -17.61
C ASP A 301 -8.40 -5.39 -17.54
N THR A 302 -8.44 -6.25 -16.50
CA THR A 302 -7.47 -7.36 -16.27
C THR A 302 -7.60 -8.39 -17.40
N ALA A 303 -8.84 -8.75 -17.77
CA ALA A 303 -9.16 -9.73 -18.83
C ALA A 303 -8.62 -9.23 -20.18
N ALA A 304 -8.77 -7.94 -20.47
CA ALA A 304 -8.28 -7.27 -21.69
C ALA A 304 -6.74 -7.27 -21.71
N ALA A 305 -6.12 -7.02 -20.55
CA ALA A 305 -4.64 -6.99 -20.35
C ALA A 305 -4.07 -8.40 -20.54
N ILE A 306 -4.79 -9.43 -20.11
CA ILE A 306 -4.41 -10.88 -20.27
C ILE A 306 -4.39 -11.21 -21.76
N ARG A 307 -5.46 -10.88 -22.49
CA ARG A 307 -5.62 -11.16 -23.94
C ARG A 307 -4.52 -10.43 -24.74
N ALA A 308 -4.17 -9.21 -24.33
CA ALA A 308 -3.10 -8.37 -24.95
C ALA A 308 -1.74 -9.07 -24.80
N GLU A 309 -1.49 -9.71 -23.67
CA GLU A 309 -0.22 -10.42 -23.35
C GLU A 309 -0.17 -11.76 -24.11
N LEU A 310 -1.31 -12.45 -24.22
CA LEU A 310 -1.44 -13.72 -24.98
C LEU A 310 -1.22 -13.46 -26.48
N ALA A 311 -1.69 -12.31 -26.98
CA ALA A 311 -1.57 -11.88 -28.39
C ALA A 311 -0.10 -11.73 -28.79
N LYS A 312 0.78 -11.37 -27.84
CA LYS A 312 2.24 -11.20 -28.05
C LYS A 312 2.93 -12.57 -28.17
N MET A 313 2.35 -13.61 -27.56
CA MET A 313 2.93 -14.98 -27.47
C MET A 313 2.55 -15.80 -28.70
N GLU A 314 1.32 -15.61 -29.22
CA GLU A 314 0.70 -16.42 -30.31
C GLU A 314 1.64 -16.55 -31.51
N PRO A 315 2.26 -15.47 -32.01
CA PRO A 315 3.08 -15.55 -33.23
C PRO A 315 4.29 -16.50 -33.14
N PHE A 316 4.80 -16.76 -31.93
CA PHE A 316 6.01 -17.57 -31.66
C PHE A 316 5.63 -18.96 -31.13
N PHE A 317 4.37 -19.36 -31.31
CA PHE A 317 3.82 -20.68 -30.94
C PHE A 317 4.41 -21.75 -31.84
N PRO A 318 4.76 -22.94 -31.31
CA PRO A 318 5.12 -24.09 -32.14
C PRO A 318 3.90 -24.59 -32.91
N SER A 319 4.11 -25.14 -34.11
CA SER A 319 3.07 -25.58 -35.08
C SER A 319 1.97 -26.37 -34.35
N GLY A 320 0.71 -25.94 -34.52
CA GLY A 320 -0.49 -26.64 -34.01
C GLY A 320 -1.04 -26.01 -32.74
N LEU A 321 -0.17 -25.48 -31.88
CA LEU A 321 -0.55 -24.90 -30.55
C LEU A 321 -1.56 -23.76 -30.78
N LYS A 322 -2.62 -23.73 -29.96
CA LYS A 322 -3.78 -22.81 -30.11
C LYS A 322 -4.37 -22.49 -28.74
N ILE A 323 -4.68 -21.22 -28.48
CA ILE A 323 -5.37 -20.74 -27.25
C ILE A 323 -6.88 -20.93 -27.45
N VAL A 324 -7.55 -21.55 -26.48
CA VAL A 324 -9.04 -21.68 -26.40
C VAL A 324 -9.51 -21.01 -25.10
N TYR A 325 -10.79 -20.61 -25.04
CA TYR A 325 -11.39 -19.87 -23.91
C TYR A 325 -12.56 -20.69 -23.35
N PRO A 326 -12.26 -21.80 -22.64
CA PRO A 326 -13.29 -22.71 -22.12
C PRO A 326 -14.09 -22.18 -20.91
N TYR A 327 -13.62 -21.11 -20.26
CA TYR A 327 -14.28 -20.51 -19.07
C TYR A 327 -13.85 -19.04 -18.94
N ASP A 328 -14.81 -18.13 -19.03
CA ASP A 328 -14.60 -16.66 -18.90
C ASP A 328 -15.88 -16.03 -18.33
N THR A 329 -15.76 -15.30 -17.21
CA THR A 329 -16.89 -14.66 -16.48
C THR A 329 -17.14 -13.24 -17.02
N THR A 330 -16.21 -12.70 -17.82
CA THR A 330 -16.20 -11.28 -18.26
C THR A 330 -17.16 -11.04 -19.44
N PRO A 331 -17.24 -11.93 -20.46
CA PRO A 331 -18.17 -11.72 -21.56
C PRO A 331 -19.60 -11.35 -21.12
N PHE A 332 -20.12 -12.02 -20.09
CA PHE A 332 -21.47 -11.78 -19.51
C PHE A 332 -21.59 -10.32 -19.07
N VAL A 333 -20.60 -9.81 -18.32
CA VAL A 333 -20.59 -8.43 -17.74
C VAL A 333 -20.68 -7.42 -18.87
N LYS A 334 -19.80 -7.53 -19.88
CA LYS A 334 -19.79 -6.66 -21.09
C LYS A 334 -21.17 -6.69 -21.76
N ILE A 335 -21.66 -7.90 -22.08
CA ILE A 335 -22.92 -8.13 -22.87
C ILE A 335 -24.12 -7.65 -22.05
N SER A 336 -24.21 -8.03 -20.78
CA SER A 336 -25.33 -7.71 -19.85
C SER A 336 -25.47 -6.18 -19.72
N ILE A 337 -24.36 -5.46 -19.59
CA ILE A 337 -24.33 -3.97 -19.50
C ILE A 337 -24.79 -3.38 -20.85
N HIS A 338 -24.21 -3.86 -21.95
CA HIS A 338 -24.50 -3.42 -23.34
C HIS A 338 -25.98 -3.67 -23.68
N GLU A 339 -26.60 -4.70 -23.09
CA GLU A 339 -28.04 -5.02 -23.24
C GLU A 339 -28.88 -3.94 -22.54
N VAL A 340 -28.45 -3.48 -21.36
CA VAL A 340 -29.12 -2.41 -20.57
C VAL A 340 -28.94 -1.06 -21.30
N VAL A 341 -27.82 -0.88 -22.00
CA VAL A 341 -27.52 0.32 -22.82
C VAL A 341 -28.49 0.36 -24.02
N LYS A 342 -28.80 -0.80 -24.59
CA LYS A 342 -29.76 -0.96 -25.72
C LYS A 342 -31.16 -0.53 -25.26
N THR A 343 -31.56 -0.91 -24.03
CA THR A 343 -32.88 -0.59 -23.44
C THR A 343 -32.98 0.91 -23.16
N LEU A 344 -31.85 1.57 -22.84
CA LEU A 344 -31.76 3.04 -22.67
C LEU A 344 -32.12 3.73 -23.99
N VAL A 345 -31.46 3.33 -25.08
CA VAL A 345 -31.65 3.90 -26.45
C VAL A 345 -33.09 3.58 -26.92
N GLU A 346 -33.54 2.34 -26.71
CA GLU A 346 -34.91 1.87 -27.10
C GLU A 346 -35.98 2.66 -26.33
N ALA A 347 -35.75 2.93 -25.05
CA ALA A 347 -36.66 3.69 -24.16
C ALA A 347 -36.83 5.12 -24.69
N ILE A 348 -35.73 5.77 -25.08
CA ILE A 348 -35.70 7.18 -25.59
C ILE A 348 -36.45 7.25 -26.93
N ILE A 349 -36.35 6.21 -27.77
CA ILE A 349 -37.09 6.09 -29.06
C ILE A 349 -38.60 6.01 -28.75
N LEU A 350 -38.98 5.22 -27.74
CA LEU A 350 -40.40 5.01 -27.34
C LEU A 350 -40.94 6.28 -26.66
N VAL A 351 -40.10 7.01 -25.92
CA VAL A 351 -40.42 8.34 -25.34
C VAL A 351 -40.80 9.28 -26.50
N PHE A 352 -39.92 9.40 -27.49
CA PHE A 352 -40.05 10.28 -28.69
C PHE A 352 -41.38 10.03 -29.39
N LEU A 353 -41.76 8.76 -29.58
CA LEU A 353 -43.00 8.35 -30.32
C LEU A 353 -44.25 8.75 -29.53
N VAL A 354 -44.22 8.61 -28.20
CA VAL A 354 -45.33 9.02 -27.29
C VAL A 354 -45.42 10.55 -27.28
N MET A 355 -44.28 11.25 -27.24
CA MET A 355 -44.20 12.73 -27.27
C MET A 355 -44.80 13.25 -28.59
N TYR A 356 -44.54 12.55 -29.71
CA TYR A 356 -45.02 12.92 -31.06
C TYR A 356 -46.54 12.77 -31.16
N LEU A 357 -47.11 11.78 -30.46
CA LEU A 357 -48.57 11.50 -30.46
C LEU A 357 -49.34 12.70 -29.88
N PHE A 358 -48.79 13.34 -28.84
CA PHE A 358 -49.43 14.45 -28.08
C PHE A 358 -49.03 15.81 -28.66
N LEU A 359 -47.73 16.03 -28.90
CA LEU A 359 -47.18 17.33 -29.39
C LEU A 359 -47.43 17.45 -30.90
N GLN A 360 -47.33 16.34 -31.65
CA GLN A 360 -47.73 16.24 -33.07
C GLN A 360 -46.93 17.22 -33.93
N ASN A 361 -45.70 17.54 -33.51
CA ASN A 361 -44.76 18.47 -34.18
C ASN A 361 -43.33 18.04 -33.85
N PHE A 362 -42.55 17.70 -34.88
CA PHE A 362 -41.20 17.08 -34.79
C PHE A 362 -40.28 17.91 -33.88
N ARG A 363 -40.33 19.25 -34.00
CA ARG A 363 -39.45 20.18 -33.23
C ARG A 363 -39.83 20.17 -31.75
N ALA A 364 -41.13 20.22 -31.44
CA ALA A 364 -41.69 20.16 -30.07
C ALA A 364 -41.35 18.80 -29.43
N THR A 365 -41.43 17.72 -30.22
CA THR A 365 -41.19 16.31 -29.80
C THR A 365 -39.75 16.13 -29.34
N LEU A 366 -38.80 16.84 -29.95
CA LEU A 366 -37.34 16.68 -29.71
C LEU A 366 -36.96 17.23 -28.32
N ILE A 367 -37.68 18.24 -27.80
CA ILE A 367 -37.30 18.99 -26.57
C ILE A 367 -37.17 18.00 -25.40
N PRO A 368 -38.21 17.20 -25.06
CA PRO A 368 -38.05 16.15 -24.04
C PRO A 368 -37.04 15.07 -24.42
N THR A 369 -36.92 14.77 -25.72
CA THR A 369 -36.03 13.71 -26.30
C THR A 369 -34.57 14.16 -26.22
N ILE A 370 -34.30 15.47 -26.20
CA ILE A 370 -32.93 16.05 -26.03
C ILE A 370 -32.58 16.08 -24.53
N ALA A 371 -33.55 16.41 -23.69
CA ALA A 371 -33.39 16.61 -22.22
C ALA A 371 -32.86 15.34 -21.56
N VAL A 372 -33.41 14.17 -21.93
CA VAL A 372 -33.10 12.85 -21.31
C VAL A 372 -31.62 12.53 -21.49
N PRO A 373 -31.10 12.39 -22.74
CA PRO A 373 -29.68 12.05 -22.94
C PRO A 373 -28.68 13.04 -22.34
N VAL A 374 -29.02 14.34 -22.30
CA VAL A 374 -28.17 15.42 -21.70
C VAL A 374 -27.95 15.12 -20.22
N VAL A 375 -29.02 14.80 -19.49
CA VAL A 375 -29.00 14.52 -18.02
C VAL A 375 -28.29 13.19 -17.76
N LEU A 376 -28.67 12.13 -18.49
CA LEU A 376 -28.11 10.76 -18.33
C LEU A 376 -26.58 10.80 -18.52
N LEU A 377 -26.11 11.47 -19.58
CA LEU A 377 -24.66 11.65 -19.86
C LEU A 377 -24.03 12.47 -18.72
N GLY A 378 -24.69 13.55 -18.29
CA GLY A 378 -24.27 14.39 -17.15
C GLY A 378 -24.10 13.57 -15.89
N THR A 379 -24.98 12.58 -15.67
CA THR A 379 -24.99 11.70 -14.47
C THR A 379 -23.71 10.85 -14.44
N PHE A 380 -23.29 10.32 -15.59
CA PHE A 380 -22.04 9.51 -15.74
C PHE A 380 -20.83 10.32 -15.23
N ALA A 381 -20.79 11.62 -15.54
CA ALA A 381 -19.72 12.57 -15.15
C ALA A 381 -19.77 12.81 -13.63
N VAL A 382 -20.97 12.82 -13.04
CA VAL A 382 -21.19 13.00 -11.56
C VAL A 382 -20.72 11.73 -10.84
N LEU A 383 -21.01 10.55 -11.39
CA LEU A 383 -20.54 9.24 -10.86
C LEU A 383 -19.01 9.20 -10.87
N ALA A 384 -18.40 9.66 -11.96
CA ALA A 384 -16.93 9.71 -12.17
C ALA A 384 -16.29 10.64 -11.12
N ALA A 385 -16.96 11.74 -10.79
CA ALA A 385 -16.51 12.76 -9.81
C ALA A 385 -16.46 12.16 -8.40
N PHE A 386 -17.34 11.18 -8.10
CA PHE A 386 -17.50 10.56 -6.76
C PHE A 386 -17.04 9.08 -6.80
N GLY A 387 -16.18 8.72 -7.75
CA GLY A 387 -15.45 7.45 -7.81
C GLY A 387 -16.37 6.24 -7.88
N PHE A 388 -17.51 6.35 -8.55
CA PHE A 388 -18.45 5.23 -8.84
C PHE A 388 -18.12 4.65 -10.23
N SER A 389 -18.38 3.36 -10.41
CA SER A 389 -18.17 2.61 -11.68
C SER A 389 -19.50 2.46 -12.43
N ILE A 390 -19.43 2.20 -13.74
CA ILE A 390 -20.61 1.79 -14.57
C ILE A 390 -20.87 0.30 -14.27
N ASN A 391 -21.92 0.00 -13.52
CA ASN A 391 -22.30 -1.39 -13.13
C ASN A 391 -23.81 -1.58 -13.35
N THR A 392 -24.27 -2.82 -13.20
CA THR A 392 -25.69 -3.24 -13.39
C THR A 392 -26.63 -2.28 -12.66
N LEU A 393 -26.29 -1.91 -11.42
CA LEU A 393 -27.17 -1.18 -10.48
C LEU A 393 -27.23 0.31 -10.87
N THR A 394 -26.07 0.90 -11.19
CA THR A 394 -25.95 2.30 -11.68
C THR A 394 -26.63 2.42 -13.04
N MET A 395 -26.49 1.40 -13.91
CA MET A 395 -27.06 1.39 -15.27
C MET A 395 -28.59 1.28 -15.21
N PHE A 396 -29.14 0.49 -14.28
CA PHE A 396 -30.60 0.38 -14.03
C PHE A 396 -31.10 1.65 -13.33
N GLY A 397 -30.21 2.31 -12.57
CA GLY A 397 -30.44 3.65 -12.00
C GLY A 397 -30.72 4.68 -13.09
N MET A 398 -30.01 4.60 -14.21
CA MET A 398 -30.19 5.47 -15.40
C MET A 398 -31.54 5.19 -16.06
N VAL A 399 -31.92 3.91 -16.17
CA VAL A 399 -33.18 3.45 -16.83
C VAL A 399 -34.38 3.95 -16.00
N LEU A 400 -34.30 3.86 -14.67
CA LEU A 400 -35.37 4.31 -13.74
C LEU A 400 -35.43 5.84 -13.70
N ALA A 401 -34.28 6.51 -13.88
CA ALA A 401 -34.17 7.99 -13.91
C ALA A 401 -35.02 8.56 -15.04
N ILE A 402 -34.93 7.97 -16.24
CA ILE A 402 -35.66 8.37 -17.48
C ILE A 402 -37.08 8.80 -17.11
N GLY A 403 -37.79 8.01 -16.31
CA GLY A 403 -39.16 8.29 -15.82
C GLY A 403 -39.26 9.65 -15.18
N LEU A 404 -38.32 9.97 -14.27
CA LEU A 404 -38.26 11.26 -13.52
C LEU A 404 -37.77 12.37 -14.44
N LEU A 405 -36.82 12.08 -15.32
CA LEU A 405 -36.19 13.06 -16.26
C LEU A 405 -37.24 13.56 -17.26
N VAL A 406 -37.95 12.64 -17.91
CA VAL A 406 -38.91 12.93 -19.02
C VAL A 406 -40.10 13.72 -18.46
N ASP A 407 -40.46 13.49 -17.20
CA ASP A 407 -41.56 14.21 -16.50
C ASP A 407 -41.18 15.69 -16.37
N ASP A 408 -39.99 15.96 -15.81
CA ASP A 408 -39.43 17.34 -15.64
C ASP A 408 -39.54 18.09 -16.97
N ALA A 409 -39.11 17.47 -18.08
CA ALA A 409 -39.12 18.05 -19.45
C ALA A 409 -40.56 18.22 -19.94
N ILE A 410 -41.42 17.22 -19.72
CA ILE A 410 -42.86 17.21 -20.13
C ILE A 410 -43.61 18.31 -19.36
N VAL A 411 -43.44 18.37 -18.03
CA VAL A 411 -44.11 19.36 -17.14
C VAL A 411 -43.83 20.78 -17.67
N VAL A 412 -42.60 21.05 -18.09
CA VAL A 412 -42.17 22.36 -18.67
C VAL A 412 -42.87 22.56 -20.02
N VAL A 413 -42.58 21.69 -20.99
CA VAL A 413 -43.08 21.79 -22.41
C VAL A 413 -44.61 21.88 -22.40
N GLU A 414 -45.29 20.91 -21.77
CA GLU A 414 -46.77 20.79 -21.74
C GLU A 414 -47.40 22.08 -21.19
N ASN A 415 -46.86 22.61 -20.09
CA ASN A 415 -47.39 23.80 -19.38
C ASN A 415 -47.27 25.03 -20.27
N VAL A 416 -46.25 25.10 -21.13
CA VAL A 416 -46.03 26.20 -22.11
C VAL A 416 -47.08 26.07 -23.23
N GLU A 417 -47.31 24.84 -23.71
CA GLU A 417 -48.33 24.51 -24.74
C GLU A 417 -49.73 24.92 -24.23
N ARG A 418 -50.01 24.64 -22.95
CA ARG A 418 -51.31 24.91 -22.29
C ARG A 418 -51.54 26.43 -22.18
N VAL A 419 -50.48 27.19 -21.90
CA VAL A 419 -50.51 28.69 -21.77
C VAL A 419 -50.79 29.30 -23.16
N MET A 420 -50.10 28.82 -24.20
CA MET A 420 -50.24 29.30 -25.61
C MET A 420 -51.66 28.99 -26.11
N ALA A 421 -52.27 27.90 -25.65
CA ALA A 421 -53.63 27.46 -26.05
C ALA A 421 -54.70 28.25 -25.29
N GLU A 422 -54.42 28.65 -24.04
CA GLU A 422 -55.38 29.36 -23.15
C GLU A 422 -55.47 30.84 -23.53
N GLU A 423 -54.33 31.50 -23.73
CA GLU A 423 -54.24 32.99 -23.86
C GLU A 423 -53.77 33.42 -25.25
N GLY A 424 -53.15 32.52 -26.02
CA GLY A 424 -52.67 32.80 -27.39
C GLY A 424 -51.40 33.63 -27.40
N LEU A 425 -50.59 33.54 -26.33
CA LEU A 425 -49.27 34.23 -26.22
C LEU A 425 -48.27 33.54 -27.14
N PRO A 426 -47.26 34.26 -27.67
CA PRO A 426 -46.20 33.62 -28.46
C PRO A 426 -45.31 32.71 -27.63
N PRO A 427 -44.60 31.72 -28.24
CA PRO A 427 -43.72 30.82 -27.52
C PRO A 427 -42.83 31.46 -26.45
N LYS A 428 -42.11 32.53 -26.81
CA LYS A 428 -41.16 33.25 -25.91
C LYS A 428 -41.90 33.70 -24.64
N GLU A 429 -43.00 34.46 -24.80
CA GLU A 429 -43.79 35.05 -23.69
C GLU A 429 -44.44 33.94 -22.86
N ALA A 430 -45.03 32.94 -23.53
CA ALA A 430 -45.70 31.78 -22.90
C ALA A 430 -44.72 31.02 -22.01
N THR A 431 -43.49 30.82 -22.49
CA THR A 431 -42.38 30.12 -21.77
C THR A 431 -42.06 30.88 -20.47
N ARG A 432 -41.77 32.18 -20.59
CA ARG A 432 -41.43 33.06 -19.43
C ARG A 432 -42.48 32.89 -18.33
N LYS A 433 -43.77 33.02 -18.70
CA LYS A 433 -44.94 32.92 -17.79
C LYS A 433 -45.04 31.50 -17.23
N SER A 434 -44.87 30.48 -18.09
CA SER A 434 -44.91 29.04 -17.73
C SER A 434 -43.83 28.75 -16.68
N MET A 435 -42.58 29.16 -16.95
CA MET A 435 -41.42 28.94 -16.03
C MET A 435 -41.67 29.67 -14.71
N GLY A 436 -42.13 30.93 -14.77
CA GLY A 436 -42.51 31.73 -13.59
C GLY A 436 -43.52 31.03 -12.70
N GLN A 437 -44.34 30.14 -13.28
CA GLN A 437 -45.40 29.37 -12.57
C GLN A 437 -44.81 28.14 -11.85
N ILE A 438 -43.99 27.35 -12.53
CA ILE A 438 -43.64 25.95 -12.09
C ILE A 438 -42.16 25.83 -11.68
N GLN A 439 -41.31 26.85 -11.92
CA GLN A 439 -39.85 26.77 -11.64
C GLN A 439 -39.63 26.50 -10.14
N GLY A 440 -40.44 27.12 -9.27
CA GLY A 440 -40.38 26.96 -7.81
C GLY A 440 -40.71 25.54 -7.38
N ALA A 441 -41.71 24.93 -8.01
CA ALA A 441 -42.21 23.56 -7.72
C ALA A 441 -41.18 22.53 -8.17
N LEU A 442 -40.59 22.70 -9.37
CA LEU A 442 -39.56 21.79 -9.95
C LEU A 442 -38.43 21.59 -8.94
N VAL A 443 -37.88 22.69 -8.41
CA VAL A 443 -36.77 22.69 -7.41
C VAL A 443 -37.28 22.04 -6.11
N GLY A 444 -38.47 22.44 -5.66
CA GLY A 444 -39.10 21.95 -4.42
C GLY A 444 -39.37 20.45 -4.46
N ILE A 445 -39.91 19.96 -5.58
CA ILE A 445 -40.24 18.52 -5.81
C ILE A 445 -38.96 17.68 -5.73
N ALA A 446 -37.87 18.13 -6.38
CA ALA A 446 -36.57 17.45 -6.45
C ALA A 446 -36.02 17.21 -5.02
N MET A 447 -36.23 18.16 -4.11
CA MET A 447 -35.81 18.07 -2.69
C MET A 447 -36.72 17.10 -1.92
N VAL A 448 -38.02 17.09 -2.23
CA VAL A 448 -39.01 16.16 -1.63
C VAL A 448 -38.68 14.72 -2.06
N LEU A 449 -38.30 14.54 -3.33
CA LEU A 449 -38.00 13.21 -3.93
C LEU A 449 -36.61 12.72 -3.49
N SER A 450 -35.68 13.64 -3.22
CA SER A 450 -34.33 13.31 -2.67
C SER A 450 -34.50 12.62 -1.31
N ALA A 451 -35.50 13.04 -0.53
CA ALA A 451 -35.85 12.48 0.80
C ALA A 451 -36.35 11.04 0.67
N VAL A 452 -36.81 10.63 -0.52
CA VAL A 452 -37.28 9.25 -0.83
C VAL A 452 -36.06 8.35 -1.10
N PHE A 453 -35.09 8.84 -1.87
CA PHE A 453 -33.98 8.04 -2.46
C PHE A 453 -32.73 8.08 -1.56
N VAL A 454 -32.41 9.24 -0.97
CA VAL A 454 -31.16 9.48 -0.20
C VAL A 454 -31.06 8.51 0.98
N PRO A 455 -32.14 8.28 1.77
CA PRO A 455 -32.04 7.42 2.97
C PRO A 455 -31.49 6.01 2.72
N MET A 456 -31.73 5.43 1.53
CA MET A 456 -31.29 4.05 1.19
C MET A 456 -29.80 4.04 0.83
N ALA A 457 -29.17 5.22 0.74
CA ALA A 457 -27.70 5.38 0.63
C ALA A 457 -27.03 5.15 2.00
N PHE A 458 -27.83 5.12 3.08
CA PHE A 458 -27.35 4.98 4.48
C PHE A 458 -27.60 3.56 5.01
N PHE A 459 -28.02 2.62 4.14
CA PHE A 459 -27.97 1.17 4.42
C PHE A 459 -26.52 0.79 4.70
N GLY A 460 -26.27 0.03 5.78
CA GLY A 460 -24.92 -0.28 6.28
C GLY A 460 -24.48 -1.69 5.90
N GLY A 461 -23.17 -1.87 5.68
CA GLY A 461 -22.53 -3.18 5.47
C GLY A 461 -22.51 -3.60 4.00
N SER A 462 -22.66 -4.90 3.75
CA SER A 462 -22.56 -5.56 2.41
C SER A 462 -23.62 -5.00 1.45
N THR A 463 -24.89 -5.03 1.86
CA THR A 463 -26.06 -4.62 1.05
C THR A 463 -26.05 -3.10 0.85
N GLY A 464 -25.48 -2.36 1.80
CA GLY A 464 -25.38 -0.88 1.78
C GLY A 464 -24.84 -0.35 0.47
N ALA A 465 -23.73 -0.93 -0.01
CA ALA A 465 -23.01 -0.53 -1.24
C ALA A 465 -23.94 -0.67 -2.46
N ILE A 466 -24.71 -1.76 -2.52
CA ILE A 466 -25.65 -2.11 -3.65
C ILE A 466 -26.73 -1.01 -3.76
N TYR A 467 -27.41 -0.71 -2.66
CA TYR A 467 -28.51 0.29 -2.60
C TYR A 467 -27.96 1.71 -2.84
N ARG A 468 -26.71 1.95 -2.45
CA ARG A 468 -26.03 3.27 -2.54
C ARG A 468 -25.72 3.60 -4.01
N GLN A 469 -25.59 2.59 -4.87
CA GLN A 469 -25.35 2.76 -6.33
C GLN A 469 -26.55 3.47 -6.96
N PHE A 470 -27.76 2.94 -6.72
CA PHE A 470 -29.06 3.50 -7.21
C PHE A 470 -29.28 4.90 -6.66
N SER A 471 -29.18 5.05 -5.33
CA SER A 471 -29.48 6.29 -4.57
C SER A 471 -28.75 7.49 -5.17
N ILE A 472 -27.42 7.38 -5.31
CA ILE A 472 -26.53 8.48 -5.79
C ILE A 472 -26.79 8.72 -7.29
N THR A 473 -27.01 7.65 -8.07
CA THR A 473 -27.30 7.71 -9.53
C THR A 473 -28.59 8.50 -9.78
N ILE A 474 -29.67 8.14 -9.07
CA ILE A 474 -31.05 8.70 -9.27
C ILE A 474 -31.09 10.15 -8.77
N VAL A 475 -30.53 10.42 -7.58
CA VAL A 475 -30.53 11.77 -6.94
C VAL A 475 -29.70 12.74 -7.80
N SER A 476 -28.55 12.30 -8.31
CA SER A 476 -27.64 13.09 -9.19
C SER A 476 -28.36 13.48 -10.48
N ALA A 477 -29.07 12.51 -11.10
CA ALA A 477 -29.84 12.69 -12.36
C ALA A 477 -30.98 13.69 -12.12
N MET A 478 -31.73 13.53 -11.02
CA MET A 478 -32.85 14.43 -10.62
C MET A 478 -32.34 15.86 -10.45
N ALA A 479 -31.21 16.03 -9.77
CA ALA A 479 -30.56 17.34 -9.50
C ALA A 479 -30.17 18.01 -10.83
N LEU A 480 -29.58 17.24 -11.75
CA LEU A 480 -29.21 17.70 -13.11
C LEU A 480 -30.47 18.01 -13.92
N SER A 481 -31.50 17.17 -13.80
CA SER A 481 -32.81 17.29 -14.52
C SER A 481 -33.41 18.68 -14.28
N VAL A 482 -33.44 19.11 -13.01
CA VAL A 482 -33.90 20.46 -12.58
C VAL A 482 -33.06 21.52 -13.30
N LEU A 483 -31.73 21.42 -13.21
CA LEU A 483 -30.77 22.38 -13.79
C LEU A 483 -31.01 22.49 -15.31
N VAL A 484 -31.21 21.36 -15.98
CA VAL A 484 -31.51 21.27 -17.44
C VAL A 484 -32.89 21.89 -17.69
N ALA A 485 -33.85 21.68 -16.79
CA ALA A 485 -35.25 22.17 -16.88
C ALA A 485 -35.30 23.69 -16.64
N LEU A 486 -34.27 24.28 -16.03
CA LEU A 486 -34.16 25.73 -15.75
C LEU A 486 -33.27 26.43 -16.79
N ILE A 487 -32.42 25.69 -17.51
CA ILE A 487 -31.43 26.26 -18.47
C ILE A 487 -31.86 25.93 -19.90
N LEU A 488 -31.81 24.65 -20.30
CA LEU A 488 -31.98 24.20 -21.71
C LEU A 488 -33.46 24.25 -22.11
N THR A 489 -34.33 23.54 -21.40
CA THR A 489 -35.75 23.28 -21.77
C THR A 489 -36.47 24.61 -22.04
N PRO A 490 -36.32 25.65 -21.18
CA PRO A 490 -36.95 26.95 -21.44
C PRO A 490 -36.47 27.58 -22.75
N ALA A 491 -35.18 27.49 -23.05
CA ALA A 491 -34.53 28.04 -24.25
C ALA A 491 -35.08 27.35 -25.51
N LEU A 492 -35.24 26.03 -25.46
CA LEU A 492 -35.76 25.21 -26.59
C LEU A 492 -37.26 25.50 -26.79
N CYS A 493 -38.01 25.60 -25.70
CA CYS A 493 -39.47 25.94 -25.68
C CYS A 493 -39.71 27.28 -26.37
N ALA A 494 -38.85 28.28 -26.10
CA ALA A 494 -38.98 29.67 -26.59
C ALA A 494 -38.66 29.75 -28.09
N THR A 495 -37.80 28.85 -28.60
CA THR A 495 -37.23 28.91 -29.98
C THR A 495 -37.92 27.89 -30.89
N MET A 496 -38.13 26.65 -30.42
CA MET A 496 -38.50 25.48 -31.27
C MET A 496 -40.03 25.34 -31.39
N LEU A 497 -40.78 25.53 -30.29
CA LEU A 497 -42.25 25.33 -30.26
C LEU A 497 -42.94 26.26 -31.25
N LYS A 498 -43.98 25.77 -31.93
CA LYS A 498 -44.81 26.56 -32.88
C LYS A 498 -45.83 27.37 -32.10
N PRO A 499 -46.16 28.62 -32.53
CA PRO A 499 -47.19 29.42 -31.88
C PRO A 499 -48.59 28.77 -32.00
N ILE A 500 -49.25 28.57 -30.86
CA ILE A 500 -50.65 28.05 -30.76
C ILE A 500 -51.58 29.25 -30.54
N ALA A 501 -52.69 29.31 -31.29
CA ALA A 501 -53.71 30.39 -31.21
C ALA A 501 -54.66 30.10 -30.05
N LYS A 502 -55.27 31.14 -29.47
CA LYS A 502 -56.19 31.07 -28.31
C LYS A 502 -57.38 30.17 -28.63
N GLY A 503 -57.61 29.14 -27.81
CA GLY A 503 -58.75 28.21 -27.92
C GLY A 503 -58.45 27.00 -28.78
N ASP A 504 -57.34 27.01 -29.53
CA ASP A 504 -56.94 25.93 -30.47
C ASP A 504 -56.33 24.78 -29.67
N HIS A 505 -57.02 23.63 -29.64
CA HIS A 505 -56.56 22.36 -29.01
C HIS A 505 -56.25 21.32 -30.09
N GLY A 506 -56.04 21.77 -31.33
CA GLY A 506 -55.76 20.91 -32.50
C GLY A 506 -56.94 20.02 -32.85
N GLU A 507 -58.16 20.44 -32.50
CA GLU A 507 -59.43 19.69 -32.76
C GLU A 507 -59.74 19.76 -34.26
N GLY A 508 -59.36 20.86 -34.93
CA GLY A 508 -59.65 21.11 -36.36
C GLY A 508 -58.49 20.72 -37.26
N LYS A 509 -57.81 19.61 -36.95
CA LYS A 509 -56.78 18.98 -37.82
C LYS A 509 -57.47 17.88 -38.65
N LYS A 510 -56.79 17.36 -39.68
CA LYS A 510 -57.32 16.33 -40.60
C LYS A 510 -56.31 15.17 -40.71
N GLY A 511 -56.76 13.96 -40.35
CA GLY A 511 -55.92 12.73 -40.29
C GLY A 511 -56.18 11.96 -39.01
N PHE A 512 -55.11 11.49 -38.36
CA PHE A 512 -55.15 10.76 -37.06
C PHE A 512 -55.12 11.75 -35.90
N PHE A 513 -54.25 12.77 -35.98
CA PHE A 513 -54.04 13.80 -34.93
C PHE A 513 -55.34 14.57 -34.69
N GLY A 514 -55.97 15.05 -35.77
CA GLY A 514 -57.28 15.73 -35.74
C GLY A 514 -58.32 14.90 -35.01
N TRP A 515 -58.40 13.60 -35.33
CA TRP A 515 -59.31 12.63 -34.69
C TRP A 515 -58.90 12.41 -33.22
N PHE A 516 -57.61 12.18 -32.97
CA PHE A 516 -57.03 11.89 -31.62
C PHE A 516 -57.32 13.06 -30.67
N ASN A 517 -57.18 14.29 -31.15
CA ASN A 517 -57.32 15.54 -30.35
C ASN A 517 -58.80 15.70 -29.92
N ARG A 518 -59.75 15.48 -30.84
CA ARG A 518 -61.21 15.53 -30.56
C ARG A 518 -61.57 14.43 -29.54
N MET A 519 -60.96 13.25 -29.68
CA MET A 519 -61.16 12.07 -28.79
C MET A 519 -60.68 12.41 -27.38
N PHE A 520 -59.49 13.02 -27.25
CA PHE A 520 -58.85 13.36 -25.95
C PHE A 520 -59.59 14.54 -25.31
N GLU A 521 -59.94 15.57 -26.10
CA GLU A 521 -60.66 16.79 -25.64
C GLU A 521 -62.01 16.40 -25.02
N LYS A 522 -62.69 15.41 -25.62
CA LYS A 522 -63.98 14.86 -25.13
C LYS A 522 -63.73 13.96 -23.91
N SER A 523 -62.70 13.11 -23.98
CA SER A 523 -62.28 12.18 -22.89
C SER A 523 -61.95 12.96 -21.61
N THR A 524 -61.42 14.17 -21.76
CA THR A 524 -61.11 15.10 -20.64
C THR A 524 -62.41 15.49 -19.92
N HIS A 525 -63.43 15.91 -20.68
CA HIS A 525 -64.76 16.32 -20.16
C HIS A 525 -65.41 15.16 -19.39
N HIS A 526 -65.36 13.94 -19.95
CA HIS A 526 -65.86 12.69 -19.31
C HIS A 526 -65.15 12.51 -17.95
N TYR A 527 -63.83 12.66 -17.93
CA TYR A 527 -62.96 12.55 -16.74
C TYR A 527 -63.40 13.58 -15.68
N THR A 528 -63.49 14.85 -16.06
CA THR A 528 -63.83 15.99 -15.16
C THR A 528 -65.25 15.81 -14.63
N ASP A 529 -66.20 15.44 -15.51
CA ASP A 529 -67.62 15.12 -15.16
C ASP A 529 -67.63 13.95 -14.16
N SER A 530 -66.79 12.94 -14.40
CA SER A 530 -66.67 11.72 -13.56
C SER A 530 -66.11 12.07 -12.18
N VAL A 531 -65.04 12.88 -12.12
CA VAL A 531 -64.37 13.30 -10.85
C VAL A 531 -65.35 14.14 -10.03
N GLY A 532 -66.02 15.11 -10.67
CA GLY A 532 -67.06 15.97 -10.07
C GLY A 532 -68.12 15.15 -9.37
N GLY A 533 -68.52 14.02 -9.97
CA GLY A 533 -69.49 13.06 -9.40
C GLY A 533 -68.95 12.36 -8.16
N ILE A 534 -67.67 12.00 -8.17
CA ILE A 534 -66.96 11.31 -7.05
C ILE A 534 -66.86 12.26 -5.85
N LEU A 535 -66.59 13.55 -6.11
CA LEU A 535 -66.37 14.60 -5.07
C LEU A 535 -67.67 14.87 -4.30
N ARG A 536 -68.83 14.54 -4.88
CA ARG A 536 -70.15 14.61 -4.19
C ARG A 536 -70.29 13.41 -3.24
N SER A 537 -69.87 12.22 -3.66
CA SER A 537 -69.95 10.95 -2.87
C SER A 537 -68.89 10.97 -1.76
N THR A 538 -67.60 10.87 -2.12
CA THR A 538 -66.43 11.01 -1.22
C THR A 538 -66.36 9.85 -0.23
N GLY A 539 -67.33 9.77 0.70
CA GLY A 539 -67.36 8.81 1.83
C GLY A 539 -67.13 7.37 1.39
N ARG A 540 -67.68 6.98 0.23
CA ARG A 540 -67.63 5.58 -0.30
C ARG A 540 -66.20 5.26 -0.75
N TYR A 541 -65.44 6.26 -1.20
CA TYR A 541 -64.10 6.11 -1.83
C TYR A 541 -63.01 6.01 -0.75
N LEU A 542 -63.24 6.57 0.44
CA LEU A 542 -62.33 6.46 1.61
C LEU A 542 -62.31 5.00 2.09
N VAL A 543 -63.46 4.31 2.00
CA VAL A 543 -63.60 2.86 2.31
C VAL A 543 -62.92 2.05 1.20
N LEU A 544 -63.13 2.44 -0.06
CA LEU A 544 -62.55 1.81 -1.28
C LEU A 544 -61.02 1.94 -1.24
N TYR A 545 -60.50 3.08 -0.77
CA TYR A 545 -59.06 3.34 -0.55
C TYR A 545 -58.52 2.37 0.51
N LEU A 546 -59.30 2.16 1.58
CA LEU A 546 -58.93 1.33 2.76
C LEU A 546 -58.84 -0.14 2.35
N ILE A 547 -59.60 -0.56 1.33
CA ILE A 547 -59.58 -1.94 0.74
C ILE A 547 -58.24 -2.14 0.00
N ILE A 548 -57.81 -1.13 -0.77
CA ILE A 548 -56.53 -1.14 -1.54
C ILE A 548 -55.36 -1.26 -0.57
N VAL A 549 -55.40 -0.53 0.55
CA VAL A 549 -54.32 -0.48 1.59
C VAL A 549 -54.21 -1.86 2.27
N VAL A 550 -55.35 -2.48 2.59
CA VAL A 550 -55.41 -3.85 3.21
C VAL A 550 -54.99 -4.88 2.16
N GLY A 551 -55.43 -4.71 0.91
CA GLY A 551 -55.04 -5.53 -0.24
C GLY A 551 -53.53 -5.47 -0.49
N MET A 552 -52.94 -4.28 -0.35
CA MET A 552 -51.47 -4.04 -0.44
C MET A 552 -50.77 -4.80 0.68
N ALA A 553 -51.22 -4.62 1.93
CA ALA A 553 -50.66 -5.24 3.15
C ALA A 553 -50.68 -6.77 3.03
N TYR A 554 -51.73 -7.32 2.42
CA TYR A 554 -51.92 -8.79 2.20
C TYR A 554 -50.87 -9.31 1.23
N LEU A 555 -50.75 -8.68 0.05
CA LEU A 555 -49.82 -9.07 -1.04
C LEU A 555 -48.37 -8.98 -0.55
N PHE A 556 -48.02 -7.88 0.13
CA PHE A 556 -46.65 -7.54 0.59
C PHE A 556 -46.12 -8.66 1.50
N VAL A 557 -46.97 -9.18 2.39
CA VAL A 557 -46.62 -10.25 3.38
C VAL A 557 -46.47 -11.59 2.65
N ARG A 558 -47.39 -11.89 1.71
CA ARG A 558 -47.41 -13.15 0.92
C ARG A 558 -46.16 -13.23 0.03
N LEU A 559 -45.80 -12.11 -0.64
CA LEU A 559 -44.66 -12.05 -1.60
C LEU A 559 -43.36 -12.38 -0.87
N PRO A 560 -42.60 -13.42 -1.30
CA PRO A 560 -41.30 -13.73 -0.70
C PRO A 560 -40.25 -12.66 -1.08
N SER A 561 -39.17 -12.58 -0.30
CA SER A 561 -38.07 -11.59 -0.45
C SER A 561 -36.75 -12.31 -0.73
N SER A 562 -36.11 -12.00 -1.87
CA SER A 562 -34.71 -12.34 -2.20
C SER A 562 -33.86 -11.07 -2.13
N PHE A 563 -32.57 -11.15 -2.49
CA PHE A 563 -31.65 -9.97 -2.55
C PHE A 563 -31.43 -9.57 -4.01
N LEU A 564 -30.79 -10.45 -4.79
CA LEU A 564 -30.53 -10.25 -6.25
C LEU A 564 -30.79 -11.56 -7.00
N PRO A 565 -31.43 -11.51 -8.19
CA PRO A 565 -31.74 -12.72 -8.96
C PRO A 565 -30.48 -13.40 -9.53
N ASP A 566 -30.43 -14.74 -9.45
CA ASP A 566 -29.37 -15.58 -10.05
C ASP A 566 -29.49 -15.50 -11.58
N GLU A 567 -28.45 -15.04 -12.25
CA GLU A 567 -28.40 -14.85 -13.73
C GLU A 567 -27.69 -16.03 -14.38
N ASP A 568 -28.15 -16.43 -15.56
CA ASP A 568 -27.39 -17.30 -16.50
C ASP A 568 -26.24 -16.45 -17.07
N GLN A 569 -24.99 -16.84 -16.79
CA GLN A 569 -23.76 -16.09 -17.19
C GLN A 569 -23.01 -16.87 -18.28
N GLY A 570 -23.68 -17.86 -18.89
CA GLY A 570 -23.15 -18.65 -20.02
C GLY A 570 -22.04 -19.60 -19.61
N VAL A 571 -21.81 -19.77 -18.30
CA VAL A 571 -20.75 -20.64 -17.73
C VAL A 571 -21.23 -21.19 -16.37
N PHE A 572 -20.72 -22.36 -15.99
CA PHE A 572 -20.89 -22.98 -14.65
C PHE A 572 -19.77 -24.01 -14.43
N MET A 573 -19.68 -24.54 -13.21
CA MET A 573 -18.62 -25.50 -12.78
C MET A 573 -19.27 -26.77 -12.23
N THR A 574 -18.62 -27.92 -12.42
CA THR A 574 -18.98 -29.24 -11.85
C THR A 574 -17.81 -29.75 -11.02
N MET A 575 -18.04 -30.00 -9.72
CA MET A 575 -17.01 -30.45 -8.75
C MET A 575 -17.11 -31.97 -8.59
N VAL A 576 -15.99 -32.68 -8.78
CA VAL A 576 -15.87 -34.16 -8.58
C VAL A 576 -15.04 -34.41 -7.33
N GLN A 577 -15.58 -35.15 -6.37
CA GLN A 577 -14.90 -35.53 -5.10
C GLN A 577 -15.13 -37.02 -4.84
N LEU A 578 -14.10 -37.85 -5.08
CA LEU A 578 -14.07 -39.28 -4.67
C LEU A 578 -13.65 -39.33 -3.20
N PRO A 579 -13.96 -40.43 -2.48
CA PRO A 579 -13.44 -40.61 -1.13
C PRO A 579 -11.91 -40.80 -1.17
N ALA A 580 -11.17 -40.03 -0.37
CA ALA A 580 -9.70 -40.08 -0.26
C ALA A 580 -9.25 -41.54 -0.11
N GLY A 581 -8.15 -41.90 -0.78
CA GLY A 581 -7.72 -43.30 -1.01
C GLY A 581 -8.00 -43.71 -2.45
N ALA A 582 -9.03 -43.13 -3.06
CA ALA A 582 -9.38 -43.30 -4.50
C ALA A 582 -8.23 -42.77 -5.35
N THR A 583 -7.88 -43.50 -6.42
CA THR A 583 -6.71 -43.25 -7.28
C THR A 583 -7.05 -42.21 -8.35
N GLN A 584 -6.01 -41.61 -8.95
CA GLN A 584 -6.08 -40.64 -10.08
C GLN A 584 -6.85 -41.28 -11.25
N GLU A 585 -6.66 -42.59 -11.46
CA GLU A 585 -7.27 -43.37 -12.57
C GLU A 585 -8.80 -43.44 -12.38
N ARG A 586 -9.26 -43.61 -11.14
CA ARG A 586 -10.71 -43.72 -10.79
CA ARG A 586 -10.72 -43.74 -10.82
C ARG A 586 -11.38 -42.36 -10.93
N THR A 587 -10.67 -41.29 -10.55
CA THR A 587 -11.13 -39.88 -10.66
C THR A 587 -11.28 -39.52 -12.14
N GLN A 588 -10.34 -39.97 -12.98
CA GLN A 588 -10.36 -39.76 -14.46
C GLN A 588 -11.58 -40.45 -15.05
N LYS A 589 -11.92 -41.65 -14.56
CA LYS A 589 -13.10 -42.44 -14.99
C LYS A 589 -14.38 -41.63 -14.75
N VAL A 590 -14.49 -40.97 -13.60
CA VAL A 590 -15.68 -40.14 -13.20
C VAL A 590 -15.72 -38.89 -14.07
N LEU A 591 -14.56 -38.24 -14.30
CA LEU A 591 -14.43 -37.03 -15.16
C LEU A 591 -14.89 -37.35 -16.58
N ASN A 592 -14.50 -38.51 -17.11
CA ASN A 592 -14.89 -39.00 -18.45
C ASN A 592 -16.42 -39.06 -18.54
N GLU A 593 -17.09 -39.58 -17.50
CA GLU A 593 -18.57 -39.68 -17.41
C GLU A 593 -19.17 -38.27 -17.37
N VAL A 594 -18.64 -37.39 -16.52
CA VAL A 594 -19.10 -35.98 -16.40
C VAL A 594 -18.97 -35.29 -17.77
N THR A 595 -17.82 -35.45 -18.42
CA THR A 595 -17.49 -34.86 -19.75
C THR A 595 -18.40 -35.47 -20.81
N HIS A 596 -18.60 -36.79 -20.79
CA HIS A 596 -19.46 -37.56 -21.73
C HIS A 596 -20.88 -36.95 -21.74
N TYR A 597 -21.46 -36.76 -20.55
CA TYR A 597 -22.83 -36.24 -20.34
C TYR A 597 -23.02 -34.92 -21.10
N TYR A 598 -22.12 -33.95 -20.85
CA TYR A 598 -22.20 -32.57 -21.41
C TYR A 598 -22.00 -32.58 -22.92
N LEU A 599 -21.13 -33.48 -23.42
CA LEU A 599 -20.78 -33.58 -24.87
C LEU A 599 -21.90 -34.28 -25.65
N THR A 600 -22.66 -35.17 -25.01
CA THR A 600 -23.68 -36.03 -25.66
C THR A 600 -25.10 -35.54 -25.34
N LYS A 601 -25.47 -35.46 -24.05
CA LYS A 601 -26.86 -35.18 -23.60
C LYS A 601 -27.17 -33.67 -23.68
N GLU A 602 -26.14 -32.80 -23.60
CA GLU A 602 -26.29 -31.33 -23.68
C GLU A 602 -25.54 -30.79 -24.90
N LYS A 603 -25.79 -31.37 -26.08
CA LYS A 603 -25.22 -30.94 -27.38
C LYS A 603 -25.73 -29.54 -27.73
N ASN A 604 -27.00 -29.27 -27.45
CA ASN A 604 -27.71 -28.00 -27.82
C ASN A 604 -27.20 -26.83 -26.98
N ASN A 605 -26.84 -27.06 -25.71
CA ASN A 605 -26.59 -26.01 -24.70
C ASN A 605 -25.07 -25.80 -24.49
N VAL A 606 -24.32 -26.88 -24.29
CA VAL A 606 -22.87 -26.82 -23.91
C VAL A 606 -22.01 -26.55 -25.15
N GLU A 607 -21.10 -25.57 -25.06
CA GLU A 607 -20.13 -25.21 -26.14
C GLU A 607 -18.86 -26.04 -25.96
N SER A 608 -18.28 -26.04 -24.76
CA SER A 608 -17.00 -26.72 -24.43
C SER A 608 -16.99 -27.21 -22.97
N VAL A 609 -16.13 -28.19 -22.68
CA VAL A 609 -15.86 -28.75 -21.32
C VAL A 609 -14.35 -28.81 -21.12
N PHE A 610 -13.82 -28.08 -20.13
CA PHE A 610 -12.41 -28.12 -19.69
C PHE A 610 -12.34 -28.85 -18.34
N ALA A 611 -12.08 -30.16 -18.38
CA ALA A 611 -12.01 -31.05 -17.21
C ALA A 611 -10.55 -31.16 -16.73
N VAL A 612 -10.32 -31.07 -15.42
CA VAL A 612 -8.98 -31.14 -14.77
C VAL A 612 -9.01 -32.25 -13.71
N ASN A 613 -8.14 -33.24 -13.85
CA ASN A 613 -7.92 -34.33 -12.86
C ASN A 613 -6.84 -33.87 -11.88
N GLY A 614 -7.17 -33.84 -10.58
CA GLY A 614 -6.24 -33.46 -9.50
C GLY A 614 -6.32 -31.98 -9.16
N PHE A 615 -7.49 -31.37 -9.34
CA PHE A 615 -7.79 -29.97 -8.94
C PHE A 615 -9.31 -29.80 -8.74
N GLY A 616 -9.69 -28.91 -7.82
CA GLY A 616 -11.09 -28.56 -7.53
C GLY A 616 -11.28 -28.14 -6.08
N PHE A 617 -11.87 -29.03 -5.26
CA PHE A 617 -12.10 -28.85 -3.81
C PHE A 617 -10.77 -28.52 -3.12
N ALA A 618 -9.73 -29.31 -3.44
CA ALA A 618 -8.32 -29.09 -3.02
C ALA A 618 -7.53 -28.55 -4.21
N PRO A 619 -6.41 -27.83 -3.99
CA PRO A 619 -5.55 -27.37 -5.08
C PRO A 619 -4.70 -28.49 -5.69
N ARG A 620 -4.70 -29.67 -5.05
CA ARG A 620 -4.02 -30.90 -5.53
C ARG A 620 -4.65 -32.12 -4.82
N GLY A 621 -4.41 -33.33 -5.34
CA GLY A 621 -4.91 -34.59 -4.76
C GLY A 621 -5.46 -35.52 -5.83
N GLN A 622 -5.31 -36.84 -5.64
CA GLN A 622 -5.69 -37.88 -6.63
C GLN A 622 -7.22 -38.03 -6.71
N ASN A 623 -7.94 -37.70 -5.62
CA ASN A 623 -9.37 -38.05 -5.42
C ASN A 623 -10.30 -36.88 -5.79
N THR A 624 -9.75 -35.75 -6.27
CA THR A 624 -10.51 -34.52 -6.58
C THR A 624 -10.38 -34.16 -8.06
N GLY A 625 -11.47 -33.68 -8.66
CA GLY A 625 -11.53 -33.22 -10.06
C GLY A 625 -12.55 -32.09 -10.23
N ILE A 626 -12.39 -31.29 -11.29
CA ILE A 626 -13.30 -30.15 -11.62
C ILE A 626 -13.49 -30.10 -13.15
N ALA A 627 -14.65 -29.62 -13.59
CA ALA A 627 -15.01 -29.43 -15.02
C ALA A 627 -15.60 -28.03 -15.21
N PHE A 628 -14.88 -27.16 -15.93
CA PHE A 628 -15.33 -25.80 -16.35
C PHE A 628 -16.17 -25.94 -17.62
N VAL A 629 -17.46 -25.60 -17.53
CA VAL A 629 -18.46 -25.73 -18.64
C VAL A 629 -18.79 -24.33 -19.17
N SER A 630 -18.54 -24.09 -20.46
CA SER A 630 -18.96 -22.88 -21.21
C SER A 630 -20.16 -23.24 -22.10
N LEU A 631 -21.27 -22.50 -21.96
CA LEU A 631 -22.53 -22.71 -22.72
C LEU A 631 -22.47 -21.94 -24.03
N LYS A 632 -23.32 -22.30 -25.00
CA LYS A 632 -23.54 -21.56 -26.26
C LYS A 632 -24.24 -20.23 -25.93
N ASP A 633 -24.30 -19.31 -26.88
CA ASP A 633 -24.90 -17.96 -26.70
C ASP A 633 -26.37 -18.11 -26.27
N TRP A 634 -26.87 -17.14 -25.50
CA TRP A 634 -28.22 -17.13 -24.88
C TRP A 634 -29.31 -17.26 -25.96
N ALA A 635 -29.10 -16.64 -27.12
CA ALA A 635 -30.03 -16.62 -28.27
C ALA A 635 -30.27 -18.05 -28.78
N ASP A 636 -29.26 -18.92 -28.70
CA ASP A 636 -29.30 -20.33 -29.17
C ASP A 636 -29.72 -21.25 -28.02
N ARG A 637 -30.14 -20.69 -26.87
CA ARG A 637 -30.61 -21.43 -25.67
C ARG A 637 -31.95 -20.84 -25.22
N PRO A 638 -33.02 -20.95 -26.03
CA PRO A 638 -34.33 -20.40 -25.67
C PRO A 638 -35.07 -21.26 -24.63
N GLY A 639 -35.86 -20.61 -23.76
CA GLY A 639 -36.71 -21.27 -22.75
C GLY A 639 -35.97 -21.50 -21.44
N GLU A 640 -36.72 -21.69 -20.35
CA GLU A 640 -36.21 -21.90 -18.97
C GLU A 640 -35.36 -23.17 -18.90
N GLU A 641 -35.73 -24.21 -19.66
CA GLU A 641 -35.10 -25.56 -19.61
C GLU A 641 -33.67 -25.51 -20.17
N ASN A 642 -33.35 -24.51 -20.99
CA ASN A 642 -32.03 -24.36 -21.66
C ASN A 642 -31.18 -23.31 -20.94
N LYS A 643 -31.61 -22.83 -19.77
CA LYS A 643 -30.82 -21.91 -18.90
C LYS A 643 -30.04 -22.73 -17.87
N VAL A 644 -29.05 -22.11 -17.22
CA VAL A 644 -28.04 -22.77 -16.32
C VAL A 644 -28.76 -23.56 -15.22
N GLU A 645 -29.72 -22.95 -14.53
CA GLU A 645 -30.44 -23.55 -13.37
C GLU A 645 -30.99 -24.93 -13.74
N ALA A 646 -31.68 -25.02 -14.89
CA ALA A 646 -32.32 -26.26 -15.40
C ALA A 646 -31.25 -27.27 -15.83
N ILE A 647 -30.17 -26.81 -16.47
CA ILE A 647 -29.07 -27.66 -17.00
C ILE A 647 -28.33 -28.31 -15.82
N THR A 648 -27.91 -27.50 -14.83
CA THR A 648 -27.15 -27.95 -13.64
C THR A 648 -28.01 -28.87 -12.77
N MET A 649 -29.34 -28.67 -12.78
CA MET A 649 -30.33 -29.51 -12.05
C MET A 649 -30.38 -30.89 -12.70
N ARG A 650 -30.53 -30.95 -14.03
CA ARG A 650 -30.55 -32.20 -14.83
C ARG A 650 -29.20 -32.93 -14.68
N ALA A 651 -28.10 -32.19 -14.76
CA ALA A 651 -26.72 -32.70 -14.66
C ALA A 651 -26.51 -33.37 -13.29
N THR A 652 -26.84 -32.67 -12.21
CA THR A 652 -26.70 -33.13 -10.80
C THR A 652 -27.47 -34.44 -10.59
N ARG A 653 -28.70 -34.52 -11.12
CA ARG A 653 -29.59 -35.71 -11.01
C ARG A 653 -28.96 -36.89 -11.76
N ALA A 654 -28.34 -36.64 -12.91
CA ALA A 654 -27.70 -37.67 -13.77
C ALA A 654 -26.43 -38.20 -13.08
N PHE A 655 -25.68 -37.33 -12.39
CA PHE A 655 -24.39 -37.64 -11.73
C PHE A 655 -24.62 -38.31 -10.37
N SER A 656 -25.86 -38.35 -9.89
CA SER A 656 -26.27 -39.09 -8.66
C SER A 656 -26.16 -40.60 -8.89
N GLN A 657 -26.27 -41.03 -10.16
CA GLN A 657 -26.24 -42.47 -10.58
C GLN A 657 -24.79 -42.97 -10.63
N ILE A 658 -23.80 -42.07 -10.58
CA ILE A 658 -22.34 -42.43 -10.54
C ILE A 658 -22.03 -43.01 -9.15
N LYS A 659 -21.18 -44.04 -9.11
CA LYS A 659 -20.87 -44.83 -7.89
C LYS A 659 -19.63 -44.25 -7.19
N ASP A 660 -19.65 -44.18 -5.86
CA ASP A 660 -18.47 -43.87 -4.99
C ASP A 660 -17.87 -42.52 -5.36
N ALA A 661 -18.71 -41.49 -5.57
CA ALA A 661 -18.30 -40.13 -5.99
C ALA A 661 -19.38 -39.12 -5.63
N MET A 662 -19.00 -38.01 -4.99
CA MET A 662 -19.87 -36.82 -4.76
C MET A 662 -19.67 -35.85 -5.94
N VAL A 663 -20.59 -35.91 -6.92
CA VAL A 663 -20.53 -35.13 -8.20
C VAL A 663 -21.78 -34.26 -8.29
N PHE A 664 -21.62 -32.95 -8.51
CA PHE A 664 -22.72 -31.97 -8.61
C PHE A 664 -22.29 -30.76 -9.45
N ALA A 665 -23.17 -30.32 -10.35
CA ALA A 665 -23.06 -29.06 -11.12
C ALA A 665 -23.75 -27.94 -10.34
N PHE A 666 -23.14 -26.75 -10.32
CA PHE A 666 -23.61 -25.58 -9.54
C PHE A 666 -23.28 -24.27 -10.27
N ASN A 667 -24.23 -23.33 -10.25
CA ASN A 667 -24.06 -21.95 -10.78
C ASN A 667 -23.40 -21.08 -9.71
N LEU A 668 -22.61 -20.09 -10.13
CA LEU A 668 -22.04 -19.03 -9.23
C LEU A 668 -23.18 -18.16 -8.72
N PRO A 669 -23.25 -17.86 -7.41
CA PRO A 669 -24.25 -16.92 -6.89
C PRO A 669 -24.01 -15.50 -7.44
N ALA A 670 -25.07 -14.67 -7.45
CA ALA A 670 -25.01 -13.24 -7.80
C ALA A 670 -23.77 -12.62 -7.16
N ILE A 671 -23.60 -12.85 -5.85
CA ILE A 671 -22.38 -12.53 -5.07
C ILE A 671 -21.99 -13.78 -4.27
N VAL A 672 -20.82 -14.36 -4.58
CA VAL A 672 -20.35 -15.68 -4.05
C VAL A 672 -20.20 -15.59 -2.53
N GLU A 673 -19.78 -14.42 -2.02
CA GLU A 673 -19.36 -14.22 -0.60
C GLU A 673 -20.54 -13.85 0.29
N LEU A 674 -21.75 -13.70 -0.27
CA LEU A 674 -23.01 -13.53 0.51
C LEU A 674 -23.59 -14.91 0.85
N GLY A 675 -23.41 -15.90 -0.03
CA GLY A 675 -23.80 -17.30 0.20
C GLY A 675 -25.13 -17.64 -0.46
N THR A 676 -25.48 -18.93 -0.46
CA THR A 676 -26.77 -19.47 -1.01
C THR A 676 -27.93 -18.94 -0.16
N ALA A 677 -29.09 -18.71 -0.80
CA ALA A 677 -30.31 -18.08 -0.24
C ALA A 677 -30.31 -18.13 1.30
N THR A 678 -30.40 -19.33 1.88
CA THR A 678 -30.51 -19.56 3.34
C THR A 678 -29.55 -20.69 3.77
N GLY A 679 -28.31 -20.67 3.26
CA GLY A 679 -27.22 -21.54 3.72
C GLY A 679 -26.58 -20.99 4.99
N PHE A 680 -25.87 -21.83 5.73
CA PHE A 680 -25.05 -21.41 6.91
C PHE A 680 -23.68 -22.11 6.86
N ASP A 681 -22.64 -21.42 7.33
CA ASP A 681 -21.23 -21.90 7.37
C ASP A 681 -20.81 -22.01 8.84
N PHE A 682 -20.84 -23.23 9.39
CA PHE A 682 -20.63 -23.55 10.81
C PHE A 682 -19.22 -24.12 11.00
N GLU A 683 -18.55 -23.73 12.10
CA GLU A 683 -17.20 -24.22 12.50
C GLU A 683 -17.31 -24.90 13.87
N LEU A 684 -16.87 -26.16 13.96
CA LEU A 684 -16.73 -26.93 15.22
C LEU A 684 -15.28 -26.82 15.69
N ILE A 685 -15.05 -26.32 16.92
CA ILE A 685 -13.70 -25.95 17.43
C ILE A 685 -13.29 -26.93 18.53
N ASP A 686 -12.01 -27.35 18.52
CA ASP A 686 -11.34 -28.09 19.62
C ASP A 686 -10.74 -27.05 20.57
N GLN A 687 -11.38 -26.83 21.72
CA GLN A 687 -11.11 -25.70 22.66
C GLN A 687 -10.17 -26.15 23.80
N ALA A 688 -10.01 -27.46 24.00
CA ALA A 688 -9.33 -28.04 25.18
C ALA A 688 -8.37 -29.17 24.77
N GLY A 689 -7.66 -29.00 23.65
CA GLY A 689 -6.65 -29.96 23.14
C GLY A 689 -7.15 -31.40 23.18
N LEU A 690 -8.41 -31.63 22.78
CA LEU A 690 -9.08 -32.95 22.77
C LEU A 690 -8.38 -33.88 21.78
N GLY A 691 -8.12 -33.38 20.55
CA GLY A 691 -7.49 -34.15 19.46
C GLY A 691 -8.46 -34.35 18.30
N HIS A 692 -7.96 -34.88 17.18
CA HIS A 692 -8.70 -35.06 15.90
C HIS A 692 -9.82 -36.10 16.09
N GLU A 693 -9.53 -37.21 16.77
CA GLU A 693 -10.45 -38.38 16.92
C GLU A 693 -11.70 -37.96 17.71
N LYS A 694 -11.50 -37.25 18.83
CA LYS A 694 -12.60 -36.79 19.72
C LYS A 694 -13.43 -35.71 19.01
N LEU A 695 -12.79 -34.85 18.23
CA LEU A 695 -13.47 -33.78 17.43
C LEU A 695 -14.32 -34.42 16.33
N THR A 696 -13.86 -35.53 15.75
CA THR A 696 -14.59 -36.33 14.73
C THR A 696 -15.85 -36.92 15.36
N GLN A 697 -15.72 -37.53 16.55
CA GLN A 697 -16.84 -38.14 17.33
C GLN A 697 -17.85 -37.05 17.68
N ALA A 698 -17.37 -35.88 18.15
CA ALA A 698 -18.19 -34.70 18.50
C ALA A 698 -18.93 -34.19 17.26
N ARG A 699 -18.26 -34.19 16.10
CA ARG A 699 -18.85 -33.81 14.79
C ARG A 699 -19.94 -34.81 14.41
N ASN A 700 -19.62 -36.11 14.45
CA ASN A 700 -20.54 -37.22 14.10
C ASN A 700 -21.79 -37.15 14.97
N GLN A 701 -21.63 -36.85 16.26
CA GLN A 701 -22.74 -36.66 17.24
C GLN A 701 -23.66 -35.54 16.77
N LEU A 702 -23.09 -34.39 16.40
CA LEU A 702 -23.84 -33.18 15.95
C LEU A 702 -24.57 -33.47 14.63
N LEU A 703 -23.93 -34.16 13.70
CA LEU A 703 -24.50 -34.54 12.38
C LEU A 703 -25.72 -35.46 12.60
N ALA A 704 -25.59 -36.43 13.51
CA ALA A 704 -26.65 -37.41 13.86
C ALA A 704 -27.83 -36.69 14.55
N GLU A 705 -27.54 -35.68 15.36
CA GLU A 705 -28.56 -34.87 16.08
C GLU A 705 -29.33 -34.00 15.07
N ALA A 706 -28.61 -33.34 14.16
CA ALA A 706 -29.18 -32.46 13.09
C ALA A 706 -29.97 -33.28 12.08
N ALA A 707 -29.62 -34.56 11.91
CA ALA A 707 -30.26 -35.50 10.95
C ALA A 707 -31.73 -35.73 11.31
N LYS A 708 -32.06 -35.75 12.61
CA LYS A 708 -33.45 -35.94 13.12
C LYS A 708 -34.02 -34.59 13.56
N HIS A 709 -33.80 -33.54 12.74
CA HIS A 709 -34.55 -32.26 12.73
C HIS A 709 -34.75 -31.80 11.30
N PRO A 710 -35.33 -32.65 10.40
CA PRO A 710 -35.60 -32.26 9.01
C PRO A 710 -36.51 -31.03 8.85
N ASP A 711 -37.38 -30.78 9.84
CA ASP A 711 -38.36 -29.66 9.84
C ASP A 711 -37.63 -28.31 9.87
N MET A 712 -36.43 -28.25 10.46
CA MET A 712 -35.63 -27.01 10.63
C MET A 712 -34.39 -27.05 9.74
N LEU A 713 -33.57 -28.10 9.84
CA LEU A 713 -32.25 -28.22 9.16
C LEU A 713 -32.37 -29.16 7.95
N THR A 714 -31.63 -28.85 6.88
CA THR A 714 -31.56 -29.64 5.62
C THR A 714 -30.10 -29.70 5.14
N SER A 715 -29.62 -30.89 4.79
CA SER A 715 -28.31 -31.16 4.15
C SER A 715 -27.15 -30.65 5.02
N VAL A 716 -27.21 -30.89 6.33
CA VAL A 716 -26.10 -30.58 7.30
C VAL A 716 -25.02 -31.64 7.11
N ARG A 717 -23.86 -31.24 6.58
CA ARG A 717 -22.78 -32.15 6.12
C ARG A 717 -21.42 -31.55 6.46
N PRO A 718 -20.36 -32.38 6.61
CA PRO A 718 -19.00 -31.87 6.78
C PRO A 718 -18.42 -31.34 5.46
N ASN A 719 -17.68 -30.22 5.51
CA ASN A 719 -16.94 -29.64 4.37
C ASN A 719 -15.46 -30.07 4.47
N GLY A 720 -15.23 -31.35 4.73
CA GLY A 720 -13.89 -31.94 4.88
C GLY A 720 -13.87 -33.40 4.45
N LEU A 721 -12.69 -34.03 4.52
CA LEU A 721 -12.46 -35.43 4.10
C LEU A 721 -12.49 -36.35 5.33
N GLU A 722 -12.84 -37.62 5.13
CA GLU A 722 -12.86 -38.67 6.19
C GLU A 722 -11.46 -39.24 6.36
N ASP A 723 -11.18 -39.81 7.53
CA ASP A 723 -9.90 -40.50 7.85
C ASP A 723 -9.74 -41.69 6.89
N THR A 724 -8.50 -41.96 6.46
CA THR A 724 -8.17 -43.02 5.47
C THR A 724 -7.08 -43.92 6.03
N PRO A 725 -6.98 -45.19 5.55
CA PRO A 725 -5.87 -46.07 5.94
C PRO A 725 -4.51 -45.46 5.53
N GLN A 726 -3.57 -45.41 6.46
CA GLN A 726 -2.18 -44.91 6.21
C GLN A 726 -1.18 -45.93 6.76
N PHE A 727 -0.02 -46.02 6.12
CA PHE A 727 1.04 -47.04 6.37
C PHE A 727 2.04 -46.50 7.38
N LYS A 728 1.82 -46.80 8.67
CA LYS A 728 2.72 -46.42 9.79
C LYS A 728 3.96 -47.31 9.75
N ILE A 729 5.15 -46.71 9.73
CA ILE A 729 6.47 -47.42 9.80
C ILE A 729 7.24 -46.88 11.02
N ASP A 730 7.79 -47.78 11.83
CA ASP A 730 8.54 -47.46 13.08
C ASP A 730 10.01 -47.85 12.89
N ILE A 731 10.91 -46.86 12.87
CA ILE A 731 12.38 -47.06 12.84
C ILE A 731 12.84 -47.48 14.24
N ASP A 732 13.43 -48.67 14.36
CA ASP A 732 14.02 -49.18 15.63
C ASP A 732 15.39 -48.51 15.83
N GLN A 733 15.49 -47.59 16.79
CA GLN A 733 16.69 -46.76 17.06
C GLN A 733 17.85 -47.67 17.49
N GLU A 734 17.59 -48.64 18.38
CA GLU A 734 18.60 -49.56 18.96
C GLU A 734 19.25 -50.38 17.83
N LYS A 735 18.45 -50.98 16.95
CA LYS A 735 18.93 -51.85 15.84
C LYS A 735 19.72 -51.00 14.84
N ALA A 736 19.27 -49.78 14.55
CA ALA A 736 19.94 -48.80 13.67
C ALA A 736 21.33 -48.46 14.22
N GLN A 737 21.43 -48.23 15.54
CA GLN A 737 22.69 -47.92 16.25
C GLN A 737 23.61 -49.14 16.23
N ALA A 738 23.05 -50.34 16.45
CA ALA A 738 23.78 -51.63 16.50
C ALA A 738 24.42 -51.93 15.14
N LEU A 739 23.65 -51.81 14.05
CA LEU A 739 24.09 -52.07 12.65
C LEU A 739 25.01 -50.92 12.18
N GLY A 740 24.90 -49.74 12.79
CA GLY A 740 25.68 -48.54 12.44
C GLY A 740 25.06 -47.80 11.27
N VAL A 741 23.72 -47.77 11.21
CA VAL A 741 22.93 -47.08 10.15
C VAL A 741 22.45 -45.73 10.70
N SER A 742 22.90 -44.63 10.08
CA SER A 742 22.50 -43.24 10.42
C SER A 742 21.00 -43.06 10.16
N ILE A 743 20.30 -42.39 11.08
CA ILE A 743 18.83 -42.13 10.99
C ILE A 743 18.59 -41.11 9.87
N ASN A 744 19.56 -40.21 9.63
CA ASN A 744 19.54 -39.21 8.53
C ASN A 744 19.50 -39.94 7.18
N ASP A 745 20.33 -40.98 7.02
CA ASP A 745 20.42 -41.80 5.78
C ASP A 745 19.11 -42.57 5.57
N ILE A 746 18.54 -43.12 6.65
CA ILE A 746 17.25 -43.87 6.64
C ILE A 746 16.14 -42.93 6.17
N ASN A 747 16.02 -41.75 6.81
CA ASN A 747 14.93 -40.76 6.57
C ASN A 747 15.06 -40.20 5.14
N THR A 748 16.28 -39.91 4.70
CA THR A 748 16.58 -39.38 3.32
C THR A 748 16.22 -40.46 2.29
N THR A 749 16.64 -41.70 2.52
CA THR A 749 16.39 -42.87 1.63
C THR A 749 14.88 -43.09 1.46
N LEU A 750 14.13 -43.10 2.58
CA LEU A 750 12.66 -43.31 2.59
C LEU A 750 11.97 -42.12 1.92
N GLY A 751 12.29 -40.90 2.34
CA GLY A 751 11.68 -39.64 1.87
C GLY A 751 11.92 -39.42 0.38
N ALA A 752 13.17 -39.56 -0.07
CA ALA A 752 13.60 -39.32 -1.47
C ALA A 752 12.92 -40.32 -2.42
N ALA A 753 12.93 -41.62 -2.06
CA ALA A 753 12.40 -42.73 -2.89
C ALA A 753 10.88 -42.62 -3.02
N TRP A 754 10.16 -42.59 -1.89
CA TRP A 754 8.68 -42.73 -1.83
C TRP A 754 7.99 -41.36 -1.95
N GLY A 755 8.67 -40.28 -1.55
CA GLY A 755 8.10 -38.91 -1.53
C GLY A 755 8.63 -38.04 -2.66
N GLY A 756 9.91 -38.22 -3.04
CA GLY A 756 10.61 -37.36 -4.01
C GLY A 756 11.40 -36.28 -3.31
N SER A 757 12.56 -35.89 -3.87
CA SER A 757 13.50 -34.90 -3.30
C SER A 757 13.95 -33.91 -4.38
N TYR A 758 13.66 -32.62 -4.18
CA TYR A 758 14.12 -31.48 -5.02
C TYR A 758 15.58 -31.18 -4.67
N VAL A 759 16.52 -31.66 -5.49
CA VAL A 759 17.99 -31.63 -5.23
C VAL A 759 18.51 -30.21 -5.50
N ASN A 760 18.50 -29.79 -6.77
CA ASN A 760 19.01 -28.47 -7.23
C ASN A 760 18.37 -28.14 -8.59
N ASP A 761 18.79 -27.05 -9.23
CA ASP A 761 18.23 -26.55 -10.52
C ASP A 761 19.14 -26.97 -11.67
N PHE A 762 18.58 -27.00 -12.89
CA PHE A 762 19.29 -27.21 -14.18
C PHE A 762 18.68 -26.27 -15.23
N ILE A 763 19.29 -26.17 -16.42
CA ILE A 763 18.88 -25.23 -17.50
C ILE A 763 18.31 -26.03 -18.67
N ASP A 764 16.98 -25.96 -18.87
CA ASP A 764 16.25 -26.61 -20.00
C ASP A 764 15.95 -25.55 -21.07
N ARG A 765 16.73 -25.54 -22.16
CA ARG A 765 16.62 -24.59 -23.29
C ARG A 765 16.59 -23.14 -22.76
N GLY A 766 17.59 -22.78 -21.95
CA GLY A 766 17.85 -21.39 -21.50
C GLY A 766 17.02 -20.97 -20.30
N ARG A 767 16.15 -21.84 -19.78
CA ARG A 767 15.27 -21.54 -18.62
C ARG A 767 15.65 -22.43 -17.44
N VAL A 768 15.77 -21.84 -16.24
CA VAL A 768 16.09 -22.54 -14.96
C VAL A 768 14.88 -23.41 -14.58
N LYS A 769 15.10 -24.70 -14.33
CA LYS A 769 14.07 -25.69 -13.92
C LYS A 769 14.64 -26.62 -12.86
N LYS A 770 13.78 -27.40 -12.20
CA LYS A 770 14.12 -28.24 -11.02
C LYS A 770 14.69 -29.59 -11.46
N VAL A 771 15.52 -30.20 -10.61
CA VAL A 771 16.00 -31.61 -10.72
C VAL A 771 15.39 -32.39 -9.56
N TYR A 772 14.54 -33.39 -9.85
CA TYR A 772 13.83 -34.24 -8.85
C TYR A 772 14.42 -35.65 -8.88
N VAL A 773 14.78 -36.16 -7.70
CA VAL A 773 15.20 -37.59 -7.47
C VAL A 773 14.04 -38.29 -6.74
N MET A 774 13.61 -39.44 -7.27
CA MET A 774 12.46 -40.23 -6.75
C MET A 774 12.58 -41.66 -7.25
N SER A 775 11.93 -42.62 -6.56
CA SER A 775 11.83 -44.04 -6.99
C SER A 775 11.01 -44.11 -8.28
N GLU A 776 11.43 -44.96 -9.22
CA GLU A 776 10.62 -45.34 -10.40
C GLU A 776 9.33 -46.00 -9.90
N ALA A 777 8.19 -45.64 -10.48
CA ALA A 777 6.82 -45.98 -10.02
C ALA A 777 6.78 -47.41 -9.44
N LYS A 778 7.30 -48.39 -10.19
CA LYS A 778 7.11 -49.85 -9.93
C LYS A 778 7.74 -50.29 -8.60
N TYR A 779 8.61 -49.48 -7.99
CA TYR A 779 9.33 -49.80 -6.73
C TYR A 779 8.75 -49.03 -5.53
N ARG A 780 7.65 -48.30 -5.71
CA ARG A 780 6.99 -47.53 -4.61
C ARG A 780 5.46 -47.65 -4.70
N MET A 781 4.96 -48.81 -5.16
CA MET A 781 3.51 -49.09 -5.32
C MET A 781 3.01 -49.97 -4.16
N LEU A 782 3.81 -50.91 -3.68
CA LEU A 782 3.38 -51.99 -2.74
C LEU A 782 4.11 -51.88 -1.41
N PRO A 783 3.43 -52.17 -0.28
CA PRO A 783 4.08 -52.25 1.04
C PRO A 783 5.35 -53.09 1.11
N ASP A 784 5.40 -54.21 0.37
CA ASP A 784 6.53 -55.18 0.37
C ASP A 784 7.77 -54.56 -0.30
N ASP A 785 7.58 -53.51 -1.12
CA ASP A 785 8.67 -52.81 -1.84
C ASP A 785 9.54 -52.03 -0.84
N ILE A 786 9.02 -51.72 0.36
CA ILE A 786 9.75 -51.00 1.44
C ILE A 786 11.05 -51.76 1.74
N GLY A 787 10.97 -53.09 1.84
CA GLY A 787 12.10 -53.99 2.20
C GLY A 787 13.17 -54.07 1.12
N ASP A 788 12.84 -53.70 -0.13
CA ASP A 788 13.76 -53.78 -1.29
C ASP A 788 14.73 -52.59 -1.29
N TRP A 789 14.51 -51.60 -0.44
CA TRP A 789 15.37 -50.38 -0.30
C TRP A 789 16.45 -50.62 0.77
N TYR A 790 17.71 -50.39 0.40
CA TYR A 790 18.92 -50.66 1.22
C TYR A 790 19.60 -49.32 1.59
N VAL A 791 20.09 -49.24 2.83
CA VAL A 791 20.90 -48.10 3.36
C VAL A 791 22.27 -48.65 3.75
N ARG A 792 23.36 -47.95 3.38
CA ARG A 792 24.75 -48.37 3.68
C ARG A 792 25.10 -47.95 5.11
N ALA A 793 25.54 -48.90 5.93
CA ALA A 793 26.00 -48.69 7.33
C ALA A 793 27.43 -48.13 7.30
N ALA A 794 27.97 -47.79 8.48
CA ALA A 794 29.31 -47.19 8.67
C ALA A 794 30.41 -48.14 8.17
N ASP A 795 30.19 -49.46 8.27
CA ASP A 795 31.18 -50.51 7.93
C ASP A 795 31.06 -50.91 6.44
N GLY A 796 30.14 -50.30 5.70
CA GLY A 796 30.00 -50.45 4.23
C GLY A 796 29.05 -51.58 3.84
N GLN A 797 28.39 -52.20 4.81
CA GLN A 797 27.40 -53.29 4.59
C GLN A 797 26.04 -52.65 4.24
N MET A 798 25.40 -53.12 3.16
CA MET A 798 24.07 -52.66 2.71
C MET A 798 22.99 -53.36 3.54
N VAL A 799 22.16 -52.58 4.23
CA VAL A 799 21.12 -53.05 5.20
C VAL A 799 19.74 -52.74 4.64
N PRO A 800 18.85 -53.74 4.48
CA PRO A 800 17.47 -53.49 4.02
C PRO A 800 16.61 -52.89 5.14
N PHE A 801 15.54 -52.19 4.77
CA PHE A 801 14.62 -51.47 5.69
C PHE A 801 13.97 -52.44 6.69
N SER A 802 13.72 -53.69 6.26
CA SER A 802 13.07 -54.76 7.05
C SER A 802 13.93 -55.15 8.27
N ALA A 803 15.22 -54.83 8.25
CA ALA A 803 16.20 -55.18 9.31
C ALA A 803 16.03 -54.26 10.53
N PHE A 804 15.67 -52.99 10.33
CA PHE A 804 15.65 -51.94 11.38
C PHE A 804 14.29 -51.23 11.47
N SER A 805 13.22 -51.80 10.89
CA SER A 805 11.87 -51.18 10.87
C SER A 805 10.76 -52.23 10.98
N SER A 806 9.66 -51.86 11.64
CA SER A 806 8.36 -52.58 11.68
C SER A 806 7.27 -51.63 11.17
N SER A 807 6.18 -52.18 10.60
CA SER A 807 5.07 -51.39 10.01
C SER A 807 3.72 -51.99 10.38
N ARG A 808 2.67 -51.16 10.40
CA ARG A 808 1.26 -51.56 10.64
C ARG A 808 0.32 -50.57 9.93
N TRP A 809 -0.93 -50.97 9.70
CA TRP A 809 -2.01 -50.11 9.13
C TRP A 809 -2.72 -49.38 10.28
N GLU A 810 -2.95 -48.07 10.11
CA GLU A 810 -3.75 -47.21 11.03
C GLU A 810 -4.57 -46.23 10.20
N TYR A 811 -5.44 -45.47 10.85
CA TYR A 811 -6.28 -44.41 10.22
C TYR A 811 -5.79 -43.04 10.66
N GLY A 812 -5.65 -42.11 9.70
CA GLY A 812 -5.28 -40.70 9.92
C GLY A 812 -5.99 -39.79 8.95
N SER A 813 -5.91 -38.48 9.18
CA SER A 813 -6.61 -37.43 8.38
C SER A 813 -5.83 -37.13 7.11
N PRO A 814 -6.49 -37.14 5.93
CA PRO A 814 -5.86 -36.64 4.69
C PRO A 814 -5.95 -35.11 4.55
N ARG A 815 -6.75 -34.46 5.42
CA ARG A 815 -7.02 -33.00 5.40
CA ARG A 815 -6.98 -33.00 5.42
C ARG A 815 -7.38 -32.54 6.82
N LEU A 816 -6.47 -31.84 7.50
CA LEU A 816 -6.68 -31.28 8.86
C LEU A 816 -7.01 -29.79 8.74
N GLU A 817 -8.16 -29.37 9.28
CA GLU A 817 -8.65 -27.97 9.24
C GLU A 817 -8.37 -27.30 10.59
N ARG A 818 -8.03 -26.01 10.57
CA ARG A 818 -7.89 -25.14 11.77
C ARG A 818 -8.64 -23.83 11.54
N TYR A 819 -9.34 -23.32 12.56
CA TYR A 819 -10.08 -22.04 12.52
C TYR A 819 -9.66 -21.16 13.71
N ASN A 820 -9.11 -19.98 13.42
CA ASN A 820 -8.60 -19.00 14.41
C ASN A 820 -7.54 -19.66 15.30
N GLY A 821 -6.67 -20.48 14.69
CA GLY A 821 -5.46 -21.05 15.33
C GLY A 821 -5.75 -22.33 16.13
N LEU A 822 -6.99 -22.82 16.12
CA LEU A 822 -7.41 -24.04 16.87
C LEU A 822 -7.91 -25.09 15.89
N PRO A 823 -7.72 -26.41 16.19
CA PRO A 823 -8.24 -27.47 15.33
C PRO A 823 -9.76 -27.38 15.19
N SER A 824 -10.27 -27.49 13.96
CA SER A 824 -11.71 -27.29 13.64
C SER A 824 -12.17 -28.29 12.57
N MET A 825 -13.49 -28.37 12.36
CA MET A 825 -14.15 -29.13 11.27
C MET A 825 -15.34 -28.31 10.76
N GLU A 826 -15.25 -27.81 9.53
CA GLU A 826 -16.27 -26.94 8.87
C GLU A 826 -17.50 -27.79 8.53
N ILE A 827 -18.69 -27.36 8.98
CA ILE A 827 -19.99 -28.03 8.71
C ILE A 827 -20.87 -27.05 7.91
N LEU A 828 -21.27 -27.46 6.69
CA LEU A 828 -22.20 -26.70 5.82
C LEU A 828 -23.61 -27.28 5.95
N GLY A 829 -24.62 -26.41 5.94
CA GLY A 829 -26.05 -26.78 5.97
C GLY A 829 -26.92 -25.59 5.59
N GLN A 830 -28.23 -25.80 5.48
CA GLN A 830 -29.22 -24.75 5.14
C GLN A 830 -30.51 -24.99 5.93
N ALA A 831 -31.30 -23.93 6.10
CA ALA A 831 -32.64 -23.96 6.74
C ALA A 831 -33.61 -24.75 5.85
N ALA A 832 -34.42 -25.61 6.45
CA ALA A 832 -35.44 -26.44 5.76
C ALA A 832 -36.53 -25.53 5.21
N PRO A 833 -37.27 -25.96 4.15
CA PRO A 833 -38.28 -25.10 3.52
C PRO A 833 -39.28 -24.50 4.51
N GLY A 834 -39.50 -23.18 4.42
CA GLY A 834 -40.44 -22.42 5.28
C GLY A 834 -39.74 -21.68 6.40
N LYS A 835 -38.68 -22.28 6.96
CA LYS A 835 -37.92 -21.76 8.13
C LYS A 835 -36.80 -20.83 7.64
N SER A 836 -36.51 -19.77 8.39
CA SER A 836 -35.44 -18.78 8.13
C SER A 836 -34.09 -19.35 8.60
N THR A 837 -32.98 -18.71 8.19
CA THR A 837 -31.60 -19.07 8.58
C THR A 837 -31.40 -18.84 10.08
N GLY A 838 -32.04 -17.80 10.63
CA GLY A 838 -31.96 -17.41 12.05
C GLY A 838 -32.39 -18.55 12.98
N GLU A 839 -33.47 -19.25 12.63
CA GLU A 839 -34.03 -20.38 13.42
C GLU A 839 -33.10 -21.60 13.30
N ALA A 840 -32.64 -21.89 12.08
CA ALA A 840 -31.73 -23.01 11.75
C ALA A 840 -30.42 -22.85 12.53
N MET A 841 -29.82 -21.65 12.49
CA MET A 841 -28.58 -21.31 13.22
C MET A 841 -28.80 -21.45 14.73
N GLU A 842 -29.96 -21.02 15.24
CA GLU A 842 -30.31 -21.06 16.69
C GLU A 842 -30.38 -22.51 17.18
N LEU A 843 -30.90 -23.42 16.35
CA LEU A 843 -31.01 -24.87 16.68
C LEU A 843 -29.61 -25.49 16.70
N MET A 844 -28.78 -25.18 15.69
CA MET A 844 -27.37 -25.65 15.57
C MET A 844 -26.61 -25.26 16.84
N GLU A 845 -26.84 -24.06 17.37
CA GLU A 845 -26.26 -23.56 18.65
C GLU A 845 -26.77 -24.42 19.82
N GLN A 846 -28.09 -24.67 19.86
CA GLN A 846 -28.76 -25.51 20.89
C GLN A 846 -28.19 -26.93 20.87
N LEU A 847 -27.95 -27.48 19.68
CA LEU A 847 -27.38 -28.85 19.50
C LEU A 847 -25.90 -28.85 19.86
N ALA A 848 -25.18 -27.76 19.56
CA ALA A 848 -23.73 -27.59 19.80
C ALA A 848 -23.44 -27.53 21.31
N SER A 849 -24.40 -27.02 22.10
CA SER A 849 -24.28 -26.84 23.57
C SER A 849 -24.27 -28.20 24.29
N LYS A 850 -24.87 -29.23 23.68
CA LYS A 850 -25.04 -30.58 24.28
C LYS A 850 -23.85 -31.49 23.94
N LEU A 851 -22.84 -30.98 23.23
CA LEU A 851 -21.66 -31.76 22.76
C LEU A 851 -20.68 -31.98 23.91
N PRO A 852 -19.74 -32.94 23.78
CA PRO A 852 -18.77 -33.24 24.83
C PRO A 852 -17.94 -32.03 25.32
N THR A 853 -17.37 -32.14 26.52
CA THR A 853 -16.55 -31.10 27.19
C THR A 853 -15.33 -30.77 26.32
N GLY A 854 -15.05 -29.48 26.10
CA GLY A 854 -13.89 -28.97 25.35
C GLY A 854 -14.19 -28.74 23.88
N VAL A 855 -15.43 -28.97 23.45
CA VAL A 855 -15.90 -28.75 22.05
C VAL A 855 -16.72 -27.46 22.01
N GLY A 856 -16.19 -26.42 21.37
CA GLY A 856 -16.89 -25.15 21.11
C GLY A 856 -17.35 -25.06 19.67
N TYR A 857 -17.79 -23.88 19.24
CA TYR A 857 -18.24 -23.60 17.85
C TYR A 857 -18.08 -22.11 17.53
N ASP A 858 -18.29 -21.76 16.27
CA ASP A 858 -18.25 -20.35 15.76
C ASP A 858 -18.88 -20.31 14.37
N TRP A 859 -19.33 -19.13 13.93
CA TRP A 859 -19.90 -18.87 12.59
C TRP A 859 -18.87 -18.13 11.73
N THR A 860 -18.72 -18.54 10.46
CA THR A 860 -17.72 -17.99 9.50
C THR A 860 -18.43 -17.64 8.18
N GLY A 861 -17.70 -17.04 7.24
CA GLY A 861 -18.16 -16.70 5.88
C GLY A 861 -19.48 -15.96 5.90
N MET A 862 -20.52 -16.56 5.30
CA MET A 862 -21.88 -15.96 5.14
C MET A 862 -22.56 -15.81 6.51
N SER A 863 -22.36 -16.77 7.42
CA SER A 863 -22.97 -16.82 8.77
C SER A 863 -22.37 -15.73 9.68
N TYR A 864 -21.10 -15.38 9.46
CA TYR A 864 -20.37 -14.30 10.18
C TYR A 864 -20.97 -12.94 9.80
N GLN A 865 -21.31 -12.77 8.52
CA GLN A 865 -21.87 -11.52 7.94
C GLN A 865 -23.33 -11.34 8.40
N GLU A 866 -24.01 -12.44 8.72
CA GLU A 866 -25.47 -12.51 9.04
C GLU A 866 -25.76 -11.88 10.41
N ARG A 867 -24.95 -12.20 11.42
CA ARG A 867 -25.26 -11.97 12.86
C ARG A 867 -25.20 -10.48 13.19
N LEU A 868 -24.00 -9.88 13.16
CA LEU A 868 -23.77 -8.46 13.50
C LEU A 868 -24.35 -7.56 12.40
N SER A 869 -25.44 -6.84 12.71
CA SER A 869 -26.20 -5.94 11.80
C SER A 869 -27.06 -6.78 10.85
N GLY A 870 -28.34 -6.42 10.71
CA GLY A 870 -29.32 -7.11 9.84
C GLY A 870 -30.73 -6.58 10.01
N ASN A 871 -31.45 -6.39 8.90
CA ASN A 871 -32.84 -5.88 8.84
C ASN A 871 -32.88 -4.44 9.38
N GLN A 872 -32.68 -3.47 8.49
CA GLN A 872 -32.71 -2.00 8.81
C GLN A 872 -33.59 -1.29 7.78
N ALA A 873 -34.67 -1.94 7.34
CA ALA A 873 -35.67 -1.42 6.37
C ALA A 873 -36.70 -0.55 7.08
N PRO A 874 -37.32 -1.01 8.21
CA PRO A 874 -38.31 -0.19 8.92
C PRO A 874 -37.80 1.20 9.33
N SER A 875 -36.56 1.27 9.81
CA SER A 875 -35.92 2.48 10.40
C SER A 875 -35.76 3.58 9.35
N LEU A 876 -35.05 3.29 8.26
CA LEU A 876 -34.59 4.30 7.26
C LEU A 876 -35.76 4.75 6.36
N TYR A 877 -36.79 3.92 6.19
CA TYR A 877 -38.00 4.25 5.40
C TYR A 877 -39.04 4.95 6.29
N ALA A 878 -38.90 4.85 7.61
CA ALA A 878 -39.69 5.62 8.61
C ALA A 878 -39.19 7.06 8.63
N ILE A 879 -37.87 7.25 8.63
CA ILE A 879 -37.18 8.58 8.51
C ILE A 879 -37.56 9.20 7.16
N SER A 880 -37.54 8.40 6.08
CA SER A 880 -37.90 8.81 4.70
C SER A 880 -39.28 9.47 4.68
N LEU A 881 -40.30 8.77 5.19
CA LEU A 881 -41.71 9.26 5.31
C LEU A 881 -41.73 10.60 6.04
N ILE A 882 -41.05 10.67 7.19
CA ILE A 882 -41.03 11.85 8.11
C ILE A 882 -40.42 13.05 7.38
N VAL A 883 -39.30 12.84 6.67
CA VAL A 883 -38.56 13.92 5.96
C VAL A 883 -39.36 14.35 4.72
N VAL A 884 -40.01 13.39 4.04
CA VAL A 884 -40.92 13.65 2.88
C VAL A 884 -42.07 14.55 3.35
N PHE A 885 -42.68 14.21 4.49
CA PHE A 885 -43.79 14.98 5.11
C PHE A 885 -43.33 16.41 5.42
N LEU A 886 -42.21 16.55 6.13
CA LEU A 886 -41.63 17.84 6.56
C LEU A 886 -41.35 18.71 5.32
N CYS A 887 -40.76 18.12 4.27
CA CYS A 887 -40.44 18.78 2.98
C CYS A 887 -41.73 19.30 2.33
N LEU A 888 -42.79 18.47 2.30
CA LEU A 888 -44.13 18.83 1.76
C LEU A 888 -44.75 19.95 2.61
N ALA A 889 -44.61 19.88 3.93
CA ALA A 889 -45.13 20.87 4.90
C ALA A 889 -44.52 22.25 4.63
N ALA A 890 -43.22 22.30 4.31
CA ALA A 890 -42.47 23.52 3.96
C ALA A 890 -42.95 24.06 2.61
N LEU A 891 -43.12 23.18 1.62
CA LEU A 891 -43.55 23.50 0.24
C LEU A 891 -44.93 24.18 0.26
N TYR A 892 -45.87 23.63 1.05
CA TYR A 892 -47.30 24.04 1.07
C TYR A 892 -47.57 25.07 2.19
N GLU A 893 -46.66 25.18 3.17
CA GLU A 893 -46.82 26.06 4.36
C GLU A 893 -48.08 25.60 5.12
N SER A 894 -48.16 24.30 5.44
CA SER A 894 -49.32 23.64 6.07
C SER A 894 -48.90 22.27 6.62
N TRP A 895 -49.33 21.93 7.84
CA TRP A 895 -49.05 20.63 8.52
C TRP A 895 -50.00 19.54 7.99
N SER A 896 -51.14 19.94 7.41
CA SER A 896 -52.29 19.04 7.07
C SER A 896 -52.27 18.65 5.59
N ILE A 897 -51.98 19.60 4.69
CA ILE A 897 -52.08 19.44 3.21
C ILE A 897 -51.13 18.33 2.72
N PRO A 898 -49.91 18.17 3.28
CA PRO A 898 -49.00 17.10 2.85
C PRO A 898 -49.63 15.69 2.79
N PHE A 899 -50.59 15.41 3.68
CA PHE A 899 -51.30 14.10 3.78
C PHE A 899 -51.98 13.78 2.45
N SER A 900 -52.57 14.79 1.80
CA SER A 900 -53.29 14.67 0.49
C SER A 900 -52.35 14.11 -0.58
N VAL A 901 -51.06 14.42 -0.50
CA VAL A 901 -50.00 13.95 -1.44
C VAL A 901 -49.53 12.55 -1.01
N MET A 902 -49.31 12.33 0.29
CA MET A 902 -48.63 11.14 0.85
C MET A 902 -49.55 9.91 0.84
N LEU A 903 -50.85 10.10 0.61
CA LEU A 903 -51.87 9.00 0.60
C LEU A 903 -51.87 8.28 -0.76
N VAL A 904 -51.09 8.74 -1.74
CA VAL A 904 -51.00 8.13 -3.10
C VAL A 904 -50.03 6.93 -3.08
N VAL A 905 -49.17 6.83 -2.06
CA VAL A 905 -48.07 5.82 -1.98
C VAL A 905 -48.65 4.44 -2.30
N PRO A 906 -49.70 3.95 -1.60
CA PRO A 906 -50.23 2.61 -1.83
C PRO A 906 -50.81 2.33 -3.22
N LEU A 907 -51.18 3.38 -3.98
CA LEU A 907 -51.82 3.27 -5.32
C LEU A 907 -50.82 2.66 -6.31
N GLY A 908 -49.54 3.03 -6.21
CA GLY A 908 -48.45 2.50 -7.06
C GLY A 908 -47.87 1.21 -6.51
N VAL A 909 -48.02 0.97 -5.20
CA VAL A 909 -47.47 -0.22 -4.49
C VAL A 909 -48.30 -1.47 -4.85
N ILE A 910 -49.63 -1.33 -4.93
CA ILE A 910 -50.59 -2.45 -5.17
C ILE A 910 -50.33 -3.05 -6.55
N GLY A 911 -50.12 -2.21 -7.58
CA GLY A 911 -49.88 -2.64 -8.97
C GLY A 911 -48.57 -3.39 -9.11
N ALA A 912 -47.52 -2.89 -8.45
CA ALA A 912 -46.17 -3.50 -8.40
C ALA A 912 -46.25 -4.88 -7.76
N LEU A 913 -46.91 -4.98 -6.59
CA LEU A 913 -47.11 -6.25 -5.83
C LEU A 913 -47.93 -7.24 -6.66
N LEU A 914 -48.99 -6.75 -7.33
CA LEU A 914 -49.88 -7.59 -8.19
C LEU A 914 -49.09 -8.16 -9.37
N ALA A 915 -48.29 -7.32 -10.04
CA ALA A 915 -47.47 -7.68 -11.22
C ALA A 915 -46.38 -8.69 -10.83
N ALA A 916 -45.71 -8.46 -9.70
CA ALA A 916 -44.60 -9.30 -9.19
C ALA A 916 -45.15 -10.65 -8.71
N THR A 917 -46.23 -10.64 -7.92
CA THR A 917 -46.95 -11.84 -7.43
C THR A 917 -47.41 -12.68 -8.62
N PHE A 918 -48.02 -12.04 -9.62
CA PHE A 918 -48.64 -12.68 -10.81
C PHE A 918 -47.55 -13.38 -11.65
N ARG A 919 -46.42 -12.71 -11.89
CA ARG A 919 -45.30 -13.21 -12.72
C ARG A 919 -44.47 -14.23 -11.91
N GLY A 920 -44.59 -14.22 -10.59
CA GLY A 920 -43.88 -15.14 -9.68
C GLY A 920 -42.48 -14.63 -9.34
N LEU A 921 -42.30 -13.31 -9.35
CA LEU A 921 -41.04 -12.63 -8.93
C LEU A 921 -41.09 -12.41 -7.41
N THR A 922 -40.03 -11.85 -6.84
CA THR A 922 -39.83 -11.71 -5.36
C THR A 922 -39.54 -10.24 -5.00
N ASN A 923 -39.71 -9.91 -3.71
CA ASN A 923 -39.41 -8.57 -3.13
C ASN A 923 -37.89 -8.44 -2.96
N ASP A 924 -37.20 -8.07 -4.04
CA ASP A 924 -35.72 -7.99 -4.12
C ASP A 924 -35.29 -6.53 -4.35
N VAL A 925 -33.99 -6.30 -4.52
CA VAL A 925 -33.36 -4.95 -4.73
C VAL A 925 -34.07 -4.23 -5.88
N TYR A 926 -34.23 -4.90 -7.03
CA TYR A 926 -34.75 -4.33 -8.29
C TYR A 926 -36.22 -3.94 -8.15
N PHE A 927 -37.01 -4.77 -7.47
CA PHE A 927 -38.45 -4.52 -7.15
C PHE A 927 -38.56 -3.26 -6.28
N GLN A 928 -37.67 -3.14 -5.29
CA GLN A 928 -37.70 -2.07 -4.25
C GLN A 928 -37.35 -0.71 -4.87
N VAL A 929 -36.24 -0.63 -5.61
CA VAL A 929 -35.74 0.63 -6.24
C VAL A 929 -36.71 1.07 -7.34
N GLY A 930 -37.33 0.12 -8.05
CA GLY A 930 -38.39 0.38 -9.04
C GLY A 930 -39.66 0.89 -8.38
N LEU A 931 -39.91 0.47 -7.15
CA LEU A 931 -41.11 0.85 -6.34
C LEU A 931 -40.96 2.27 -5.82
N LEU A 932 -39.74 2.67 -5.43
CA LEU A 932 -39.41 4.05 -4.99
C LEU A 932 -39.58 5.03 -6.16
N THR A 933 -39.16 4.62 -7.37
CA THR A 933 -39.31 5.38 -8.63
C THR A 933 -40.80 5.62 -8.92
N THR A 934 -41.61 4.57 -8.82
CA THR A 934 -43.08 4.58 -9.04
C THR A 934 -43.74 5.56 -8.06
N ILE A 935 -43.40 5.46 -6.77
CA ILE A 935 -43.91 6.35 -5.68
C ILE A 935 -43.46 7.79 -5.96
N GLY A 936 -42.20 7.98 -6.37
CA GLY A 936 -41.59 9.28 -6.69
C GLY A 936 -42.41 10.05 -7.71
N LEU A 937 -42.79 9.40 -8.82
CA LEU A 937 -43.56 10.01 -9.94
C LEU A 937 -45.01 10.27 -9.51
N SER A 938 -45.66 9.28 -8.87
CA SER A 938 -47.07 9.36 -8.41
C SER A 938 -47.22 10.47 -7.37
N ALA A 939 -46.27 10.60 -6.46
CA ALA A 939 -46.19 11.66 -5.43
C ALA A 939 -45.99 13.02 -6.12
N LYS A 940 -45.10 13.07 -7.12
CA LYS A 940 -44.79 14.29 -7.91
C LYS A 940 -46.03 14.75 -8.68
N ASN A 941 -46.80 13.80 -9.24
CA ASN A 941 -48.07 14.07 -9.96
C ASN A 941 -49.10 14.65 -8.97
N ALA A 942 -49.21 14.04 -7.79
CA ALA A 942 -50.13 14.46 -6.70
C ALA A 942 -49.75 15.86 -6.20
N ILE A 943 -48.44 16.14 -6.12
CA ILE A 943 -47.89 17.47 -5.68
C ILE A 943 -48.39 18.56 -6.63
N LEU A 944 -48.24 18.35 -7.94
CA LEU A 944 -48.54 19.37 -8.99
C LEU A 944 -50.06 19.56 -9.14
N ILE A 945 -50.88 18.54 -8.86
CA ILE A 945 -52.36 18.65 -8.83
C ILE A 945 -52.76 19.53 -7.63
N VAL A 946 -52.28 19.16 -6.43
CA VAL A 946 -52.59 19.84 -5.15
C VAL A 946 -52.08 21.29 -5.19
N GLU A 947 -50.92 21.52 -5.82
CA GLU A 947 -50.28 22.86 -5.95
C GLU A 947 -51.18 23.78 -6.78
N PHE A 948 -51.63 23.30 -7.95
CA PHE A 948 -52.53 24.02 -8.89
C PHE A 948 -53.85 24.36 -8.18
N ALA A 949 -54.46 23.37 -7.53
CA ALA A 949 -55.73 23.49 -6.77
C ALA A 949 -55.59 24.56 -5.69
N LYS A 950 -54.49 24.53 -4.92
CA LYS A 950 -54.19 25.49 -3.83
C LYS A 950 -53.92 26.87 -4.41
N ASP A 951 -53.22 26.93 -5.54
CA ASP A 951 -52.85 28.20 -6.25
C ASP A 951 -54.14 28.93 -6.67
N LEU A 952 -55.08 28.21 -7.29
CA LEU A 952 -56.38 28.77 -7.78
C LEU A 952 -57.19 29.30 -6.59
N MET A 953 -57.23 28.56 -5.48
CA MET A 953 -57.98 28.93 -4.25
C MET A 953 -57.34 30.15 -3.58
N ASP A 954 -56.00 30.26 -3.64
CA ASP A 954 -55.21 31.32 -2.98
C ASP A 954 -55.20 32.59 -3.84
N LYS A 955 -54.83 32.48 -5.11
CA LYS A 955 -54.53 33.62 -6.01
C LYS A 955 -55.81 34.08 -6.74
N GLU A 956 -56.58 33.13 -7.31
CA GLU A 956 -57.79 33.43 -8.13
C GLU A 956 -59.03 33.49 -7.23
N GLY A 957 -58.95 32.93 -6.01
CA GLY A 957 -60.02 32.97 -5.00
C GLY A 957 -61.15 32.00 -5.32
N LYS A 958 -60.87 30.97 -6.11
CA LYS A 958 -61.86 29.92 -6.52
C LYS A 958 -62.26 29.09 -5.30
N GLY A 959 -63.44 28.45 -5.36
CA GLY A 959 -63.92 27.50 -4.34
C GLY A 959 -63.12 26.21 -4.38
N LEU A 960 -63.32 25.33 -3.39
CA LEU A 960 -62.57 24.05 -3.23
C LEU A 960 -62.79 23.16 -4.46
N ILE A 961 -64.03 22.74 -4.71
CA ILE A 961 -64.42 21.76 -5.76
C ILE A 961 -64.05 22.31 -7.14
N GLU A 962 -64.42 23.57 -7.42
CA GLU A 962 -64.16 24.26 -8.71
C GLU A 962 -62.66 24.23 -9.03
N ALA A 963 -61.82 24.62 -8.07
CA ALA A 963 -60.34 24.68 -8.19
C ALA A 963 -59.77 23.27 -8.35
N THR A 964 -60.29 22.29 -7.61
CA THR A 964 -59.87 20.87 -7.63
C THR A 964 -60.13 20.28 -9.03
N LEU A 965 -61.30 20.57 -9.61
CA LEU A 965 -61.71 20.07 -10.96
C LEU A 965 -60.87 20.77 -12.04
N ASP A 966 -60.65 22.08 -11.90
CA ASP A 966 -59.83 22.89 -12.83
C ASP A 966 -58.36 22.41 -12.78
N ALA A 967 -57.89 22.00 -11.60
CA ALA A 967 -56.51 21.51 -11.36
C ALA A 967 -56.29 20.18 -12.11
N VAL A 968 -57.17 19.20 -11.91
CA VAL A 968 -57.00 17.80 -12.40
C VAL A 968 -57.15 17.76 -13.93
N ARG A 969 -58.02 18.61 -14.50
CA ARG A 969 -58.24 18.70 -15.97
C ARG A 969 -57.01 19.31 -16.63
N MET A 970 -56.29 20.18 -15.91
CA MET A 970 -55.04 20.84 -16.39
C MET A 970 -53.86 19.86 -16.26
N ARG A 971 -53.90 18.93 -15.30
CA ARG A 971 -52.78 18.02 -14.96
C ARG A 971 -52.96 16.64 -15.62
N LEU A 972 -54.12 16.34 -16.20
CA LEU A 972 -54.41 15.01 -16.80
C LEU A 972 -53.44 14.73 -17.95
N ARG A 973 -53.39 15.61 -18.95
CA ARG A 973 -52.58 15.45 -20.20
C ARG A 973 -51.12 15.20 -19.85
N PRO A 974 -50.44 16.08 -19.07
CA PRO A 974 -49.03 15.88 -18.74
C PRO A 974 -48.75 14.60 -17.92
N ILE A 975 -49.73 14.15 -17.10
CA ILE A 975 -49.63 12.90 -16.29
C ILE A 975 -49.62 11.69 -17.22
N LEU A 976 -50.59 11.59 -18.12
CA LEU A 976 -50.74 10.46 -19.08
C LEU A 976 -49.56 10.44 -20.05
N MET A 977 -49.11 11.61 -20.51
CA MET A 977 -47.93 11.77 -21.42
C MET A 977 -46.72 11.07 -20.80
N THR A 978 -46.45 11.32 -19.51
CA THR A 978 -45.33 10.73 -18.73
C THR A 978 -45.58 9.24 -18.50
N SER A 979 -46.80 8.88 -18.09
CA SER A 979 -47.22 7.50 -17.72
C SER A 979 -47.04 6.54 -18.92
N LEU A 980 -47.64 6.87 -20.06
CA LEU A 980 -47.56 6.05 -21.31
C LEU A 980 -46.10 5.91 -21.74
N ALA A 981 -45.36 7.03 -21.79
CA ALA A 981 -43.97 7.14 -22.27
C ALA A 981 -43.05 6.22 -21.44
N PHE A 982 -43.22 6.20 -20.11
CA PHE A 982 -42.36 5.45 -19.16
C PHE A 982 -42.81 3.97 -19.11
N ILE A 983 -44.12 3.72 -19.22
CA ILE A 983 -44.70 2.33 -19.27
C ILE A 983 -44.22 1.63 -20.53
N LEU A 984 -44.28 2.31 -21.68
CA LEU A 984 -43.74 1.82 -22.99
C LEU A 984 -42.20 1.78 -22.91
N GLY A 985 -41.60 2.77 -22.24
CA GLY A 985 -40.14 2.90 -22.06
C GLY A 985 -39.51 1.66 -21.45
N VAL A 986 -40.21 1.00 -20.51
CA VAL A 986 -39.71 -0.18 -19.74
C VAL A 986 -40.33 -1.47 -20.31
N MET A 987 -40.94 -1.42 -21.50
CA MET A 987 -41.54 -2.60 -22.17
C MET A 987 -40.43 -3.55 -22.64
N PRO A 988 -39.29 -3.05 -23.18
CA PRO A 988 -38.17 -3.92 -23.56
C PRO A 988 -37.59 -4.73 -22.38
N LEU A 989 -37.65 -4.19 -21.16
CA LEU A 989 -37.16 -4.85 -19.91
C LEU A 989 -38.08 -6.02 -19.56
N VAL A 990 -39.41 -5.82 -19.63
CA VAL A 990 -40.45 -6.81 -19.23
C VAL A 990 -40.36 -8.04 -20.14
N ILE A 991 -40.28 -7.82 -21.46
CA ILE A 991 -40.24 -8.89 -22.50
C ILE A 991 -38.78 -9.24 -22.84
N SER A 992 -37.82 -8.80 -22.02
CA SER A 992 -36.36 -9.04 -22.21
C SER A 992 -36.05 -10.53 -22.04
N THR A 993 -35.30 -11.10 -22.97
CA THR A 993 -34.69 -12.45 -22.90
C THR A 993 -33.20 -12.33 -23.27
N GLY A 994 -32.38 -13.31 -22.85
CA GLY A 994 -30.93 -13.33 -23.11
C GLY A 994 -30.13 -12.93 -21.89
N ALA A 995 -28.95 -12.34 -22.11
CA ALA A 995 -27.95 -11.98 -21.07
C ALA A 995 -28.52 -10.91 -20.13
N GLY A 996 -28.68 -11.26 -18.85
CA GLY A 996 -29.07 -10.33 -17.77
C GLY A 996 -30.57 -10.06 -17.72
N SER A 997 -31.37 -10.89 -18.40
CA SER A 997 -32.84 -10.74 -18.51
C SER A 997 -33.50 -10.88 -17.13
N GLY A 998 -32.93 -11.70 -16.25
CA GLY A 998 -33.39 -11.91 -14.86
C GLY A 998 -33.50 -10.59 -14.10
N ALA A 999 -32.49 -9.72 -14.23
CA ALA A 999 -32.43 -8.37 -13.62
C ALA A 999 -33.39 -7.43 -14.36
N GLN A 1000 -33.43 -7.51 -15.70
CA GLN A 1000 -34.27 -6.66 -16.57
C GLN A 1000 -35.75 -6.93 -16.27
N ASN A 1001 -36.15 -8.21 -16.23
CA ASN A 1001 -37.55 -8.66 -15.96
C ASN A 1001 -37.98 -8.17 -14.57
N ALA A 1002 -37.09 -8.26 -13.57
CA ALA A 1002 -37.33 -7.87 -12.17
C ALA A 1002 -37.61 -6.37 -12.07
N VAL A 1003 -36.83 -5.55 -12.80
CA VAL A 1003 -36.95 -4.06 -12.84
C VAL A 1003 -38.25 -3.69 -13.55
N GLY A 1004 -38.41 -4.12 -14.81
CA GLY A 1004 -39.50 -3.72 -15.71
C GLY A 1004 -40.88 -4.06 -15.17
N THR A 1005 -41.06 -5.30 -14.70
CA THR A 1005 -42.36 -5.87 -14.25
C THR A 1005 -42.95 -5.01 -13.12
N GLY A 1006 -42.20 -4.83 -12.04
CA GLY A 1006 -42.61 -4.05 -10.85
C GLY A 1006 -42.99 -2.62 -11.20
N VAL A 1007 -42.19 -1.98 -12.07
CA VAL A 1007 -42.39 -0.56 -12.52
C VAL A 1007 -43.67 -0.48 -13.36
N MET A 1008 -43.76 -1.28 -14.42
CA MET A 1008 -44.89 -1.27 -15.39
C MET A 1008 -46.21 -1.49 -14.63
N GLY A 1009 -46.27 -2.52 -13.79
CA GLY A 1009 -47.44 -2.84 -12.94
C GLY A 1009 -47.79 -1.70 -12.02
N GLY A 1010 -46.80 -1.13 -11.33
CA GLY A 1010 -46.96 -0.02 -10.37
C GLY A 1010 -47.39 1.27 -11.04
N MET A 1011 -46.79 1.59 -12.20
CA MET A 1011 -47.07 2.83 -12.98
C MET A 1011 -48.53 2.83 -13.44
N VAL A 1012 -49.03 1.68 -13.90
CA VAL A 1012 -50.44 1.50 -14.40
C VAL A 1012 -51.42 1.88 -13.29
N THR A 1013 -51.42 1.13 -12.18
CA THR A 1013 -52.34 1.32 -11.03
C THR A 1013 -52.24 2.76 -10.52
N ALA A 1014 -51.02 3.27 -10.31
CA ALA A 1014 -50.74 4.66 -9.86
C ALA A 1014 -51.46 5.64 -10.80
N THR A 1015 -51.19 5.55 -12.11
CA THR A 1015 -51.70 6.46 -13.16
C THR A 1015 -53.23 6.52 -13.12
N VAL A 1016 -53.89 5.35 -13.14
CA VAL A 1016 -55.38 5.24 -13.29
C VAL A 1016 -56.06 5.62 -11.97
N LEU A 1017 -55.50 5.24 -10.81
CA LEU A 1017 -56.10 5.48 -9.47
C LEU A 1017 -55.84 6.92 -9.02
N ALA A 1018 -54.60 7.42 -9.17
CA ALA A 1018 -54.16 8.75 -8.70
C ALA A 1018 -55.09 9.84 -9.22
N ILE A 1019 -55.41 9.81 -10.53
CA ILE A 1019 -56.23 10.85 -11.23
C ILE A 1019 -57.63 10.92 -10.61
N PHE A 1020 -58.09 9.85 -9.94
CA PHE A 1020 -59.43 9.75 -9.29
C PHE A 1020 -59.34 9.95 -7.77
N PHE A 1021 -58.21 9.60 -7.14
CA PHE A 1021 -58.05 9.56 -5.67
C PHE A 1021 -57.38 10.82 -5.12
N VAL A 1022 -56.43 11.42 -5.86
CA VAL A 1022 -55.73 12.69 -5.46
C VAL A 1022 -56.78 13.78 -5.28
N PRO A 1023 -57.78 13.91 -6.17
CA PRO A 1023 -58.88 14.85 -5.97
C PRO A 1023 -59.64 14.62 -4.65
N VAL A 1024 -59.93 13.36 -4.33
CA VAL A 1024 -60.66 12.93 -3.09
C VAL A 1024 -59.81 13.33 -1.88
N PHE A 1025 -58.52 12.95 -1.88
CA PHE A 1025 -57.56 13.20 -0.77
C PHE A 1025 -57.58 14.69 -0.41
N PHE A 1026 -57.29 15.56 -1.39
CA PHE A 1026 -57.19 17.03 -1.22
C PHE A 1026 -58.47 17.57 -0.57
N VAL A 1027 -59.62 17.36 -1.23
CA VAL A 1027 -60.96 17.84 -0.77
C VAL A 1027 -61.18 17.37 0.67
N VAL A 1028 -61.10 16.05 0.92
CA VAL A 1028 -61.32 15.43 2.26
C VAL A 1028 -60.38 16.10 3.29
N VAL A 1029 -59.08 16.15 3.00
CA VAL A 1029 -58.03 16.70 3.90
C VAL A 1029 -58.33 18.18 4.19
N ARG A 1030 -58.56 18.98 3.15
CA ARG A 1030 -58.85 20.44 3.28
C ARG A 1030 -60.07 20.64 4.19
N ARG A 1031 -61.20 20.02 3.83
CA ARG A 1031 -62.48 20.08 4.59
C ARG A 1031 -62.23 19.75 6.07
N ARG A 1032 -61.52 18.64 6.32
CA ARG A 1032 -61.21 18.11 7.67
C ARG A 1032 -60.43 19.16 8.46
N PHE A 1033 -59.33 19.67 7.89
CA PHE A 1033 -58.39 20.64 8.53
C PHE A 1033 -58.63 22.04 7.96
N SER A 1034 -59.69 22.70 8.42
CA SER A 1034 -60.08 24.09 8.06
C SER A 1034 -60.98 24.68 9.16
N ARG A 1035 -61.41 25.93 9.01
CA ARG A 1035 -62.31 26.62 9.97
C ARG A 1035 -63.44 27.35 9.21
N LYS A 1036 -63.11 28.34 8.37
CA LYS A 1036 -64.10 29.25 7.73
C LYS A 1036 -63.60 29.72 6.36
N ASN A 1037 -64.11 29.08 5.29
CA ASN A 1037 -63.97 29.51 3.86
C ASN A 1037 -64.61 28.44 2.96
N GLU A 1038 -64.12 28.27 1.74
CA GLU A 1038 -64.44 27.15 0.80
C GLU A 1038 -65.80 27.38 0.13
N ASP A 1039 -66.16 28.65 -0.08
CA ASP A 1039 -67.16 29.11 -1.09
C ASP A 1039 -66.39 29.94 -2.12
N ILE A 1040 -67.08 30.63 -3.04
CA ILE A 1040 -66.45 31.63 -3.96
C ILE A 1040 -65.91 32.78 -3.10
N GLU A 1041 -64.76 33.35 -3.48
CA GLU A 1041 -63.97 34.24 -2.59
C GLU A 1041 -63.07 35.20 -3.41
N HIS A 1042 -62.66 36.31 -2.79
CA HIS A 1042 -61.49 37.15 -3.17
C HIS A 1042 -61.20 38.15 -2.05
N MET B 1 -20.02 41.46 -9.88
CA MET B 1 -18.93 41.24 -8.87
C MET B 1 -17.99 42.45 -8.85
N PRO B 2 -17.53 42.99 -10.01
CA PRO B 2 -16.77 44.24 -10.01
C PRO B 2 -17.55 45.42 -9.40
N ASN B 3 -18.84 45.55 -9.74
CA ASN B 3 -19.77 46.54 -9.16
C ASN B 3 -19.80 46.41 -7.63
N PHE B 4 -19.87 45.17 -7.13
CA PHE B 4 -19.93 44.83 -5.69
C PHE B 4 -18.69 45.37 -4.96
N PHE B 5 -17.50 45.25 -5.58
CA PHE B 5 -16.19 45.56 -4.97
C PHE B 5 -15.77 47.01 -5.25
N ILE B 6 -16.39 47.67 -6.23
CA ILE B 6 -16.23 49.14 -6.49
C ILE B 6 -16.79 49.90 -5.28
N ASP B 7 -17.92 49.44 -4.73
CA ASP B 7 -18.60 50.05 -3.55
C ASP B 7 -18.00 49.51 -2.25
N ARG B 8 -17.17 48.46 -2.33
CA ARG B 8 -16.56 47.78 -1.15
C ARG B 8 -15.06 47.59 -1.38
N PRO B 9 -14.26 48.68 -1.45
CA PRO B 9 -12.81 48.57 -1.67
C PRO B 9 -12.02 47.95 -0.52
N ILE B 10 -12.51 48.07 0.72
CA ILE B 10 -11.84 47.51 1.94
C ILE B 10 -11.92 45.97 1.88
N PHE B 11 -13.08 45.42 1.52
CA PHE B 11 -13.30 43.97 1.29
C PHE B 11 -12.30 43.48 0.23
N ALA B 12 -12.24 44.19 -0.91
CA ALA B 12 -11.31 43.91 -2.03
C ALA B 12 -9.86 43.89 -1.51
N TRP B 13 -9.52 44.81 -0.61
CA TRP B 13 -8.19 44.91 0.05
C TRP B 13 -7.97 43.70 0.98
N VAL B 14 -9.00 43.32 1.76
CA VAL B 14 -8.95 42.17 2.70
C VAL B 14 -8.62 40.89 1.94
N ILE B 15 -9.25 40.67 0.77
CA ILE B 15 -9.04 39.49 -0.10
C ILE B 15 -7.59 39.49 -0.62
N ALA B 16 -7.12 40.65 -1.09
CA ALA B 16 -5.74 40.86 -1.60
C ALA B 16 -4.72 40.54 -0.51
N ILE B 17 -4.98 41.00 0.72
CA ILE B 17 -4.10 40.80 1.91
C ILE B 17 -4.02 39.30 2.23
N ILE B 18 -5.17 38.64 2.34
CA ILE B 18 -5.28 37.17 2.64
C ILE B 18 -4.50 36.38 1.59
N ILE B 19 -4.64 36.75 0.31
CA ILE B 19 -3.94 36.11 -0.84
C ILE B 19 -2.41 36.30 -0.68
N MET B 20 -1.98 37.51 -0.29
CA MET B 20 -0.54 37.87 -0.14
C MET B 20 0.08 37.11 1.04
N LEU B 21 -0.65 36.95 2.14
CA LEU B 21 -0.20 36.23 3.37
C LEU B 21 -0.03 34.74 3.06
N ALA B 22 -1.01 34.13 2.40
CA ALA B 22 -1.01 32.72 1.97
C ALA B 22 0.16 32.46 1.02
N GLY B 23 0.38 33.37 0.06
CA GLY B 23 1.49 33.34 -0.90
C GLY B 23 2.83 33.59 -0.22
N GLY B 24 2.87 34.57 0.69
CA GLY B 24 4.06 34.90 1.50
C GLY B 24 4.51 33.72 2.35
N LEU B 25 3.54 32.98 2.91
CA LEU B 25 3.78 31.73 3.69
C LEU B 25 4.30 30.63 2.75
N ALA B 26 3.69 30.50 1.57
CA ALA B 26 4.02 29.48 0.55
C ALA B 26 5.49 29.62 0.13
N ILE B 27 5.93 30.85 -0.17
CA ILE B 27 7.31 31.18 -0.63
C ILE B 27 8.33 30.65 0.40
N LEU B 28 8.05 30.83 1.70
CA LEU B 28 8.95 30.41 2.81
C LEU B 28 9.04 28.88 2.90
N LYS B 29 7.91 28.19 2.70
CA LYS B 29 7.75 26.75 3.04
C LYS B 29 7.83 25.83 1.81
N LEU B 30 7.66 26.38 0.60
CA LEU B 30 7.63 25.58 -0.67
C LEU B 30 8.98 24.86 -0.86
N PRO B 31 8.97 23.57 -1.25
CA PRO B 31 10.21 22.87 -1.61
C PRO B 31 10.91 23.53 -2.79
N VAL B 32 12.25 23.39 -2.85
CA VAL B 32 13.12 23.95 -3.92
C VAL B 32 14.01 22.82 -4.46
N ALA B 33 13.99 22.61 -5.77
CA ALA B 33 14.83 21.64 -6.52
C ALA B 33 15.05 22.18 -7.94
N GLN B 34 15.99 21.60 -8.70
CA GLN B 34 16.26 21.98 -10.10
C GLN B 34 15.08 21.54 -10.97
N TYR B 35 14.71 20.26 -10.90
CA TYR B 35 13.57 19.65 -11.64
C TYR B 35 12.72 18.82 -10.68
N PRO B 36 11.40 18.67 -10.97
CA PRO B 36 10.55 17.78 -10.17
C PRO B 36 10.73 16.32 -10.58
N THR B 37 9.98 15.41 -9.94
CA THR B 37 9.93 13.97 -10.29
C THR B 37 9.16 13.81 -11.61
N ILE B 38 9.86 13.39 -12.67
CA ILE B 38 9.34 13.30 -14.07
C ILE B 38 9.18 11.83 -14.46
N ALA B 39 10.25 11.04 -14.35
CA ALA B 39 10.34 9.63 -14.78
C ALA B 39 9.29 8.80 -14.03
N PRO B 40 8.72 7.74 -14.65
CA PRO B 40 7.81 6.84 -13.96
C PRO B 40 8.52 6.07 -12.84
N PRO B 41 7.82 5.65 -11.76
CA PRO B 41 8.45 4.99 -10.63
C PRO B 41 9.15 3.68 -11.06
N ALA B 42 10.42 3.51 -10.70
CA ALA B 42 11.27 2.35 -11.03
C ALA B 42 11.94 1.82 -9.77
N VAL B 43 11.95 0.48 -9.60
CA VAL B 43 12.59 -0.24 -8.47
C VAL B 43 13.69 -1.13 -9.03
N THR B 44 14.92 -0.98 -8.53
CA THR B 44 16.12 -1.75 -8.96
C THR B 44 16.47 -2.81 -7.89
N ILE B 45 16.65 -4.06 -8.32
CA ILE B 45 17.15 -5.19 -7.48
C ILE B 45 18.61 -5.44 -7.86
N SER B 46 19.54 -5.19 -6.93
CA SER B 46 21.01 -5.35 -7.11
C SER B 46 21.53 -6.48 -6.22
N ALA B 47 22.29 -7.42 -6.81
CA ALA B 47 22.96 -8.54 -6.10
C ALA B 47 24.40 -8.68 -6.61
N SER B 48 25.31 -9.13 -5.74
CA SER B 48 26.74 -9.38 -6.04
C SER B 48 27.07 -10.86 -5.75
N TYR B 49 27.61 -11.56 -6.76
CA TYR B 49 28.14 -12.95 -6.65
C TYR B 49 29.66 -12.88 -6.89
N PRO B 50 30.47 -12.76 -5.81
CA PRO B 50 31.91 -12.61 -5.95
C PRO B 50 32.58 -13.71 -6.80
N GLY B 51 33.28 -13.29 -7.87
CA GLY B 51 34.07 -14.18 -8.75
C GLY B 51 33.20 -14.96 -9.72
N ALA B 52 31.95 -14.55 -9.92
CA ALA B 52 30.96 -15.21 -10.80
C ALA B 52 30.99 -14.56 -12.19
N ASP B 53 30.83 -15.38 -13.24
CA ASP B 53 30.71 -14.93 -14.66
C ASP B 53 29.25 -14.56 -14.93
N ALA B 54 29.00 -13.92 -16.09
CA ALA B 54 27.69 -13.38 -16.51
C ALA B 54 26.63 -14.50 -16.50
N LYS B 55 26.96 -15.68 -17.04
CA LYS B 55 26.02 -16.82 -17.19
C LYS B 55 25.71 -17.43 -15.82
N THR B 56 26.71 -17.53 -14.94
CA THR B 56 26.57 -18.02 -13.54
C THR B 56 25.56 -17.13 -12.79
N VAL B 57 25.75 -15.81 -12.88
CA VAL B 57 24.88 -14.78 -12.24
C VAL B 57 23.45 -14.94 -12.76
N GLN B 58 23.29 -15.03 -14.09
CA GLN B 58 21.96 -15.10 -14.77
C GLN B 58 21.22 -16.37 -14.36
N ASP B 59 21.90 -17.52 -14.39
CA ASP B 59 21.27 -18.87 -14.33
C ASP B 59 21.09 -19.34 -12.88
N THR B 60 21.62 -18.61 -11.89
CA THR B 60 21.47 -18.94 -10.45
C THR B 60 20.74 -17.81 -9.69
N VAL B 61 20.84 -16.57 -10.15
CA VAL B 61 20.27 -15.37 -9.44
C VAL B 61 19.15 -14.75 -10.28
N THR B 62 19.49 -14.17 -11.43
CA THR B 62 18.60 -13.29 -12.25
C THR B 62 17.31 -14.03 -12.61
N GLN B 63 17.42 -15.22 -13.20
CA GLN B 63 16.26 -16.03 -13.67
C GLN B 63 15.37 -16.42 -12.48
N VAL B 64 15.97 -16.75 -11.33
CA VAL B 64 15.24 -17.19 -10.10
C VAL B 64 14.41 -16.01 -9.58
N ILE B 65 15.01 -14.82 -9.47
CA ILE B 65 14.35 -13.57 -9.00
C ILE B 65 13.25 -13.19 -10.00
N GLU B 66 13.56 -13.20 -11.29
CA GLU B 66 12.63 -12.84 -12.42
C GLU B 66 11.38 -13.71 -12.36
N GLN B 67 11.53 -15.02 -12.12
CA GLN B 67 10.42 -16.01 -12.09
C GLN B 67 9.51 -15.77 -10.87
N ASN B 68 9.98 -15.02 -9.87
CA ASN B 68 9.29 -14.80 -8.57
C ASN B 68 8.71 -13.39 -8.47
N MET B 69 8.90 -12.54 -9.49
CA MET B 69 8.38 -11.14 -9.51
C MET B 69 6.92 -11.14 -10.00
N ASN B 70 6.06 -11.95 -9.36
CA ASN B 70 4.63 -12.15 -9.75
CA ASN B 70 4.64 -12.14 -9.75
C ASN B 70 3.73 -11.52 -8.67
N GLY B 71 2.49 -11.20 -9.05
CA GLY B 71 1.45 -10.65 -8.15
C GLY B 71 1.80 -9.25 -7.65
N ILE B 72 2.61 -8.50 -8.42
CA ILE B 72 2.98 -7.08 -8.13
C ILE B 72 2.12 -6.17 -9.02
N ASP B 73 1.57 -5.10 -8.45
CA ASP B 73 0.58 -4.21 -9.09
C ASP B 73 1.29 -3.14 -9.95
N ASN B 74 0.70 -2.83 -11.12
CA ASN B 74 1.02 -1.65 -11.96
C ASN B 74 2.44 -1.75 -12.52
N LEU B 75 2.91 -2.97 -12.82
CA LEU B 75 4.21 -3.22 -13.51
C LEU B 75 4.01 -3.03 -15.01
N MET B 76 4.79 -2.14 -15.64
CA MET B 76 4.77 -1.89 -17.11
C MET B 76 5.67 -2.91 -17.80
N TYR B 77 6.96 -2.95 -17.42
CA TYR B 77 7.97 -3.89 -17.97
C TYR B 77 9.08 -4.12 -16.94
N MET B 78 9.81 -5.23 -17.12
CA MET B 78 10.96 -5.67 -16.28
C MET B 78 12.17 -5.92 -17.20
N SER B 79 13.34 -5.39 -16.85
CA SER B 79 14.61 -5.55 -17.60
C SER B 79 15.76 -5.82 -16.62
N SER B 80 16.77 -6.60 -17.03
CA SER B 80 17.90 -7.03 -16.17
C SER B 80 19.20 -7.14 -16.97
N ASN B 81 20.33 -7.04 -16.27
CA ASN B 81 21.71 -7.24 -16.80
C ASN B 81 22.46 -8.19 -15.85
N SER B 82 23.18 -9.17 -16.40
CA SER B 82 24.07 -10.11 -15.66
C SER B 82 25.45 -10.09 -16.33
N ASP B 83 26.47 -9.53 -15.66
CA ASP B 83 27.81 -9.27 -16.24
C ASP B 83 28.87 -10.10 -15.51
N SER B 84 30.11 -10.04 -16.01
N SER B 84 30.12 -10.05 -16.01
CA SER B 84 31.27 -10.88 -15.59
CA SER B 84 31.25 -10.90 -15.57
C SER B 84 31.94 -10.31 -14.34
C SER B 84 31.96 -10.29 -14.35
N THR B 85 31.48 -9.16 -13.83
CA THR B 85 31.95 -8.54 -12.56
C THR B 85 31.25 -9.19 -11.37
N GLY B 86 30.29 -10.10 -11.63
CA GLY B 86 29.51 -10.83 -10.61
C GLY B 86 28.32 -10.02 -10.13
N THR B 87 27.83 -9.11 -10.98
CA THR B 87 26.76 -8.13 -10.66
C THR B 87 25.51 -8.43 -11.50
N VAL B 88 24.33 -8.37 -10.86
CA VAL B 88 22.99 -8.41 -11.53
C VAL B 88 22.21 -7.18 -11.07
N GLN B 89 21.59 -6.47 -12.03
CA GLN B 89 20.65 -5.34 -11.76
C GLN B 89 19.36 -5.58 -12.54
N ILE B 90 18.28 -5.93 -11.84
CA ILE B 90 16.90 -6.07 -12.38
C ILE B 90 16.14 -4.77 -12.07
N THR B 91 15.69 -4.06 -13.10
CA THR B 91 14.87 -2.81 -12.99
C THR B 91 13.42 -3.13 -13.32
N LEU B 92 12.50 -2.86 -12.39
CA LEU B 92 11.03 -2.97 -12.58
C LEU B 92 10.43 -1.56 -12.67
N THR B 93 9.97 -1.18 -13.86
CA THR B 93 9.36 0.14 -14.16
C THR B 93 7.84 0.03 -14.03
N PHE B 94 7.22 0.96 -13.30
CA PHE B 94 5.78 0.95 -12.93
C PHE B 94 5.04 2.08 -13.65
N GLU B 95 3.70 1.98 -13.70
CA GLU B 95 2.79 2.99 -14.31
C GLU B 95 2.98 4.33 -13.61
N SER B 96 2.95 5.43 -14.35
CA SER B 96 2.99 6.83 -13.83
C SER B 96 1.78 7.04 -12.91
N GLY B 97 2.01 7.38 -11.64
CA GLY B 97 0.97 7.60 -10.62
C GLY B 97 0.99 6.55 -9.53
N THR B 98 1.74 5.46 -9.73
CA THR B 98 1.93 4.34 -8.76
C THR B 98 2.68 4.87 -7.53
N ASP B 99 2.24 4.48 -6.32
CA ASP B 99 2.95 4.75 -5.05
C ASP B 99 4.27 3.98 -5.07
N ALA B 100 5.40 4.70 -5.10
CA ALA B 100 6.77 4.15 -5.25
C ALA B 100 7.14 3.31 -4.02
N ASP B 101 6.60 3.65 -2.85
CA ASP B 101 6.81 2.93 -1.57
C ASP B 101 6.12 1.56 -1.64
N ILE B 102 4.88 1.53 -2.12
CA ILE B 102 4.06 0.29 -2.29
C ILE B 102 4.70 -0.59 -3.36
N ALA B 103 5.15 0.02 -4.47
CA ALA B 103 5.86 -0.66 -5.58
C ALA B 103 7.10 -1.37 -5.03
N GLN B 104 7.90 -0.67 -4.21
CA GLN B 104 9.19 -1.18 -3.66
C GLN B 104 8.92 -2.34 -2.70
N VAL B 105 7.99 -2.16 -1.76
CA VAL B 105 7.71 -3.16 -0.66
C VAL B 105 7.15 -4.44 -1.27
N GLN B 106 6.36 -4.34 -2.35
CA GLN B 106 5.76 -5.49 -3.07
C GLN B 106 6.87 -6.28 -3.79
N VAL B 107 7.76 -5.58 -4.52
CA VAL B 107 8.96 -6.17 -5.17
C VAL B 107 9.82 -6.84 -4.10
N GLN B 108 10.12 -6.07 -3.04
CA GLN B 108 10.99 -6.46 -1.89
C GLN B 108 10.45 -7.72 -1.21
N ASN B 109 9.12 -7.81 -1.04
CA ASN B 109 8.43 -8.94 -0.36
C ASN B 109 8.52 -10.21 -1.22
N LYS B 110 8.38 -10.08 -2.54
CA LYS B 110 8.43 -11.22 -3.49
C LYS B 110 9.88 -11.76 -3.58
N LEU B 111 10.88 -10.87 -3.44
CA LEU B 111 12.31 -11.25 -3.40
C LEU B 111 12.60 -12.06 -2.13
N GLN B 112 12.14 -11.55 -0.97
CA GLN B 112 12.35 -12.16 0.37
C GLN B 112 12.05 -13.67 0.33
N LEU B 113 10.94 -14.06 -0.31
CA LEU B 113 10.45 -15.47 -0.35
C LEU B 113 11.19 -16.24 -1.45
N ALA B 114 11.95 -15.56 -2.31
CA ALA B 114 12.78 -16.16 -3.39
C ALA B 114 14.24 -16.25 -2.96
N MET B 115 14.60 -15.72 -1.78
CA MET B 115 15.99 -15.69 -1.24
C MET B 115 16.49 -17.11 -0.96
N PRO B 116 15.67 -18.01 -0.37
CA PRO B 116 16.11 -19.38 -0.09
C PRO B 116 16.53 -20.19 -1.34
N LEU B 117 16.13 -19.73 -2.53
CA LEU B 117 16.41 -20.38 -3.84
C LEU B 117 17.77 -19.93 -4.40
N LEU B 118 18.29 -18.78 -3.94
CA LEU B 118 19.55 -18.19 -4.46
C LEU B 118 20.75 -18.91 -3.85
N PRO B 119 21.95 -18.81 -4.45
CA PRO B 119 23.17 -19.38 -3.85
C PRO B 119 23.48 -18.76 -2.48
N GLN B 120 24.06 -19.56 -1.58
CA GLN B 120 24.37 -19.16 -0.18
C GLN B 120 25.34 -17.97 -0.18
N GLU B 121 26.22 -17.88 -1.18
CA GLU B 121 27.19 -16.76 -1.36
C GLU B 121 26.43 -15.46 -1.64
N VAL B 122 25.35 -15.53 -2.43
CA VAL B 122 24.51 -14.36 -2.82
C VAL B 122 23.62 -13.97 -1.63
N GLN B 123 23.12 -14.96 -0.89
CA GLN B 123 22.31 -14.76 0.35
C GLN B 123 23.17 -14.05 1.40
N GLN B 124 24.46 -14.40 1.47
CA GLN B 124 25.44 -13.83 2.44
C GLN B 124 25.71 -12.36 2.11
N GLN B 125 26.01 -12.06 0.84
CA GLN B 125 26.27 -10.68 0.33
C GLN B 125 25.02 -9.82 0.52
N GLY B 126 23.84 -10.36 0.21
CA GLY B 126 22.55 -9.65 0.25
C GLY B 126 22.09 -9.27 -1.15
N VAL B 127 20.84 -8.81 -1.27
CA VAL B 127 20.19 -8.39 -2.54
C VAL B 127 19.40 -7.11 -2.28
N SER B 128 19.98 -5.96 -2.60
CA SER B 128 19.43 -4.60 -2.31
C SER B 128 18.25 -4.30 -3.24
N VAL B 129 17.12 -3.87 -2.67
CA VAL B 129 15.92 -3.36 -3.40
C VAL B 129 15.78 -1.87 -3.09
N GLU B 130 16.01 -1.01 -4.09
CA GLU B 130 16.07 0.47 -3.96
C GLU B 130 15.17 1.11 -5.02
N LYS B 131 14.67 2.32 -4.75
CA LYS B 131 13.92 3.16 -5.71
C LYS B 131 14.93 3.85 -6.64
N SER B 132 14.88 3.51 -7.94
CA SER B 132 15.83 3.98 -8.99
C SER B 132 15.74 5.50 -9.14
N SER B 133 16.88 6.19 -8.98
CA SER B 133 17.00 7.67 -9.07
C SER B 133 18.40 8.04 -9.60
N SER B 134 18.46 8.84 -10.65
CA SER B 134 19.71 9.28 -11.33
C SER B 134 20.15 10.66 -10.81
N SER B 135 19.19 11.54 -10.48
CA SER B 135 19.41 12.95 -10.07
C SER B 135 20.08 13.01 -8.69
N PHE B 136 21.33 13.48 -8.64
CA PHE B 136 22.07 13.84 -7.39
C PHE B 136 21.89 15.33 -7.12
N LEU B 137 21.77 15.71 -5.84
CA LEU B 137 21.80 17.13 -5.39
C LEU B 137 23.23 17.66 -5.57
N MET B 138 24.22 16.89 -5.14
CA MET B 138 25.67 17.22 -5.25
C MET B 138 26.51 15.97 -5.03
N VAL B 139 27.77 15.98 -5.50
CA VAL B 139 28.79 14.91 -5.26
C VAL B 139 29.94 15.54 -4.49
N VAL B 140 30.16 15.10 -3.24
CA VAL B 140 31.28 15.54 -2.36
C VAL B 140 32.47 14.61 -2.60
N GLY B 141 33.53 15.13 -3.22
CA GLY B 141 34.80 14.42 -3.42
C GLY B 141 35.68 14.52 -2.18
N VAL B 142 36.26 13.39 -1.75
CA VAL B 142 37.21 13.30 -0.60
C VAL B 142 38.54 12.73 -1.14
N ILE B 143 39.61 13.52 -1.07
CA ILE B 143 40.95 13.20 -1.67
C ILE B 143 42.02 13.27 -0.58
N ASN B 144 43.23 12.84 -0.90
CA ASN B 144 44.44 12.92 -0.04
C ASN B 144 45.60 13.49 -0.87
N THR B 145 46.10 14.67 -0.51
CA THR B 145 47.02 15.51 -1.33
C THR B 145 48.49 15.22 -0.97
N ASP B 146 48.76 14.66 0.21
CA ASP B 146 50.14 14.42 0.72
C ASP B 146 50.58 12.98 0.43
N GLY B 147 49.71 12.18 -0.20
CA GLY B 147 50.03 10.81 -0.68
C GLY B 147 50.33 9.85 0.47
N THR B 148 49.64 10.01 1.61
CA THR B 148 49.77 9.17 2.83
C THR B 148 48.60 8.17 2.91
N MET B 149 47.60 8.30 2.03
CA MET B 149 46.38 7.45 1.99
C MET B 149 46.13 6.95 0.56
N THR B 150 45.66 5.71 0.44
CA THR B 150 45.08 5.12 -0.80
C THR B 150 43.59 5.49 -0.85
N GLN B 151 42.91 5.15 -1.96
CA GLN B 151 41.45 5.36 -2.13
C GLN B 151 40.69 4.49 -1.13
N GLU B 152 41.25 3.31 -0.79
CA GLU B 152 40.67 2.36 0.19
C GLU B 152 40.67 2.99 1.59
N ASP B 153 41.75 3.68 1.94
CA ASP B 153 41.94 4.35 3.26
C ASP B 153 40.92 5.48 3.41
N ILE B 154 40.73 6.28 2.36
CA ILE B 154 39.82 7.46 2.34
C ILE B 154 38.37 6.96 2.40
N SER B 155 38.03 5.94 1.59
CA SER B 155 36.70 5.30 1.54
C SER B 155 36.28 4.81 2.93
N ASP B 156 37.21 4.20 3.66
CA ASP B 156 36.98 3.67 5.04
C ASP B 156 36.71 4.83 5.99
N TYR B 157 37.51 5.90 5.91
CA TYR B 157 37.39 7.10 6.78
C TYR B 157 36.02 7.75 6.59
N VAL B 158 35.62 7.96 5.33
CA VAL B 158 34.34 8.60 4.94
C VAL B 158 33.17 7.76 5.49
N ALA B 159 33.26 6.43 5.34
CA ALA B 159 32.23 5.45 5.77
C ALA B 159 32.05 5.51 7.30
N ALA B 160 33.15 5.68 8.04
CA ALA B 160 33.21 5.58 9.52
C ALA B 160 32.86 6.92 10.17
N ASN B 161 33.32 8.04 9.60
CA ASN B 161 33.39 9.36 10.28
C ASN B 161 32.46 10.40 9.63
N MET B 162 32.17 10.28 8.33
CA MET B 162 31.49 11.35 7.54
C MET B 162 30.09 10.91 7.12
N LYS B 163 29.95 9.75 6.45
CA LYS B 163 28.73 9.28 5.74
C LYS B 163 27.50 9.43 6.65
N ASP B 164 27.53 8.83 7.85
CA ASP B 164 26.38 8.74 8.79
C ASP B 164 25.90 10.16 9.15
N ALA B 165 26.83 11.07 9.46
CA ALA B 165 26.56 12.47 9.86
C ALA B 165 25.90 13.24 8.70
N ILE B 166 26.31 12.95 7.46
CA ILE B 166 25.74 13.56 6.22
C ILE B 166 24.32 13.02 5.99
N SER B 167 24.10 11.73 6.28
CA SER B 167 22.80 11.04 6.14
C SER B 167 21.77 11.62 7.13
N ARG B 168 22.24 12.20 8.25
CA ARG B 168 21.39 12.76 9.33
C ARG B 168 21.17 14.27 9.13
N THR B 169 21.89 14.89 8.19
CA THR B 169 21.79 16.33 7.84
C THR B 169 20.38 16.62 7.31
N SER B 170 19.85 17.81 7.61
CA SER B 170 18.47 18.26 7.29
C SER B 170 18.29 18.33 5.76
N GLY B 171 17.34 17.56 5.22
CA GLY B 171 16.94 17.59 3.79
C GLY B 171 17.64 16.53 2.97
N VAL B 172 18.58 15.77 3.56
CA VAL B 172 19.36 14.71 2.86
C VAL B 172 18.53 13.42 2.83
N GLY B 173 18.22 12.94 1.63
CA GLY B 173 17.48 11.67 1.40
C GLY B 173 18.39 10.47 1.50
N ASP B 174 19.11 10.17 0.41
CA ASP B 174 20.03 9.01 0.30
C ASP B 174 21.47 9.52 0.13
N VAL B 175 22.45 8.74 0.62
CA VAL B 175 23.92 9.02 0.49
C VAL B 175 24.61 7.74 0.00
N GLN B 176 25.28 7.81 -1.15
CA GLN B 176 26.03 6.69 -1.78
C GLN B 176 27.53 6.90 -1.59
N LEU B 177 28.22 5.92 -0.99
CA LEU B 177 29.70 5.91 -0.83
C LEU B 177 30.35 5.46 -2.15
N PHE B 178 31.22 6.29 -2.72
CA PHE B 178 32.02 5.98 -3.94
C PHE B 178 33.29 5.24 -3.51
N GLY B 179 33.11 3.95 -3.18
CA GLY B 179 34.10 3.08 -2.53
C GLY B 179 33.41 2.19 -1.49
N SER B 180 34.20 1.51 -0.66
CA SER B 180 33.70 0.62 0.42
C SER B 180 34.50 0.86 1.71
N GLN B 181 33.92 0.54 2.86
CA GLN B 181 34.63 0.46 4.17
C GLN B 181 35.67 -0.67 4.05
N TYR B 182 36.69 -0.66 4.91
CA TYR B 182 37.78 -1.68 4.92
C TYR B 182 37.17 -3.09 4.95
N ALA B 183 37.90 -4.04 4.37
CA ALA B 183 37.68 -5.50 4.51
C ALA B 183 39.01 -6.15 4.93
N MET B 184 38.95 -7.13 5.84
CA MET B 184 40.14 -7.92 6.27
C MET B 184 40.56 -8.81 5.09
N ARG B 185 41.60 -8.43 4.37
CA ARG B 185 42.08 -9.12 3.14
C ARG B 185 43.16 -10.15 3.52
N ILE B 186 42.88 -11.44 3.32
CA ILE B 186 43.83 -12.57 3.50
C ILE B 186 44.33 -12.99 2.11
N TRP B 187 45.50 -12.50 1.71
CA TRP B 187 46.13 -12.77 0.39
C TRP B 187 46.95 -14.06 0.46
N MET B 188 46.37 -15.18 0.03
CA MET B 188 46.93 -16.55 0.19
C MET B 188 48.12 -16.75 -0.75
N ASN B 189 49.10 -17.56 -0.31
CA ASN B 189 50.29 -17.99 -1.10
C ASN B 189 50.17 -19.50 -1.35
N PRO B 190 50.05 -19.95 -2.63
CA PRO B 190 49.89 -21.38 -2.92
C PRO B 190 51.14 -22.22 -2.61
N ASN B 191 52.33 -21.63 -2.77
CA ASN B 191 53.63 -22.29 -2.50
C ASN B 191 53.73 -22.61 -1.00
N GLU B 192 53.31 -21.67 -0.14
CA GLU B 192 53.35 -21.80 1.33
C GLU B 192 52.27 -22.79 1.79
N LEU B 193 51.07 -22.71 1.22
CA LEU B 193 49.91 -23.60 1.54
C LEU B 193 50.29 -25.05 1.24
N ASN B 194 50.82 -25.32 0.04
CA ASN B 194 51.25 -26.66 -0.43
C ASN B 194 52.36 -27.21 0.47
N LYS B 195 53.29 -26.34 0.88
CA LYS B 195 54.47 -26.67 1.72
C LYS B 195 54.03 -27.30 3.05
N PHE B 196 52.93 -26.81 3.64
CA PHE B 196 52.38 -27.27 4.95
C PHE B 196 51.20 -28.21 4.73
N GLN B 197 50.97 -28.65 3.49
CA GLN B 197 49.86 -29.55 3.07
C GLN B 197 48.51 -28.93 3.50
N LEU B 198 48.32 -27.64 3.21
CA LEU B 198 47.09 -26.86 3.51
C LEU B 198 46.47 -26.35 2.20
N THR B 199 45.20 -25.94 2.24
CA THR B 199 44.41 -25.41 1.09
C THR B 199 43.63 -24.19 1.56
N PRO B 200 43.01 -23.42 0.64
CA PRO B 200 42.07 -22.35 1.02
C PRO B 200 40.88 -22.85 1.87
N VAL B 201 40.52 -24.13 1.74
CA VAL B 201 39.41 -24.78 2.50
C VAL B 201 39.74 -24.74 4.00
N ASP B 202 41.01 -24.99 4.35
CA ASP B 202 41.54 -25.02 5.74
C ASP B 202 41.58 -23.60 6.30
N VAL B 203 41.98 -22.63 5.47
CA VAL B 203 42.07 -21.18 5.83
C VAL B 203 40.68 -20.68 6.21
N ILE B 204 39.67 -20.98 5.38
CA ILE B 204 38.24 -20.57 5.58
C ILE B 204 37.70 -21.25 6.84
N THR B 205 37.99 -22.54 7.03
CA THR B 205 37.57 -23.38 8.18
C THR B 205 38.11 -22.77 9.48
N ALA B 206 39.40 -22.42 9.50
CA ALA B 206 40.13 -21.88 10.68
C ALA B 206 39.58 -20.50 11.07
N ILE B 207 39.40 -19.61 10.08
CA ILE B 207 38.88 -18.22 10.26
C ILE B 207 37.48 -18.29 10.88
N LYS B 208 36.62 -19.19 10.37
CA LYS B 208 35.22 -19.37 10.84
C LYS B 208 35.20 -19.84 12.30
N ALA B 209 36.18 -20.64 12.71
CA ALA B 209 36.30 -21.22 14.07
C ALA B 209 36.89 -20.18 15.03
N GLN B 210 37.88 -19.40 14.59
CA GLN B 210 38.72 -18.53 15.46
C GLN B 210 38.33 -17.04 15.29
N ASN B 211 37.40 -16.73 14.38
CA ASN B 211 36.76 -15.39 14.27
C ASN B 211 35.24 -15.57 14.30
N ALA B 212 34.65 -15.63 15.50
CA ALA B 212 33.22 -15.92 15.72
C ALA B 212 32.74 -15.38 17.07
N GLN B 213 31.43 -15.12 17.16
CA GLN B 213 30.70 -14.74 18.40
C GLN B 213 29.98 -15.98 18.93
N VAL B 214 30.43 -16.52 20.06
CA VAL B 214 29.92 -17.78 20.67
C VAL B 214 29.05 -17.44 21.88
N ALA B 215 27.79 -17.90 21.88
CA ALA B 215 26.82 -17.75 22.99
C ALA B 215 27.17 -18.74 24.10
N ALA B 216 27.36 -18.26 25.33
CA ALA B 216 27.70 -19.07 26.52
C ALA B 216 26.45 -19.22 27.41
N GLY B 217 26.15 -18.22 28.24
CA GLY B 217 24.98 -18.24 29.13
C GLY B 217 25.13 -17.29 30.31
N GLN B 218 24.70 -17.74 31.50
CA GLN B 218 24.64 -16.92 32.74
C GLN B 218 25.14 -17.74 33.94
N LEU B 219 25.88 -17.08 34.84
CA LEU B 219 26.08 -17.53 36.26
C LEU B 219 24.78 -17.25 37.03
N GLY B 220 24.31 -18.22 37.81
CA GLY B 220 23.11 -18.08 38.66
C GLY B 220 21.89 -17.67 37.88
N GLY B 221 21.72 -18.20 36.66
CA GLY B 221 20.56 -17.95 35.79
C GLY B 221 19.32 -18.68 36.30
N THR B 222 18.12 -18.23 35.90
CA THR B 222 16.82 -18.82 36.29
C THR B 222 16.58 -20.09 35.47
N PRO B 223 16.02 -21.17 36.05
CA PRO B 223 15.70 -21.25 37.47
C PRO B 223 16.93 -21.52 38.33
N PRO B 224 17.19 -20.76 39.41
CA PRO B 224 18.40 -20.91 40.21
C PRO B 224 18.22 -21.81 41.44
N VAL B 225 19.32 -22.10 42.15
CA VAL B 225 19.32 -22.63 43.53
C VAL B 225 19.06 -21.45 44.47
N LYS B 226 17.97 -21.49 45.25
CA LYS B 226 17.59 -20.42 46.21
C LYS B 226 18.77 -20.17 47.17
N GLY B 227 19.13 -18.91 47.38
CA GLY B 227 20.30 -18.49 48.18
C GLY B 227 21.42 -17.95 47.30
N GLN B 228 21.31 -18.11 45.97
CA GLN B 228 22.24 -17.53 44.96
C GLN B 228 22.31 -16.01 45.18
N GLN B 229 23.53 -15.46 45.23
CA GLN B 229 23.79 -14.02 45.54
C GLN B 229 24.06 -13.24 44.25
N LEU B 230 24.66 -13.88 43.24
CA LEU B 230 25.14 -13.21 41.99
C LEU B 230 24.45 -13.81 40.76
N ASN B 231 24.10 -12.96 39.80
CA ASN B 231 23.61 -13.32 38.44
C ASN B 231 24.38 -12.48 37.40
N ALA B 232 25.32 -13.11 36.69
CA ALA B 232 26.20 -12.46 35.69
C ALA B 232 26.13 -13.20 34.35
N SER B 233 26.19 -12.47 33.24
CA SER B 233 26.31 -13.01 31.86
C SER B 233 27.71 -13.58 31.66
N ILE B 234 27.82 -14.75 31.01
CA ILE B 234 29.11 -15.38 30.63
C ILE B 234 29.47 -14.95 29.20
N ILE B 235 30.59 -14.26 29.05
CA ILE B 235 31.18 -13.88 27.73
C ILE B 235 32.23 -14.93 27.35
N ALA B 236 32.07 -15.58 26.20
CA ALA B 236 33.02 -16.57 25.63
C ALA B 236 33.77 -15.91 24.46
N GLN B 237 34.00 -16.65 23.37
CA GLN B 237 34.72 -16.17 22.17
C GLN B 237 33.93 -15.04 21.50
N THR B 238 34.56 -13.87 21.30
CA THR B 238 34.05 -12.72 20.51
C THR B 238 34.91 -12.55 19.27
N ARG B 239 34.43 -11.80 18.28
CA ARG B 239 35.09 -11.60 16.95
C ARG B 239 36.47 -10.96 17.12
N LEU B 240 37.40 -11.29 16.22
CA LEU B 240 38.76 -10.68 16.15
C LEU B 240 38.61 -9.22 15.66
N THR B 241 39.57 -8.35 16.00
CA THR B 241 39.44 -6.88 15.83
C THR B 241 40.64 -6.28 15.08
N SER B 242 41.67 -7.06 14.73
CA SER B 242 42.96 -6.55 14.17
C SER B 242 43.62 -7.57 13.24
N THR B 243 44.47 -7.08 12.34
CA THR B 243 45.30 -7.88 11.40
C THR B 243 46.24 -8.80 12.18
N GLU B 244 46.73 -8.33 13.34
CA GLU B 244 47.65 -9.08 14.25
C GLU B 244 46.97 -10.39 14.69
N GLU B 245 45.70 -10.29 15.11
CA GLU B 245 44.88 -11.44 15.61
C GLU B 245 44.63 -12.44 14.48
N PHE B 246 44.33 -11.96 13.26
CA PHE B 246 44.07 -12.78 12.06
C PHE B 246 45.35 -13.52 11.66
N GLY B 247 46.50 -12.86 11.79
CA GLY B 247 47.84 -13.44 11.49
C GLY B 247 48.21 -14.55 12.47
N LYS B 248 47.63 -14.54 13.68
CA LYS B 248 47.90 -15.52 14.76
C LYS B 248 46.84 -16.63 14.75
N ILE B 249 45.92 -16.64 13.78
CA ILE B 249 44.92 -17.73 13.58
C ILE B 249 45.70 -19.02 13.30
N LEU B 250 45.60 -20.01 14.21
CA LEU B 250 46.31 -21.31 14.12
C LEU B 250 45.67 -22.17 13.03
N LEU B 251 46.47 -22.62 12.05
CA LEU B 251 46.03 -23.50 10.93
C LEU B 251 46.39 -24.95 11.25
N LYS B 252 47.63 -25.21 11.67
CA LYS B 252 48.22 -26.57 11.78
C LYS B 252 49.31 -26.59 12.87
N VAL B 253 49.41 -27.71 13.59
CA VAL B 253 50.52 -28.03 14.55
C VAL B 253 51.32 -29.19 13.93
N ASN B 254 52.57 -28.94 13.55
CA ASN B 254 53.47 -29.92 12.88
C ASN B 254 53.84 -31.03 13.87
N GLN B 255 54.47 -32.10 13.37
CA GLN B 255 54.87 -33.31 14.15
C GLN B 255 55.89 -32.92 15.22
N ASP B 256 56.85 -32.06 14.87
CA ASP B 256 57.95 -31.61 15.78
C ASP B 256 57.38 -30.70 16.87
N GLY B 257 56.28 -30.00 16.61
CA GLY B 257 55.58 -29.12 17.57
C GLY B 257 55.49 -27.68 17.10
N SER B 258 56.19 -27.34 16.00
CA SER B 258 56.16 -25.98 15.38
C SER B 258 54.75 -25.69 14.86
N ARG B 259 54.32 -24.42 14.96
CA ARG B 259 52.94 -23.96 14.65
C ARG B 259 52.92 -23.25 13.29
N VAL B 260 51.98 -23.61 12.42
CA VAL B 260 51.67 -22.90 11.14
C VAL B 260 50.52 -21.92 11.41
N LEU B 261 50.82 -20.62 11.44
CA LEU B 261 49.82 -19.52 11.60
C LEU B 261 49.38 -19.06 10.21
N LEU B 262 48.33 -18.22 10.14
CA LEU B 262 47.74 -17.73 8.86
C LEU B 262 48.71 -16.75 8.20
N ARG B 263 49.55 -16.06 8.97
CA ARG B 263 50.54 -15.07 8.46
C ARG B 263 51.71 -15.79 7.79
N ASP B 264 51.86 -17.11 8.02
CA ASP B 264 52.94 -17.95 7.43
C ASP B 264 52.58 -18.32 5.98
N VAL B 265 51.29 -18.34 5.63
CA VAL B 265 50.79 -18.81 4.30
C VAL B 265 50.11 -17.67 3.53
N ALA B 266 49.92 -16.50 4.13
CA ALA B 266 49.15 -15.38 3.54
C ALA B 266 49.65 -14.02 4.03
N LYS B 267 49.46 -12.98 3.21
CA LYS B 267 49.66 -11.55 3.57
C LYS B 267 48.32 -10.98 4.04
N ILE B 268 48.32 -10.27 5.17
CA ILE B 268 47.09 -9.82 5.90
C ILE B 268 47.15 -8.31 6.08
N GLU B 269 46.10 -7.60 5.62
CA GLU B 269 45.99 -6.12 5.65
C GLU B 269 44.53 -5.69 5.58
N LEU B 270 44.23 -4.48 6.05
CA LEU B 270 42.94 -3.78 5.82
C LEU B 270 42.95 -3.21 4.40
N GLY B 271 42.02 -3.64 3.55
CA GLY B 271 41.91 -3.23 2.13
C GLY B 271 40.47 -3.05 1.71
N GLY B 272 40.24 -2.83 0.42
CA GLY B 272 38.89 -2.64 -0.17
C GLY B 272 38.14 -3.96 -0.28
N GLU B 273 36.81 -3.92 -0.19
CA GLU B 273 35.92 -5.10 -0.36
C GLU B 273 36.09 -5.65 -1.78
N ASN B 274 36.32 -4.77 -2.76
CA ASN B 274 36.64 -5.13 -4.16
C ASN B 274 37.59 -4.07 -4.74
N TYR B 275 38.27 -4.39 -5.86
CA TYR B 275 39.35 -3.59 -6.47
C TYR B 275 39.05 -3.30 -7.95
N ASP B 276 37.79 -3.40 -8.37
CA ASP B 276 37.35 -3.18 -9.77
C ASP B 276 37.54 -1.72 -10.16
N ILE B 277 37.17 -0.79 -9.27
CA ILE B 277 37.16 0.68 -9.53
C ILE B 277 38.46 1.31 -8.99
N ILE B 278 39.11 2.16 -9.80
CA ILE B 278 40.22 3.07 -9.39
C ILE B 278 39.75 4.51 -9.63
N ALA B 279 39.47 5.25 -8.56
CA ALA B 279 39.02 6.66 -8.59
C ALA B 279 40.21 7.59 -8.33
N GLU B 280 40.38 8.60 -9.19
CA GLU B 280 41.46 9.63 -9.09
C GLU B 280 40.84 11.01 -9.31
N PHE B 281 41.26 11.99 -8.50
CA PHE B 281 40.87 13.43 -8.59
C PHE B 281 42.13 14.26 -8.85
N ASN B 282 42.35 14.64 -10.12
CA ASN B 282 43.57 15.34 -10.61
C ASN B 282 44.81 14.47 -10.32
N GLY B 283 44.68 13.15 -10.52
CA GLY B 283 45.77 12.17 -10.38
C GLY B 283 45.90 11.60 -8.98
N GLN B 284 45.32 12.27 -7.98
CA GLN B 284 45.43 11.90 -6.53
C GLN B 284 44.34 10.89 -6.18
N PRO B 285 44.56 9.99 -5.21
CA PRO B 285 43.54 9.03 -4.78
C PRO B 285 42.31 9.74 -4.21
N ALA B 286 41.10 9.24 -4.50
CA ALA B 286 39.82 9.88 -4.15
C ALA B 286 38.74 8.84 -3.85
N SER B 287 37.92 9.10 -2.83
CA SER B 287 36.58 8.51 -2.58
C SER B 287 35.53 9.61 -2.81
N GLY B 288 34.32 9.46 -2.26
CA GLY B 288 33.30 10.51 -2.29
C GLY B 288 31.92 10.05 -1.84
N LEU B 289 30.99 10.99 -1.72
CA LEU B 289 29.56 10.75 -1.35
C LEU B 289 28.66 11.31 -2.46
N GLY B 290 27.82 10.45 -3.05
CA GLY B 290 26.72 10.85 -3.96
C GLY B 290 25.45 11.13 -3.18
N ILE B 291 25.12 12.41 -2.97
CA ILE B 291 24.01 12.86 -2.08
C ILE B 291 22.77 13.20 -2.93
N LYS B 292 21.63 12.60 -2.58
CA LYS B 292 20.29 12.89 -3.18
C LYS B 292 19.46 13.71 -2.19
N LEU B 293 18.61 14.61 -2.71
CA LEU B 293 17.71 15.47 -1.91
C LEU B 293 16.49 14.64 -1.47
N ALA B 294 16.06 14.81 -0.21
CA ALA B 294 14.88 14.13 0.38
C ALA B 294 13.60 14.72 -0.21
N THR B 295 12.49 13.96 -0.13
CA THR B 295 11.16 14.35 -0.67
C THR B 295 10.63 15.57 0.08
N GLY B 296 10.25 16.62 -0.66
CA GLY B 296 9.64 17.86 -0.13
C GLY B 296 10.64 18.73 0.61
N ALA B 297 11.94 18.54 0.37
CA ALA B 297 13.05 19.28 1.02
C ALA B 297 13.49 20.45 0.13
N ASN B 298 14.21 21.41 0.72
CA ASN B 298 14.74 22.62 0.04
C ASN B 298 16.20 22.35 -0.34
N ALA B 299 16.51 22.33 -1.64
CA ALA B 299 17.85 22.05 -2.22
C ALA B 299 18.88 23.04 -1.66
N LEU B 300 18.53 24.32 -1.59
CA LEU B 300 19.43 25.43 -1.17
C LEU B 300 19.75 25.30 0.33
N ASP B 301 18.75 24.97 1.14
CA ASP B 301 18.90 24.77 2.62
C ASP B 301 19.72 23.50 2.89
N THR B 302 19.48 22.43 2.13
CA THR B 302 20.15 21.11 2.28
C THR B 302 21.65 21.25 1.96
N ALA B 303 21.98 21.88 0.83
CA ALA B 303 23.36 22.11 0.36
C ALA B 303 24.15 22.95 1.37
N ALA B 304 23.48 23.95 1.96
CA ALA B 304 24.03 24.82 3.04
C ALA B 304 24.29 24.00 4.30
N ALA B 305 23.35 23.12 4.65
CA ALA B 305 23.40 22.23 5.84
C ALA B 305 24.52 21.19 5.67
N ILE B 306 24.64 20.63 4.46
CA ILE B 306 25.71 19.62 4.11
C ILE B 306 27.09 20.26 4.32
N ARG B 307 27.28 21.48 3.81
CA ARG B 307 28.56 22.23 3.89
C ARG B 307 28.85 22.63 5.36
N ALA B 308 27.81 22.91 6.14
CA ALA B 308 27.89 23.28 7.57
C ALA B 308 28.37 22.08 8.39
N GLU B 309 27.92 20.87 8.04
CA GLU B 309 28.32 19.60 8.72
C GLU B 309 29.76 19.25 8.35
N LEU B 310 30.11 19.32 7.06
CA LEU B 310 31.48 19.05 6.54
C LEU B 310 32.48 20.04 7.17
N ALA B 311 32.04 21.28 7.43
CA ALA B 311 32.87 22.36 8.02
C ALA B 311 33.30 21.99 9.45
N LYS B 312 32.42 21.36 10.23
CA LYS B 312 32.67 20.99 11.65
C LYS B 312 33.22 19.55 11.72
N MET B 313 33.41 18.89 10.58
CA MET B 313 34.19 17.63 10.44
C MET B 313 35.66 17.96 10.12
N GLU B 314 35.92 19.14 9.56
CA GLU B 314 37.26 19.60 9.09
C GLU B 314 38.32 19.34 10.15
N PRO B 315 38.14 19.79 11.42
CA PRO B 315 39.19 19.71 12.43
C PRO B 315 39.64 18.28 12.81
N PHE B 316 38.84 17.25 12.51
CA PHE B 316 39.08 15.84 12.89
C PHE B 316 39.59 15.02 11.71
N PHE B 317 39.79 15.66 10.54
CA PHE B 317 40.35 15.02 9.32
C PHE B 317 41.80 14.65 9.55
N PRO B 318 42.29 13.50 9.03
CA PRO B 318 43.73 13.22 8.98
C PRO B 318 44.48 14.20 8.07
N SER B 319 45.80 14.30 8.23
CA SER B 319 46.69 15.21 7.46
C SER B 319 46.66 14.84 5.98
N GLY B 320 46.35 15.81 5.11
CA GLY B 320 46.32 15.64 3.64
C GLY B 320 44.90 15.55 3.10
N LEU B 321 43.94 15.11 3.91
CA LEU B 321 42.54 14.89 3.49
C LEU B 321 41.88 16.25 3.22
N LYS B 322 41.17 16.37 2.09
CA LYS B 322 40.57 17.64 1.59
C LYS B 322 39.21 17.33 0.96
N ILE B 323 38.23 18.21 1.18
CA ILE B 323 36.85 18.13 0.60
C ILE B 323 36.82 18.98 -0.67
N VAL B 324 36.29 18.42 -1.75
CA VAL B 324 36.09 19.11 -3.07
C VAL B 324 34.66 18.85 -3.55
N TYR B 325 34.11 19.77 -4.34
CA TYR B 325 32.70 19.76 -4.81
C TYR B 325 32.69 19.71 -6.34
N PRO B 326 33.07 18.57 -6.96
CA PRO B 326 33.11 18.45 -8.42
C PRO B 326 31.74 18.64 -9.10
N TYR B 327 30.65 18.33 -8.38
CA TYR B 327 29.24 18.45 -8.86
C TYR B 327 28.37 19.03 -7.76
N ASP B 328 27.71 20.16 -8.05
CA ASP B 328 26.73 20.84 -7.15
C ASP B 328 25.76 21.63 -8.03
N THR B 329 24.45 21.38 -7.89
CA THR B 329 23.36 21.94 -8.74
C THR B 329 22.81 23.23 -8.12
N THR B 330 23.07 23.49 -6.83
CA THR B 330 22.46 24.61 -6.06
C THR B 330 22.98 25.96 -6.55
N PRO B 331 24.26 26.11 -6.96
CA PRO B 331 24.74 27.37 -7.54
C PRO B 331 23.99 27.73 -8.84
N PHE B 332 23.62 26.70 -9.62
CA PHE B 332 22.84 26.81 -10.87
C PHE B 332 21.39 27.19 -10.54
N VAL B 333 20.82 26.57 -9.50
CA VAL B 333 19.41 26.78 -9.04
C VAL B 333 19.31 28.17 -8.38
N LYS B 334 20.36 28.59 -7.66
CA LYS B 334 20.48 29.94 -7.05
C LYS B 334 20.32 31.01 -8.15
N ILE B 335 21.05 30.86 -9.25
CA ILE B 335 21.05 31.79 -10.42
C ILE B 335 19.66 31.76 -11.08
N SER B 336 19.07 30.56 -11.23
CA SER B 336 17.74 30.34 -11.86
C SER B 336 16.66 31.17 -11.14
N ILE B 337 16.68 31.18 -9.80
CA ILE B 337 15.72 31.93 -8.94
C ILE B 337 15.96 33.43 -9.14
N HIS B 338 17.21 33.88 -8.97
CA HIS B 338 17.63 35.30 -9.08
C HIS B 338 17.20 35.87 -10.43
N GLU B 339 17.47 35.15 -11.53
CA GLU B 339 17.18 35.58 -12.92
C GLU B 339 15.66 35.66 -13.15
N VAL B 340 14.89 34.78 -12.51
CA VAL B 340 13.39 34.72 -12.64
C VAL B 340 12.78 35.86 -11.80
N VAL B 341 13.25 36.04 -10.56
CA VAL B 341 12.84 37.16 -9.67
C VAL B 341 13.18 38.49 -10.35
N LYS B 342 14.36 38.57 -10.97
CA LYS B 342 14.84 39.76 -11.75
C LYS B 342 13.84 40.06 -12.88
N THR B 343 13.53 39.06 -13.70
CA THR B 343 12.61 39.16 -14.87
C THR B 343 11.25 39.72 -14.42
N LEU B 344 10.71 39.20 -13.30
CA LEU B 344 9.39 39.59 -12.74
C LEU B 344 9.44 41.04 -12.23
N VAL B 345 10.54 41.44 -11.59
CA VAL B 345 10.74 42.82 -11.04
C VAL B 345 10.87 43.80 -12.21
N GLU B 346 11.73 43.49 -13.18
CA GLU B 346 11.96 44.31 -14.41
C GLU B 346 10.64 44.50 -15.17
N ALA B 347 9.86 43.41 -15.30
CA ALA B 347 8.54 43.39 -15.98
C ALA B 347 7.59 44.39 -15.32
N ILE B 348 7.58 44.44 -13.98
CA ILE B 348 6.72 45.37 -13.18
C ILE B 348 7.21 46.82 -13.40
N ILE B 349 8.54 47.02 -13.47
CA ILE B 349 9.17 48.35 -13.72
C ILE B 349 8.85 48.81 -15.15
N LEU B 350 8.95 47.90 -16.12
CA LEU B 350 8.68 48.18 -17.56
C LEU B 350 7.21 48.60 -17.75
N VAL B 351 6.29 47.89 -17.07
CA VAL B 351 4.83 48.20 -17.09
C VAL B 351 4.61 49.61 -16.53
N PHE B 352 5.25 49.92 -15.40
CA PHE B 352 5.20 51.25 -14.71
C PHE B 352 5.58 52.36 -15.69
N LEU B 353 6.68 52.16 -16.44
CA LEU B 353 7.22 53.15 -17.42
C LEU B 353 6.26 53.31 -18.59
N VAL B 354 5.74 52.20 -19.15
CA VAL B 354 4.77 52.19 -20.28
C VAL B 354 3.47 52.84 -19.82
N MET B 355 2.96 52.47 -18.64
CA MET B 355 1.72 53.02 -18.05
C MET B 355 1.83 54.55 -17.92
N TYR B 356 3.00 55.05 -17.53
CA TYR B 356 3.27 56.50 -17.32
C TYR B 356 3.49 57.20 -18.68
N LEU B 357 4.13 56.52 -19.63
CA LEU B 357 4.41 57.05 -20.99
C LEU B 357 3.09 57.44 -21.68
N PHE B 358 2.04 56.64 -21.49
CA PHE B 358 0.72 56.77 -22.19
C PHE B 358 -0.27 57.56 -21.31
N LEU B 359 -0.52 57.10 -20.08
CA LEU B 359 -1.59 57.64 -19.19
C LEU B 359 -1.08 58.91 -18.49
N GLN B 360 0.20 58.95 -18.12
CA GLN B 360 0.92 60.17 -17.63
C GLN B 360 0.30 60.66 -16.31
N ASN B 361 0.03 59.73 -15.39
CA ASN B 361 -0.32 60.03 -13.97
C ASN B 361 0.16 58.85 -13.11
N PHE B 362 0.81 59.14 -11.98
CA PHE B 362 1.48 58.15 -11.10
C PHE B 362 0.45 57.25 -10.42
N ARG B 363 -0.78 57.74 -10.21
CA ARG B 363 -1.91 56.98 -9.59
C ARG B 363 -2.24 55.74 -10.44
N ALA B 364 -2.29 55.90 -11.76
CA ALA B 364 -2.58 54.83 -12.74
C ALA B 364 -1.51 53.74 -12.67
N THR B 365 -0.24 54.14 -12.48
CA THR B 365 0.95 53.23 -12.53
C THR B 365 1.01 52.35 -11.28
N LEU B 366 0.32 52.72 -10.20
CA LEU B 366 0.32 51.99 -8.90
C LEU B 366 -0.56 50.73 -8.99
N ILE B 367 -1.66 50.78 -9.74
CA ILE B 367 -2.73 49.73 -9.75
C ILE B 367 -2.15 48.42 -10.28
N PRO B 368 -1.41 48.40 -11.41
CA PRO B 368 -0.71 47.20 -11.86
C PRO B 368 0.42 46.76 -10.91
N THR B 369 1.12 47.73 -10.30
CA THR B 369 2.26 47.51 -9.36
C THR B 369 1.77 46.78 -8.10
N ILE B 370 0.48 46.92 -7.75
CA ILE B 370 -0.19 46.22 -6.61
C ILE B 370 -0.75 44.88 -7.10
N ALA B 371 -1.48 44.89 -8.22
CA ALA B 371 -2.29 43.77 -8.74
C ALA B 371 -1.40 42.58 -9.11
N VAL B 372 -0.29 42.82 -9.84
CA VAL B 372 0.58 41.76 -10.42
C VAL B 372 1.25 40.96 -9.30
N PRO B 373 1.93 41.60 -8.32
CA PRO B 373 2.45 40.89 -7.15
C PRO B 373 1.41 40.06 -6.38
N VAL B 374 0.19 40.58 -6.22
CA VAL B 374 -0.95 39.89 -5.52
C VAL B 374 -1.26 38.58 -6.25
N VAL B 375 -1.25 38.61 -7.60
CA VAL B 375 -1.52 37.43 -8.47
C VAL B 375 -0.36 36.44 -8.34
N LEU B 376 0.88 36.91 -8.46
CA LEU B 376 2.12 36.09 -8.36
C LEU B 376 2.16 35.37 -7.01
N LEU B 377 1.95 36.10 -5.91
CA LEU B 377 1.93 35.55 -4.53
C LEU B 377 0.82 34.50 -4.42
N GLY B 378 -0.40 34.84 -4.85
CA GLY B 378 -1.56 33.93 -4.88
C GLY B 378 -1.24 32.63 -5.60
N THR B 379 -0.49 32.72 -6.70
CA THR B 379 -0.07 31.57 -7.55
C THR B 379 0.74 30.57 -6.71
N PHE B 380 1.67 31.07 -5.88
CA PHE B 380 2.55 30.26 -5.00
C PHE B 380 1.72 29.46 -4.00
N ALA B 381 0.69 30.10 -3.41
CA ALA B 381 -0.25 29.49 -2.44
C ALA B 381 -1.00 28.32 -3.12
N VAL B 382 -1.30 28.44 -4.41
CA VAL B 382 -2.04 27.44 -5.23
C VAL B 382 -1.10 26.28 -5.60
N LEU B 383 0.17 26.58 -5.92
CA LEU B 383 1.22 25.55 -6.20
C LEU B 383 1.38 24.67 -4.95
N ALA B 384 1.49 25.29 -3.78
CA ALA B 384 1.63 24.64 -2.45
C ALA B 384 0.41 23.74 -2.18
N ALA B 385 -0.78 24.22 -2.51
CA ALA B 385 -2.08 23.49 -2.35
C ALA B 385 -2.08 22.25 -3.24
N PHE B 386 -1.47 22.33 -4.43
CA PHE B 386 -1.36 21.23 -5.42
C PHE B 386 -0.19 20.29 -5.06
N GLY B 387 0.70 20.72 -4.16
CA GLY B 387 1.87 19.95 -3.69
C GLY B 387 3.04 20.06 -4.66
N PHE B 388 3.17 21.21 -5.33
CA PHE B 388 4.26 21.51 -6.30
C PHE B 388 5.46 22.11 -5.55
N SER B 389 6.61 22.16 -6.23
CA SER B 389 7.88 22.74 -5.72
C SER B 389 8.30 23.92 -6.59
N ILE B 390 9.14 24.81 -6.04
CA ILE B 390 9.82 25.90 -6.79
C ILE B 390 10.97 25.26 -7.58
N ASN B 391 10.73 24.92 -8.85
CA ASN B 391 11.69 24.22 -9.74
C ASN B 391 11.79 24.98 -11.07
N THR B 392 12.75 24.60 -11.92
CA THR B 392 13.08 25.24 -13.21
C THR B 392 11.81 25.39 -14.06
N LEU B 393 10.97 24.36 -14.11
CA LEU B 393 9.78 24.27 -15.01
C LEU B 393 8.69 25.22 -14.49
N THR B 394 8.39 25.19 -13.19
CA THR B 394 7.34 26.01 -12.53
C THR B 394 7.77 27.48 -12.51
N MET B 395 9.09 27.75 -12.41
CA MET B 395 9.64 29.13 -12.39
CA MET B 395 9.65 29.13 -12.39
C MET B 395 9.47 29.79 -13.76
N PHE B 396 9.86 29.08 -14.83
CA PHE B 396 9.76 29.55 -16.23
C PHE B 396 8.29 29.52 -16.69
N GLY B 397 7.47 28.69 -16.06
CA GLY B 397 6.00 28.65 -16.26
C GLY B 397 5.34 29.97 -15.89
N MET B 398 5.88 30.65 -14.87
CA MET B 398 5.38 31.97 -14.38
C MET B 398 5.97 33.11 -15.23
N VAL B 399 7.19 32.92 -15.76
CA VAL B 399 7.85 33.89 -16.68
C VAL B 399 7.03 33.96 -17.98
N LEU B 400 6.57 32.81 -18.47
CA LEU B 400 5.79 32.68 -19.73
C LEU B 400 4.38 33.28 -19.57
N ALA B 401 3.90 33.40 -18.32
CA ALA B 401 2.54 33.90 -17.99
C ALA B 401 2.56 35.42 -17.73
N ILE B 402 3.76 36.04 -17.62
CA ILE B 402 3.94 37.50 -17.35
C ILE B 402 3.05 38.30 -18.30
N GLY B 403 3.13 38.01 -19.62
CA GLY B 403 2.35 38.68 -20.67
C GLY B 403 0.86 38.71 -20.36
N LEU B 404 0.33 37.60 -19.85
CA LEU B 404 -1.12 37.42 -19.53
C LEU B 404 -1.46 38.18 -18.24
N LEU B 405 -0.60 38.11 -17.22
CA LEU B 405 -0.77 38.81 -15.91
C LEU B 405 -0.81 40.32 -16.15
N VAL B 406 0.20 40.84 -16.84
CA VAL B 406 0.41 42.30 -17.14
C VAL B 406 -0.80 42.84 -17.91
N ASP B 407 -1.32 42.07 -18.87
CA ASP B 407 -2.43 42.48 -19.78
C ASP B 407 -3.69 42.74 -18.96
N ASP B 408 -4.04 41.83 -18.03
CA ASP B 408 -5.23 41.94 -17.14
C ASP B 408 -5.19 43.27 -16.38
N ALA B 409 -4.02 43.65 -15.87
CA ALA B 409 -3.80 44.91 -15.11
C ALA B 409 -4.00 46.12 -16.02
N ILE B 410 -3.33 46.13 -17.18
CA ILE B 410 -3.36 47.25 -18.18
C ILE B 410 -4.78 47.40 -18.73
N VAL B 411 -5.39 46.30 -19.20
CA VAL B 411 -6.73 46.29 -19.89
C VAL B 411 -7.78 46.97 -19.01
N VAL B 412 -7.83 46.63 -17.71
CA VAL B 412 -8.85 47.16 -16.76
C VAL B 412 -8.62 48.66 -16.56
N VAL B 413 -7.38 49.07 -16.27
CA VAL B 413 -7.02 50.48 -15.91
C VAL B 413 -7.15 51.37 -17.16
N GLU B 414 -6.52 50.96 -18.27
CA GLU B 414 -6.52 51.69 -19.57
C GLU B 414 -7.96 52.02 -19.98
N ASN B 415 -8.86 51.04 -19.85
CA ASN B 415 -10.28 51.14 -20.31
C ASN B 415 -11.03 52.19 -19.47
N VAL B 416 -10.71 52.31 -18.18
CA VAL B 416 -11.29 53.34 -17.27
C VAL B 416 -10.80 54.73 -17.73
N GLU B 417 -9.49 54.85 -18.01
CA GLU B 417 -8.82 56.12 -18.41
C GLU B 417 -9.44 56.65 -19.70
N ARG B 418 -9.71 55.76 -20.67
CA ARG B 418 -10.36 56.10 -21.96
C ARG B 418 -11.79 56.61 -21.70
N VAL B 419 -12.61 55.80 -21.01
CA VAL B 419 -14.04 56.08 -20.72
C VAL B 419 -14.17 57.46 -20.06
N MET B 420 -13.26 57.79 -19.12
CA MET B 420 -13.22 59.11 -18.43
C MET B 420 -12.87 60.22 -19.44
N ALA B 421 -11.89 59.96 -20.31
CA ALA B 421 -11.39 60.93 -21.32
C ALA B 421 -12.44 61.17 -22.41
N GLU B 422 -13.19 60.12 -22.80
CA GLU B 422 -14.15 60.14 -23.93
C GLU B 422 -15.51 60.70 -23.48
N GLU B 423 -15.86 60.55 -22.20
CA GLU B 423 -17.22 60.85 -21.69
C GLU B 423 -17.19 61.88 -20.53
N GLY B 424 -16.05 62.02 -19.83
CA GLY B 424 -15.92 62.94 -18.69
C GLY B 424 -16.62 62.43 -17.45
N LEU B 425 -16.80 61.11 -17.34
CA LEU B 425 -17.43 60.44 -16.16
C LEU B 425 -16.45 60.47 -14.99
N PRO B 426 -16.93 60.62 -13.73
CA PRO B 426 -16.06 60.50 -12.57
C PRO B 426 -15.49 59.08 -12.42
N PRO B 427 -14.28 58.91 -11.83
CA PRO B 427 -13.64 57.61 -11.69
C PRO B 427 -14.57 56.42 -11.36
N LYS B 428 -15.43 56.56 -10.36
CA LYS B 428 -16.28 55.45 -9.84
C LYS B 428 -17.32 55.06 -10.90
N GLU B 429 -18.06 56.04 -11.45
CA GLU B 429 -19.09 55.82 -12.50
C GLU B 429 -18.41 55.33 -13.78
N ALA B 430 -17.21 55.84 -14.08
CA ALA B 430 -16.39 55.46 -15.25
C ALA B 430 -15.93 54.00 -15.11
N THR B 431 -15.53 53.60 -13.89
CA THR B 431 -15.08 52.23 -13.55
C THR B 431 -16.26 51.25 -13.72
N ARG B 432 -17.42 51.59 -13.18
CA ARG B 432 -18.67 50.79 -13.28
C ARG B 432 -18.97 50.48 -14.76
N LYS B 433 -18.88 51.51 -15.62
CA LYS B 433 -19.16 51.42 -17.07
C LYS B 433 -18.04 50.62 -17.76
N SER B 434 -16.78 50.96 -17.46
CA SER B 434 -15.55 50.33 -18.03
C SER B 434 -15.59 48.81 -17.80
N MET B 435 -15.87 48.38 -16.56
CA MET B 435 -15.98 46.94 -16.18
C MET B 435 -17.17 46.31 -16.91
N GLY B 436 -18.28 47.03 -17.02
CA GLY B 436 -19.50 46.61 -17.74
C GLY B 436 -19.20 46.20 -19.18
N GLN B 437 -18.18 46.83 -19.79
CA GLN B 437 -17.78 46.58 -21.21
C GLN B 437 -16.93 45.30 -21.32
N ILE B 438 -16.13 44.97 -20.29
CA ILE B 438 -15.04 43.95 -20.38
C ILE B 438 -15.31 42.74 -19.46
N GLN B 439 -16.12 42.87 -18.40
CA GLN B 439 -16.26 41.85 -17.33
C GLN B 439 -16.71 40.51 -17.93
N GLY B 440 -17.66 40.53 -18.86
CA GLY B 440 -18.18 39.33 -19.55
C GLY B 440 -17.11 38.66 -20.40
N ALA B 441 -16.26 39.47 -21.05
CA ALA B 441 -15.13 39.02 -21.92
C ALA B 441 -14.03 38.38 -21.06
N LEU B 442 -13.63 39.04 -19.96
CA LEU B 442 -12.57 38.58 -19.03
C LEU B 442 -12.89 37.17 -18.53
N VAL B 443 -14.16 36.90 -18.22
CA VAL B 443 -14.67 35.57 -17.77
C VAL B 443 -14.57 34.59 -18.95
N GLY B 444 -15.06 34.99 -20.13
CA GLY B 444 -14.96 34.23 -21.39
C GLY B 444 -13.52 33.87 -21.71
N ILE B 445 -12.60 34.83 -21.53
CA ILE B 445 -11.13 34.66 -21.73
C ILE B 445 -10.61 33.60 -20.76
N ALA B 446 -10.99 33.67 -19.49
CA ALA B 446 -10.58 32.73 -18.42
C ALA B 446 -10.91 31.30 -18.83
N MET B 447 -12.10 31.07 -19.40
CA MET B 447 -12.59 29.74 -19.85
C MET B 447 -11.83 29.30 -21.11
N VAL B 448 -11.57 30.22 -22.03
CA VAL B 448 -10.86 29.96 -23.32
C VAL B 448 -9.41 29.54 -23.01
N LEU B 449 -8.74 30.26 -22.10
CA LEU B 449 -7.34 29.98 -21.70
C LEU B 449 -7.28 28.66 -20.91
N SER B 450 -8.29 28.37 -20.08
CA SER B 450 -8.48 27.08 -19.37
C SER B 450 -8.57 25.95 -20.40
N ALA B 451 -9.37 26.15 -21.46
CA ALA B 451 -9.58 25.19 -22.58
C ALA B 451 -8.27 24.92 -23.32
N VAL B 452 -7.37 25.91 -23.35
CA VAL B 452 -6.05 25.84 -24.06
C VAL B 452 -5.04 25.05 -23.20
N PHE B 453 -4.89 25.42 -21.93
CA PHE B 453 -3.75 25.02 -21.05
C PHE B 453 -4.07 23.75 -20.25
N VAL B 454 -5.31 23.57 -19.79
CA VAL B 454 -5.69 22.45 -18.86
C VAL B 454 -5.48 21.10 -19.55
N PRO B 455 -5.92 20.90 -20.82
CA PRO B 455 -5.71 19.62 -21.51
C PRO B 455 -4.23 19.20 -21.65
N MET B 456 -3.30 20.17 -21.63
CA MET B 456 -1.83 19.97 -21.69
C MET B 456 -1.35 19.17 -20.47
N ALA B 457 -2.11 19.16 -19.37
CA ALA B 457 -1.79 18.46 -18.12
C ALA B 457 -2.07 16.95 -18.22
N PHE B 458 -2.84 16.52 -19.23
CA PHE B 458 -3.40 15.15 -19.35
C PHE B 458 -2.62 14.30 -20.36
N PHE B 459 -1.39 14.70 -20.69
CA PHE B 459 -0.41 13.85 -21.43
C PHE B 459 0.20 12.86 -20.42
N GLY B 460 0.42 11.61 -20.86
CA GLY B 460 1.00 10.54 -20.03
C GLY B 460 2.51 10.49 -20.14
N GLY B 461 3.16 9.73 -19.25
CA GLY B 461 4.61 9.49 -19.27
C GLY B 461 5.41 10.65 -18.72
N SER B 462 6.68 10.75 -19.11
CA SER B 462 7.67 11.74 -18.63
C SER B 462 7.32 13.14 -19.15
N THR B 463 7.16 13.28 -20.46
CA THR B 463 6.86 14.56 -21.16
C THR B 463 5.56 15.15 -20.63
N GLY B 464 4.56 14.30 -20.35
CA GLY B 464 3.26 14.69 -19.77
C GLY B 464 3.42 15.33 -18.39
N ALA B 465 4.29 14.77 -17.56
CA ALA B 465 4.62 15.27 -16.19
C ALA B 465 5.31 16.63 -16.28
N ILE B 466 6.14 16.83 -17.31
CA ILE B 466 6.85 18.12 -17.60
C ILE B 466 5.80 19.18 -18.01
N TYR B 467 4.91 18.82 -18.94
CA TYR B 467 3.83 19.71 -19.47
C TYR B 467 2.84 20.04 -18.34
N ARG B 468 2.64 19.11 -17.40
CA ARG B 468 1.73 19.28 -16.23
C ARG B 468 2.25 20.39 -15.31
N GLN B 469 3.57 20.57 -15.25
CA GLN B 469 4.23 21.62 -14.41
C GLN B 469 3.86 23.01 -14.94
N PHE B 470 3.99 23.22 -16.25
CA PHE B 470 3.67 24.50 -16.95
C PHE B 470 2.16 24.73 -16.94
N SER B 471 1.37 23.68 -17.20
CA SER B 471 -0.11 23.71 -17.30
C SER B 471 -0.73 24.31 -16.03
N ILE B 472 -0.50 23.66 -14.88
CA ILE B 472 -1.12 24.02 -13.57
C ILE B 472 -0.61 25.40 -13.12
N THR B 473 0.67 25.70 -13.37
CA THR B 473 1.32 27.00 -13.01
C THR B 473 0.62 28.15 -13.75
N ILE B 474 0.46 28.01 -15.08
CA ILE B 474 -0.10 29.07 -15.99
C ILE B 474 -1.60 29.21 -15.72
N VAL B 475 -2.34 28.10 -15.65
CA VAL B 475 -3.81 28.07 -15.41
C VAL B 475 -4.12 28.75 -14.06
N SER B 476 -3.31 28.46 -13.03
CA SER B 476 -3.47 29.02 -11.66
C SER B 476 -3.23 30.53 -11.67
N ALA B 477 -2.13 30.98 -12.26
CA ALA B 477 -1.74 32.41 -12.40
C ALA B 477 -2.79 33.15 -13.23
N MET B 478 -3.21 32.55 -14.34
CA MET B 478 -4.27 33.08 -15.26
C MET B 478 -5.58 33.24 -14.48
N ALA B 479 -6.00 32.19 -13.77
CA ALA B 479 -7.26 32.13 -12.99
C ALA B 479 -7.29 33.25 -11.93
N LEU B 480 -6.19 33.41 -11.18
CA LEU B 480 -6.05 34.44 -10.11
C LEU B 480 -5.97 35.84 -10.72
N SER B 481 -5.38 35.97 -11.92
CA SER B 481 -5.26 37.24 -12.67
C SER B 481 -6.66 37.81 -12.98
N VAL B 482 -7.60 36.93 -13.31
CA VAL B 482 -9.00 37.29 -13.72
C VAL B 482 -9.82 37.62 -12.46
N LEU B 483 -9.65 36.86 -11.38
CA LEU B 483 -10.33 37.11 -10.07
C LEU B 483 -9.91 38.49 -9.53
N VAL B 484 -8.60 38.77 -9.55
CA VAL B 484 -8.00 40.07 -9.12
C VAL B 484 -8.52 41.18 -10.03
N ALA B 485 -8.72 40.90 -11.32
CA ALA B 485 -9.21 41.85 -12.35
C ALA B 485 -10.70 42.15 -12.14
N LEU B 486 -11.44 41.23 -11.52
CA LEU B 486 -12.91 41.35 -11.29
C LEU B 486 -13.20 41.83 -9.86
N ILE B 487 -12.20 41.88 -8.98
CA ILE B 487 -12.38 42.16 -7.52
C ILE B 487 -11.53 43.37 -7.12
N LEU B 488 -10.20 43.26 -7.16
CA LEU B 488 -9.25 44.25 -6.60
C LEU B 488 -9.10 45.45 -7.55
N THR B 489 -8.69 45.20 -8.80
CA THR B 489 -8.30 46.24 -9.80
C THR B 489 -9.43 47.25 -10.00
N PRO B 490 -10.71 46.84 -10.13
CA PRO B 490 -11.82 47.79 -10.28
C PRO B 490 -11.96 48.70 -9.05
N ALA B 491 -11.83 48.12 -7.85
CA ALA B 491 -11.91 48.83 -6.55
C ALA B 491 -10.78 49.86 -6.45
N LEU B 492 -9.56 49.49 -6.87
CA LEU B 492 -8.38 50.39 -6.90
C LEU B 492 -8.63 51.54 -7.87
N CYS B 493 -9.06 51.22 -9.10
CA CYS B 493 -9.37 52.20 -10.18
C CYS B 493 -10.35 53.27 -9.66
N ALA B 494 -11.47 52.84 -9.07
CA ALA B 494 -12.59 53.70 -8.62
C ALA B 494 -12.13 54.65 -7.51
N THR B 495 -11.19 54.22 -6.66
CA THR B 495 -10.78 54.92 -5.41
C THR B 495 -9.49 55.74 -5.62
N MET B 496 -8.61 55.33 -6.53
CA MET B 496 -7.22 55.90 -6.66
C MET B 496 -7.11 56.83 -7.87
N LEU B 497 -7.72 56.49 -9.02
CA LEU B 497 -7.57 57.25 -10.29
C LEU B 497 -8.14 58.67 -10.13
N LYS B 498 -7.60 59.62 -10.90
CA LYS B 498 -8.00 61.05 -10.91
C LYS B 498 -8.90 61.31 -12.11
N PRO B 499 -10.00 62.08 -11.95
CA PRO B 499 -10.93 62.35 -13.05
C PRO B 499 -10.27 63.08 -14.23
N ILE B 500 -10.66 62.70 -15.46
CA ILE B 500 -10.22 63.33 -16.74
C ILE B 500 -11.41 64.07 -17.35
N ALA B 501 -11.24 65.36 -17.68
CA ALA B 501 -12.26 66.20 -18.36
C ALA B 501 -12.54 65.62 -19.75
N LYS B 502 -13.82 65.58 -20.15
CA LYS B 502 -14.25 65.01 -21.46
C LYS B 502 -13.53 65.75 -22.60
N GLY B 503 -12.87 64.99 -23.48
CA GLY B 503 -12.16 65.52 -24.66
C GLY B 503 -10.67 65.73 -24.42
N ASP B 504 -10.23 65.68 -23.16
CA ASP B 504 -8.81 65.87 -22.76
C ASP B 504 -8.03 64.59 -23.09
N HIS B 505 -7.30 64.60 -24.22
CA HIS B 505 -6.40 63.51 -24.67
C HIS B 505 -4.93 63.95 -24.49
N GLY B 506 -4.70 65.03 -23.74
CA GLY B 506 -3.36 65.53 -23.37
C GLY B 506 -2.63 66.16 -24.55
N GLU B 507 -3.36 66.64 -25.56
CA GLU B 507 -2.80 67.27 -26.78
C GLU B 507 -2.37 68.71 -26.48
N GLY B 508 -2.90 69.30 -25.40
CA GLY B 508 -2.66 70.71 -25.01
C GLY B 508 -1.54 70.86 -23.99
N LYS B 509 -0.81 69.78 -23.68
CA LYS B 509 0.36 69.78 -22.77
C LYS B 509 1.58 70.34 -23.51
N LYS B 510 2.64 70.69 -22.76
CA LYS B 510 3.95 71.16 -23.30
C LYS B 510 5.02 70.12 -22.97
N GLY B 511 6.11 70.10 -23.76
CA GLY B 511 7.26 69.21 -23.58
C GLY B 511 7.07 67.89 -24.31
N PHE B 512 7.58 66.80 -23.74
CA PHE B 512 7.64 65.43 -24.34
C PHE B 512 6.22 64.86 -24.48
N PHE B 513 5.38 65.01 -23.47
CA PHE B 513 4.04 64.37 -23.38
C PHE B 513 3.05 65.10 -24.30
N GLY B 514 3.15 66.42 -24.41
CA GLY B 514 2.41 67.22 -25.40
C GLY B 514 2.66 66.70 -26.80
N TRP B 515 3.93 66.50 -27.16
CA TRP B 515 4.39 65.95 -28.46
C TRP B 515 3.87 64.52 -28.64
N PHE B 516 4.06 63.67 -27.63
CA PHE B 516 3.73 62.22 -27.66
C PHE B 516 2.23 62.02 -27.87
N ASN B 517 1.40 62.74 -27.11
CA ASN B 517 -0.08 62.65 -27.16
C ASN B 517 -0.58 63.08 -28.55
N ARG B 518 0.01 64.14 -29.11
CA ARG B 518 -0.33 64.64 -30.47
CA ARG B 518 -0.32 64.65 -30.47
C ARG B 518 0.17 63.64 -31.53
N MET B 519 1.33 63.03 -31.29
CA MET B 519 1.95 62.02 -32.20
C MET B 519 1.06 60.77 -32.25
N PHE B 520 0.59 60.29 -31.09
CA PHE B 520 -0.15 59.01 -30.93
C PHE B 520 -1.59 59.15 -31.45
N GLU B 521 -2.26 60.25 -31.11
CA GLU B 521 -3.64 60.58 -31.58
C GLU B 521 -3.65 60.63 -33.11
N LYS B 522 -2.60 61.22 -33.71
CA LYS B 522 -2.40 61.32 -35.17
C LYS B 522 -2.15 59.93 -35.75
N SER B 523 -1.35 59.10 -35.05
CA SER B 523 -0.97 57.71 -35.45
C SER B 523 -2.20 56.80 -35.39
N THR B 524 -3.14 57.06 -34.48
CA THR B 524 -4.41 56.29 -34.31
C THR B 524 -5.32 56.55 -35.51
N HIS B 525 -5.32 57.78 -36.05
CA HIS B 525 -6.09 58.18 -37.26
C HIS B 525 -5.48 57.50 -38.50
N HIS B 526 -4.15 57.48 -38.61
CA HIS B 526 -3.39 56.78 -39.67
C HIS B 526 -3.74 55.29 -39.67
N TYR B 527 -3.89 54.70 -38.48
CA TYR B 527 -4.18 53.26 -38.26
C TYR B 527 -5.60 52.93 -38.75
N THR B 528 -6.59 53.72 -38.31
CA THR B 528 -8.03 53.53 -38.63
C THR B 528 -8.27 53.81 -40.12
N ASP B 529 -7.56 54.79 -40.69
CA ASP B 529 -7.57 55.09 -42.15
C ASP B 529 -7.04 53.87 -42.92
N SER B 530 -5.97 53.25 -42.41
CA SER B 530 -5.29 52.07 -43.01
C SER B 530 -6.21 50.85 -42.97
N VAL B 531 -6.90 50.62 -41.84
CA VAL B 531 -7.87 49.50 -41.65
C VAL B 531 -9.05 49.71 -42.61
N GLY B 532 -9.52 50.95 -42.73
CA GLY B 532 -10.57 51.35 -43.71
C GLY B 532 -10.21 50.92 -45.12
N GLY B 533 -8.95 51.13 -45.52
CA GLY B 533 -8.40 50.72 -46.83
C GLY B 533 -8.31 49.21 -46.96
N ILE B 534 -7.87 48.53 -45.90
CA ILE B 534 -7.75 47.03 -45.83
C ILE B 534 -9.15 46.41 -46.00
N LEU B 535 -10.16 46.98 -45.35
CA LEU B 535 -11.54 46.43 -45.29
C LEU B 535 -12.32 46.74 -46.58
N ARG B 536 -11.75 47.55 -47.49
CA ARG B 536 -12.29 47.79 -48.85
C ARG B 536 -11.82 46.69 -49.80
N SER B 537 -10.67 46.06 -49.50
CA SER B 537 -10.03 45.00 -50.32
C SER B 537 -9.60 43.83 -49.44
N THR B 538 -10.57 43.16 -48.81
CA THR B 538 -10.36 42.02 -47.87
C THR B 538 -9.82 40.79 -48.63
N GLY B 539 -10.21 40.63 -49.90
CA GLY B 539 -9.88 39.48 -50.75
C GLY B 539 -8.39 39.18 -50.80
N ARG B 540 -7.55 40.20 -50.91
CA ARG B 540 -6.08 40.07 -51.07
C ARG B 540 -5.43 39.70 -49.73
N TYR B 541 -6.06 40.08 -48.61
CA TYR B 541 -5.57 39.83 -47.22
C TYR B 541 -5.94 38.40 -46.81
N LEU B 542 -7.07 37.88 -47.27
CA LEU B 542 -7.46 36.45 -47.14
C LEU B 542 -6.39 35.58 -47.82
N VAL B 543 -5.86 36.04 -48.97
CA VAL B 543 -4.81 35.34 -49.76
C VAL B 543 -3.48 35.38 -48.97
N LEU B 544 -3.13 36.55 -48.40
CA LEU B 544 -1.90 36.77 -47.59
C LEU B 544 -1.97 35.89 -46.33
N TYR B 545 -3.16 35.71 -45.75
CA TYR B 545 -3.41 34.86 -44.55
C TYR B 545 -3.02 33.41 -44.88
N LEU B 546 -3.38 32.93 -46.07
CA LEU B 546 -3.12 31.53 -46.53
C LEU B 546 -1.62 31.36 -46.82
N ILE B 547 -0.92 32.42 -47.22
CA ILE B 547 0.56 32.43 -47.40
C ILE B 547 1.22 32.26 -46.02
N ILE B 548 0.71 32.95 -45.00
CA ILE B 548 1.21 32.89 -43.59
C ILE B 548 0.97 31.47 -43.04
N VAL B 549 -0.24 30.93 -43.23
CA VAL B 549 -0.66 29.58 -42.74
C VAL B 549 0.23 28.52 -43.40
N VAL B 550 0.52 28.66 -44.69
CA VAL B 550 1.39 27.73 -45.48
C VAL B 550 2.84 27.90 -45.00
N GLY B 551 3.31 29.14 -44.86
CA GLY B 551 4.65 29.48 -44.36
C GLY B 551 4.88 28.94 -42.96
N MET B 552 3.85 28.97 -42.12
CA MET B 552 3.85 28.42 -40.73
C MET B 552 4.05 26.90 -40.79
N ALA B 553 3.18 26.21 -41.54
CA ALA B 553 3.18 24.74 -41.72
C ALA B 553 4.55 24.26 -42.21
N TYR B 554 5.13 24.99 -43.18
CA TYR B 554 6.46 24.70 -43.80
C TYR B 554 7.55 24.78 -42.73
N LEU B 555 7.58 25.89 -41.97
CA LEU B 555 8.62 26.17 -40.94
C LEU B 555 8.50 25.17 -39.78
N PHE B 556 7.28 24.74 -39.45
CA PHE B 556 6.98 23.74 -38.39
C PHE B 556 7.68 22.41 -38.72
N VAL B 557 7.52 21.95 -39.96
CA VAL B 557 8.07 20.65 -40.47
C VAL B 557 9.61 20.72 -40.49
N ARG B 558 10.17 21.90 -40.82
CA ARG B 558 11.63 22.12 -41.01
C ARG B 558 12.34 22.20 -39.65
N LEU B 559 11.69 22.74 -38.62
CA LEU B 559 12.30 23.02 -37.29
C LEU B 559 12.60 21.70 -36.58
N PRO B 560 13.89 21.42 -36.24
CA PRO B 560 14.24 20.19 -35.52
C PRO B 560 13.63 20.13 -34.10
N SER B 561 13.09 18.98 -33.73
CA SER B 561 12.37 18.73 -32.45
C SER B 561 13.37 18.27 -31.37
N SER B 562 13.29 18.87 -30.18
CA SER B 562 14.07 18.49 -28.97
C SER B 562 13.14 18.48 -27.75
N PHE B 563 13.65 18.08 -26.58
CA PHE B 563 12.93 18.07 -25.28
C PHE B 563 13.28 19.34 -24.50
N LEU B 564 14.51 19.43 -23.99
CA LEU B 564 15.02 20.56 -23.17
C LEU B 564 16.41 20.97 -23.68
N PRO B 565 16.72 22.28 -23.77
CA PRO B 565 18.01 22.73 -24.26
C PRO B 565 19.15 22.40 -23.27
N ASP B 566 20.30 21.97 -23.81
CA ASP B 566 21.52 21.62 -23.03
C ASP B 566 22.13 22.92 -22.47
N GLU B 567 22.47 22.91 -21.17
CA GLU B 567 23.03 24.07 -20.43
C GLU B 567 24.52 23.84 -20.18
N ASP B 568 25.29 24.92 -20.05
CA ASP B 568 26.64 24.92 -19.44
C ASP B 568 26.44 24.91 -17.92
N GLN B 569 26.55 23.73 -17.30
CA GLN B 569 26.31 23.50 -15.85
C GLN B 569 27.64 23.43 -15.11
N GLY B 570 28.74 23.78 -15.79
CA GLY B 570 30.11 23.82 -15.20
C GLY B 570 30.75 22.45 -15.12
N VAL B 571 30.16 21.44 -15.75
CA VAL B 571 30.65 20.02 -15.76
C VAL B 571 30.31 19.38 -17.11
N PHE B 572 31.05 18.34 -17.49
CA PHE B 572 30.79 17.46 -18.66
C PHE B 572 31.57 16.15 -18.51
N MET B 573 31.04 15.06 -19.06
CA MET B 573 31.61 13.69 -18.96
C MET B 573 32.47 13.39 -20.20
N THR B 574 33.52 12.57 -20.03
CA THR B 574 34.38 12.03 -21.12
C THR B 574 34.40 10.51 -21.01
N MET B 575 33.85 9.81 -22.02
CA MET B 575 33.77 8.33 -22.08
C MET B 575 35.11 7.77 -22.56
N VAL B 576 35.56 6.66 -21.97
CA VAL B 576 36.80 5.91 -22.36
C VAL B 576 36.44 4.43 -22.48
N GLN B 577 36.40 3.90 -23.71
CA GLN B 577 36.07 2.50 -24.03
C GLN B 577 37.25 1.87 -24.79
N LEU B 578 37.96 0.94 -24.14
CA LEU B 578 39.07 0.14 -24.75
C LEU B 578 38.48 -1.15 -25.33
N PRO B 579 39.20 -1.86 -26.23
CA PRO B 579 38.71 -3.11 -26.81
C PRO B 579 38.56 -4.24 -25.79
N ALA B 580 37.95 -5.35 -26.23
CA ALA B 580 37.66 -6.55 -25.41
C ALA B 580 38.98 -7.15 -24.88
N GLY B 581 39.03 -7.46 -23.59
CA GLY B 581 40.16 -8.13 -22.92
C GLY B 581 41.22 -7.16 -22.44
N ALA B 582 41.05 -5.85 -22.70
CA ALA B 582 41.97 -4.78 -22.28
C ALA B 582 41.95 -4.67 -20.75
N THR B 583 43.13 -4.63 -20.12
CA THR B 583 43.32 -4.71 -18.65
C THR B 583 43.09 -3.33 -18.01
N GLN B 584 43.00 -3.32 -16.67
CA GLN B 584 42.76 -2.11 -15.84
C GLN B 584 43.90 -1.11 -16.03
N GLU B 585 45.13 -1.60 -16.14
CA GLU B 585 46.37 -0.78 -16.29
C GLU B 585 46.33 -0.01 -17.61
N ARG B 586 45.93 -0.68 -18.71
CA ARG B 586 45.82 -0.09 -20.07
C ARG B 586 44.79 1.06 -20.07
N THR B 587 43.65 0.84 -19.40
CA THR B 587 42.53 1.82 -19.30
C THR B 587 42.99 3.05 -18.50
N GLN B 588 43.83 2.84 -17.47
CA GLN B 588 44.37 3.91 -16.59
C GLN B 588 45.29 4.83 -17.39
N LYS B 589 46.10 4.26 -18.29
CA LYS B 589 47.06 5.00 -19.15
C LYS B 589 46.30 5.95 -20.08
N VAL B 590 45.18 5.51 -20.65
CA VAL B 590 44.30 6.33 -21.52
C VAL B 590 43.66 7.44 -20.68
N LEU B 591 43.18 7.11 -19.48
CA LEU B 591 42.53 8.05 -18.53
C LEU B 591 43.55 9.11 -18.07
N ASN B 592 44.79 8.69 -17.76
CA ASN B 592 45.90 9.58 -17.35
C ASN B 592 46.21 10.58 -18.48
N GLU B 593 46.15 10.12 -19.73
CA GLU B 593 46.37 10.94 -20.95
C GLU B 593 45.18 11.91 -21.13
N VAL B 594 43.95 11.44 -20.88
CA VAL B 594 42.70 12.25 -20.97
C VAL B 594 42.75 13.36 -19.91
N THR B 595 43.15 13.03 -18.68
CA THR B 595 43.27 13.97 -17.54
C THR B 595 44.36 15.02 -17.84
N HIS B 596 45.54 14.56 -18.25
CA HIS B 596 46.73 15.40 -18.58
C HIS B 596 46.36 16.45 -19.62
N TYR B 597 45.54 16.08 -20.61
CA TYR B 597 45.04 16.97 -21.69
C TYR B 597 44.26 18.14 -21.09
N TYR B 598 43.25 17.84 -20.26
CA TYR B 598 42.29 18.82 -19.69
C TYR B 598 43.01 19.80 -18.75
N LEU B 599 44.06 19.35 -18.06
CA LEU B 599 44.82 20.16 -17.06
C LEU B 599 45.94 20.95 -17.75
N THR B 600 46.22 20.69 -19.03
CA THR B 600 47.30 21.34 -19.82
C THR B 600 46.69 22.27 -20.88
N LYS B 601 45.80 21.74 -21.72
CA LYS B 601 45.27 22.43 -22.93
C LYS B 601 43.94 23.13 -22.62
N GLU B 602 43.33 22.86 -21.45
CA GLU B 602 42.09 23.52 -20.97
C GLU B 602 42.28 23.95 -19.51
N LYS B 603 43.48 24.43 -19.16
CA LYS B 603 43.89 24.79 -17.78
C LYS B 603 43.16 26.06 -17.31
N ASN B 604 42.80 26.94 -18.25
CA ASN B 604 42.06 28.22 -17.97
C ASN B 604 40.56 27.92 -17.76
N ASN B 605 40.08 26.77 -18.24
CA ASN B 605 38.64 26.36 -18.20
C ASN B 605 38.42 25.30 -17.13
N VAL B 606 39.25 24.24 -17.10
CA VAL B 606 39.08 23.04 -16.23
C VAL B 606 39.64 23.33 -14.84
N GLU B 607 38.88 22.97 -13.80
CA GLU B 607 39.29 23.05 -12.37
C GLU B 607 39.80 21.69 -11.90
N SER B 608 39.09 20.60 -12.24
CA SER B 608 39.42 19.22 -11.83
C SER B 608 38.90 18.18 -12.83
N VAL B 609 39.55 17.02 -12.89
CA VAL B 609 39.13 15.80 -13.64
C VAL B 609 38.95 14.65 -12.64
N PHE B 610 37.75 14.07 -12.57
CA PHE B 610 37.42 12.90 -11.72
C PHE B 610 37.46 11.64 -12.59
N ALA B 611 38.62 10.99 -12.65
CA ALA B 611 38.90 9.79 -13.48
C ALA B 611 38.49 8.54 -12.70
N VAL B 612 37.48 7.81 -13.22
CA VAL B 612 36.96 6.54 -12.64
C VAL B 612 37.26 5.40 -13.63
N ASN B 613 38.22 4.53 -13.28
CA ASN B 613 38.62 3.33 -14.07
C ASN B 613 37.82 2.13 -13.56
N GLY B 614 37.09 1.45 -14.44
CA GLY B 614 36.30 0.23 -14.13
C GLY B 614 34.80 0.45 -14.21
N PHE B 615 34.36 1.66 -14.60
CA PHE B 615 32.94 2.05 -14.71
C PHE B 615 32.74 2.96 -15.93
N GLY B 616 31.90 2.52 -16.88
CA GLY B 616 31.51 3.28 -18.09
C GLY B 616 30.13 3.88 -17.93
N PHE B 617 29.44 4.13 -19.06
CA PHE B 617 28.05 4.66 -19.10
C PHE B 617 27.09 3.56 -18.58
N ALA B 618 26.85 2.53 -19.41
CA ALA B 618 26.07 1.32 -19.07
C ALA B 618 26.97 0.20 -18.55
N PRO B 619 28.09 -0.15 -19.24
CA PRO B 619 28.85 -1.35 -18.90
C PRO B 619 29.88 -1.17 -17.77
N ARG B 620 30.38 -2.29 -17.23
CA ARG B 620 31.50 -2.36 -16.26
C ARG B 620 32.58 -3.29 -16.83
N GLY B 621 33.74 -3.34 -16.19
CA GLY B 621 34.89 -4.18 -16.59
C GLY B 621 36.19 -3.40 -16.60
N GLN B 622 37.31 -4.07 -16.87
CA GLN B 622 38.68 -3.49 -16.80
C GLN B 622 38.96 -2.62 -18.03
N ASN B 623 38.15 -2.74 -19.09
CA ASN B 623 38.37 -2.06 -20.40
C ASN B 623 37.44 -0.84 -20.55
N THR B 624 36.76 -0.42 -19.47
CA THR B 624 35.83 0.74 -19.47
C THR B 624 36.28 1.75 -18.39
N GLY B 625 36.07 3.04 -18.66
CA GLY B 625 36.39 4.15 -17.75
C GLY B 625 35.61 5.40 -18.10
N ILE B 626 35.62 6.40 -17.22
CA ILE B 626 34.87 7.69 -17.40
C ILE B 626 35.61 8.80 -16.64
N ALA B 627 35.76 9.97 -17.27
CA ALA B 627 36.44 11.16 -16.71
C ALA B 627 35.44 12.32 -16.61
N PHE B 628 34.87 12.51 -15.41
CA PHE B 628 33.93 13.61 -15.08
C PHE B 628 34.71 14.91 -14.89
N VAL B 629 34.58 15.85 -15.83
CA VAL B 629 35.33 17.14 -15.86
C VAL B 629 34.51 18.20 -15.10
N SER B 630 35.18 19.00 -14.27
CA SER B 630 34.60 20.14 -13.50
C SER B 630 35.29 21.43 -13.93
N LEU B 631 34.53 22.42 -14.39
CA LEU B 631 35.04 23.70 -14.97
C LEU B 631 35.14 24.76 -13.88
N LYS B 632 35.89 25.84 -14.16
CA LYS B 632 36.01 27.03 -13.29
C LYS B 632 34.70 27.82 -13.33
N ASP B 633 34.57 28.87 -12.51
CA ASP B 633 33.37 29.74 -12.42
C ASP B 633 33.09 30.34 -13.80
N TRP B 634 31.80 30.50 -14.14
CA TRP B 634 31.30 31.04 -15.44
C TRP B 634 32.02 32.34 -15.78
N ALA B 635 32.26 33.19 -14.78
CA ALA B 635 32.90 34.52 -14.90
C ALA B 635 34.33 34.39 -15.45
N ASP B 636 35.03 33.30 -15.09
CA ASP B 636 36.44 33.02 -15.49
C ASP B 636 36.48 32.41 -16.90
N ARG B 637 35.31 32.08 -17.48
CA ARG B 637 35.17 31.47 -18.83
C ARG B 637 34.34 32.39 -19.72
N PRO B 638 34.91 33.54 -20.19
CA PRO B 638 34.19 34.46 -21.05
C PRO B 638 34.14 34.00 -22.52
N GLY B 639 33.06 34.34 -23.23
CA GLY B 639 32.86 34.02 -24.65
C GLY B 639 32.46 32.56 -24.86
N GLU B 640 32.04 32.22 -26.07
CA GLU B 640 31.56 30.86 -26.46
C GLU B 640 32.74 29.87 -26.52
N GLU B 641 33.96 30.38 -26.71
CA GLU B 641 35.19 29.56 -26.90
C GLU B 641 35.47 28.73 -25.64
N ASN B 642 35.15 29.27 -24.46
CA ASN B 642 35.45 28.64 -23.13
C ASN B 642 34.16 28.10 -22.50
N LYS B 643 33.22 27.60 -23.32
CA LYS B 643 31.95 26.98 -22.86
C LYS B 643 31.99 25.47 -23.14
N VAL B 644 31.15 24.71 -22.45
CA VAL B 644 31.12 23.21 -22.46
C VAL B 644 31.08 22.70 -23.90
N GLU B 645 30.24 23.29 -24.76
CA GLU B 645 30.02 22.87 -26.17
C GLU B 645 31.34 22.99 -26.95
N ALA B 646 31.99 24.17 -26.86
CA ALA B 646 33.28 24.48 -27.54
C ALA B 646 34.38 23.54 -27.03
N ILE B 647 34.44 23.35 -25.70
CA ILE B 647 35.47 22.48 -25.01
C ILE B 647 35.22 21.02 -25.42
N THR B 648 33.97 20.57 -25.35
CA THR B 648 33.51 19.21 -25.76
C THR B 648 34.04 18.89 -27.16
N MET B 649 33.70 19.72 -28.14
CA MET B 649 34.06 19.55 -29.58
C MET B 649 35.59 19.58 -29.74
N ARG B 650 36.28 20.40 -28.94
CA ARG B 650 37.76 20.55 -28.96
C ARG B 650 38.41 19.27 -28.44
N ALA B 651 37.91 18.73 -27.33
CA ALA B 651 38.43 17.54 -26.62
C ALA B 651 38.20 16.28 -27.46
N THR B 652 36.97 16.09 -27.96
CA THR B 652 36.56 14.91 -28.77
C THR B 652 37.44 14.81 -30.03
N ARG B 653 37.73 15.95 -30.66
CA ARG B 653 38.56 16.06 -31.89
C ARG B 653 40.02 15.68 -31.57
N ALA B 654 40.51 16.09 -30.39
CA ALA B 654 41.90 15.85 -29.92
C ALA B 654 42.09 14.36 -29.59
N PHE B 655 41.06 13.68 -29.11
CA PHE B 655 41.11 12.29 -28.58
C PHE B 655 40.82 11.25 -29.67
N SER B 656 40.48 11.70 -30.89
CA SER B 656 40.27 10.82 -32.07
C SER B 656 41.62 10.23 -32.53
N GLN B 657 42.74 10.82 -32.09
CA GLN B 657 44.11 10.39 -32.43
C GLN B 657 44.56 9.23 -31.53
N ILE B 658 43.89 9.01 -30.40
CA ILE B 658 44.25 7.94 -29.41
C ILE B 658 44.07 6.58 -30.08
N LYS B 659 45.05 5.69 -29.89
CA LYS B 659 45.09 4.32 -30.50
C LYS B 659 44.55 3.30 -29.51
N ASP B 660 43.83 2.29 -30.00
CA ASP B 660 43.31 1.13 -29.23
C ASP B 660 42.40 1.62 -28.10
N ALA B 661 41.55 2.62 -28.38
CA ALA B 661 40.57 3.20 -27.43
C ALA B 661 39.58 4.11 -28.17
N MET B 662 38.31 4.08 -27.75
CA MET B 662 37.21 4.94 -28.27
C MET B 662 36.86 5.99 -27.21
N VAL B 663 37.40 7.20 -27.35
CA VAL B 663 37.30 8.31 -26.36
C VAL B 663 36.57 9.50 -27.00
N PHE B 664 35.72 10.19 -26.22
CA PHE B 664 34.95 11.38 -26.65
C PHE B 664 34.29 12.04 -25.42
N ALA B 665 34.21 13.37 -25.43
CA ALA B 665 33.53 14.21 -24.41
C ALA B 665 32.13 14.58 -24.90
N PHE B 666 31.23 14.96 -23.99
CA PHE B 666 29.83 15.39 -24.29
C PHE B 666 29.21 16.06 -23.07
N ASN B 667 28.25 16.96 -23.30
CA ASN B 667 27.50 17.72 -22.26
C ASN B 667 26.47 16.79 -21.61
N LEU B 668 26.14 17.03 -20.34
CA LEU B 668 25.07 16.32 -19.59
C LEU B 668 23.72 16.76 -20.15
N PRO B 669 22.70 15.87 -20.21
CA PRO B 669 21.34 16.28 -20.54
C PRO B 669 20.71 17.05 -19.36
N ALA B 670 19.73 17.90 -19.64
CA ALA B 670 18.91 18.63 -18.63
C ALA B 670 18.30 17.63 -17.65
N ILE B 671 17.67 16.58 -18.19
CA ILE B 671 17.07 15.43 -17.43
C ILE B 671 17.43 14.14 -18.18
N VAL B 672 18.20 13.25 -17.53
CA VAL B 672 18.83 12.05 -18.13
C VAL B 672 17.77 11.07 -18.66
N GLU B 673 16.61 10.98 -17.99
CA GLU B 673 15.59 9.92 -18.22
C GLU B 673 14.87 10.13 -19.57
N LEU B 674 14.86 11.36 -20.10
CA LEU B 674 14.19 11.71 -21.39
C LEU B 674 14.94 11.09 -22.56
N GLY B 675 16.28 11.11 -22.51
CA GLY B 675 17.16 10.58 -23.57
C GLY B 675 17.44 11.64 -24.65
N THR B 676 16.99 11.38 -25.88
CA THR B 676 17.10 12.31 -27.04
C THR B 676 15.80 12.28 -27.83
N ALA B 677 15.32 13.45 -28.26
CA ALA B 677 14.22 13.61 -29.25
C ALA B 677 14.72 13.09 -30.60
N THR B 678 13.96 12.19 -31.23
CA THR B 678 14.30 11.42 -32.47
C THR B 678 14.96 10.10 -32.08
N GLY B 679 15.59 10.03 -30.90
CA GLY B 679 16.20 8.79 -30.36
C GLY B 679 15.14 7.76 -29.97
N PHE B 680 15.39 6.49 -30.27
CA PHE B 680 14.49 5.34 -29.96
C PHE B 680 15.25 4.29 -29.15
N ASP B 681 14.50 3.44 -28.44
CA ASP B 681 15.03 2.39 -27.51
C ASP B 681 14.34 1.06 -27.84
N PHE B 682 15.04 0.18 -28.57
CA PHE B 682 14.52 -1.08 -29.17
C PHE B 682 15.05 -2.29 -28.38
N GLU B 683 14.19 -3.28 -28.15
CA GLU B 683 14.53 -4.57 -27.48
C GLU B 683 14.29 -5.72 -28.46
N LEU B 684 15.34 -6.51 -28.75
CA LEU B 684 15.25 -7.76 -29.55
C LEU B 684 15.18 -8.95 -28.58
N ILE B 685 14.12 -9.77 -28.69
CA ILE B 685 13.72 -10.78 -27.66
C ILE B 685 13.85 -12.19 -28.25
N ASP B 686 14.38 -13.12 -27.45
CA ASP B 686 14.38 -14.59 -27.72
C ASP B 686 13.06 -15.17 -27.20
N GLN B 687 12.14 -15.51 -28.10
CA GLN B 687 10.73 -15.85 -27.79
C GLN B 687 10.51 -17.37 -27.80
N ALA B 688 11.52 -18.17 -28.19
CA ALA B 688 11.40 -19.64 -28.37
C ALA B 688 12.72 -20.35 -28.05
N GLY B 689 13.39 -19.95 -26.96
CA GLY B 689 14.61 -20.59 -26.43
C GLY B 689 15.64 -20.89 -27.52
N LEU B 690 15.88 -19.92 -28.41
CA LEU B 690 16.87 -20.02 -29.52
C LEU B 690 18.29 -20.07 -28.94
N GLY B 691 18.55 -19.30 -27.88
CA GLY B 691 19.86 -19.21 -27.21
C GLY B 691 20.55 -17.89 -27.53
N HIS B 692 21.69 -17.64 -26.89
CA HIS B 692 22.47 -16.36 -26.98
C HIS B 692 23.02 -16.17 -28.40
N GLU B 693 23.67 -17.19 -28.95
CA GLU B 693 24.40 -17.13 -30.25
C GLU B 693 23.41 -16.81 -31.40
N LYS B 694 22.22 -17.40 -31.37
CA LYS B 694 21.19 -17.23 -32.45
C LYS B 694 20.55 -15.84 -32.36
N LEU B 695 20.37 -15.30 -31.14
CA LEU B 695 19.84 -13.93 -30.92
C LEU B 695 20.90 -12.91 -31.37
N THR B 696 22.19 -13.23 -31.19
CA THR B 696 23.34 -12.42 -31.66
C THR B 696 23.32 -12.36 -33.20
N GLN B 697 23.14 -13.51 -33.85
CA GLN B 697 23.06 -13.63 -35.34
C GLN B 697 21.89 -12.79 -35.86
N ALA B 698 20.73 -12.89 -35.21
CA ALA B 698 19.48 -12.15 -35.55
C ALA B 698 19.70 -10.65 -35.33
N ARG B 699 20.44 -10.27 -34.28
CA ARG B 699 20.80 -8.85 -33.97
C ARG B 699 21.66 -8.31 -35.11
N ASN B 700 22.74 -9.01 -35.46
CA ASN B 700 23.70 -8.65 -36.54
C ASN B 700 22.94 -8.47 -37.87
N GLN B 701 21.94 -9.33 -38.12
CA GLN B 701 21.09 -9.30 -39.34
C GLN B 701 20.26 -8.00 -39.35
N LEU B 702 19.71 -7.60 -38.20
CA LEU B 702 18.88 -6.36 -38.06
C LEU B 702 19.78 -5.13 -38.19
N LEU B 703 20.94 -5.13 -37.53
CA LEU B 703 21.91 -4.00 -37.53
C LEU B 703 22.41 -3.73 -38.96
N ALA B 704 22.67 -4.80 -39.73
CA ALA B 704 23.15 -4.74 -41.13
C ALA B 704 22.08 -4.14 -42.04
N GLU B 705 20.81 -4.53 -41.85
CA GLU B 705 19.64 -4.03 -42.62
C GLU B 705 19.42 -2.55 -42.31
N ALA B 706 19.55 -2.16 -41.03
CA ALA B 706 19.39 -0.77 -40.55
C ALA B 706 20.45 0.13 -41.18
N ALA B 707 21.64 -0.41 -41.46
CA ALA B 707 22.79 0.31 -42.05
C ALA B 707 22.53 0.64 -43.53
N LYS B 708 21.65 -0.11 -44.19
CA LYS B 708 21.28 0.08 -45.62
C LYS B 708 20.32 1.27 -45.78
N HIS B 709 19.73 1.76 -44.67
CA HIS B 709 18.78 2.90 -44.64
C HIS B 709 19.37 4.05 -43.85
N PRO B 710 20.46 4.70 -44.32
CA PRO B 710 21.01 5.88 -43.65
C PRO B 710 20.12 7.12 -43.84
N ASP B 711 19.23 7.09 -44.84
CA ASP B 711 18.23 8.16 -45.14
C ASP B 711 17.21 8.25 -43.99
N MET B 712 16.93 7.14 -43.30
CA MET B 712 15.90 7.04 -42.23
C MET B 712 16.56 6.89 -40.85
N LEU B 713 17.45 5.90 -40.70
CA LEU B 713 18.09 5.53 -39.40
C LEU B 713 19.52 6.08 -39.35
N THR B 714 19.98 6.46 -38.15
CA THR B 714 21.36 6.94 -37.87
C THR B 714 21.87 6.32 -36.57
N SER B 715 23.10 5.82 -36.58
CA SER B 715 23.84 5.28 -35.40
C SER B 715 22.97 4.23 -34.68
N VAL B 716 22.50 3.22 -35.41
CA VAL B 716 21.73 2.06 -34.87
C VAL B 716 22.75 1.01 -34.38
N ARG B 717 23.01 0.96 -33.08
CA ARG B 717 24.04 0.08 -32.46
C ARG B 717 23.44 -0.69 -31.29
N PRO B 718 24.10 -1.79 -30.84
CA PRO B 718 23.73 -2.45 -29.59
C PRO B 718 24.19 -1.65 -28.35
N ASN B 719 23.37 -1.65 -27.30
CA ASN B 719 23.66 -0.96 -26.01
C ASN B 719 24.59 -1.85 -25.16
N GLY B 720 24.61 -3.16 -25.43
CA GLY B 720 25.34 -4.17 -24.63
C GLY B 720 26.77 -4.37 -25.12
N LEU B 721 27.38 -5.48 -24.69
CA LEU B 721 28.80 -5.86 -24.99
C LEU B 721 28.82 -7.05 -25.95
N GLU B 722 29.97 -7.27 -26.61
CA GLU B 722 30.23 -8.40 -27.53
C GLU B 722 30.84 -9.56 -26.74
N ASP B 723 30.74 -10.78 -27.28
CA ASP B 723 31.36 -12.02 -26.70
C ASP B 723 32.88 -11.82 -26.65
N THR B 724 33.51 -12.29 -25.57
CA THR B 724 34.97 -12.17 -25.32
C THR B 724 35.55 -13.56 -25.07
N PRO B 725 36.85 -13.79 -25.38
CA PRO B 725 37.50 -15.07 -25.07
C PRO B 725 37.58 -15.30 -23.56
N GLN B 726 37.11 -16.46 -23.10
CA GLN B 726 37.06 -16.85 -21.66
C GLN B 726 37.71 -18.23 -21.50
N PHE B 727 38.35 -18.46 -20.36
CA PHE B 727 39.20 -19.64 -20.05
C PHE B 727 38.34 -20.76 -19.45
N LYS B 728 37.85 -21.66 -20.31
CA LYS B 728 37.05 -22.85 -19.92
C LYS B 728 37.99 -23.91 -19.35
N ILE B 729 37.75 -24.34 -18.10
CA ILE B 729 38.50 -25.44 -17.41
C ILE B 729 37.49 -26.53 -17.01
N ASP B 730 37.77 -27.78 -17.40
CA ASP B 730 36.93 -28.96 -17.09
C ASP B 730 37.65 -29.81 -16.03
N ILE B 731 37.00 -30.04 -14.88
CA ILE B 731 37.49 -30.96 -13.82
C ILE B 731 37.12 -32.39 -14.24
N ASP B 732 38.11 -33.27 -14.37
CA ASP B 732 37.90 -34.71 -14.66
C ASP B 732 37.39 -35.39 -13.38
N GLN B 733 36.10 -35.77 -13.36
CA GLN B 733 35.42 -36.34 -12.18
C GLN B 733 36.06 -37.69 -11.82
N GLU B 734 36.38 -38.51 -12.83
CA GLU B 734 36.98 -39.86 -12.67
C GLU B 734 38.36 -39.73 -11.98
N LYS B 735 39.19 -38.80 -12.44
CA LYS B 735 40.57 -38.60 -11.93
C LYS B 735 40.52 -38.11 -10.48
N ALA B 736 39.59 -37.21 -10.16
CA ALA B 736 39.35 -36.64 -8.81
C ALA B 736 38.97 -37.77 -7.85
N GLN B 737 38.07 -38.66 -8.27
CA GLN B 737 37.56 -39.81 -7.47
C GLN B 737 38.67 -40.87 -7.32
N ALA B 738 39.50 -41.05 -8.36
CA ALA B 738 40.61 -42.03 -8.41
C ALA B 738 41.72 -41.60 -7.43
N LEU B 739 42.00 -40.29 -7.33
CA LEU B 739 43.07 -39.73 -6.47
C LEU B 739 42.54 -39.49 -5.04
N GLY B 740 41.23 -39.62 -4.83
CA GLY B 740 40.58 -39.39 -3.53
C GLY B 740 40.49 -37.91 -3.20
N VAL B 741 40.25 -37.07 -4.22
CA VAL B 741 40.12 -35.59 -4.11
C VAL B 741 38.65 -35.23 -4.29
N SER B 742 38.04 -34.59 -3.28
CA SER B 742 36.62 -34.16 -3.29
C SER B 742 36.46 -32.93 -4.21
N ILE B 743 35.31 -32.84 -4.89
CA ILE B 743 34.99 -31.79 -5.90
C ILE B 743 34.72 -30.46 -5.17
N ASN B 744 34.17 -30.54 -3.95
CA ASN B 744 33.90 -29.35 -3.08
C ASN B 744 35.23 -28.66 -2.75
N ASP B 745 36.27 -29.43 -2.39
CA ASP B 745 37.63 -28.93 -2.09
C ASP B 745 38.24 -28.28 -3.34
N ILE B 746 38.04 -28.90 -4.50
CA ILE B 746 38.56 -28.42 -5.82
C ILE B 746 37.91 -27.07 -6.15
N ASN B 747 36.58 -27.02 -6.16
CA ASN B 747 35.78 -25.83 -6.59
C ASN B 747 35.93 -24.69 -5.56
N THR B 748 36.12 -25.02 -4.27
CA THR B 748 36.38 -24.05 -3.19
C THR B 748 37.78 -23.44 -3.39
N THR B 749 38.79 -24.29 -3.63
CA THR B 749 40.21 -23.89 -3.83
C THR B 749 40.29 -22.93 -5.03
N LEU B 750 39.71 -23.31 -6.17
CA LEU B 750 39.68 -22.50 -7.42
C LEU B 750 38.93 -21.19 -7.15
N GLY B 751 37.69 -21.29 -6.63
CA GLY B 751 36.78 -20.16 -6.39
C GLY B 751 37.36 -19.16 -5.40
N ALA B 752 37.83 -19.63 -4.25
CA ALA B 752 38.38 -18.81 -3.15
C ALA B 752 39.66 -18.09 -3.61
N ALA B 753 40.59 -18.82 -4.23
CA ALA B 753 41.90 -18.31 -4.70
C ALA B 753 41.68 -17.26 -5.80
N TRP B 754 41.11 -17.68 -6.93
CA TRP B 754 41.04 -16.88 -8.19
C TRP B 754 39.91 -15.85 -8.12
N GLY B 755 38.76 -16.21 -7.55
CA GLY B 755 37.55 -15.38 -7.51
C GLY B 755 37.43 -14.54 -6.25
N GLY B 756 37.95 -15.04 -5.12
CA GLY B 756 37.78 -14.42 -3.80
C GLY B 756 36.54 -14.97 -3.11
N SER B 757 36.59 -15.16 -1.78
CA SER B 757 35.50 -15.73 -0.95
C SER B 757 35.28 -14.87 0.30
N TYR B 758 34.04 -14.38 0.48
CA TYR B 758 33.56 -13.67 1.69
C TYR B 758 33.27 -14.71 2.77
N VAL B 759 34.17 -14.84 3.76
CA VAL B 759 34.14 -15.91 4.81
C VAL B 759 33.13 -15.52 5.89
N ASN B 760 33.40 -14.46 6.65
CA ASN B 760 32.55 -13.98 7.77
C ASN B 760 32.93 -12.53 8.10
N ASP B 761 32.37 -11.99 9.19
CA ASP B 761 32.55 -10.57 9.61
C ASP B 761 33.48 -10.48 10.82
N PHE B 762 34.24 -9.38 10.92
CA PHE B 762 35.07 -8.98 12.08
C PHE B 762 34.72 -7.54 12.46
N ILE B 763 35.19 -7.06 13.61
CA ILE B 763 34.83 -5.72 14.16
C ILE B 763 36.08 -4.84 14.22
N ASP B 764 36.18 -3.87 13.29
CA ASP B 764 37.32 -2.92 13.18
C ASP B 764 36.94 -1.60 13.87
N ARG B 765 37.53 -1.33 15.03
CA ARG B 765 37.35 -0.07 15.82
C ARG B 765 35.85 0.18 16.04
N GLY B 766 35.10 -0.86 16.45
CA GLY B 766 33.68 -0.77 16.84
C GLY B 766 32.73 -0.79 15.65
N ARG B 767 33.21 -1.16 14.46
CA ARG B 767 32.40 -1.25 13.21
C ARG B 767 32.56 -2.65 12.59
N VAL B 768 31.45 -3.35 12.39
CA VAL B 768 31.41 -4.70 11.74
C VAL B 768 31.83 -4.53 10.26
N LYS B 769 32.78 -5.36 9.80
CA LYS B 769 33.36 -5.31 8.42
C LYS B 769 33.63 -6.74 7.95
N LYS B 770 33.71 -6.95 6.64
CA LYS B 770 33.82 -8.29 5.99
C LYS B 770 35.25 -8.81 6.07
N VAL B 771 35.40 -10.15 6.01
CA VAL B 771 36.70 -10.87 5.88
C VAL B 771 36.69 -11.61 4.54
N TYR B 772 37.63 -11.28 3.65
CA TYR B 772 37.80 -11.89 2.31
C TYR B 772 39.12 -12.68 2.27
N VAL B 773 39.07 -13.93 1.82
CA VAL B 773 40.26 -14.74 1.42
C VAL B 773 40.32 -14.76 -0.12
N MET B 774 41.50 -14.47 -0.68
CA MET B 774 41.77 -14.47 -2.14
C MET B 774 43.26 -14.71 -2.36
N SER B 775 43.64 -15.20 -3.54
CA SER B 775 45.05 -15.40 -3.96
C SER B 775 45.75 -14.05 -4.06
N GLU B 776 46.98 -13.96 -3.56
CA GLU B 776 47.89 -12.81 -3.81
C GLU B 776 48.07 -12.69 -5.34
N ALA B 777 47.84 -11.49 -5.88
CA ALA B 777 47.67 -11.20 -7.33
C ALA B 777 48.53 -12.13 -8.20
N LYS B 778 49.82 -12.25 -7.91
CA LYS B 778 50.85 -12.85 -8.81
C LYS B 778 50.59 -14.34 -9.08
N TYR B 779 49.79 -15.02 -8.24
CA TYR B 779 49.51 -16.47 -8.33
C TYR B 779 48.14 -16.75 -8.96
N ARG B 780 47.47 -15.72 -9.51
CA ARG B 780 46.13 -15.86 -10.15
C ARG B 780 46.04 -14.95 -11.38
N MET B 781 47.11 -14.85 -12.17
CA MET B 781 47.21 -13.93 -13.34
C MET B 781 47.05 -14.70 -14.66
N LEU B 782 47.71 -15.86 -14.79
CA LEU B 782 47.87 -16.57 -16.09
C LEU B 782 47.48 -18.05 -15.96
N PRO B 783 47.09 -18.72 -17.07
CA PRO B 783 46.75 -20.15 -17.06
C PRO B 783 47.81 -21.08 -16.45
N ASP B 784 49.10 -20.73 -16.55
CA ASP B 784 50.24 -21.53 -16.00
C ASP B 784 50.15 -21.57 -14.47
N ASP B 785 49.55 -20.54 -13.86
CA ASP B 785 49.42 -20.41 -12.38
C ASP B 785 48.39 -21.42 -11.83
N ILE B 786 47.51 -21.95 -12.69
CA ILE B 786 46.47 -22.96 -12.32
C ILE B 786 47.17 -24.15 -11.64
N GLY B 787 48.29 -24.62 -12.22
CA GLY B 787 49.04 -25.80 -11.77
C GLY B 787 49.73 -25.61 -10.43
N ASP B 788 49.96 -24.36 -10.02
CA ASP B 788 50.67 -24.00 -8.76
C ASP B 788 49.77 -24.25 -7.54
N TRP B 789 48.45 -24.38 -7.76
CA TRP B 789 47.45 -24.62 -6.67
C TRP B 789 47.26 -26.12 -6.44
N TYR B 790 47.47 -26.55 -5.19
CA TYR B 790 47.40 -27.98 -4.76
C TYR B 790 46.19 -28.17 -3.84
N VAL B 791 45.48 -29.28 -4.02
CA VAL B 791 44.32 -29.73 -3.16
C VAL B 791 44.74 -31.03 -2.47
N ARG B 792 44.48 -31.14 -1.17
CA ARG B 792 44.82 -32.35 -0.36
C ARG B 792 43.80 -33.45 -0.65
N ALA B 793 44.28 -34.65 -0.97
CA ALA B 793 43.48 -35.88 -1.17
C ALA B 793 43.12 -36.47 0.21
N ALA B 794 42.25 -37.47 0.23
CA ALA B 794 41.79 -38.18 1.45
C ALA B 794 42.96 -38.86 2.16
N ASP B 795 43.95 -39.33 1.39
CA ASP B 795 45.13 -40.10 1.89
C ASP B 795 46.23 -39.15 2.38
N GLY B 796 46.08 -37.83 2.14
CA GLY B 796 46.96 -36.79 2.69
C GLY B 796 47.93 -36.21 1.66
N GLN B 797 47.97 -36.79 0.46
CA GLN B 797 48.86 -36.34 -0.65
C GLN B 797 48.32 -35.04 -1.24
N MET B 798 49.20 -34.07 -1.53
CA MET B 798 48.86 -32.78 -2.17
C MET B 798 48.91 -32.96 -3.69
N VAL B 799 47.77 -32.77 -4.36
CA VAL B 799 47.57 -33.01 -5.82
C VAL B 799 47.47 -31.66 -6.52
N PRO B 800 48.30 -31.38 -7.55
CA PRO B 800 48.19 -30.13 -8.31
C PRO B 800 46.94 -30.15 -9.21
N PHE B 801 46.47 -28.95 -9.59
CA PHE B 801 45.21 -28.75 -10.37
C PHE B 801 45.34 -29.37 -11.75
N SER B 802 46.56 -29.36 -12.31
CA SER B 802 46.91 -29.89 -13.66
C SER B 802 46.61 -31.40 -13.75
N ALA B 803 46.69 -32.12 -12.63
CA ALA B 803 46.57 -33.60 -12.55
C ALA B 803 45.14 -34.04 -12.88
N PHE B 804 44.12 -33.24 -12.55
CA PHE B 804 42.68 -33.60 -12.64
C PHE B 804 41.88 -32.55 -13.43
N SER B 805 42.54 -31.67 -14.19
CA SER B 805 41.88 -30.58 -14.98
C SER B 805 42.46 -30.50 -16.39
N SER B 806 41.65 -30.00 -17.33
CA SER B 806 42.00 -29.68 -18.73
C SER B 806 41.28 -28.39 -19.15
N SER B 807 41.95 -27.50 -19.89
CA SER B 807 41.46 -26.15 -20.24
C SER B 807 41.56 -25.88 -21.74
N ARG B 808 40.75 -24.93 -22.23
CA ARG B 808 40.73 -24.46 -23.65
C ARG B 808 40.14 -23.05 -23.69
N TRP B 809 40.39 -22.32 -24.79
CA TRP B 809 39.80 -20.98 -25.06
C TRP B 809 38.46 -21.15 -25.78
N GLU B 810 37.43 -20.42 -25.32
CA GLU B 810 36.09 -20.35 -25.96
C GLU B 810 35.57 -18.91 -25.82
N TYR B 811 34.50 -18.58 -26.54
CA TYR B 811 33.82 -17.26 -26.50
C TYR B 811 32.53 -17.37 -25.70
N GLY B 812 32.26 -16.37 -24.85
CA GLY B 812 31.02 -16.24 -24.06
C GLY B 812 30.72 -14.79 -23.72
N SER B 813 29.49 -14.51 -23.30
CA SER B 813 28.97 -13.14 -23.03
C SER B 813 29.53 -12.61 -21.71
N PRO B 814 30.15 -11.42 -21.69
CA PRO B 814 30.52 -10.74 -20.44
C PRO B 814 29.38 -9.88 -19.85
N ARG B 815 28.23 -9.83 -20.53
CA ARG B 815 27.02 -9.09 -20.09
C ARG B 815 25.80 -9.64 -20.84
N LEU B 816 24.96 -10.41 -20.13
CA LEU B 816 23.71 -11.02 -20.68
C LEU B 816 22.52 -10.17 -20.23
N GLU B 817 21.69 -9.73 -21.20
CA GLU B 817 20.50 -8.86 -20.97
C GLU B 817 19.24 -9.72 -21.04
N ARG B 818 18.21 -9.36 -20.28
CA ARG B 818 16.86 -9.98 -20.32
C ARG B 818 15.80 -8.88 -20.28
N TYR B 819 14.67 -9.09 -20.96
CA TYR B 819 13.52 -8.15 -21.01
C TYR B 819 12.21 -8.93 -20.83
N ASN B 820 11.46 -8.60 -19.78
CA ASN B 820 10.18 -9.27 -19.38
C ASN B 820 10.43 -10.78 -19.25
N GLY B 821 11.52 -11.16 -18.59
CA GLY B 821 11.83 -12.55 -18.18
C GLY B 821 12.40 -13.40 -19.31
N LEU B 822 12.68 -12.80 -20.48
CA LEU B 822 13.19 -13.52 -21.69
C LEU B 822 14.54 -12.93 -22.09
N PRO B 823 15.47 -13.75 -22.66
CA PRO B 823 16.74 -13.23 -23.17
C PRO B 823 16.50 -12.13 -24.23
N SER B 824 17.21 -11.01 -24.11
CA SER B 824 17.03 -9.81 -24.94
C SER B 824 18.38 -9.19 -25.32
N MET B 825 18.37 -8.26 -26.28
CA MET B 825 19.53 -7.42 -26.67
C MET B 825 19.01 -6.01 -27.03
N GLU B 826 19.33 -5.03 -26.20
CA GLU B 826 18.88 -3.62 -26.34
C GLU B 826 19.62 -2.97 -27.52
N ILE B 827 18.87 -2.35 -28.44
CA ILE B 827 19.39 -1.64 -29.64
C ILE B 827 18.96 -0.18 -29.56
N LEU B 828 19.92 0.74 -29.46
CA LEU B 828 19.69 2.21 -29.47
C LEU B 828 19.89 2.74 -30.89
N GLY B 829 19.28 3.88 -31.20
CA GLY B 829 19.34 4.56 -32.50
C GLY B 829 18.46 5.79 -32.53
N GLN B 830 18.42 6.50 -33.66
CA GLN B 830 17.64 7.75 -33.82
C GLN B 830 17.22 7.93 -35.29
N ALA B 831 16.14 8.68 -35.52
CA ALA B 831 15.66 9.10 -36.86
C ALA B 831 16.69 10.01 -37.51
N ALA B 832 16.92 9.85 -38.81
CA ALA B 832 17.90 10.63 -39.61
C ALA B 832 17.40 12.07 -39.75
N PRO B 833 18.31 13.05 -40.01
CA PRO B 833 17.91 14.45 -40.16
C PRO B 833 16.72 14.65 -41.12
N GLY B 834 15.66 15.30 -40.64
CA GLY B 834 14.43 15.58 -41.40
C GLY B 834 13.32 14.59 -41.12
N LYS B 835 13.68 13.38 -40.66
CA LYS B 835 12.73 12.26 -40.38
C LYS B 835 12.27 12.32 -38.93
N SER B 836 11.01 11.95 -38.69
CA SER B 836 10.38 11.89 -37.35
C SER B 836 10.78 10.59 -36.63
N THR B 837 10.65 10.56 -35.31
CA THR B 837 10.89 9.37 -34.44
C THR B 837 9.98 8.23 -34.90
N GLY B 838 8.71 8.54 -35.20
CA GLY B 838 7.67 7.58 -35.60
C GLY B 838 8.04 6.82 -36.87
N GLU B 839 8.57 7.52 -37.88
CA GLU B 839 8.97 6.94 -39.19
C GLU B 839 10.13 5.95 -38.98
N ALA B 840 11.15 6.37 -38.23
CA ALA B 840 12.35 5.55 -37.89
C ALA B 840 11.92 4.25 -37.20
N MET B 841 10.99 4.35 -36.24
CA MET B 841 10.45 3.20 -35.47
C MET B 841 9.68 2.25 -36.41
N GLU B 842 8.92 2.79 -37.37
CA GLU B 842 8.10 2.00 -38.32
C GLU B 842 9.00 1.14 -39.21
N LEU B 843 10.16 1.67 -39.62
CA LEU B 843 11.17 0.95 -40.44
C LEU B 843 11.79 -0.18 -39.62
N MET B 844 12.18 0.10 -38.37
CA MET B 844 12.77 -0.89 -37.43
C MET B 844 11.81 -2.06 -37.23
N GLU B 845 10.49 -1.78 -37.14
CA GLU B 845 9.41 -2.80 -37.05
C GLU B 845 9.37 -3.62 -38.34
N GLN B 846 9.43 -2.94 -39.49
CA GLN B 846 9.42 -3.56 -40.84
C GLN B 846 10.65 -4.47 -41.00
N LEU B 847 11.82 -4.01 -40.57
CA LEU B 847 13.11 -4.77 -40.60
C LEU B 847 13.03 -5.95 -39.61
N ALA B 848 12.40 -5.74 -38.44
CA ALA B 848 12.29 -6.72 -37.34
C ALA B 848 11.43 -7.92 -37.76
N SER B 849 10.43 -7.69 -38.64
CA SER B 849 9.45 -8.70 -39.09
C SER B 849 10.08 -9.71 -40.06
N LYS B 850 11.29 -9.42 -40.56
CA LYS B 850 12.01 -10.24 -41.57
C LYS B 850 13.17 -11.01 -40.91
N LEU B 851 13.17 -11.12 -39.58
CA LEU B 851 14.24 -11.81 -38.80
C LEU B 851 13.86 -13.28 -38.62
N PRO B 852 14.81 -14.17 -38.23
CA PRO B 852 14.54 -15.60 -38.10
C PRO B 852 13.37 -15.94 -37.15
N THR B 853 12.84 -17.16 -37.28
N THR B 853 12.84 -17.16 -37.28
CA THR B 853 11.68 -17.69 -36.50
CA THR B 853 11.67 -17.68 -36.51
C THR B 853 12.02 -17.70 -35.01
C THR B 853 12.02 -17.71 -35.01
N GLY B 854 11.10 -17.22 -34.16
CA GLY B 854 11.24 -17.21 -32.70
C GLY B 854 11.97 -15.97 -32.19
N VAL B 855 12.23 -14.98 -33.05
CA VAL B 855 12.88 -13.69 -32.69
C VAL B 855 11.82 -12.59 -32.75
N GLY B 856 11.36 -12.15 -31.57
CA GLY B 856 10.40 -11.03 -31.41
C GLY B 856 11.12 -9.73 -31.10
N TYR B 857 10.36 -8.69 -30.76
CA TYR B 857 10.89 -7.35 -30.39
C TYR B 857 9.87 -6.60 -29.52
N ASP B 858 10.28 -5.47 -28.95
CA ASP B 858 9.43 -4.59 -28.11
C ASP B 858 10.09 -3.21 -27.98
N TRP B 859 9.27 -2.18 -27.71
CA TRP B 859 9.72 -0.78 -27.47
C TRP B 859 9.71 -0.51 -25.96
N THR B 860 10.80 0.07 -25.44
CA THR B 860 11.03 0.33 -23.99
C THR B 860 11.41 1.81 -23.78
N GLY B 861 11.44 2.24 -22.52
CA GLY B 861 11.86 3.60 -22.09
C GLY B 861 11.13 4.69 -22.87
N MET B 862 11.88 5.67 -23.38
CA MET B 862 11.35 6.86 -24.11
C MET B 862 10.47 6.41 -25.29
N SER B 863 10.81 5.31 -25.96
CA SER B 863 10.06 4.75 -27.11
C SER B 863 8.68 4.26 -26.64
N TYR B 864 8.62 3.65 -25.45
CA TYR B 864 7.37 3.22 -24.76
C TYR B 864 6.56 4.47 -24.38
N GLN B 865 7.25 5.53 -23.94
CA GLN B 865 6.64 6.83 -23.55
C GLN B 865 6.08 7.51 -24.81
N GLU B 866 6.90 7.60 -25.87
CA GLU B 866 6.61 8.32 -27.14
C GLU B 866 5.31 7.80 -27.76
N ARG B 867 5.10 6.47 -27.74
CA ARG B 867 3.93 5.79 -28.36
C ARG B 867 2.65 6.17 -27.59
N LEU B 868 2.65 6.01 -26.26
CA LEU B 868 1.47 6.25 -25.38
C LEU B 868 1.24 7.76 -25.21
N SER B 869 2.24 8.60 -25.47
CA SER B 869 2.14 10.08 -25.45
C SER B 869 1.55 10.59 -26.76
N GLY B 870 1.92 9.96 -27.89
CA GLY B 870 1.49 10.35 -29.24
C GLY B 870 0.04 9.99 -29.53
N ASN B 871 -0.47 8.92 -28.90
CA ASN B 871 -1.85 8.39 -29.13
C ASN B 871 -2.90 9.31 -28.50
N GLN B 872 -2.50 10.19 -27.57
CA GLN B 872 -3.41 11.08 -26.80
C GLN B 872 -3.55 12.43 -27.52
N ALA B 873 -2.46 12.92 -28.14
CA ALA B 873 -2.35 14.27 -28.73
C ALA B 873 -3.60 14.63 -29.52
N PRO B 874 -3.99 13.87 -30.57
CA PRO B 874 -5.16 14.21 -31.38
C PRO B 874 -6.42 14.54 -30.56
N SER B 875 -6.69 13.77 -29.51
CA SER B 875 -7.85 13.92 -28.60
C SER B 875 -7.73 15.23 -27.80
N LEU B 876 -6.53 15.53 -27.29
CA LEU B 876 -6.28 16.70 -26.40
C LEU B 876 -6.31 18.01 -27.21
N TYR B 877 -5.87 17.98 -28.48
CA TYR B 877 -5.97 19.11 -29.43
C TYR B 877 -7.44 19.36 -29.78
N ALA B 878 -8.19 18.29 -30.07
CA ALA B 878 -9.61 18.31 -30.46
C ALA B 878 -10.45 18.93 -29.32
N ILE B 879 -10.31 18.40 -28.10
CA ILE B 879 -11.04 18.88 -26.88
C ILE B 879 -10.79 20.37 -26.70
N SER B 880 -9.52 20.79 -26.76
CA SER B 880 -9.07 22.19 -26.59
C SER B 880 -9.82 23.10 -27.58
N LEU B 881 -9.75 22.78 -28.88
CA LEU B 881 -10.39 23.55 -29.99
C LEU B 881 -11.91 23.60 -29.78
N ILE B 882 -12.53 22.46 -29.45
CA ILE B 882 -14.01 22.31 -29.29
C ILE B 882 -14.49 23.18 -28.13
N VAL B 883 -13.81 23.13 -26.97
CA VAL B 883 -14.22 23.86 -25.73
C VAL B 883 -13.95 25.37 -25.92
N VAL B 884 -12.86 25.74 -26.61
CA VAL B 884 -12.54 27.15 -26.97
C VAL B 884 -13.70 27.72 -27.79
N PHE B 885 -14.11 27.01 -28.84
CA PHE B 885 -15.21 27.39 -29.76
C PHE B 885 -16.51 27.57 -28.96
N LEU B 886 -16.88 26.55 -28.17
CA LEU B 886 -18.13 26.51 -27.36
C LEU B 886 -18.17 27.69 -26.39
N CYS B 887 -17.04 27.99 -25.74
CA CYS B 887 -16.90 29.11 -24.76
C CYS B 887 -17.12 30.46 -25.44
N LEU B 888 -16.52 30.66 -26.61
CA LEU B 888 -16.67 31.91 -27.43
C LEU B 888 -18.10 32.03 -27.94
N ALA B 889 -18.75 30.90 -28.26
CA ALA B 889 -20.15 30.83 -28.76
C ALA B 889 -21.12 31.31 -27.69
N ALA B 890 -20.88 30.94 -26.43
CA ALA B 890 -21.67 31.35 -25.24
C ALA B 890 -21.49 32.85 -25.00
N LEU B 891 -20.25 33.35 -25.11
CA LEU B 891 -19.88 34.77 -24.90
C LEU B 891 -20.60 35.66 -25.92
N TYR B 892 -20.45 35.34 -27.22
CA TYR B 892 -20.92 36.17 -28.36
C TYR B 892 -22.37 35.80 -28.74
N GLU B 893 -22.91 34.71 -28.19
CA GLU B 893 -24.28 34.21 -28.53
C GLU B 893 -24.35 34.00 -30.05
N SER B 894 -23.40 33.24 -30.59
CA SER B 894 -23.20 33.05 -32.06
C SER B 894 -22.33 31.81 -32.32
N TRP B 895 -22.69 31.02 -33.33
CA TRP B 895 -21.94 29.81 -33.79
C TRP B 895 -20.86 30.21 -34.81
N SER B 896 -20.94 31.43 -35.36
CA SER B 896 -20.11 31.91 -36.49
C SER B 896 -18.99 32.85 -36.01
N ILE B 897 -19.32 33.82 -35.14
CA ILE B 897 -18.40 34.91 -34.68
C ILE B 897 -17.15 34.31 -34.03
N PRO B 898 -17.26 33.22 -33.22
CA PRO B 898 -16.06 32.58 -32.65
C PRO B 898 -14.91 32.33 -33.62
N PHE B 899 -15.20 32.07 -34.90
CA PHE B 899 -14.20 31.80 -35.97
C PHE B 899 -13.28 33.02 -36.17
N SER B 900 -13.82 34.24 -36.03
CA SER B 900 -13.08 35.52 -36.19
C SER B 900 -11.96 35.63 -35.15
N VAL B 901 -12.16 35.05 -33.96
CA VAL B 901 -11.17 35.02 -32.84
C VAL B 901 -10.14 33.91 -33.14
N MET B 902 -10.62 32.69 -33.42
CA MET B 902 -9.81 31.46 -33.55
C MET B 902 -8.88 31.52 -34.78
N LEU B 903 -9.16 32.42 -35.73
CA LEU B 903 -8.35 32.62 -36.96
C LEU B 903 -7.04 33.35 -36.64
N VAL B 904 -6.86 33.82 -35.39
CA VAL B 904 -5.69 34.64 -34.95
C VAL B 904 -4.47 33.74 -34.72
N VAL B 905 -4.69 32.44 -34.44
CA VAL B 905 -3.65 31.48 -33.94
C VAL B 905 -2.37 31.62 -34.77
N PRO B 906 -2.41 31.46 -36.12
CA PRO B 906 -1.18 31.46 -36.93
C PRO B 906 -0.35 32.74 -36.87
N LEU B 907 -0.97 33.89 -36.56
CA LEU B 907 -0.32 35.23 -36.57
C LEU B 907 0.81 35.27 -35.54
N GLY B 908 0.63 34.64 -34.38
CA GLY B 908 1.63 34.55 -33.30
C GLY B 908 2.61 33.41 -33.51
N VAL B 909 2.17 32.33 -34.17
CA VAL B 909 2.97 31.08 -34.36
C VAL B 909 4.06 31.34 -35.41
N ILE B 910 3.75 32.05 -36.50
CA ILE B 910 4.68 32.34 -37.63
C ILE B 910 5.89 33.13 -37.11
N GLY B 911 5.66 34.11 -36.22
CA GLY B 911 6.70 34.96 -35.63
C GLY B 911 7.66 34.16 -34.75
N ALA B 912 7.11 33.25 -33.94
CA ALA B 912 7.86 32.33 -33.06
C ALA B 912 8.74 31.41 -33.92
N LEU B 913 8.18 30.84 -34.98
CA LEU B 913 8.87 29.89 -35.91
C LEU B 913 10.00 30.61 -36.64
N LEU B 914 9.78 31.83 -37.12
CA LEU B 914 10.80 32.65 -37.85
C LEU B 914 11.98 32.93 -36.92
N ALA B 915 11.71 33.36 -35.67
CA ALA B 915 12.71 33.70 -34.65
C ALA B 915 13.55 32.47 -34.29
N ALA B 916 12.88 31.34 -34.02
CA ALA B 916 13.50 30.05 -33.65
C ALA B 916 14.37 29.53 -34.80
N THR B 917 13.82 29.54 -36.02
CA THR B 917 14.49 29.09 -37.28
C THR B 917 15.75 29.93 -37.51
N PHE B 918 15.61 31.27 -37.49
CA PHE B 918 16.69 32.26 -37.76
C PHE B 918 17.84 32.07 -36.76
N ARG B 919 17.52 31.99 -35.46
CA ARG B 919 18.52 31.90 -34.36
C ARG B 919 19.08 30.48 -34.27
N GLY B 920 18.45 29.51 -34.94
CA GLY B 920 18.91 28.12 -35.00
C GLY B 920 18.58 27.35 -33.74
N LEU B 921 17.41 27.62 -33.15
CA LEU B 921 16.88 26.91 -31.95
C LEU B 921 15.93 25.80 -32.40
N THR B 922 15.45 25.00 -31.45
CA THR B 922 14.63 23.77 -31.68
C THR B 922 13.20 23.97 -31.17
N ASN B 923 12.31 23.02 -31.52
CA ASN B 923 10.89 22.96 -31.07
C ASN B 923 10.86 22.25 -29.71
N ASP B 924 11.42 22.89 -28.67
CA ASP B 924 11.51 22.34 -27.28
C ASP B 924 10.24 22.74 -26.52
N VAL B 925 10.09 22.25 -25.28
CA VAL B 925 8.84 22.42 -24.46
C VAL B 925 8.66 23.91 -24.13
N TYR B 926 9.75 24.63 -23.84
CA TYR B 926 9.74 26.08 -23.51
C TYR B 926 9.16 26.87 -24.69
N PHE B 927 9.59 26.53 -25.91
CA PHE B 927 9.09 27.10 -27.19
C PHE B 927 7.60 26.77 -27.34
N GLN B 928 7.22 25.50 -27.11
CA GLN B 928 5.84 24.98 -27.29
C GLN B 928 4.88 25.64 -26.31
N VAL B 929 5.27 25.77 -25.03
CA VAL B 929 4.47 26.47 -23.98
C VAL B 929 4.45 27.96 -24.32
N GLY B 930 5.54 28.48 -24.90
CA GLY B 930 5.66 29.86 -25.40
C GLY B 930 4.63 30.16 -26.47
N LEU B 931 4.38 29.21 -27.38
CA LEU B 931 3.37 29.33 -28.47
C LEU B 931 1.98 29.53 -27.87
N LEU B 932 1.62 28.71 -26.87
CA LEU B 932 0.27 28.70 -26.23
C LEU B 932 0.00 30.06 -25.56
N THR B 933 1.01 30.62 -24.85
CA THR B 933 0.91 31.93 -24.15
C THR B 933 0.84 33.06 -25.17
N THR B 934 1.63 32.97 -26.25
CA THR B 934 1.61 33.91 -27.41
C THR B 934 0.24 33.85 -28.08
N ILE B 935 -0.24 32.64 -28.40
CA ILE B 935 -1.59 32.37 -28.96
C ILE B 935 -2.64 32.90 -27.97
N GLY B 936 -2.43 32.70 -26.67
CA GLY B 936 -3.35 33.08 -25.59
C GLY B 936 -3.58 34.59 -25.52
N LEU B 937 -2.50 35.38 -25.58
CA LEU B 937 -2.54 36.86 -25.44
C LEU B 937 -3.16 37.48 -26.70
N SER B 938 -2.80 36.96 -27.88
CA SER B 938 -3.34 37.42 -29.20
C SER B 938 -4.84 37.11 -29.29
N ALA B 939 -5.26 35.94 -28.80
CA ALA B 939 -6.67 35.49 -28.72
C ALA B 939 -7.46 36.46 -27.84
N LYS B 940 -6.87 36.87 -26.71
CA LYS B 940 -7.49 37.81 -25.72
C LYS B 940 -7.68 39.18 -26.38
N ASN B 941 -6.67 39.67 -27.10
CA ASN B 941 -6.69 40.96 -27.83
C ASN B 941 -7.84 40.95 -28.85
N ALA B 942 -7.99 39.83 -29.59
CA ALA B 942 -9.03 39.62 -30.62
C ALA B 942 -10.41 39.58 -29.96
N ILE B 943 -10.54 38.92 -28.81
CA ILE B 943 -11.82 38.73 -28.07
C ILE B 943 -12.40 40.11 -27.69
N LEU B 944 -11.56 41.01 -27.18
CA LEU B 944 -11.98 42.37 -26.72
C LEU B 944 -12.34 43.25 -27.92
N ILE B 945 -11.63 43.10 -29.05
CA ILE B 945 -11.92 43.80 -30.34
C ILE B 945 -13.30 43.37 -30.84
N VAL B 946 -13.53 42.06 -30.93
CA VAL B 946 -14.78 41.44 -31.46
C VAL B 946 -15.94 41.76 -30.51
N GLU B 947 -15.70 41.75 -29.19
CA GLU B 947 -16.70 42.05 -28.14
C GLU B 947 -17.17 43.51 -28.29
N PHE B 948 -16.22 44.45 -28.34
CA PHE B 948 -16.47 45.91 -28.50
C PHE B 948 -17.25 46.16 -29.80
N ALA B 949 -16.82 45.54 -30.91
CA ALA B 949 -17.42 45.68 -32.26
C ALA B 949 -18.86 45.13 -32.24
N LYS B 950 -19.05 43.91 -31.74
CA LYS B 950 -20.37 43.23 -31.68
C LYS B 950 -21.34 44.06 -30.82
N ASP B 951 -20.88 44.50 -29.64
CA ASP B 951 -21.70 45.29 -28.67
C ASP B 951 -22.13 46.62 -29.30
N LEU B 952 -21.23 47.27 -30.04
CA LEU B 952 -21.52 48.56 -30.75
C LEU B 952 -22.65 48.34 -31.77
N MET B 953 -22.64 47.20 -32.50
CA MET B 953 -23.65 46.84 -33.52
C MET B 953 -24.99 46.51 -32.83
N ASP B 954 -24.94 45.84 -31.68
CA ASP B 954 -26.15 45.35 -30.94
C ASP B 954 -26.77 46.52 -30.16
N LYS B 955 -25.97 47.26 -29.40
CA LYS B 955 -26.44 48.29 -28.42
C LYS B 955 -26.74 49.60 -29.16
N GLU B 956 -25.75 50.16 -29.86
CA GLU B 956 -25.81 51.51 -30.49
C GLU B 956 -26.34 51.41 -31.92
N GLY B 957 -26.55 50.19 -32.44
CA GLY B 957 -27.15 49.94 -33.77
C GLY B 957 -26.25 50.43 -34.90
N LYS B 958 -24.92 50.40 -34.69
CA LYS B 958 -23.91 50.85 -35.69
C LYS B 958 -23.75 49.78 -36.77
N GLY B 959 -23.24 50.17 -37.94
CA GLY B 959 -22.94 49.25 -39.07
C GLY B 959 -21.74 48.38 -38.76
N LEU B 960 -21.52 47.34 -39.57
CA LEU B 960 -20.45 46.33 -39.40
C LEU B 960 -19.08 47.01 -39.41
N ILE B 961 -18.81 47.85 -40.42
CA ILE B 961 -17.49 48.50 -40.66
C ILE B 961 -17.31 49.61 -39.62
N GLU B 962 -18.34 50.43 -39.37
CA GLU B 962 -18.34 51.55 -38.40
C GLU B 962 -17.93 51.01 -37.01
N ALA B 963 -18.60 49.95 -36.56
CA ALA B 963 -18.36 49.27 -35.26
C ALA B 963 -16.94 48.72 -35.20
N THR B 964 -16.48 48.08 -36.29
CA THR B 964 -15.14 47.45 -36.42
C THR B 964 -14.04 48.52 -36.29
N LEU B 965 -14.19 49.65 -37.00
CA LEU B 965 -13.21 50.77 -36.99
C LEU B 965 -13.17 51.42 -35.60
N ASP B 966 -14.33 51.63 -34.98
CA ASP B 966 -14.47 52.27 -33.64
C ASP B 966 -13.88 51.34 -32.58
N ALA B 967 -14.05 50.02 -32.74
CA ALA B 967 -13.54 48.97 -31.81
C ALA B 967 -12.01 48.99 -31.81
N VAL B 968 -11.39 48.80 -32.98
CA VAL B 968 -9.90 48.65 -33.14
C VAL B 968 -9.21 49.97 -32.74
N ARG B 969 -9.89 51.11 -32.92
CA ARG B 969 -9.42 52.45 -32.46
C ARG B 969 -9.25 52.41 -30.93
N MET B 970 -10.29 51.98 -30.21
CA MET B 970 -10.35 51.93 -28.73
C MET B 970 -9.32 50.92 -28.19
N ARG B 971 -9.08 49.82 -28.93
CA ARG B 971 -8.26 48.67 -28.49
C ARG B 971 -6.78 48.85 -28.87
N LEU B 972 -6.45 49.82 -29.72
CA LEU B 972 -5.05 50.02 -30.23
C LEU B 972 -4.10 50.27 -29.06
N ARG B 973 -4.36 51.30 -28.24
CA ARG B 973 -3.48 51.73 -27.13
C ARG B 973 -3.20 50.58 -26.17
N PRO B 974 -4.23 49.92 -25.58
CA PRO B 974 -3.99 48.84 -24.61
C PRO B 974 -3.19 47.66 -25.19
N ILE B 975 -3.37 47.34 -26.48
CA ILE B 975 -2.65 46.24 -27.19
C ILE B 975 -1.17 46.63 -27.32
N LEU B 976 -0.87 47.88 -27.68
CA LEU B 976 0.51 48.40 -27.88
C LEU B 976 1.25 48.46 -26.54
N MET B 977 0.57 48.94 -25.48
CA MET B 977 1.14 49.09 -24.11
C MET B 977 1.62 47.73 -23.59
N THR B 978 0.77 46.70 -23.67
CA THR B 978 1.06 45.31 -23.23
C THR B 978 2.25 44.76 -24.03
N SER B 979 2.19 44.87 -25.36
CA SER B 979 3.22 44.36 -26.32
C SER B 979 4.57 45.04 -26.02
N LEU B 980 4.59 46.37 -25.91
CA LEU B 980 5.80 47.18 -25.65
C LEU B 980 6.45 46.74 -24.33
N ALA B 981 5.65 46.56 -23.28
CA ALA B 981 6.10 46.16 -21.92
C ALA B 981 6.64 44.72 -21.95
N PHE B 982 5.90 43.80 -22.57
CA PHE B 982 6.18 42.33 -22.56
C PHE B 982 7.39 42.02 -23.45
N ILE B 983 7.47 42.61 -24.64
CA ILE B 983 8.58 42.41 -25.61
C ILE B 983 9.91 42.88 -24.97
N LEU B 984 9.89 44.03 -24.30
CA LEU B 984 11.06 44.58 -23.56
C LEU B 984 11.35 43.68 -22.34
N GLY B 985 10.31 43.08 -21.76
CA GLY B 985 10.40 42.20 -20.58
C GLY B 985 11.17 40.91 -20.87
N VAL B 986 11.05 40.38 -22.09
CA VAL B 986 11.67 39.08 -22.51
C VAL B 986 12.92 39.34 -23.36
N MET B 987 13.31 40.61 -23.56
CA MET B 987 14.52 41.00 -24.34
C MET B 987 15.78 40.52 -23.61
N PRO B 988 15.89 40.65 -22.27
CA PRO B 988 17.05 40.14 -21.54
C PRO B 988 17.22 38.61 -21.67
N LEU B 989 16.11 37.88 -21.75
CA LEU B 989 16.08 36.39 -21.89
C LEU B 989 16.70 35.99 -23.24
N VAL B 990 16.41 36.74 -24.29
CA VAL B 990 16.87 36.46 -25.69
C VAL B 990 18.39 36.67 -25.77
N ILE B 991 18.88 37.81 -25.27
CA ILE B 991 20.31 38.24 -25.40
C ILE B 991 21.20 37.52 -24.37
N SER B 992 20.60 36.88 -23.36
CA SER B 992 21.31 36.16 -22.27
C SER B 992 22.26 35.11 -22.84
N THR B 993 23.51 35.09 -22.37
CA THR B 993 24.57 34.12 -22.76
C THR B 993 25.26 33.55 -21.52
N GLY B 994 24.67 33.70 -20.33
CA GLY B 994 25.25 33.28 -19.04
C GLY B 994 24.86 31.85 -18.69
N ALA B 995 24.77 31.56 -17.39
CA ALA B 995 24.34 30.25 -16.83
C ALA B 995 22.82 30.16 -16.84
N GLY B 996 22.27 29.08 -17.38
CA GLY B 996 20.81 28.88 -17.55
C GLY B 996 20.27 29.66 -18.73
N SER B 997 21.16 30.11 -19.63
CA SER B 997 20.82 30.94 -20.82
C SER B 997 20.10 30.09 -21.87
N GLY B 998 20.44 28.79 -21.95
CA GLY B 998 19.84 27.81 -22.88
C GLY B 998 18.32 27.78 -22.76
N ALA B 999 17.79 27.75 -21.54
CA ALA B 999 16.35 27.76 -21.22
C ALA B 999 15.78 29.17 -21.43
N GLN B 1000 16.51 30.20 -20.98
CA GLN B 1000 16.11 31.63 -21.11
C GLN B 1000 15.93 31.97 -22.59
N ASN B 1001 16.90 31.58 -23.44
CA ASN B 1001 16.87 31.80 -24.91
C ASN B 1001 15.63 31.11 -25.50
N ALA B 1002 15.37 29.86 -25.12
CA ALA B 1002 14.26 29.02 -25.59
C ALA B 1002 12.91 29.67 -25.23
N VAL B 1003 12.81 30.21 -24.01
CA VAL B 1003 11.60 30.92 -23.49
C VAL B 1003 11.48 32.27 -24.21
N GLY B 1004 12.57 33.04 -24.27
CA GLY B 1004 12.61 34.42 -24.77
C GLY B 1004 12.39 34.52 -26.26
N THR B 1005 13.22 33.82 -27.05
CA THR B 1005 13.30 33.92 -28.53
C THR B 1005 11.92 33.72 -29.17
N GLY B 1006 11.31 32.55 -28.94
CA GLY B 1006 10.01 32.15 -29.50
C GLY B 1006 8.89 33.12 -29.12
N VAL B 1007 8.93 33.64 -27.89
CA VAL B 1007 7.90 34.57 -27.33
C VAL B 1007 8.05 35.94 -28.00
N MET B 1008 9.27 36.49 -28.05
CA MET B 1008 9.54 37.84 -28.64
C MET B 1008 9.10 37.86 -30.10
N GLY B 1009 9.64 36.94 -30.92
CA GLY B 1009 9.30 36.79 -32.35
C GLY B 1009 7.81 36.66 -32.55
N GLY B 1010 7.16 35.82 -31.75
CA GLY B 1010 5.70 35.57 -31.78
C GLY B 1010 4.90 36.82 -31.44
N MET B 1011 5.31 37.56 -30.40
CA MET B 1011 4.63 38.78 -29.92
C MET B 1011 4.71 39.89 -30.98
N VAL B 1012 5.87 40.04 -31.64
CA VAL B 1012 6.13 41.07 -32.68
C VAL B 1012 5.11 40.90 -33.81
N THR B 1013 4.98 39.69 -34.35
CA THR B 1013 4.08 39.36 -35.50
C THR B 1013 2.63 39.38 -35.02
N ALA B 1014 2.34 38.74 -33.88
CA ALA B 1014 1.00 38.69 -33.25
C ALA B 1014 0.44 40.10 -33.11
N THR B 1015 1.24 41.03 -32.57
CA THR B 1015 0.87 42.46 -32.35
C THR B 1015 0.64 43.13 -33.71
N VAL B 1016 1.65 43.10 -34.59
CA VAL B 1016 1.67 43.81 -35.90
C VAL B 1016 0.51 43.33 -36.78
N LEU B 1017 0.34 42.01 -36.92
CA LEU B 1017 -0.62 41.39 -37.88
C LEU B 1017 -2.06 41.48 -37.34
N ALA B 1018 -2.29 41.12 -36.08
CA ALA B 1018 -3.63 40.97 -35.47
C ALA B 1018 -4.42 42.29 -35.56
N ILE B 1019 -3.77 43.42 -35.25
CA ILE B 1019 -4.42 44.78 -35.27
C ILE B 1019 -4.98 45.06 -36.66
N PHE B 1020 -4.42 44.44 -37.71
CA PHE B 1020 -4.83 44.61 -39.13
C PHE B 1020 -5.73 43.44 -39.59
N PHE B 1021 -5.53 42.23 -39.04
CA PHE B 1021 -6.16 40.98 -39.53
C PHE B 1021 -7.45 40.65 -38.76
N VAL B 1022 -7.50 40.95 -37.46
CA VAL B 1022 -8.72 40.72 -36.60
C VAL B 1022 -9.88 41.53 -37.16
N PRO B 1023 -9.68 42.81 -37.57
CA PRO B 1023 -10.72 43.56 -38.28
C PRO B 1023 -11.25 42.81 -39.52
N VAL B 1024 -10.34 42.23 -40.32
CA VAL B 1024 -10.67 41.49 -41.57
C VAL B 1024 -11.48 40.24 -41.22
N PHE B 1025 -11.02 39.45 -40.25
CA PHE B 1025 -11.66 38.18 -39.80
C PHE B 1025 -13.12 38.44 -39.43
N PHE B 1026 -13.36 39.43 -38.57
CA PHE B 1026 -14.70 39.80 -38.05
C PHE B 1026 -15.63 40.14 -39.23
N VAL B 1027 -15.20 41.07 -40.09
CA VAL B 1027 -15.98 41.57 -41.26
C VAL B 1027 -16.32 40.40 -42.18
N VAL B 1028 -15.31 39.61 -42.58
CA VAL B 1028 -15.44 38.46 -43.52
C VAL B 1028 -16.44 37.44 -42.95
N VAL B 1029 -16.28 37.06 -41.68
CA VAL B 1029 -17.13 36.06 -40.97
C VAL B 1029 -18.56 36.59 -40.87
N ARG B 1030 -18.73 37.86 -40.48
CA ARG B 1030 -20.06 38.51 -40.30
C ARG B 1030 -20.79 38.56 -41.65
N ARG B 1031 -20.10 38.98 -42.71
CA ARG B 1031 -20.63 39.04 -44.10
C ARG B 1031 -21.11 37.66 -44.55
N ARG B 1032 -20.27 36.64 -44.35
CA ARG B 1032 -20.54 35.24 -44.79
C ARG B 1032 -21.79 34.72 -44.06
N PHE B 1033 -21.78 34.74 -42.73
CA PHE B 1033 -22.89 34.25 -41.86
C PHE B 1033 -23.73 35.44 -41.38
N MET C 1 -34.22 36.94 4.13
CA MET C 1 -34.36 35.57 4.72
C MET C 1 -35.20 35.62 5.99
N PRO C 2 -34.96 36.56 6.95
CA PRO C 2 -35.80 36.66 8.14
C PRO C 2 -37.28 36.95 7.82
N ASN C 3 -37.53 37.94 6.95
CA ASN C 3 -38.89 38.35 6.49
C ASN C 3 -39.58 37.16 5.82
N PHE C 4 -38.83 36.34 5.08
CA PHE C 4 -39.31 35.13 4.35
C PHE C 4 -39.88 34.12 5.34
N PHE C 5 -39.20 33.90 6.48
CA PHE C 5 -39.51 32.85 7.48
C PHE C 5 -40.42 33.39 8.58
N ILE C 6 -40.55 34.72 8.71
CA ILE C 6 -41.55 35.37 9.60
C ILE C 6 -42.95 35.08 9.07
N ASP C 7 -43.13 35.10 7.75
CA ASP C 7 -44.41 34.81 7.05
C ASP C 7 -44.59 33.30 6.88
N ARG C 8 -43.51 32.51 6.99
CA ARG C 8 -43.49 31.04 6.77
C ARG C 8 -42.90 30.34 7.99
N PRO C 9 -43.60 30.34 9.15
CA PRO C 9 -43.08 29.71 10.37
C PRO C 9 -42.98 28.18 10.30
N ILE C 10 -43.79 27.52 9.47
CA ILE C 10 -43.78 26.05 9.26
C ILE C 10 -42.47 25.65 8.56
N PHE C 11 -42.13 26.35 7.47
CA PHE C 11 -40.85 26.18 6.72
C PHE C 11 -39.68 26.31 7.72
N ALA C 12 -39.67 27.39 8.50
CA ALA C 12 -38.66 27.68 9.55
C ALA C 12 -38.53 26.48 10.51
N TRP C 13 -39.66 25.91 10.92
CA TRP C 13 -39.74 24.72 11.81
C TRP C 13 -39.18 23.48 11.10
N VAL C 14 -39.52 23.29 9.82
CA VAL C 14 -39.09 22.12 8.99
C VAL C 14 -37.56 22.05 8.96
N ILE C 15 -36.90 23.18 8.67
CA ILE C 15 -35.41 23.29 8.61
C ILE C 15 -34.83 22.87 9.96
N ALA C 16 -35.39 23.38 11.06
CA ALA C 16 -34.93 23.12 12.45
C ALA C 16 -35.08 21.63 12.80
N ILE C 17 -36.21 21.02 12.44
CA ILE C 17 -36.55 19.59 12.76
C ILE C 17 -35.63 18.65 11.96
N ILE C 18 -35.44 18.93 10.66
CA ILE C 18 -34.58 18.12 9.74
C ILE C 18 -33.14 18.12 10.28
N ILE C 19 -32.65 19.27 10.74
CA ILE C 19 -31.31 19.44 11.37
C ILE C 19 -31.24 18.55 12.63
N MET C 20 -32.28 18.60 13.47
CA MET C 20 -32.34 17.86 14.76
C MET C 20 -32.42 16.34 14.49
N LEU C 21 -33.16 15.93 13.47
CA LEU C 21 -33.28 14.51 13.03
C LEU C 21 -31.89 13.98 12.62
N ALA C 22 -31.25 14.65 11.65
CA ALA C 22 -29.89 14.33 11.13
C ALA C 22 -28.91 14.21 12.30
N GLY C 23 -29.04 15.08 13.30
CA GLY C 23 -28.22 15.11 14.53
C GLY C 23 -28.52 13.93 15.45
N GLY C 24 -29.81 13.66 15.68
CA GLY C 24 -30.30 12.54 16.50
C GLY C 24 -29.83 11.20 15.94
N LEU C 25 -29.89 11.03 14.62
CA LEU C 25 -29.43 9.82 13.89
C LEU C 25 -27.90 9.70 13.98
N ALA C 26 -27.19 10.83 13.92
CA ALA C 26 -25.71 10.90 13.94
C ALA C 26 -25.17 10.37 15.27
N ILE C 27 -25.78 10.77 16.39
CA ILE C 27 -25.34 10.42 17.79
C ILE C 27 -25.29 8.89 17.95
N LEU C 28 -26.27 8.17 17.38
CA LEU C 28 -26.40 6.69 17.49
C LEU C 28 -25.18 6.02 16.85
N LYS C 29 -24.61 6.63 15.81
CA LYS C 29 -23.55 6.04 14.95
C LYS C 29 -22.17 6.63 15.27
N LEU C 30 -22.11 7.78 15.95
CA LEU C 30 -20.84 8.48 16.31
C LEU C 30 -20.03 7.60 17.26
N PRO C 31 -18.71 7.38 17.01
CA PRO C 31 -17.84 6.71 17.97
C PRO C 31 -17.66 7.53 19.26
N VAL C 32 -17.33 6.85 20.36
CA VAL C 32 -17.06 7.47 21.69
C VAL C 32 -15.63 7.08 22.12
N ALA C 33 -14.85 8.06 22.57
CA ALA C 33 -13.47 7.91 23.09
C ALA C 33 -13.19 9.01 24.12
N GLN C 34 -12.09 8.88 24.87
CA GLN C 34 -11.60 9.94 25.79
C GLN C 34 -11.05 11.10 24.95
N TYR C 35 -10.23 10.76 23.94
CA TYR C 35 -9.58 11.70 22.99
C TYR C 35 -9.72 11.17 21.56
N PRO C 36 -9.42 12.00 20.53
CA PRO C 36 -9.12 11.48 19.20
C PRO C 36 -7.70 10.91 19.20
N THR C 37 -7.16 10.61 18.02
CA THR C 37 -5.73 10.24 17.83
C THR C 37 -4.87 11.50 17.98
N ILE C 38 -4.22 11.65 19.13
CA ILE C 38 -3.41 12.86 19.51
C ILE C 38 -1.92 12.52 19.41
N ALA C 39 -1.50 11.38 19.95
CA ALA C 39 -0.09 10.91 19.95
C ALA C 39 0.39 10.69 18.52
N PRO C 40 1.65 11.05 18.20
CA PRO C 40 2.20 10.81 16.86
C PRO C 40 2.49 9.33 16.64
N PRO C 41 2.35 8.82 15.40
CA PRO C 41 2.56 7.39 15.13
C PRO C 41 4.04 7.00 15.22
N ALA C 42 4.32 5.81 15.75
CA ALA C 42 5.69 5.26 15.96
C ALA C 42 5.79 3.86 15.34
N VAL C 43 6.94 3.56 14.73
CA VAL C 43 7.29 2.21 14.17
C VAL C 43 8.53 1.71 14.93
N THR C 44 8.47 0.47 15.43
CA THR C 44 9.57 -0.17 16.22
C THR C 44 10.15 -1.34 15.44
N ILE C 45 11.48 -1.40 15.34
CA ILE C 45 12.27 -2.53 14.75
C ILE C 45 12.85 -3.34 15.91
N SER C 46 12.42 -4.60 16.06
CA SER C 46 12.88 -5.54 17.11
C SER C 46 13.77 -6.62 16.49
N ALA C 47 15.01 -6.75 16.98
CA ALA C 47 16.01 -7.77 16.56
C ALA C 47 16.63 -8.42 17.80
N SER C 48 17.10 -9.66 17.66
CA SER C 48 17.70 -10.47 18.76
C SER C 48 19.00 -11.11 18.29
N TYR C 49 20.09 -10.93 19.04
CA TYR C 49 21.41 -11.60 18.86
C TYR C 49 21.68 -12.45 20.10
N PRO C 50 21.17 -13.70 20.17
CA PRO C 50 21.29 -14.52 21.37
C PRO C 50 22.73 -14.73 21.84
N GLY C 51 23.03 -14.36 23.08
CA GLY C 51 24.32 -14.60 23.77
C GLY C 51 25.27 -13.40 23.71
N ALA C 52 24.91 -12.37 22.94
CA ALA C 52 25.74 -11.16 22.73
C ALA C 52 25.42 -10.11 23.81
N ASP C 53 26.45 -9.41 24.30
CA ASP C 53 26.32 -8.28 25.27
C ASP C 53 25.88 -7.03 24.49
N ALA C 54 25.46 -5.98 25.21
CA ALA C 54 24.87 -4.74 24.66
C ALA C 54 25.80 -4.09 23.63
N LYS C 55 27.10 -4.05 23.91
CA LYS C 55 28.14 -3.40 23.06
C LYS C 55 28.22 -4.15 21.72
N THR C 56 28.35 -5.48 21.75
CA THR C 56 28.39 -6.37 20.56
C THR C 56 27.12 -6.16 19.73
N VAL C 57 25.95 -6.17 20.39
CA VAL C 57 24.61 -5.98 19.78
C VAL C 57 24.57 -4.62 19.06
N GLN C 58 25.08 -3.56 19.72
CA GLN C 58 25.06 -2.16 19.20
C GLN C 58 25.89 -2.07 17.92
N ASP C 59 27.07 -2.70 17.90
CA ASP C 59 28.08 -2.58 16.81
C ASP C 59 27.64 -3.40 15.59
N THR C 60 27.03 -4.57 15.80
CA THR C 60 26.73 -5.58 14.75
C THR C 60 25.29 -5.43 14.22
N VAL C 61 24.36 -4.88 15.02
CA VAL C 61 22.92 -4.82 14.66
C VAL C 61 22.44 -3.35 14.65
N THR C 62 22.41 -2.69 15.81
CA THR C 62 21.76 -1.37 16.03
C THR C 62 22.29 -0.35 15.02
N GLN C 63 23.62 -0.17 14.97
CA GLN C 63 24.29 0.85 14.11
C GLN C 63 24.13 0.48 12.62
N VAL C 64 24.05 -0.82 12.30
CA VAL C 64 23.86 -1.33 10.91
C VAL C 64 22.46 -0.94 10.43
N ILE C 65 21.45 -1.03 11.31
CA ILE C 65 20.03 -0.70 11.01
C ILE C 65 19.87 0.84 10.98
N GLU C 66 20.38 1.52 12.01
CA GLU C 66 20.19 2.98 12.25
C GLU C 66 20.83 3.80 11.12
N GLN C 67 21.97 3.36 10.57
CA GLN C 67 22.72 4.09 9.51
C GLN C 67 21.95 4.02 8.18
N ASN C 68 20.95 3.13 8.08
CA ASN C 68 20.10 2.93 6.88
C ASN C 68 18.73 3.62 7.06
N MET C 69 18.48 4.26 8.21
CA MET C 69 17.19 4.91 8.54
C MET C 69 17.19 6.38 8.09
N ASN C 70 17.94 6.70 7.03
CA ASN C 70 17.92 8.00 6.33
C ASN C 70 16.94 7.91 5.15
N GLY C 71 16.47 9.06 4.65
CA GLY C 71 15.55 9.15 3.51
C GLY C 71 14.19 8.56 3.80
N ILE C 72 13.68 8.79 5.03
CA ILE C 72 12.32 8.36 5.48
C ILE C 72 11.51 9.64 5.76
N ASP C 73 10.29 9.72 5.21
CA ASP C 73 9.44 10.94 5.22
C ASP C 73 8.83 11.14 6.61
N ASN C 74 8.78 12.40 7.07
CA ASN C 74 8.03 12.87 8.27
C ASN C 74 8.54 12.18 9.54
N LEU C 75 9.85 11.91 9.62
CA LEU C 75 10.51 11.31 10.80
C LEU C 75 10.91 12.43 11.76
N MET C 76 10.37 12.42 12.99
CA MET C 76 10.60 13.47 14.02
C MET C 76 11.89 13.14 14.79
N TYR C 77 12.00 11.93 15.34
CA TYR C 77 13.20 11.44 16.07
C TYR C 77 13.24 9.91 16.09
N MET C 78 14.40 9.37 16.49
CA MET C 78 14.69 7.91 16.55
C MET C 78 15.40 7.60 17.87
N SER C 79 14.86 6.65 18.66
CA SER C 79 15.46 6.14 19.92
C SER C 79 15.66 4.62 19.81
N SER C 80 16.68 4.08 20.48
CA SER C 80 17.01 2.62 20.46
C SER C 80 17.62 2.19 21.81
N ASN C 81 17.46 0.91 22.14
CA ASN C 81 18.07 0.24 23.32
C ASN C 81 18.80 -1.03 22.85
N SER C 82 20.11 -1.11 23.07
CA SER C 82 20.96 -2.31 22.88
C SER C 82 21.25 -2.91 24.26
N ASP C 83 20.81 -4.16 24.51
CA ASP C 83 20.68 -4.74 25.88
C ASP C 83 21.56 -5.99 26.02
N SER C 84 21.81 -6.39 27.27
N SER C 84 21.83 -6.38 27.28
CA SER C 84 22.62 -7.58 27.66
CA SER C 84 22.62 -7.58 27.67
C SER C 84 21.92 -8.87 27.25
C SER C 84 21.92 -8.87 27.23
N THR C 85 20.58 -8.83 27.08
CA THR C 85 19.74 -9.99 26.68
C THR C 85 20.02 -10.38 25.22
N GLY C 86 20.65 -9.49 24.45
CA GLY C 86 20.95 -9.68 23.02
C GLY C 86 19.94 -8.94 22.14
N THR C 87 19.06 -8.16 22.76
CA THR C 87 17.83 -7.57 22.14
C THR C 87 18.12 -6.14 21.67
N VAL C 88 17.63 -5.78 20.48
CA VAL C 88 17.58 -4.39 19.94
C VAL C 88 16.11 -3.99 19.80
N GLN C 89 15.79 -2.73 20.11
CA GLN C 89 14.46 -2.12 19.86
C GLN C 89 14.66 -0.66 19.42
N ILE C 90 14.62 -0.42 18.11
CA ILE C 90 14.75 0.94 17.48
C ILE C 90 13.34 1.45 17.16
N THR C 91 12.89 2.48 17.88
CA THR C 91 11.56 3.14 17.70
C THR C 91 11.72 4.42 16.90
N LEU C 92 11.07 4.51 15.74
CA LEU C 92 11.02 5.72 14.87
C LEU C 92 9.65 6.40 15.06
N THR C 93 9.64 7.60 15.66
CA THR C 93 8.43 8.42 15.90
C THR C 93 8.29 9.44 14.76
N PHE C 94 7.10 9.54 14.17
CA PHE C 94 6.81 10.35 12.96
C PHE C 94 5.96 11.57 13.31
N GLU C 95 5.85 12.52 12.38
CA GLU C 95 5.07 13.78 12.53
C GLU C 95 3.59 13.44 12.73
N SER C 96 2.87 14.26 13.51
CA SER C 96 1.40 14.15 13.74
C SER C 96 0.68 14.34 12.39
N GLY C 97 -0.09 13.33 11.97
CA GLY C 97 -0.84 13.32 10.69
C GLY C 97 -0.23 12.37 9.68
N THR C 98 0.94 11.78 9.98
CA THR C 98 1.65 10.79 9.13
C THR C 98 0.79 9.52 9.03
N ASP C 99 0.66 8.96 7.82
CA ASP C 99 0.03 7.64 7.58
C ASP C 99 0.95 6.55 8.15
N ALA C 100 0.53 5.92 9.24
CA ALA C 100 1.33 4.94 10.03
C ALA C 100 1.67 3.71 9.17
N ASP C 101 0.80 3.36 8.22
CA ASP C 101 0.97 2.21 7.30
C ASP C 101 2.09 2.53 6.29
N ILE C 102 2.10 3.75 5.74
CA ILE C 102 3.16 4.25 4.81
C ILE C 102 4.48 4.36 5.58
N ALA C 103 4.43 4.85 6.83
CA ALA C 103 5.59 4.95 7.74
C ALA C 103 6.25 3.59 7.90
N GLN C 104 5.45 2.55 8.19
CA GLN C 104 5.90 1.14 8.36
C GLN C 104 6.60 0.66 7.08
N VAL C 105 5.97 0.88 5.92
CA VAL C 105 6.46 0.43 4.59
C VAL C 105 7.83 1.07 4.33
N GLN C 106 7.96 2.38 4.53
CA GLN C 106 9.20 3.16 4.28
C GLN C 106 10.33 2.66 5.19
N VAL C 107 10.02 2.35 6.46
CA VAL C 107 10.98 1.79 7.45
C VAL C 107 11.40 0.38 7.02
N GLN C 108 10.44 -0.43 6.57
CA GLN C 108 10.66 -1.84 6.13
C GLN C 108 11.58 -1.84 4.90
N ASN C 109 11.34 -0.93 3.94
CA ASN C 109 12.10 -0.81 2.67
C ASN C 109 13.56 -0.45 2.97
N LYS C 110 13.80 0.39 3.98
CA LYS C 110 15.16 0.84 4.40
C LYS C 110 15.85 -0.27 5.18
N LEU C 111 15.12 -1.00 6.05
CA LEU C 111 15.67 -2.13 6.85
C LEU C 111 16.17 -3.23 5.91
N GLN C 112 15.47 -3.46 4.79
CA GLN C 112 15.78 -4.51 3.79
C GLN C 112 17.27 -4.46 3.42
N LEU C 113 17.84 -3.26 3.31
CA LEU C 113 19.27 -3.03 2.97
C LEU C 113 20.17 -3.55 4.09
N ALA C 114 19.77 -3.33 5.35
CA ALA C 114 20.55 -3.67 6.57
C ALA C 114 20.53 -5.18 6.84
N MET C 115 19.38 -5.82 6.59
CA MET C 115 19.11 -7.25 6.94
C MET C 115 20.29 -8.15 6.57
N PRO C 116 20.77 -8.16 5.30
CA PRO C 116 21.89 -9.03 4.92
C PRO C 116 23.22 -8.71 5.64
N LEU C 117 23.41 -7.45 6.04
CA LEU C 117 24.65 -6.97 6.75
C LEU C 117 24.62 -7.44 8.21
N LEU C 118 23.45 -7.80 8.74
CA LEU C 118 23.29 -8.29 10.14
C LEU C 118 23.91 -9.68 10.26
N PRO C 119 24.29 -10.12 11.48
CA PRO C 119 24.79 -11.48 11.69
C PRO C 119 23.73 -12.53 11.32
N GLN C 120 24.17 -13.72 10.89
CA GLN C 120 23.29 -14.80 10.38
C GLN C 120 22.37 -15.31 11.50
N GLU C 121 22.85 -15.27 12.76
CA GLU C 121 22.06 -15.67 13.96
C GLU C 121 20.92 -14.68 14.18
N VAL C 122 21.14 -13.38 13.92
CA VAL C 122 20.14 -12.29 14.09
C VAL C 122 19.03 -12.46 13.04
N GLN C 123 19.40 -12.83 11.81
CA GLN C 123 18.46 -13.04 10.68
C GLN C 123 17.60 -14.28 10.95
N GLN C 124 18.17 -15.31 11.59
CA GLN C 124 17.50 -16.60 11.93
C GLN C 124 16.38 -16.37 12.96
N GLN C 125 16.58 -15.44 13.89
CA GLN C 125 15.60 -15.09 14.95
C GLN C 125 14.44 -14.29 14.34
N GLY C 126 14.70 -13.56 13.26
CA GLY C 126 13.70 -12.73 12.55
C GLY C 126 13.65 -11.32 13.10
N VAL C 127 13.53 -10.32 12.22
CA VAL C 127 13.46 -8.87 12.56
C VAL C 127 12.06 -8.35 12.23
N SER C 128 11.30 -7.95 13.26
CA SER C 128 9.90 -7.48 13.14
C SER C 128 9.86 -5.95 13.01
N VAL C 129 9.12 -5.43 12.03
CA VAL C 129 8.88 -3.98 11.79
C VAL C 129 7.38 -3.71 11.91
N GLU C 130 6.96 -3.11 13.02
CA GLU C 130 5.53 -2.94 13.40
C GLU C 130 5.27 -1.51 13.90
N LYS C 131 4.04 -1.03 13.71
CA LYS C 131 3.48 0.15 14.42
C LYS C 131 3.37 -0.19 15.90
N SER C 132 3.91 0.66 16.78
CA SER C 132 4.09 0.36 18.23
C SER C 132 3.55 1.52 19.10
N SER C 133 3.08 1.17 20.30
CA SER C 133 2.81 2.10 21.43
C SER C 133 3.51 1.55 22.68
N SER C 134 3.90 2.42 23.60
CA SER C 134 4.69 2.09 24.82
C SER C 134 3.76 1.68 25.96
N SER C 135 2.58 2.31 26.07
CA SER C 135 1.65 2.20 27.22
C SER C 135 0.78 0.94 27.09
N PHE C 136 0.44 0.33 28.24
CA PHE C 136 -0.52 -0.80 28.36
C PHE C 136 -1.94 -0.22 28.52
N LEU C 137 -2.87 -0.64 27.67
CA LEU C 137 -4.32 -0.31 27.77
C LEU C 137 -4.87 -0.93 29.05
N MET C 138 -4.55 -2.20 29.30
CA MET C 138 -4.97 -2.95 30.51
C MET C 138 -4.03 -4.14 30.74
N VAL C 139 -4.02 -4.67 31.96
CA VAL C 139 -3.41 -5.98 32.34
C VAL C 139 -4.55 -6.92 32.73
N VAL C 140 -4.75 -8.01 31.98
CA VAL C 140 -5.72 -9.09 32.30
C VAL C 140 -4.98 -10.15 33.14
N GLY C 141 -5.25 -10.18 34.45
CA GLY C 141 -4.65 -11.15 35.39
C GLY C 141 -5.42 -12.46 35.39
N VAL C 142 -4.72 -13.58 35.61
CA VAL C 142 -5.31 -14.94 35.71
C VAL C 142 -4.76 -15.62 36.97
N ILE C 143 -5.65 -16.16 37.82
CA ILE C 143 -5.32 -16.86 39.09
C ILE C 143 -6.05 -18.20 39.13
N ASN C 144 -5.67 -19.07 40.07
CA ASN C 144 -6.35 -20.36 40.37
C ASN C 144 -6.82 -20.32 41.83
N THR C 145 -8.11 -20.60 42.07
CA THR C 145 -8.79 -20.41 43.38
C THR C 145 -8.91 -21.75 44.13
N ASP C 146 -8.95 -22.88 43.41
CA ASP C 146 -9.19 -24.23 44.00
C ASP C 146 -7.84 -24.93 44.30
N GLY C 147 -6.71 -24.27 44.02
CA GLY C 147 -5.36 -24.72 44.40
C GLY C 147 -4.94 -26.01 43.69
N THR C 148 -5.39 -26.21 42.45
CA THR C 148 -5.06 -27.38 41.58
C THR C 148 -3.97 -27.00 40.57
N MET C 149 -3.79 -25.70 40.29
CA MET C 149 -2.83 -25.19 39.28
C MET C 149 -1.85 -24.21 39.94
N THR C 150 -0.55 -24.41 39.71
CA THR C 150 0.54 -23.46 40.08
C THR C 150 0.55 -22.31 39.07
N GLN C 151 1.30 -21.24 39.34
CA GLN C 151 1.37 -20.04 38.46
C GLN C 151 2.10 -20.39 37.16
N GLU C 152 2.96 -21.42 37.19
CA GLU C 152 3.64 -21.99 36.00
C GLU C 152 2.60 -22.67 35.11
N ASP C 153 1.67 -23.42 35.71
CA ASP C 153 0.54 -24.10 35.02
C ASP C 153 -0.40 -23.05 34.42
N ILE C 154 -0.72 -21.99 35.18
CA ILE C 154 -1.61 -20.87 34.74
C ILE C 154 -0.94 -20.17 33.55
N SER C 155 0.35 -19.84 33.68
CA SER C 155 1.16 -19.16 32.63
C SER C 155 1.13 -19.95 31.33
N ASP C 156 1.28 -21.28 31.40
CA ASP C 156 1.26 -22.20 30.23
C ASP C 156 -0.12 -22.14 29.57
N TYR C 157 -1.20 -22.26 30.36
CA TYR C 157 -2.60 -22.28 29.86
C TYR C 157 -2.89 -20.97 29.13
N VAL C 158 -2.53 -19.83 29.75
CA VAL C 158 -2.72 -18.46 29.17
C VAL C 158 -1.95 -18.38 27.85
N ALA C 159 -0.70 -18.84 27.83
CA ALA C 159 0.21 -18.81 26.66
C ALA C 159 -0.32 -19.70 25.54
N ALA C 160 -0.88 -20.87 25.88
CA ALA C 160 -1.22 -21.97 24.94
C ALA C 160 -2.66 -21.85 24.44
N ASN C 161 -3.56 -21.22 25.21
CA ASN C 161 -5.02 -21.25 24.95
C ASN C 161 -5.62 -19.85 24.80
N MET C 162 -5.03 -18.81 25.38
CA MET C 162 -5.65 -17.46 25.49
C MET C 162 -4.89 -16.42 24.65
N LYS C 163 -3.56 -16.39 24.72
CA LYS C 163 -2.70 -15.29 24.20
C LYS C 163 -2.93 -15.06 22.70
N ASP C 164 -2.89 -16.12 21.89
CA ASP C 164 -2.95 -16.05 20.39
C ASP C 164 -4.25 -15.38 19.93
N ALA C 165 -5.39 -15.80 20.49
CA ALA C 165 -6.74 -15.29 20.15
C ALA C 165 -6.86 -13.83 20.59
N ILE C 166 -6.36 -13.49 21.78
CA ILE C 166 -6.34 -12.11 22.36
C ILE C 166 -5.45 -11.21 21.47
N SER C 167 -4.34 -11.75 20.95
CA SER C 167 -3.36 -11.01 20.11
C SER C 167 -3.94 -10.72 18.72
N ARG C 168 -4.95 -11.49 18.29
CA ARG C 168 -5.64 -11.31 16.97
C ARG C 168 -7.00 -10.63 17.17
N THR C 169 -7.35 -10.26 18.41
CA THR C 169 -8.62 -9.57 18.76
C THR C 169 -8.61 -8.15 18.20
N SER C 170 -9.78 -7.61 17.86
CA SER C 170 -9.98 -6.28 17.22
C SER C 170 -9.39 -5.18 18.10
N GLY C 171 -8.40 -4.44 17.57
CA GLY C 171 -7.82 -3.23 18.19
C GLY C 171 -6.60 -3.51 19.05
N VAL C 172 -6.24 -4.78 19.23
CA VAL C 172 -5.10 -5.22 20.11
C VAL C 172 -3.80 -5.12 19.31
N GLY C 173 -2.87 -4.27 19.77
CA GLY C 173 -1.50 -4.15 19.24
C GLY C 173 -0.63 -5.27 19.77
N ASP C 174 0.34 -4.94 20.63
CA ASP C 174 1.28 -5.91 21.27
C ASP C 174 0.59 -6.57 22.46
N VAL C 175 0.92 -7.85 22.74
CA VAL C 175 0.46 -8.62 23.92
C VAL C 175 1.69 -9.21 24.62
N GLN C 176 1.87 -8.87 25.90
CA GLN C 176 3.01 -9.33 26.75
C GLN C 176 2.49 -10.35 27.77
N LEU C 177 3.07 -11.56 27.79
CA LEU C 177 2.76 -12.62 28.79
C LEU C 177 3.63 -12.38 30.03
N PHE C 178 2.98 -12.21 31.19
CA PHE C 178 3.63 -12.09 32.53
C PHE C 178 3.83 -13.51 33.08
N GLY C 179 4.81 -14.21 32.49
CA GLY C 179 5.09 -15.64 32.71
C GLY C 179 5.77 -16.24 31.50
N SER C 180 5.65 -17.57 31.31
CA SER C 180 6.25 -18.30 30.17
C SER C 180 5.41 -19.55 29.84
N GLN C 181 5.27 -19.84 28.55
CA GLN C 181 4.69 -21.11 28.02
C GLN C 181 5.61 -22.28 28.40
N TYR C 182 5.04 -23.45 28.69
CA TYR C 182 5.82 -24.68 28.97
C TYR C 182 6.58 -25.10 27.72
N ALA C 183 7.84 -25.48 27.89
CA ALA C 183 8.66 -26.23 26.92
C ALA C 183 9.01 -27.59 27.53
N MET C 184 9.52 -28.52 26.73
CA MET C 184 10.08 -29.81 27.23
C MET C 184 11.49 -29.55 27.74
N ARG C 185 11.63 -29.40 29.06
CA ARG C 185 12.92 -29.04 29.73
C ARG C 185 13.71 -30.32 30.03
N ILE C 186 14.90 -30.44 29.42
CA ILE C 186 15.89 -31.53 29.68
C ILE C 186 16.99 -30.95 30.58
N TRP C 187 16.89 -31.19 31.90
CA TRP C 187 17.86 -30.71 32.92
C TRP C 187 19.00 -31.73 33.05
N MET C 188 20.14 -31.46 32.41
CA MET C 188 21.28 -32.40 32.29
C MET C 188 22.08 -32.43 33.61
N ASN C 189 22.57 -33.62 33.98
CA ASN C 189 23.48 -33.85 35.12
C ASN C 189 24.88 -34.14 34.58
N PRO C 190 25.87 -33.25 34.81
CA PRO C 190 27.20 -33.41 34.22
C PRO C 190 27.98 -34.62 34.75
N ASN C 191 27.70 -35.02 36.00
CA ASN C 191 28.33 -36.18 36.68
C ASN C 191 27.93 -37.47 35.94
N GLU C 192 26.68 -37.55 35.47
CA GLU C 192 26.10 -38.74 34.80
C GLU C 192 26.51 -38.76 33.32
N LEU C 193 26.64 -37.57 32.69
CA LEU C 193 27.16 -37.42 31.31
C LEU C 193 28.61 -37.92 31.25
N ASN C 194 29.44 -37.49 32.20
CA ASN C 194 30.87 -37.88 32.33
C ASN C 194 30.96 -39.40 32.60
N LYS C 195 30.04 -39.94 33.39
CA LYS C 195 30.00 -41.36 33.84
C LYS C 195 29.79 -42.29 32.64
N PHE C 196 28.94 -41.89 31.68
CA PHE C 196 28.60 -42.68 30.47
C PHE C 196 29.41 -42.19 29.26
N GLN C 197 30.38 -41.29 29.47
CA GLN C 197 31.25 -40.70 28.44
C GLN C 197 30.38 -40.04 27.36
N LEU C 198 29.47 -39.17 27.78
CA LEU C 198 28.54 -38.41 26.90
C LEU C 198 28.65 -36.91 27.22
N THR C 199 28.08 -36.07 26.35
CA THR C 199 28.10 -34.58 26.45
C THR C 199 26.75 -34.03 26.02
N PRO C 200 26.45 -32.73 26.28
CA PRO C 200 25.24 -32.09 25.74
C PRO C 200 25.09 -32.20 24.22
N VAL C 201 26.20 -32.34 23.48
CA VAL C 201 26.23 -32.52 21.99
C VAL C 201 25.49 -33.82 21.65
N ASP C 202 25.78 -34.90 22.37
CA ASP C 202 25.21 -36.26 22.17
C ASP C 202 23.71 -36.24 22.53
N VAL C 203 23.32 -35.42 23.51
CA VAL C 203 21.91 -35.26 23.96
C VAL C 203 21.13 -34.54 22.85
N ILE C 204 21.66 -33.43 22.35
CA ILE C 204 21.03 -32.57 21.29
C ILE C 204 20.86 -33.40 20.01
N THR C 205 21.89 -34.17 19.63
CA THR C 205 21.91 -35.05 18.43
C THR C 205 20.80 -36.10 18.55
N ALA C 206 20.70 -36.76 19.71
CA ALA C 206 19.73 -37.85 20.00
C ALA C 206 18.29 -37.31 19.89
N ILE C 207 18.02 -36.15 20.49
CA ILE C 207 16.68 -35.49 20.50
C ILE C 207 16.29 -35.14 19.05
N LYS C 208 17.22 -34.60 18.27
CA LYS C 208 16.99 -34.21 16.84
C LYS C 208 16.63 -35.45 16.01
N ALA C 209 17.26 -36.60 16.28
CA ALA C 209 17.11 -37.86 15.54
C ALA C 209 15.84 -38.60 15.97
N GLN C 210 15.44 -38.48 17.26
CA GLN C 210 14.39 -39.31 17.89
C GLN C 210 13.13 -38.48 18.22
N ASN C 211 13.23 -37.14 18.20
CA ASN C 211 12.07 -36.21 18.25
C ASN C 211 12.00 -35.49 16.89
N ALA C 212 11.54 -36.21 15.85
CA ALA C 212 11.56 -35.79 14.44
C ALA C 212 10.17 -35.97 13.81
N GLN C 213 9.84 -35.12 12.83
CA GLN C 213 8.61 -35.21 12.00
C GLN C 213 9.04 -35.39 10.54
N VAL C 214 8.90 -36.60 10.00
CA VAL C 214 9.51 -37.04 8.70
C VAL C 214 8.43 -37.06 7.61
N ALA C 215 8.73 -36.44 6.47
CA ALA C 215 7.97 -36.55 5.19
C ALA C 215 8.47 -37.79 4.43
N ALA C 216 7.69 -38.87 4.44
CA ALA C 216 8.10 -40.24 4.01
C ALA C 216 7.36 -40.66 2.73
N GLY C 217 6.60 -39.76 2.10
CA GLY C 217 5.97 -39.98 0.79
C GLY C 217 4.68 -40.80 0.88
N GLN C 218 4.39 -41.59 -0.16
CA GLN C 218 3.10 -42.30 -0.35
C GLN C 218 3.31 -43.67 -1.01
N LEU C 219 2.38 -44.59 -0.77
CA LEU C 219 2.17 -45.84 -1.55
C LEU C 219 1.18 -45.53 -2.68
N GLY C 220 1.52 -45.87 -3.92
CA GLY C 220 0.69 -45.62 -5.12
C GLY C 220 0.54 -44.13 -5.41
N GLY C 221 1.57 -43.34 -5.10
CA GLY C 221 1.63 -41.90 -5.41
C GLY C 221 1.93 -41.67 -6.88
N THR C 222 1.68 -40.45 -7.37
CA THR C 222 1.82 -40.06 -8.80
C THR C 222 3.30 -39.78 -9.11
N PRO C 223 3.82 -40.16 -10.30
CA PRO C 223 3.08 -40.97 -11.27
C PRO C 223 3.05 -42.45 -10.87
N PRO C 224 1.87 -43.11 -10.88
CA PRO C 224 1.78 -44.51 -10.47
C PRO C 224 1.92 -45.48 -11.66
N VAL C 225 2.06 -46.77 -11.35
CA VAL C 225 1.87 -47.88 -12.33
C VAL C 225 0.36 -48.01 -12.54
N LYS C 226 -0.12 -47.79 -13.77
CA LYS C 226 -1.57 -47.82 -14.13
C LYS C 226 -2.15 -49.19 -13.76
N GLY C 227 -3.24 -49.21 -12.99
CA GLY C 227 -3.85 -50.42 -12.41
C GLY C 227 -3.74 -50.44 -10.90
N GLN C 228 -2.95 -49.51 -10.33
CA GLN C 228 -2.79 -49.32 -8.86
C GLN C 228 -4.17 -49.10 -8.23
N GLN C 229 -4.46 -49.80 -7.14
CA GLN C 229 -5.74 -49.71 -6.38
C GLN C 229 -5.54 -48.95 -5.06
N LEU C 230 -4.34 -49.06 -4.47
CA LEU C 230 -3.99 -48.48 -3.14
C LEU C 230 -3.28 -47.13 -3.33
N ASN C 231 -3.81 -46.08 -2.68
CA ASN C 231 -3.13 -44.78 -2.46
C ASN C 231 -3.19 -44.46 -0.96
N ALA C 232 -2.06 -44.54 -0.26
CA ALA C 232 -1.94 -44.36 1.20
C ALA C 232 -0.66 -43.61 1.55
N SER C 233 -0.75 -42.66 2.49
CA SER C 233 0.40 -41.90 3.06
C SER C 233 1.27 -42.85 3.89
N ILE C 234 2.59 -42.72 3.79
CA ILE C 234 3.58 -43.42 4.67
C ILE C 234 3.87 -42.50 5.86
N ILE C 235 3.57 -42.96 7.08
CA ILE C 235 3.82 -42.23 8.36
C ILE C 235 5.05 -42.84 9.03
N ALA C 236 6.15 -42.09 9.08
CA ALA C 236 7.40 -42.46 9.80
C ALA C 236 7.37 -41.81 11.20
N GLN C 237 8.52 -41.35 11.69
CA GLN C 237 8.66 -40.68 13.02
C GLN C 237 7.74 -39.46 13.08
N THR C 238 7.00 -39.32 14.20
CA THR C 238 6.23 -38.10 14.58
C THR C 238 6.87 -37.51 15.84
N ARG C 239 6.54 -36.26 16.16
CA ARG C 239 7.06 -35.53 17.36
C ARG C 239 6.67 -36.31 18.62
N LEU C 240 7.52 -36.27 19.65
CA LEU C 240 7.22 -36.80 21.01
C LEU C 240 6.24 -35.83 21.67
N THR C 241 5.34 -36.34 22.53
CA THR C 241 4.17 -35.59 23.07
C THR C 241 4.16 -35.58 24.60
N SER C 242 5.18 -36.18 25.26
CA SER C 242 5.20 -36.38 26.74
C SER C 242 6.63 -36.53 27.26
N THR C 243 6.83 -36.22 28.54
CA THR C 243 8.11 -36.37 29.29
C THR C 243 8.55 -37.84 29.26
N GLU C 244 7.58 -38.76 29.29
CA GLU C 244 7.80 -40.24 29.27
C GLU C 244 8.54 -40.64 28.00
N GLU C 245 8.13 -40.10 26.84
CA GLU C 245 8.70 -40.43 25.51
C GLU C 245 10.13 -39.85 25.39
N PHE C 246 10.34 -38.63 25.88
CA PHE C 246 11.67 -37.95 25.89
C PHE C 246 12.63 -38.69 26.82
N GLY C 247 12.12 -39.18 27.96
CA GLY C 247 12.89 -39.91 28.98
C GLY C 247 13.52 -41.19 28.42
N LYS C 248 12.84 -41.86 27.50
CA LYS C 248 13.26 -43.17 26.93
C LYS C 248 13.97 -42.97 25.57
N ILE C 249 14.40 -41.75 25.25
CA ILE C 249 15.29 -41.46 24.08
C ILE C 249 16.62 -42.20 24.30
N LEU C 250 16.97 -43.10 23.38
CA LEU C 250 18.18 -43.96 23.46
C LEU C 250 19.42 -43.15 23.05
N LEU C 251 20.28 -42.81 24.02
CA LEU C 251 21.54 -42.05 23.79
C LEU C 251 22.60 -43.00 23.20
N LYS C 252 22.78 -44.18 23.81
CA LYS C 252 23.73 -45.22 23.33
C LYS C 252 23.43 -46.57 24.01
N VAL C 253 24.01 -47.65 23.47
CA VAL C 253 23.98 -49.03 24.04
C VAL C 253 25.42 -49.41 24.41
N ASN C 254 25.66 -49.79 25.67
CA ASN C 254 26.99 -50.17 26.20
C ASN C 254 27.42 -51.51 25.60
N GLN C 255 28.69 -51.89 25.79
CA GLN C 255 29.30 -53.15 25.27
C GLN C 255 28.57 -54.37 25.85
N ASP C 256 28.10 -54.27 27.10
CA ASP C 256 27.41 -55.38 27.82
C ASP C 256 25.91 -55.38 27.50
N GLY C 257 25.47 -54.52 26.57
CA GLY C 257 24.08 -54.50 26.04
C GLY C 257 23.15 -53.62 26.86
N SER C 258 23.66 -53.00 27.94
CA SER C 258 22.88 -52.10 28.84
C SER C 258 22.63 -50.77 28.13
N ARG C 259 21.40 -50.27 28.20
CA ARG C 259 20.92 -49.07 27.46
C ARG C 259 21.04 -47.83 28.36
N VAL C 260 21.61 -46.74 27.82
CA VAL C 260 21.66 -45.39 28.46
C VAL C 260 20.55 -44.54 27.84
N LEU C 261 19.45 -44.33 28.57
CA LEU C 261 18.30 -43.47 28.17
C LEU C 261 18.58 -42.03 28.65
N LEU C 262 17.83 -41.06 28.13
CA LEU C 262 18.01 -39.61 28.44
C LEU C 262 17.68 -39.35 29.92
N ARG C 263 16.74 -40.12 30.49
CA ARG C 263 16.29 -39.99 31.90
C ARG C 263 17.38 -40.48 32.87
N ASP C 264 18.35 -41.25 32.38
CA ASP C 264 19.49 -41.78 33.17
C ASP C 264 20.54 -40.67 33.41
N VAL C 265 20.53 -39.62 32.59
CA VAL C 265 21.54 -38.51 32.65
C VAL C 265 20.86 -37.15 32.91
N ALA C 266 19.52 -37.06 32.85
CA ALA C 266 18.78 -35.79 32.93
C ALA C 266 17.41 -35.98 33.61
N LYS C 267 16.86 -34.88 34.12
CA LYS C 267 15.46 -34.77 34.63
C LYS C 267 14.60 -34.14 33.53
N ILE C 268 13.54 -34.84 33.11
CA ILE C 268 12.62 -34.42 32.01
C ILE C 268 11.28 -34.01 32.63
N GLU C 269 10.92 -32.73 32.53
CA GLU C 269 9.63 -32.16 33.01
C GLU C 269 9.18 -31.04 32.07
N LEU C 270 7.88 -30.76 32.03
CA LEU C 270 7.29 -29.56 31.36
C LEU C 270 7.61 -28.33 32.22
N GLY C 271 8.40 -27.40 31.67
CA GLY C 271 8.86 -26.18 32.36
C GLY C 271 8.91 -25.00 31.40
N GLY C 272 8.81 -23.78 31.93
CA GLY C 272 8.78 -22.53 31.15
C GLY C 272 9.94 -22.44 30.17
N GLU C 273 9.70 -21.86 28.98
CA GLU C 273 10.75 -21.48 28.01
C GLU C 273 11.76 -20.56 28.72
N ASN C 274 11.25 -19.67 29.57
CA ASN C 274 12.01 -18.66 30.35
C ASN C 274 11.47 -18.65 31.78
N TYR C 275 12.35 -18.51 32.78
CA TYR C 275 12.03 -18.58 34.23
C TYR C 275 12.24 -17.22 34.91
N ASP C 276 12.52 -16.17 34.13
CA ASP C 276 12.86 -14.81 34.64
C ASP C 276 11.60 -14.13 35.19
N ILE C 277 10.45 -14.28 34.52
CA ILE C 277 9.21 -13.49 34.77
C ILE C 277 8.27 -14.29 35.68
N ILE C 278 7.98 -13.75 36.87
CA ILE C 278 7.05 -14.31 37.90
C ILE C 278 6.15 -13.17 38.39
N ALA C 279 4.82 -13.35 38.32
CA ALA C 279 3.81 -12.32 38.66
C ALA C 279 3.02 -12.75 39.90
N GLU C 280 2.51 -11.77 40.65
CA GLU C 280 1.63 -11.96 41.84
C GLU C 280 0.47 -10.96 41.78
N PHE C 281 -0.75 -11.42 42.05
CA PHE C 281 -1.98 -10.60 42.18
C PHE C 281 -2.39 -10.55 43.65
N ASN C 282 -2.18 -9.41 44.31
CA ASN C 282 -2.48 -9.17 45.75
C ASN C 282 -1.71 -10.19 46.60
N GLY C 283 -0.46 -10.48 46.25
CA GLY C 283 0.46 -11.37 46.99
C GLY C 283 0.26 -12.84 46.65
N GLN C 284 -0.69 -13.17 45.76
CA GLN C 284 -1.06 -14.56 45.37
C GLN C 284 -0.41 -14.88 44.03
N PRO C 285 0.14 -16.10 43.84
CA PRO C 285 0.69 -16.52 42.54
C PRO C 285 -0.30 -16.31 41.39
N ALA C 286 0.16 -15.74 40.28
CA ALA C 286 -0.68 -15.35 39.11
C ALA C 286 0.16 -15.32 37.83
N SER C 287 -0.52 -15.40 36.69
CA SER C 287 -0.04 -14.99 35.35
C SER C 287 -0.88 -13.81 34.86
N GLY C 288 -0.59 -13.27 33.68
CA GLY C 288 -1.36 -12.14 33.12
C GLY C 288 -0.97 -11.82 31.69
N LEU C 289 -1.80 -11.01 31.01
CA LEU C 289 -1.57 -10.49 29.64
C LEU C 289 -1.54 -8.96 29.70
N GLY C 290 -0.36 -8.36 29.46
CA GLY C 290 -0.19 -6.92 29.23
C GLY C 290 -0.61 -6.56 27.82
N ILE C 291 -1.84 -6.06 27.65
CA ILE C 291 -2.46 -5.77 26.32
C ILE C 291 -2.24 -4.29 25.99
N LYS C 292 -1.72 -4.01 24.79
CA LYS C 292 -1.51 -2.64 24.25
C LYS C 292 -2.55 -2.36 23.16
N LEU C 293 -2.94 -1.09 23.01
CA LEU C 293 -3.93 -0.61 22.01
C LEU C 293 -3.20 -0.37 20.68
N ALA C 294 -3.70 -0.96 19.59
CA ALA C 294 -3.19 -0.78 18.21
C ALA C 294 -3.37 0.68 17.78
N THR C 295 -2.46 1.21 16.97
CA THR C 295 -2.43 2.61 16.50
C THR C 295 -3.74 2.96 15.79
N GLY C 296 -4.49 3.92 16.33
CA GLY C 296 -5.72 4.48 15.72
C GLY C 296 -6.97 3.69 16.09
N ALA C 297 -6.84 2.68 16.95
CA ALA C 297 -7.95 1.82 17.43
C ALA C 297 -8.71 2.53 18.55
N ASN C 298 -10.03 2.30 18.64
CA ASN C 298 -10.91 2.86 19.69
C ASN C 298 -10.73 2.03 20.97
N ALA C 299 -10.30 2.67 22.06
CA ALA C 299 -9.93 2.04 23.35
C ALA C 299 -11.13 1.28 23.94
N LEU C 300 -12.31 1.92 23.97
CA LEU C 300 -13.55 1.36 24.55
C LEU C 300 -14.00 0.13 23.76
N ASP C 301 -13.91 0.19 22.42
CA ASP C 301 -14.30 -0.92 21.50
C ASP C 301 -13.34 -2.10 21.68
N THR C 302 -12.04 -1.82 21.81
CA THR C 302 -10.97 -2.83 22.01
C THR C 302 -11.19 -3.54 23.34
N ALA C 303 -11.41 -2.78 24.42
CA ALA C 303 -11.69 -3.29 25.79
C ALA C 303 -12.93 -4.21 25.77
N ALA C 304 -13.97 -3.82 25.04
CA ALA C 304 -15.23 -4.58 24.85
C ALA C 304 -14.94 -5.86 24.07
N ALA C 305 -14.11 -5.77 23.02
CA ALA C 305 -13.71 -6.90 22.14
C ALA C 305 -12.89 -7.93 22.94
N ILE C 306 -11.99 -7.45 23.80
CA ILE C 306 -11.14 -8.30 24.69
C ILE C 306 -12.04 -9.09 25.65
N ARG C 307 -13.01 -8.41 26.29
CA ARG C 307 -13.95 -8.99 27.27
C ARG C 307 -14.85 -10.02 26.58
N ALA C 308 -15.27 -9.76 25.35
CA ALA C 308 -16.11 -10.65 24.51
C ALA C 308 -15.33 -11.93 24.18
N GLU C 309 -14.03 -11.81 23.91
CA GLU C 309 -13.13 -12.94 23.53
C GLU C 309 -12.83 -13.80 24.76
N LEU C 310 -12.66 -13.17 25.93
CA LEU C 310 -12.41 -13.87 27.22
C LEU C 310 -13.68 -14.63 27.64
N ALA C 311 -14.85 -14.06 27.36
CA ALA C 311 -16.19 -14.67 27.66
C ALA C 311 -16.37 -15.95 26.84
N LYS C 312 -15.77 -16.01 25.64
CA LYS C 312 -15.80 -17.20 24.74
C LYS C 312 -14.92 -18.32 25.33
N MET C 313 -13.84 -17.95 26.01
CA MET C 313 -12.81 -18.89 26.56
C MET C 313 -13.27 -19.44 27.92
N GLU C 314 -13.99 -18.63 28.70
CA GLU C 314 -14.36 -18.91 30.12
C GLU C 314 -14.96 -20.30 30.26
N PRO C 315 -15.97 -20.70 29.44
CA PRO C 315 -16.60 -22.02 29.58
C PRO C 315 -15.66 -23.22 29.47
N PHE C 316 -14.52 -23.07 28.81
CA PHE C 316 -13.54 -24.17 28.51
C PHE C 316 -12.33 -24.08 29.45
N PHE C 317 -12.40 -23.26 30.51
CA PHE C 317 -11.33 -23.12 31.53
C PHE C 317 -11.25 -24.38 32.38
N PRO C 318 -10.04 -24.80 32.82
CA PRO C 318 -9.91 -25.85 33.83
C PRO C 318 -10.44 -25.36 35.18
N SER C 319 -10.89 -26.30 36.03
CA SER C 319 -11.53 -26.03 37.34
C SER C 319 -10.67 -25.08 38.18
N GLY C 320 -11.25 -23.96 38.65
CA GLY C 320 -10.63 -23.03 39.60
C GLY C 320 -10.07 -21.78 38.94
N LEU C 321 -9.74 -21.84 37.63
CA LEU C 321 -9.08 -20.73 36.90
C LEU C 321 -10.07 -19.55 36.81
N LYS C 322 -9.61 -18.34 37.16
CA LYS C 322 -10.43 -17.11 37.23
C LYS C 322 -9.65 -15.93 36.64
N ILE C 323 -10.31 -15.10 35.84
CA ILE C 323 -9.78 -13.84 35.28
C ILE C 323 -10.01 -12.73 36.32
N VAL C 324 -8.96 -11.99 36.67
CA VAL C 324 -9.02 -10.76 37.52
C VAL C 324 -8.60 -9.57 36.65
N TYR C 325 -9.00 -8.36 37.03
CA TYR C 325 -8.78 -7.10 36.27
C TYR C 325 -8.02 -6.11 37.16
N PRO C 326 -6.70 -6.34 37.38
CA PRO C 326 -5.91 -5.53 38.31
C PRO C 326 -5.40 -4.17 37.79
N TYR C 327 -5.56 -3.90 36.50
CA TYR C 327 -5.07 -2.66 35.84
C TYR C 327 -5.82 -2.44 34.53
N ASP C 328 -6.63 -1.37 34.47
CA ASP C 328 -7.45 -1.00 33.28
C ASP C 328 -7.60 0.53 33.26
N THR C 329 -7.35 1.15 32.10
CA THR C 329 -7.41 2.63 31.89
C THR C 329 -8.80 3.04 31.39
N THR C 330 -9.60 2.09 30.90
CA THR C 330 -10.90 2.36 30.21
C THR C 330 -12.01 2.68 31.21
N PRO C 331 -11.99 2.18 32.47
CA PRO C 331 -12.94 2.66 33.49
C PRO C 331 -12.87 4.18 33.68
N PHE C 332 -11.68 4.78 33.58
CA PHE C 332 -11.44 6.24 33.67
C PHE C 332 -12.02 6.94 32.43
N VAL C 333 -11.85 6.34 31.25
CA VAL C 333 -12.38 6.88 29.95
C VAL C 333 -13.89 7.09 30.08
N LYS C 334 -14.60 6.06 30.57
CA LYS C 334 -16.09 6.02 30.68
C LYS C 334 -16.57 7.07 31.69
N ILE C 335 -15.99 7.11 32.90
CA ILE C 335 -16.41 8.02 34.00
C ILE C 335 -16.11 9.47 33.60
N SER C 336 -14.96 9.73 32.96
CA SER C 336 -14.52 11.08 32.54
C SER C 336 -15.50 11.65 31.50
N ILE C 337 -15.90 10.83 30.53
CA ILE C 337 -16.92 11.18 29.49
C ILE C 337 -18.24 11.49 30.18
N HIS C 338 -18.66 10.63 31.11
CA HIS C 338 -19.90 10.78 31.93
C HIS C 338 -19.88 12.12 32.68
N GLU C 339 -18.71 12.52 33.19
CA GLU C 339 -18.52 13.77 34.01
C GLU C 339 -18.66 15.00 33.11
N VAL C 340 -18.23 14.92 31.84
CA VAL C 340 -18.34 16.04 30.86
C VAL C 340 -19.80 16.16 30.40
N VAL C 341 -20.48 15.02 30.21
CA VAL C 341 -21.94 14.94 29.85
C VAL C 341 -22.75 15.58 30.98
N LYS C 342 -22.44 15.24 32.24
CA LYS C 342 -23.04 15.83 33.46
C LYS C 342 -22.82 17.34 33.45
N THR C 343 -21.57 17.77 33.20
CA THR C 343 -21.14 19.19 33.10
C THR C 343 -21.91 19.90 31.99
N LEU C 344 -22.09 19.23 30.84
CA LEU C 344 -22.78 19.78 29.64
C LEU C 344 -24.26 20.01 29.96
N VAL C 345 -24.92 19.03 30.59
CA VAL C 345 -26.36 19.09 30.98
C VAL C 345 -26.54 20.21 32.03
N GLU C 346 -25.60 20.34 32.97
CA GLU C 346 -25.59 21.38 34.02
C GLU C 346 -25.46 22.77 33.36
N ALA C 347 -24.60 22.89 32.34
CA ALA C 347 -24.36 24.13 31.58
C ALA C 347 -25.66 24.60 30.90
N ILE C 348 -26.41 23.66 30.31
CA ILE C 348 -27.68 23.93 29.57
C ILE C 348 -28.74 24.43 30.56
N ILE C 349 -28.83 23.81 31.75
CA ILE C 349 -29.80 24.17 32.83
C ILE C 349 -29.49 25.58 33.34
N LEU C 350 -28.21 25.88 33.60
CA LEU C 350 -27.75 27.19 34.15
C LEU C 350 -28.00 28.29 33.12
N VAL C 351 -27.65 28.04 31.85
CA VAL C 351 -27.86 28.99 30.70
C VAL C 351 -29.36 29.26 30.56
N PHE C 352 -30.19 28.23 30.70
CA PHE C 352 -31.68 28.31 30.65
C PHE C 352 -32.18 29.24 31.76
N LEU C 353 -31.66 29.08 32.98
CA LEU C 353 -32.08 29.85 34.19
C LEU C 353 -31.67 31.32 34.06
N VAL C 354 -30.54 31.59 33.38
CA VAL C 354 -30.05 32.97 33.10
C VAL C 354 -31.03 33.65 32.13
N MET C 355 -31.44 32.94 31.07
CA MET C 355 -32.41 33.44 30.06
C MET C 355 -33.78 33.63 30.72
N TYR C 356 -34.14 32.77 31.68
CA TYR C 356 -35.41 32.83 32.45
C TYR C 356 -35.40 34.05 33.38
N LEU C 357 -34.24 34.39 33.94
CA LEU C 357 -34.04 35.53 34.89
C LEU C 357 -34.37 36.86 34.20
N PHE C 358 -34.00 37.00 32.93
CA PHE C 358 -34.10 38.27 32.14
C PHE C 358 -35.42 38.31 31.35
N LEU C 359 -35.80 37.21 30.70
CA LEU C 359 -36.99 37.13 29.80
C LEU C 359 -38.25 36.83 30.60
N GLN C 360 -38.15 35.97 31.64
CA GLN C 360 -39.16 35.81 32.72
C GLN C 360 -40.41 35.11 32.18
N ASN C 361 -41.10 35.70 31.20
CA ASN C 361 -42.22 35.07 30.45
C ASN C 361 -41.69 33.79 29.78
N PHE C 362 -42.42 32.68 29.90
CA PHE C 362 -41.98 31.33 29.46
C PHE C 362 -41.87 31.27 27.93
N ARG C 363 -42.81 31.89 27.21
CA ARG C 363 -42.79 32.00 25.73
C ARG C 363 -41.47 32.65 25.28
N ALA C 364 -41.12 33.80 25.89
CA ALA C 364 -39.89 34.59 25.61
C ALA C 364 -38.66 33.73 25.90
N THR C 365 -38.65 33.02 27.03
CA THR C 365 -37.54 32.15 27.51
C THR C 365 -37.37 30.94 26.59
N LEU C 366 -38.48 30.39 26.09
CA LEU C 366 -38.52 29.12 25.29
C LEU C 366 -37.88 29.34 23.92
N ILE C 367 -38.02 30.54 23.33
CA ILE C 367 -37.57 30.86 21.95
C ILE C 367 -36.06 30.60 21.83
N PRO C 368 -35.19 31.28 22.62
CA PRO C 368 -33.75 31.05 22.53
C PRO C 368 -33.31 29.70 23.12
N THR C 369 -34.14 29.09 23.96
CA THR C 369 -33.92 27.76 24.58
C THR C 369 -33.98 26.67 23.49
N ILE C 370 -34.85 26.85 22.49
CA ILE C 370 -35.05 25.89 21.35
C ILE C 370 -33.78 25.86 20.48
N ALA C 371 -32.98 26.94 20.49
CA ALA C 371 -31.70 27.05 19.75
C ALA C 371 -30.72 25.96 20.20
N VAL C 372 -30.77 25.56 21.48
CA VAL C 372 -29.81 24.59 22.10
C VAL C 372 -29.91 23.24 21.37
N PRO C 373 -31.06 22.53 21.38
CA PRO C 373 -31.18 21.24 20.69
C PRO C 373 -30.88 21.33 19.18
N VAL C 374 -31.36 22.37 18.50
CA VAL C 374 -31.20 22.58 17.03
C VAL C 374 -29.70 22.68 16.69
N VAL C 375 -28.97 23.53 17.43
CA VAL C 375 -27.53 23.82 17.18
C VAL C 375 -26.68 22.60 17.58
N LEU C 376 -26.92 22.03 18.78
CA LEU C 376 -26.12 20.91 19.33
C LEU C 376 -26.28 19.67 18.44
N LEU C 377 -27.52 19.28 18.14
CA LEU C 377 -27.82 18.13 17.23
C LEU C 377 -27.24 18.42 15.84
N GLY C 378 -27.44 19.65 15.34
CA GLY C 378 -26.82 20.14 14.09
C GLY C 378 -25.31 19.98 14.10
N THR C 379 -24.67 20.27 15.22
CA THR C 379 -23.19 20.16 15.43
C THR C 379 -22.79 18.67 15.40
N PHE C 380 -23.56 17.80 16.06
CA PHE C 380 -23.33 16.32 16.10
C PHE C 380 -23.36 15.75 14.68
N ALA C 381 -24.27 16.25 13.83
CA ALA C 381 -24.43 15.84 12.42
C ALA C 381 -23.18 16.23 11.62
N VAL C 382 -22.58 17.37 11.95
CA VAL C 382 -21.34 17.89 11.28
C VAL C 382 -20.14 17.04 11.72
N LEU C 383 -20.02 16.74 13.02
CA LEU C 383 -18.94 15.88 13.59
C LEU C 383 -18.91 14.54 12.84
N ALA C 384 -20.09 13.93 12.62
CA ALA C 384 -20.27 12.63 11.93
C ALA C 384 -19.85 12.74 10.46
N ALA C 385 -20.22 13.84 9.79
CA ALA C 385 -19.96 14.10 8.36
C ALA C 385 -18.46 14.16 8.08
N PHE C 386 -17.67 14.73 9.02
CA PHE C 386 -16.20 14.93 8.89
C PHE C 386 -15.44 13.85 9.67
N GLY C 387 -16.14 12.86 10.20
CA GLY C 387 -15.55 11.65 10.83
C GLY C 387 -14.88 11.95 12.17
N PHE C 388 -15.46 12.87 12.96
CA PHE C 388 -15.04 13.18 14.34
C PHE C 388 -15.81 12.28 15.32
N SER C 389 -15.22 12.03 16.49
CA SER C 389 -15.80 11.18 17.57
C SER C 389 -16.35 12.06 18.70
N ILE C 390 -17.28 11.52 19.49
CA ILE C 390 -17.75 12.12 20.77
C ILE C 390 -16.65 11.87 21.82
N ASN C 391 -15.78 12.86 22.02
CA ASN C 391 -14.63 12.78 22.97
C ASN C 391 -14.70 14.00 23.91
N THR C 392 -13.90 13.98 24.98
CA THR C 392 -13.88 15.01 26.04
C THR C 392 -13.63 16.40 25.42
N LEU C 393 -12.76 16.47 24.40
CA LEU C 393 -12.34 17.74 23.74
C LEU C 393 -13.50 18.33 22.95
N THR C 394 -14.17 17.52 22.10
CA THR C 394 -15.35 17.94 21.30
C THR C 394 -16.51 18.25 22.25
N MET C 395 -16.60 17.55 23.39
CA MET C 395 -17.63 17.78 24.43
C MET C 395 -17.36 19.11 25.15
N PHE C 396 -16.09 19.43 25.41
CA PHE C 396 -15.65 20.73 26.00
C PHE C 396 -16.05 21.87 25.06
N GLY C 397 -15.83 21.68 23.75
CA GLY C 397 -16.25 22.62 22.69
C GLY C 397 -17.73 22.94 22.76
N MET C 398 -18.56 21.93 23.04
CA MET C 398 -20.04 22.05 23.15
C MET C 398 -20.40 22.78 24.46
N VAL C 399 -19.71 22.50 25.57
CA VAL C 399 -19.94 23.14 26.89
C VAL C 399 -19.66 24.64 26.78
N LEU C 400 -18.54 25.01 26.15
CA LEU C 400 -18.13 26.42 25.86
C LEU C 400 -19.19 27.08 24.98
N ALA C 401 -19.76 26.33 24.02
CA ALA C 401 -20.66 26.81 22.95
C ALA C 401 -22.07 27.12 23.48
N ILE C 402 -22.50 26.46 24.57
CA ILE C 402 -23.89 26.60 25.11
C ILE C 402 -24.20 28.08 25.36
N GLY C 403 -23.29 28.79 26.03
CA GLY C 403 -23.44 30.21 26.40
C GLY C 403 -23.12 31.16 25.25
N LEU C 404 -22.74 30.62 24.09
CA LEU C 404 -22.42 31.41 22.86
C LEU C 404 -23.48 31.18 21.78
N LEU C 405 -24.00 29.96 21.66
CA LEU C 405 -24.94 29.56 20.57
C LEU C 405 -26.34 30.14 20.83
N VAL C 406 -26.62 30.58 22.06
CA VAL C 406 -27.92 31.22 22.44
C VAL C 406 -27.86 32.74 22.20
N ASP C 407 -26.65 33.29 22.01
CA ASP C 407 -26.39 34.75 21.96
C ASP C 407 -27.25 35.41 20.87
N ASP C 408 -27.08 34.98 19.60
CA ASP C 408 -27.79 35.56 18.43
C ASP C 408 -29.31 35.47 18.65
N ALA C 409 -29.79 34.35 19.19
CA ALA C 409 -31.22 34.10 19.49
C ALA C 409 -31.70 35.05 20.58
N ILE C 410 -30.91 35.22 21.65
CA ILE C 410 -31.19 36.16 22.78
C ILE C 410 -31.28 37.58 22.24
N VAL C 411 -30.30 38.01 21.43
CA VAL C 411 -30.20 39.39 20.86
C VAL C 411 -31.47 39.69 20.06
N VAL C 412 -31.97 38.73 19.27
CA VAL C 412 -33.23 38.87 18.47
C VAL C 412 -34.39 39.11 19.44
N VAL C 413 -34.63 38.17 20.37
CA VAL C 413 -35.81 38.15 21.28
C VAL C 413 -35.78 39.41 22.16
N GLU C 414 -34.62 39.73 22.74
CA GLU C 414 -34.42 40.92 23.63
C GLU C 414 -34.75 42.20 22.87
N ASN C 415 -34.32 42.30 21.60
CA ASN C 415 -34.52 43.48 20.73
C ASN C 415 -36.01 43.63 20.40
N VAL C 416 -36.69 42.52 20.09
CA VAL C 416 -38.16 42.49 19.79
C VAL C 416 -38.91 42.99 21.02
N GLU C 417 -38.54 42.49 22.21
CA GLU C 417 -39.16 42.85 23.52
C GLU C 417 -38.99 44.35 23.79
N ARG C 418 -37.80 44.90 23.50
CA ARG C 418 -37.47 46.34 23.67
C ARG C 418 -38.36 47.19 22.76
N VAL C 419 -38.45 46.82 21.48
CA VAL C 419 -39.24 47.55 20.43
C VAL C 419 -40.71 47.59 20.85
N MET C 420 -41.26 46.47 21.35
CA MET C 420 -42.66 46.36 21.83
C MET C 420 -42.85 47.24 23.07
N ALA C 421 -41.86 47.27 23.97
CA ALA C 421 -41.88 48.04 25.23
C ALA C 421 -41.77 49.55 24.94
N GLU C 422 -41.06 49.93 23.87
CA GLU C 422 -40.77 51.34 23.51
C GLU C 422 -41.90 51.92 22.66
N GLU C 423 -42.38 51.17 21.65
CA GLU C 423 -43.29 51.68 20.58
C GLU C 423 -44.70 51.09 20.72
N GLY C 424 -44.85 49.91 21.32
CA GLY C 424 -46.16 49.22 21.47
C GLY C 424 -46.57 48.50 20.19
N LEU C 425 -45.60 48.16 19.33
CA LEU C 425 -45.81 47.37 18.08
C LEU C 425 -46.25 45.95 18.47
N PRO C 426 -47.15 45.32 17.69
CA PRO C 426 -47.44 43.89 17.87
C PRO C 426 -46.24 43.04 17.44
N PRO C 427 -46.04 41.85 18.06
CA PRO C 427 -44.84 41.04 17.85
C PRO C 427 -44.24 41.00 16.43
N LYS C 428 -45.07 40.78 15.41
CA LYS C 428 -44.63 40.59 14.00
C LYS C 428 -43.93 41.87 13.50
N GLU C 429 -44.64 43.02 13.57
CA GLU C 429 -44.12 44.36 13.19
C GLU C 429 -42.81 44.63 13.95
N ALA C 430 -42.78 44.30 15.24
CA ALA C 430 -41.62 44.47 16.14
C ALA C 430 -40.46 43.59 15.69
N THR C 431 -40.75 42.34 15.30
CA THR C 431 -39.75 41.35 14.82
C THR C 431 -39.17 41.83 13.48
N ARG C 432 -40.03 42.10 12.50
CA ARG C 432 -39.65 42.64 11.16
C ARG C 432 -38.66 43.79 11.33
N LYS C 433 -39.02 44.77 12.17
CA LYS C 433 -38.22 45.98 12.47
C LYS C 433 -36.89 45.57 13.13
N SER C 434 -36.96 44.70 14.15
CA SER C 434 -35.80 44.24 14.96
C SER C 434 -34.74 43.59 14.06
N MET C 435 -35.15 42.71 13.14
CA MET C 435 -34.25 41.95 12.23
C MET C 435 -33.45 42.92 11.34
N GLY C 436 -34.06 44.05 10.97
CA GLY C 436 -33.41 45.11 10.17
C GLY C 436 -32.34 45.86 10.94
N GLN C 437 -32.44 45.88 12.28
CA GLN C 437 -31.57 46.67 13.20
C GLN C 437 -30.34 45.85 13.61
N ILE C 438 -30.48 44.52 13.75
CA ILE C 438 -29.54 43.66 14.53
C ILE C 438 -28.70 42.74 13.62
N GLN C 439 -29.11 42.51 12.37
CA GLN C 439 -28.45 41.53 11.45
C GLN C 439 -26.94 41.72 11.45
N GLY C 440 -26.46 42.97 11.51
CA GLY C 440 -25.03 43.31 11.59
C GLY C 440 -24.36 42.71 12.83
N ALA C 441 -25.05 42.78 13.97
CA ALA C 441 -24.59 42.25 15.28
C ALA C 441 -24.62 40.71 15.25
N LEU C 442 -25.70 40.12 14.71
CA LEU C 442 -25.93 38.66 14.68
C LEU C 442 -24.82 37.98 13.86
N VAL C 443 -24.58 38.45 12.64
CA VAL C 443 -23.56 37.89 11.70
C VAL C 443 -22.16 38.16 12.26
N GLY C 444 -21.94 39.35 12.84
CA GLY C 444 -20.66 39.76 13.43
C GLY C 444 -20.24 38.87 14.59
N ILE C 445 -21.17 38.53 15.49
CA ILE C 445 -20.93 37.67 16.69
C ILE C 445 -20.51 36.27 16.23
N ALA C 446 -21.28 35.67 15.33
CA ALA C 446 -21.04 34.31 14.76
C ALA C 446 -19.69 34.27 14.05
N MET C 447 -19.32 35.36 13.36
CA MET C 447 -18.08 35.48 12.54
C MET C 447 -16.85 35.45 13.45
N VAL C 448 -16.78 36.34 14.45
CA VAL C 448 -15.60 36.52 15.35
C VAL C 448 -15.41 35.29 16.24
N LEU C 449 -16.50 34.59 16.58
CA LEU C 449 -16.47 33.36 17.44
C LEU C 449 -16.33 32.11 16.57
N SER C 450 -16.22 32.26 15.24
CA SER C 450 -15.88 31.20 14.27
C SER C 450 -14.45 31.41 13.75
N ALA C 451 -14.18 32.59 13.21
CA ALA C 451 -12.93 32.97 12.51
C ALA C 451 -11.72 32.85 13.44
N VAL C 452 -11.91 33.02 14.75
CA VAL C 452 -10.80 32.99 15.77
C VAL C 452 -10.37 31.53 16.00
N PHE C 453 -11.21 30.55 15.62
CA PHE C 453 -10.97 29.09 15.82
C PHE C 453 -10.54 28.42 14.51
N VAL C 454 -10.44 29.17 13.40
CA VAL C 454 -10.11 28.62 12.05
C VAL C 454 -8.61 28.39 11.94
N PRO C 455 -7.73 29.40 12.21
CA PRO C 455 -6.29 29.22 12.07
C PRO C 455 -5.68 28.06 12.88
N MET C 456 -6.19 27.82 14.10
CA MET C 456 -5.65 26.81 15.06
C MET C 456 -5.78 25.40 14.47
N ALA C 457 -6.76 25.17 13.59
CA ALA C 457 -7.03 23.88 12.92
C ALA C 457 -5.86 23.49 12.00
N PHE C 458 -5.14 24.48 11.46
CA PHE C 458 -4.02 24.30 10.49
C PHE C 458 -2.72 23.94 11.22
N PHE C 459 -2.61 24.26 12.52
CA PHE C 459 -1.39 24.01 13.34
C PHE C 459 -1.19 22.50 13.54
N GLY C 460 0.06 22.09 13.76
CA GLY C 460 0.50 20.69 13.78
C GLY C 460 0.87 20.21 15.16
N GLY C 461 1.45 19.01 15.25
CA GLY C 461 1.81 18.33 16.51
C GLY C 461 0.59 17.73 17.19
N SER C 462 0.76 17.24 18.42
CA SER C 462 -0.33 16.71 19.29
C SER C 462 -1.31 17.83 19.65
N THR C 463 -0.79 19.05 19.79
CA THR C 463 -1.57 20.29 20.11
C THR C 463 -2.56 20.57 18.98
N GLY C 464 -2.11 20.46 17.72
CA GLY C 464 -2.93 20.65 16.51
C GLY C 464 -4.14 19.73 16.47
N ALA C 465 -3.96 18.47 16.91
CA ALA C 465 -5.01 17.43 16.98
C ALA C 465 -6.07 17.83 18.01
N ILE C 466 -5.65 18.39 19.15
CA ILE C 466 -6.54 18.87 20.24
C ILE C 466 -7.30 20.10 19.75
N TYR C 467 -6.60 21.06 19.11
CA TYR C 467 -7.15 22.33 18.58
C TYR C 467 -8.34 22.07 17.66
N ARG C 468 -8.21 21.08 16.75
CA ARG C 468 -9.20 20.79 15.68
C ARG C 468 -10.52 20.29 16.27
N GLN C 469 -10.49 19.67 17.46
CA GLN C 469 -11.71 19.17 18.17
C GLN C 469 -12.58 20.36 18.58
N PHE C 470 -11.97 21.38 19.17
CA PHE C 470 -12.63 22.66 19.58
C PHE C 470 -13.05 23.45 18.33
N SER C 471 -12.23 23.42 17.29
CA SER C 471 -12.41 24.16 16.02
C SER C 471 -13.70 23.71 15.31
N ILE C 472 -13.79 22.43 14.95
CA ILE C 472 -14.94 21.82 14.22
C ILE C 472 -16.24 22.07 15.02
N THR C 473 -16.18 21.92 16.35
CA THR C 473 -17.36 21.97 17.26
C THR C 473 -17.91 23.40 17.33
N ILE C 474 -17.06 24.38 17.64
CA ILE C 474 -17.48 25.78 17.95
C ILE C 474 -17.85 26.51 16.65
N VAL C 475 -17.05 26.35 15.58
CA VAL C 475 -17.30 26.99 14.26
C VAL C 475 -18.67 26.52 13.74
N SER C 476 -18.96 25.21 13.83
CA SER C 476 -20.23 24.57 13.43
C SER C 476 -21.38 25.13 14.28
N ALA C 477 -21.19 25.21 15.59
CA ALA C 477 -22.18 25.69 16.59
C ALA C 477 -22.56 27.15 16.29
N MET C 478 -21.56 28.00 16.02
CA MET C 478 -21.75 29.46 15.78
C MET C 478 -22.39 29.68 14.40
N ALA C 479 -21.98 28.92 13.38
CA ALA C 479 -22.53 28.96 12.01
C ALA C 479 -24.01 28.56 12.04
N LEU C 480 -24.37 27.59 12.89
CA LEU C 480 -25.76 27.10 13.08
C LEU C 480 -26.56 28.11 13.90
N SER C 481 -25.95 28.72 14.92
CA SER C 481 -26.59 29.68 15.86
C SER C 481 -27.17 30.89 15.10
N VAL C 482 -26.41 31.40 14.12
CA VAL C 482 -26.80 32.60 13.31
C VAL C 482 -27.89 32.21 12.31
N LEU C 483 -27.80 31.01 11.71
CA LEU C 483 -28.84 30.47 10.78
C LEU C 483 -30.17 30.30 11.54
N VAL C 484 -30.11 29.77 12.76
CA VAL C 484 -31.29 29.60 13.66
C VAL C 484 -31.89 30.97 13.99
N ALA C 485 -31.05 31.98 14.21
CA ALA C 485 -31.44 33.34 14.64
C ALA C 485 -31.98 34.16 13.45
N LEU C 486 -31.67 33.74 12.21
CA LEU C 486 -32.15 34.41 10.96
C LEU C 486 -33.39 33.69 10.41
N ILE C 487 -33.62 32.43 10.78
CA ILE C 487 -34.70 31.57 10.22
C ILE C 487 -35.79 31.33 11.27
N LEU C 488 -35.48 30.59 12.34
CA LEU C 488 -36.46 30.08 13.32
C LEU C 488 -36.83 31.18 14.33
N THR C 489 -35.84 31.79 14.98
CA THR C 489 -36.02 32.76 16.11
C THR C 489 -36.99 33.87 15.70
N PRO C 490 -36.85 34.48 14.50
CA PRO C 490 -37.79 35.51 14.05
C PRO C 490 -39.21 34.97 13.86
N ALA C 491 -39.33 33.75 13.31
CA ALA C 491 -40.61 33.05 13.07
C ALA C 491 -41.35 32.83 14.39
N LEU C 492 -40.63 32.42 15.45
CA LEU C 492 -41.19 32.16 16.80
C LEU C 492 -41.56 33.50 17.45
N CYS C 493 -40.67 34.50 17.36
CA CYS C 493 -40.87 35.89 17.88
C CYS C 493 -42.12 36.53 17.28
N ALA C 494 -42.40 36.26 16.00
CA ALA C 494 -43.52 36.84 15.23
C ALA C 494 -44.84 36.16 15.61
N THR C 495 -44.80 34.87 15.94
CA THR C 495 -46.00 33.99 16.08
C THR C 495 -46.35 33.71 17.54
N MET C 496 -45.36 33.53 18.43
CA MET C 496 -45.61 32.97 19.80
C MET C 496 -45.05 33.86 20.93
N LEU C 497 -44.59 35.08 20.64
CA LEU C 497 -44.28 36.10 21.69
C LEU C 497 -45.58 36.78 22.13
N LYS C 498 -45.76 36.99 23.43
CA LYS C 498 -46.92 37.75 23.99
C LYS C 498 -46.67 39.24 23.76
N PRO C 499 -47.65 39.98 23.18
CA PRO C 499 -47.49 41.42 22.97
C PRO C 499 -47.26 42.20 24.28
N ILE C 500 -46.26 43.09 24.30
CA ILE C 500 -45.92 43.98 25.44
C ILE C 500 -46.48 45.38 25.15
N ALA C 501 -47.18 45.97 26.12
CA ALA C 501 -47.77 47.33 26.04
C ALA C 501 -46.64 48.37 26.09
N LYS C 502 -46.83 49.51 25.41
CA LYS C 502 -45.85 50.63 25.35
C LYS C 502 -45.62 51.19 26.76
N GLY C 503 -44.36 51.28 27.18
CA GLY C 503 -43.93 51.81 28.49
C GLY C 503 -43.70 50.72 29.51
N ASP C 504 -44.19 49.50 29.27
CA ASP C 504 -44.10 48.34 30.19
C ASP C 504 -42.69 47.72 30.08
N HIS C 505 -41.90 47.81 31.16
CA HIS C 505 -40.54 47.20 31.29
C HIS C 505 -40.53 46.20 32.44
N GLY C 506 -41.70 45.69 32.84
CA GLY C 506 -41.87 44.64 33.86
C GLY C 506 -41.53 45.10 35.26
N GLU C 507 -41.60 46.41 35.53
CA GLU C 507 -41.35 47.01 36.86
C GLU C 507 -42.56 46.77 37.78
N GLY C 508 -43.74 46.56 37.19
CA GLY C 508 -45.01 46.36 37.92
C GLY C 508 -45.31 44.89 38.21
N LYS C 509 -44.40 43.97 37.83
CA LYS C 509 -44.53 42.51 38.07
C LYS C 509 -44.47 42.25 39.58
N LYS C 510 -45.13 41.17 40.04
CA LYS C 510 -45.23 40.80 41.48
C LYS C 510 -43.99 40.00 41.89
N GLY C 511 -43.47 40.26 43.10
CA GLY C 511 -42.41 39.48 43.74
C GLY C 511 -41.02 39.84 43.22
N PHE C 512 -40.23 38.84 42.86
CA PHE C 512 -38.77 38.93 42.58
C PHE C 512 -38.53 39.65 41.24
N PHE C 513 -39.17 39.17 40.16
CA PHE C 513 -38.97 39.67 38.78
C PHE C 513 -39.24 41.17 38.70
N GLY C 514 -40.27 41.65 39.41
CA GLY C 514 -40.60 43.07 39.55
C GLY C 514 -39.45 43.86 40.15
N TRP C 515 -38.85 43.33 41.23
CA TRP C 515 -37.70 43.92 41.95
C TRP C 515 -36.46 43.95 41.04
N PHE C 516 -36.18 42.83 40.35
CA PHE C 516 -35.02 42.65 39.44
C PHE C 516 -35.10 43.65 38.28
N ASN C 517 -36.31 43.83 37.71
CA ASN C 517 -36.58 44.74 36.57
C ASN C 517 -36.37 46.19 37.02
N ARG C 518 -36.85 46.55 38.22
CA ARG C 518 -36.66 47.89 38.82
C ARG C 518 -35.17 48.11 39.11
N MET C 519 -34.50 47.11 39.68
CA MET C 519 -33.04 47.13 40.00
C MET C 519 -32.24 47.36 38.71
N PHE C 520 -32.58 46.67 37.63
CA PHE C 520 -31.85 46.70 36.33
C PHE C 520 -32.10 48.02 35.60
N GLU C 521 -33.36 48.49 35.57
CA GLU C 521 -33.76 49.78 34.95
C GLU C 521 -32.98 50.92 35.61
N LYS C 522 -32.85 50.88 36.94
CA LYS C 522 -32.11 51.91 37.74
C LYS C 522 -30.61 51.76 37.48
N SER C 523 -30.10 50.53 37.38
CA SER C 523 -28.69 50.19 37.10
C SER C 523 -28.29 50.70 35.70
N THR C 524 -29.22 50.64 34.74
CA THR C 524 -29.04 51.12 33.35
C THR C 524 -28.81 52.64 33.35
N HIS C 525 -29.63 53.39 34.10
CA HIS C 525 -29.57 54.87 34.22
C HIS C 525 -28.21 55.29 34.80
N HIS C 526 -27.74 54.60 35.85
CA HIS C 526 -26.41 54.81 36.47
C HIS C 526 -25.31 54.64 35.41
N TYR C 527 -25.37 53.52 34.68
CA TYR C 527 -24.36 53.09 33.67
C TYR C 527 -24.25 54.13 32.55
N THR C 528 -25.38 54.55 31.99
CA THR C 528 -25.47 55.51 30.85
C THR C 528 -24.93 56.88 31.28
N ASP C 529 -25.27 57.33 32.49
CA ASP C 529 -24.75 58.58 33.11
C ASP C 529 -23.23 58.47 33.27
N SER C 530 -22.75 57.30 33.71
CA SER C 530 -21.32 57.00 33.97
C SER C 530 -20.52 57.07 32.67
N VAL C 531 -21.01 56.43 31.60
CA VAL C 531 -20.36 56.41 30.25
C VAL C 531 -20.35 57.83 29.69
N GLY C 532 -21.44 58.57 29.84
CA GLY C 532 -21.55 60.00 29.48
C GLY C 532 -20.44 60.83 30.10
N GLY C 533 -20.10 60.54 31.36
CA GLY C 533 -19.00 61.19 32.09
C GLY C 533 -17.63 60.71 31.62
N ILE C 534 -17.50 59.41 31.32
CA ILE C 534 -16.25 58.77 30.81
C ILE C 534 -15.87 59.39 29.46
N LEU C 535 -16.85 59.54 28.56
CA LEU C 535 -16.65 60.09 27.18
C LEU C 535 -16.34 61.59 27.26
N ARG C 536 -16.63 62.23 28.40
CA ARG C 536 -16.37 63.67 28.68
C ARG C 536 -14.92 63.85 29.15
N SER C 537 -14.25 62.75 29.52
CA SER C 537 -12.84 62.72 30.01
C SER C 537 -12.17 61.40 29.62
N THR C 538 -11.94 61.20 28.32
CA THR C 538 -11.42 59.93 27.72
C THR C 538 -9.91 59.78 28.01
N GLY C 539 -9.19 60.90 28.16
CA GLY C 539 -7.72 60.96 28.31
C GLY C 539 -7.21 60.01 29.38
N ARG C 540 -7.86 59.98 30.55
CA ARG C 540 -7.41 59.19 31.74
C ARG C 540 -7.68 57.69 31.50
N TYR C 541 -8.68 57.35 30.70
CA TYR C 541 -9.10 55.95 30.41
C TYR C 541 -8.21 55.35 29.31
N LEU C 542 -7.58 56.19 28.48
CA LEU C 542 -6.52 55.77 27.53
C LEU C 542 -5.27 55.39 28.32
N VAL C 543 -5.02 56.07 29.45
CA VAL C 543 -3.87 55.81 30.37
C VAL C 543 -4.15 54.55 31.19
N LEU C 544 -5.36 54.42 31.74
CA LEU C 544 -5.81 53.23 32.51
C LEU C 544 -5.68 51.96 31.64
N TYR C 545 -6.01 52.09 30.35
CA TYR C 545 -5.94 50.99 29.34
C TYR C 545 -4.49 50.53 29.18
N LEU C 546 -3.54 51.47 29.16
CA LEU C 546 -2.08 51.18 29.00
C LEU C 546 -1.56 50.42 30.23
N ILE C 547 -2.09 50.72 31.43
CA ILE C 547 -1.73 50.03 32.70
C ILE C 547 -2.23 48.59 32.63
N ILE C 548 -3.45 48.38 32.13
CA ILE C 548 -4.07 47.03 31.93
C ILE C 548 -3.22 46.23 30.94
N VAL C 549 -2.80 46.87 29.83
CA VAL C 549 -2.00 46.23 28.74
C VAL C 549 -0.63 45.80 29.30
N VAL C 550 -0.01 46.62 30.14
CA VAL C 550 1.30 46.32 30.80
C VAL C 550 1.07 45.24 31.87
N GLY C 551 0.00 45.37 32.65
CA GLY C 551 -0.43 44.38 33.66
C GLY C 551 -0.68 43.01 33.04
N MET C 552 -1.35 42.99 31.88
CA MET C 552 -1.60 41.77 31.05
C MET C 552 -0.25 41.14 30.66
N ALA C 553 0.65 41.95 30.08
CA ALA C 553 1.99 41.53 29.61
C ALA C 553 2.80 40.94 30.77
N TYR C 554 2.72 41.57 31.95
CA TYR C 554 3.46 41.15 33.18
C TYR C 554 2.95 39.78 33.66
N LEU C 555 1.62 39.66 33.85
CA LEU C 555 0.96 38.41 34.34
C LEU C 555 1.27 37.25 33.39
N PHE C 556 1.35 37.51 32.09
CA PHE C 556 1.57 36.50 31.01
C PHE C 556 2.96 35.87 31.15
N VAL C 557 4.02 36.69 31.16
CA VAL C 557 5.44 36.24 31.15
C VAL C 557 5.75 35.55 32.49
N ARG C 558 5.01 35.88 33.56
CA ARG C 558 5.20 35.34 34.93
C ARG C 558 4.46 33.99 35.08
N LEU C 559 3.32 33.82 34.41
CA LEU C 559 2.48 32.59 34.51
C LEU C 559 3.27 31.38 34.02
N PRO C 560 3.56 30.39 34.89
CA PRO C 560 4.27 29.18 34.46
C PRO C 560 3.50 28.37 33.41
N SER C 561 4.21 27.65 32.55
CA SER C 561 3.67 26.88 31.40
C SER C 561 3.77 25.37 31.67
N SER C 562 2.81 24.61 31.15
CA SER C 562 2.80 23.12 31.10
C SER C 562 2.15 22.67 29.78
N PHE C 563 1.88 21.38 29.62
CA PHE C 563 1.25 20.82 28.39
C PHE C 563 -0.22 20.48 28.66
N LEU C 564 -0.48 19.44 29.47
CA LEU C 564 -1.85 18.99 29.85
C LEU C 564 -1.86 18.62 31.34
N PRO C 565 -2.96 18.91 32.08
CA PRO C 565 -3.03 18.58 33.50
C PRO C 565 -3.02 17.06 33.75
N ASP C 566 -2.27 16.63 34.77
CA ASP C 566 -2.24 15.22 35.25
C ASP C 566 -3.59 14.91 35.91
N GLU C 567 -4.14 13.71 35.66
CA GLU C 567 -5.45 13.27 36.18
C GLU C 567 -5.27 12.03 37.06
N ASP C 568 -6.15 11.87 38.05
CA ASP C 568 -6.37 10.58 38.76
C ASP C 568 -7.20 9.69 37.83
N GLN C 569 -6.56 8.65 37.27
CA GLN C 569 -7.20 7.70 36.32
C GLN C 569 -7.50 6.38 37.03
N GLY C 570 -7.50 6.39 38.37
CA GLY C 570 -7.83 5.22 39.22
C GLY C 570 -6.76 4.14 39.18
N VAL C 571 -5.63 4.41 38.53
CA VAL C 571 -4.48 3.47 38.38
C VAL C 571 -3.17 4.27 38.37
N PHE C 572 -2.07 3.62 38.78
CA PHE C 572 -0.68 4.14 38.65
C PHE C 572 0.29 2.95 38.65
N MET C 573 1.55 3.20 38.29
CA MET C 573 2.61 2.17 38.17
C MET C 573 3.74 2.48 39.16
N THR C 574 4.44 1.44 39.62
CA THR C 574 5.64 1.51 40.49
C THR C 574 6.77 0.72 39.82
N MET C 575 7.85 1.39 39.42
CA MET C 575 9.06 0.75 38.83
C MET C 575 9.99 0.31 39.95
N VAL C 576 10.64 -0.84 39.77
CA VAL C 576 11.64 -1.43 40.73
C VAL C 576 12.89 -1.80 39.93
N GLN C 577 14.05 -1.25 40.32
CA GLN C 577 15.37 -1.55 39.71
C GLN C 577 16.39 -1.81 40.83
N LEU C 578 16.93 -3.02 40.89
CA LEU C 578 18.00 -3.42 41.84
C LEU C 578 19.36 -3.27 41.15
N PRO C 579 20.48 -3.27 41.92
CA PRO C 579 21.80 -3.05 41.33
C PRO C 579 22.26 -4.18 40.41
N ALA C 580 23.42 -3.99 39.76
CA ALA C 580 24.04 -4.94 38.80
C ALA C 580 24.36 -6.25 39.50
N GLY C 581 23.89 -7.38 38.94
CA GLY C 581 24.18 -8.74 39.43
C GLY C 581 23.18 -9.23 40.46
N ALA C 582 22.17 -8.41 40.79
CA ALA C 582 21.12 -8.73 41.79
C ALA C 582 20.24 -9.87 41.24
N THR C 583 19.79 -10.76 42.13
CA THR C 583 19.07 -12.02 41.80
C THR C 583 17.56 -11.81 41.89
N GLN C 584 16.79 -12.77 41.35
CA GLN C 584 15.31 -12.83 41.34
C GLN C 584 14.80 -12.80 42.79
N GLU C 585 15.51 -13.48 43.69
CA GLU C 585 15.18 -13.60 45.14
C GLU C 585 15.25 -12.22 45.80
N ARG C 586 16.30 -11.44 45.51
CA ARG C 586 16.52 -10.07 46.05
C ARG C 586 15.45 -9.12 45.53
N THR C 587 15.13 -9.19 44.23
CA THR C 587 14.09 -8.37 43.55
C THR C 587 12.71 -8.67 44.17
N GLN C 588 12.46 -9.93 44.54
CA GLN C 588 11.18 -10.40 45.13
C GLN C 588 10.99 -9.78 46.52
N LYS C 589 12.06 -9.74 47.33
CA LYS C 589 12.07 -9.11 48.68
C LYS C 589 11.63 -7.65 48.55
N VAL C 590 12.14 -6.93 47.55
CA VAL C 590 11.85 -5.48 47.32
C VAL C 590 10.40 -5.34 46.84
N LEU C 591 9.95 -6.21 45.93
CA LEU C 591 8.56 -6.23 45.40
C LEU C 591 7.58 -6.53 46.53
N ASN C 592 7.95 -7.41 47.47
CA ASN C 592 7.14 -7.75 48.68
C ASN C 592 6.92 -6.49 49.51
N GLU C 593 7.98 -5.72 49.78
CA GLU C 593 7.93 -4.45 50.55
C GLU C 593 7.02 -3.44 49.84
N VAL C 594 7.12 -3.35 48.51
CA VAL C 594 6.31 -2.44 47.65
C VAL C 594 4.84 -2.87 47.73
N THR C 595 4.56 -4.17 47.54
CA THR C 595 3.21 -4.78 47.60
C THR C 595 2.64 -4.60 49.01
N HIS C 596 3.45 -4.90 50.04
CA HIS C 596 3.09 -4.78 51.48
C HIS C 596 2.53 -3.38 51.77
N TYR C 597 3.28 -2.34 51.39
CA TYR C 597 2.95 -0.91 51.61
C TYR C 597 1.53 -0.61 51.11
N TYR C 598 1.23 -1.02 49.87
CA TYR C 598 -0.06 -0.76 49.17
C TYR C 598 -1.19 -1.56 49.82
N LEU C 599 -0.88 -2.76 50.33
CA LEU C 599 -1.88 -3.70 50.91
C LEU C 599 -2.11 -3.39 52.40
N THR C 600 -1.23 -2.63 53.04
CA THR C 600 -1.31 -2.29 54.50
C THR C 600 -1.56 -0.79 54.66
N LYS C 601 -0.56 0.05 54.38
CA LYS C 601 -0.60 1.53 54.62
C LYS C 601 -1.70 2.18 53.77
N GLU C 602 -1.87 1.76 52.52
CA GLU C 602 -2.80 2.37 51.53
C GLU C 602 -3.94 1.40 51.21
N LYS C 603 -4.41 0.63 52.20
CA LYS C 603 -5.44 -0.43 52.01
C LYS C 603 -6.84 0.19 51.82
N ASN C 604 -7.01 1.45 52.24
CA ASN C 604 -8.29 2.20 52.11
C ASN C 604 -8.41 2.80 50.70
N ASN C 605 -7.29 3.04 50.01
CA ASN C 605 -7.22 3.69 48.68
C ASN C 605 -6.95 2.66 47.58
N VAL C 606 -6.14 1.64 47.85
CA VAL C 606 -5.70 0.61 46.85
C VAL C 606 -6.68 -0.56 46.85
N GLU C 607 -7.17 -0.96 45.67
CA GLU C 607 -8.07 -2.13 45.47
C GLU C 607 -7.21 -3.39 45.26
N SER C 608 -6.31 -3.35 44.27
CA SER C 608 -5.48 -4.51 43.84
C SER C 608 -4.06 -4.08 43.46
N VAL C 609 -3.10 -5.00 43.59
CA VAL C 609 -1.66 -4.84 43.19
C VAL C 609 -1.29 -6.04 42.33
N PHE C 610 -0.86 -5.80 41.08
CA PHE C 610 -0.28 -6.83 40.17
C PHE C 610 1.22 -6.53 39.98
N ALA C 611 2.06 -7.25 40.74
CA ALA C 611 3.54 -7.11 40.74
C ALA C 611 4.15 -8.19 39.85
N VAL C 612 5.16 -7.83 39.05
CA VAL C 612 5.89 -8.74 38.12
C VAL C 612 7.38 -8.66 38.43
N ASN C 613 8.00 -9.80 38.78
CA ASN C 613 9.46 -9.96 38.96
C ASN C 613 10.05 -10.43 37.62
N GLY C 614 11.02 -9.66 37.09
CA GLY C 614 11.74 -10.00 35.84
C GLY C 614 11.32 -9.14 34.66
N PHE C 615 10.36 -8.23 34.87
CA PHE C 615 9.82 -7.30 33.84
C PHE C 615 9.65 -5.90 34.45
N GLY C 616 10.09 -4.87 33.72
CA GLY C 616 9.98 -3.45 34.15
C GLY C 616 10.45 -2.50 33.07
N PHE C 617 11.09 -1.40 33.47
CA PHE C 617 11.64 -0.34 32.58
C PHE C 617 13.16 -0.54 32.44
N ALA C 618 13.55 -1.78 32.14
CA ALA C 618 14.94 -2.25 32.00
C ALA C 618 14.93 -3.54 31.18
N PRO C 619 16.10 -4.06 30.73
CA PRO C 619 16.13 -5.33 30.00
C PRO C 619 15.60 -6.48 30.86
N ARG C 620 14.83 -7.39 30.27
CA ARG C 620 14.27 -8.59 30.96
C ARG C 620 15.40 -9.30 31.70
N GLY C 621 15.40 -9.19 33.04
CA GLY C 621 16.44 -9.75 33.91
C GLY C 621 15.98 -9.88 35.35
N GLN C 622 16.81 -10.46 36.21
CA GLN C 622 16.47 -10.81 37.62
C GLN C 622 16.43 -9.55 38.50
N ASN C 623 17.04 -8.45 38.05
CA ASN C 623 17.27 -7.23 38.87
C ASN C 623 16.29 -6.10 38.48
N THR C 624 15.17 -6.44 37.83
CA THR C 624 14.11 -5.47 37.44
C THR C 624 12.72 -6.01 37.85
N GLY C 625 11.81 -5.12 38.21
CA GLY C 625 10.42 -5.43 38.60
C GLY C 625 9.48 -4.27 38.37
N ILE C 626 8.18 -4.52 38.36
CA ILE C 626 7.11 -3.50 38.16
C ILE C 626 5.89 -3.90 39.00
N ALA C 627 5.10 -2.91 39.43
CA ALA C 627 3.83 -3.09 40.17
C ALA C 627 2.73 -2.24 39.52
N PHE C 628 1.73 -2.88 38.92
CA PHE C 628 0.49 -2.26 38.40
C PHE C 628 -0.52 -2.12 39.55
N VAL C 629 -0.79 -0.89 39.96
CA VAL C 629 -1.69 -0.57 41.12
C VAL C 629 -3.00 0.00 40.57
N SER C 630 -4.13 -0.64 40.88
CA SER C 630 -5.50 -0.14 40.64
C SER C 630 -6.13 0.28 41.98
N LEU C 631 -6.57 1.54 42.06
CA LEU C 631 -7.18 2.14 43.27
C LEU C 631 -8.65 1.74 43.37
N LYS C 632 -9.30 2.07 44.48
CA LYS C 632 -10.77 1.92 44.68
C LYS C 632 -11.47 3.05 43.92
N ASP C 633 -12.78 2.96 43.73
CA ASP C 633 -13.59 3.92 42.93
C ASP C 633 -13.36 5.33 43.49
N TRP C 634 -13.38 6.33 42.60
CA TRP C 634 -13.12 7.77 42.90
C TRP C 634 -14.05 8.26 44.01
N ALA C 635 -15.29 7.78 44.03
CA ALA C 635 -16.35 8.10 45.01
C ALA C 635 -15.89 7.76 46.43
N ASP C 636 -15.19 6.62 46.59
CA ASP C 636 -14.76 6.06 47.91
C ASP C 636 -13.38 6.61 48.31
N ARG C 637 -12.84 7.57 47.55
CA ARG C 637 -11.54 8.23 47.83
C ARG C 637 -11.72 9.75 47.85
N PRO C 638 -12.53 10.31 48.77
CA PRO C 638 -12.67 11.76 48.91
C PRO C 638 -11.42 12.40 49.55
N GLY C 639 -11.20 13.69 49.29
CA GLY C 639 -10.01 14.45 49.73
C GLY C 639 -8.84 14.25 48.76
N GLU C 640 -8.02 15.29 48.60
CA GLU C 640 -6.88 15.30 47.62
C GLU C 640 -5.77 14.37 48.12
N GLU C 641 -5.70 14.12 49.43
CA GLU C 641 -4.67 13.25 50.07
C GLU C 641 -4.90 11.78 49.67
N ASN C 642 -6.10 11.44 49.17
CA ASN C 642 -6.49 10.07 48.75
C ASN C 642 -6.51 9.96 47.22
N LYS C 643 -5.92 10.92 46.51
CA LYS C 643 -5.79 10.92 45.03
C LYS C 643 -4.36 10.49 44.65
N VAL C 644 -4.15 10.10 43.38
CA VAL C 644 -2.92 9.44 42.88
C VAL C 644 -1.68 10.31 43.18
N GLU C 645 -1.77 11.62 42.95
CA GLU C 645 -0.64 12.57 43.15
C GLU C 645 -0.08 12.42 44.56
N ALA C 646 -0.95 12.48 45.58
CA ALA C 646 -0.58 12.41 47.01
C ALA C 646 -0.13 10.98 47.38
N ILE C 647 -0.80 9.96 46.83
CA ILE C 647 -0.52 8.52 47.12
C ILE C 647 0.88 8.16 46.59
N THR C 648 1.18 8.51 45.34
CA THR C 648 2.48 8.23 44.66
C THR C 648 3.60 9.01 45.35
N MET C 649 3.31 10.23 45.82
CA MET C 649 4.25 11.12 46.56
C MET C 649 4.67 10.42 47.86
N ARG C 650 3.69 9.93 48.64
CA ARG C 650 3.90 9.23 49.94
C ARG C 650 4.60 7.89 49.71
N ALA C 651 4.21 7.17 48.64
CA ALA C 651 4.75 5.84 48.26
C ALA C 651 6.25 5.97 47.93
N THR C 652 6.59 6.88 47.01
CA THR C 652 7.98 7.19 46.58
C THR C 652 8.83 7.56 47.81
N ARG C 653 8.29 8.42 48.68
CA ARG C 653 8.95 8.88 49.93
C ARG C 653 9.21 7.69 50.85
N ALA C 654 8.22 6.80 51.01
CA ALA C 654 8.28 5.59 51.86
C ALA C 654 9.28 4.58 51.29
N PHE C 655 9.32 4.42 49.95
CA PHE C 655 10.17 3.44 49.23
C PHE C 655 11.62 3.93 49.14
N SER C 656 11.88 5.20 49.48
CA SER C 656 13.25 5.79 49.51
C SER C 656 14.08 5.15 50.63
N GLN C 657 13.42 4.49 51.60
CA GLN C 657 14.06 3.85 52.78
C GLN C 657 14.42 2.39 52.46
N ILE C 658 13.98 1.85 51.32
CA ILE C 658 14.35 0.48 50.85
C ILE C 658 15.82 0.51 50.40
N LYS C 659 16.63 -0.44 50.89
CA LYS C 659 18.11 -0.45 50.74
C LYS C 659 18.51 -1.23 49.48
N ASP C 660 19.48 -0.69 48.73
CA ASP C 660 20.03 -1.28 47.48
C ASP C 660 18.89 -1.55 46.50
N ALA C 661 18.12 -0.52 46.16
CA ALA C 661 17.00 -0.58 45.18
C ALA C 661 16.55 0.83 44.81
N MET C 662 16.34 1.06 43.51
CA MET C 662 15.71 2.29 42.94
C MET C 662 14.22 2.01 42.73
N VAL C 663 13.36 2.62 43.55
CA VAL C 663 11.89 2.40 43.57
C VAL C 663 11.18 3.75 43.44
N PHE C 664 10.29 3.88 42.44
CA PHE C 664 9.51 5.12 42.14
C PHE C 664 8.08 4.74 41.75
N ALA C 665 7.10 5.20 42.54
CA ALA C 665 5.65 5.19 42.22
C ALA C 665 5.31 6.51 41.51
N PHE C 666 4.62 6.44 40.37
CA PHE C 666 4.34 7.61 39.49
C PHE C 666 2.97 7.46 38.81
N ASN C 667 2.29 8.59 38.64
CA ASN C 667 1.03 8.73 37.85
C ASN C 667 1.38 8.64 36.36
N LEU C 668 0.40 8.29 35.52
CA LEU C 668 0.52 8.32 34.04
C LEU C 668 0.39 9.77 33.58
N PRO C 669 0.90 10.13 32.39
CA PRO C 669 0.54 11.41 31.77
C PRO C 669 -0.88 11.34 31.20
N ALA C 670 -1.57 12.48 31.14
CA ALA C 670 -2.96 12.62 30.63
C ALA C 670 -3.09 11.85 29.30
N ILE C 671 -2.11 12.03 28.40
CA ILE C 671 -1.98 11.29 27.12
C ILE C 671 -0.91 10.19 27.30
N VAL C 672 -1.34 8.94 27.42
CA VAL C 672 -0.51 7.79 27.89
C VAL C 672 0.43 7.31 26.75
N GLU C 673 0.06 7.54 25.49
CA GLU C 673 0.71 6.93 24.30
C GLU C 673 2.21 7.28 24.24
N LEU C 674 2.58 8.55 24.50
CA LEU C 674 4.00 9.03 24.41
C LEU C 674 4.75 8.67 25.71
N GLY C 675 4.49 9.39 26.80
CA GLY C 675 5.19 9.22 28.09
C GLY C 675 4.65 8.04 28.88
N THR C 676 5.54 7.26 29.50
CA THR C 676 5.20 6.14 30.43
C THR C 676 4.82 6.72 31.79
N ALA C 677 5.57 7.73 32.24
CA ALA C 677 5.39 8.43 33.55
C ALA C 677 5.10 9.92 33.30
N THR C 678 4.53 10.59 34.30
CA THR C 678 4.27 12.05 34.32
C THR C 678 5.61 12.79 34.46
N GLY C 679 5.62 14.10 34.21
CA GLY C 679 6.80 14.98 34.33
C GLY C 679 7.44 15.25 32.99
N PHE C 680 8.78 15.28 32.93
CA PHE C 680 9.58 15.61 31.72
C PHE C 680 10.36 14.37 31.27
N ASP C 681 10.78 14.38 30.00
CA ASP C 681 11.54 13.28 29.33
C ASP C 681 12.75 13.88 28.61
N PHE C 682 13.90 13.88 29.28
CA PHE C 682 15.16 14.57 28.86
C PHE C 682 16.12 13.55 28.23
N GLU C 683 16.78 13.94 27.13
CA GLU C 683 17.82 13.14 26.43
C GLU C 683 19.16 13.87 26.50
N LEU C 684 20.20 13.20 26.99
CA LEU C 684 21.61 13.70 27.02
C LEU C 684 22.41 12.96 25.93
N ILE C 685 22.91 13.69 24.94
CA ILE C 685 23.45 13.13 23.66
C ILE C 685 24.95 13.41 23.56
N ASP C 686 25.73 12.40 23.16
CA ASP C 686 27.18 12.49 22.82
C ASP C 686 27.31 12.93 21.36
N GLN C 687 27.71 14.18 21.12
CA GLN C 687 27.71 14.84 19.79
C GLN C 687 29.15 15.12 19.33
N ALA C 688 30.15 14.49 19.94
CA ALA C 688 31.58 14.64 19.60
C ALA C 688 32.38 13.39 19.99
N GLY C 689 31.79 12.20 19.80
CA GLY C 689 32.42 10.88 20.05
C GLY C 689 33.29 10.87 21.30
N LEU C 690 32.75 11.36 22.43
CA LEU C 690 33.44 11.39 23.75
C LEU C 690 33.54 9.97 24.31
N GLY C 691 32.47 9.17 24.13
CA GLY C 691 32.42 7.75 24.56
C GLY C 691 31.43 7.54 25.69
N HIS C 692 31.18 6.28 26.05
CA HIS C 692 30.22 5.84 27.11
C HIS C 692 30.68 6.35 28.48
N GLU C 693 31.98 6.30 28.76
CA GLU C 693 32.58 6.64 30.08
C GLU C 693 32.32 8.11 30.41
N LYS C 694 32.55 9.02 29.45
CA LYS C 694 32.43 10.49 29.64
C LYS C 694 30.96 10.91 29.63
N LEU C 695 30.10 10.21 28.88
CA LEU C 695 28.64 10.46 28.83
C LEU C 695 28.01 10.10 30.18
N THR C 696 28.53 9.04 30.83
CA THR C 696 28.15 8.61 32.20
C THR C 696 28.51 9.70 33.20
N GLN C 697 29.74 10.22 33.11
CA GLN C 697 30.28 11.30 33.99
C GLN C 697 29.44 12.58 33.82
N ALA C 698 29.17 12.97 32.57
CA ALA C 698 28.36 14.16 32.21
C ALA C 698 26.94 14.03 32.76
N ARG C 699 26.37 12.82 32.68
CA ARG C 699 25.02 12.49 33.23
C ARG C 699 25.06 12.56 34.76
N ASN C 700 26.08 11.95 35.38
CA ASN C 700 26.29 11.95 36.85
C ASN C 700 26.42 13.39 37.36
N GLN C 701 27.14 14.24 36.62
CA GLN C 701 27.31 15.69 36.92
C GLN C 701 25.94 16.37 36.93
N LEU C 702 25.08 16.07 35.96
CA LEU C 702 23.73 16.68 35.79
C LEU C 702 22.81 16.22 36.91
N LEU C 703 22.80 14.92 37.21
CA LEU C 703 21.96 14.30 38.27
C LEU C 703 22.37 14.85 39.65
N ALA C 704 23.68 15.09 39.85
CA ALA C 704 24.26 15.66 41.09
C ALA C 704 23.80 17.11 41.27
N GLU C 705 23.80 17.89 40.18
CA GLU C 705 23.35 19.31 40.17
C GLU C 705 21.83 19.36 40.39
N ALA C 706 21.07 18.49 39.72
CA ALA C 706 19.59 18.39 39.80
C ALA C 706 19.15 18.10 41.24
N ALA C 707 19.95 17.32 41.99
CA ALA C 707 19.68 16.91 43.39
C ALA C 707 19.76 18.12 44.33
N LYS C 708 20.53 19.15 43.96
CA LYS C 708 20.73 20.39 44.77
C LYS C 708 19.53 21.35 44.60
N HIS C 709 18.60 21.04 43.69
CA HIS C 709 17.36 21.81 43.46
C HIS C 709 16.14 20.93 43.74
N PRO C 710 15.91 20.50 45.01
CA PRO C 710 14.71 19.74 45.35
C PRO C 710 13.43 20.60 45.35
N ASP C 711 13.58 21.92 45.39
CA ASP C 711 12.48 22.92 45.34
C ASP C 711 11.82 22.93 43.95
N MET C 712 12.57 22.53 42.90
CA MET C 712 12.12 22.58 41.49
C MET C 712 11.93 21.16 40.93
N LEU C 713 12.90 20.26 41.12
CA LEU C 713 12.92 18.90 40.54
C LEU C 713 12.77 17.85 41.63
N THR C 714 12.05 16.75 41.34
CA THR C 714 11.89 15.56 42.22
C THR C 714 11.86 14.29 41.37
N SER C 715 12.28 13.15 41.94
CA SER C 715 12.29 11.82 41.31
C SER C 715 13.06 11.85 39.99
N VAL C 716 14.20 12.56 39.97
CA VAL C 716 15.11 12.69 38.79
C VAL C 716 15.97 11.42 38.71
N ARG C 717 15.74 10.58 37.69
CA ARG C 717 16.32 9.22 37.56
C ARG C 717 16.74 8.98 36.11
N PRO C 718 17.87 8.27 35.87
CA PRO C 718 18.21 7.81 34.53
C PRO C 718 17.45 6.52 34.15
N ASN C 719 17.01 6.40 32.89
CA ASN C 719 16.36 5.18 32.34
C ASN C 719 17.44 4.11 32.15
N GLY C 720 18.68 4.52 31.86
CA GLY C 720 19.86 3.63 31.76
C GLY C 720 20.23 3.03 33.10
N LEU C 721 21.02 1.96 33.08
CA LEU C 721 21.45 1.19 34.29
C LEU C 721 22.95 1.33 34.50
N GLU C 722 23.44 0.86 35.66
N GLU C 722 23.45 0.86 35.65
CA GLU C 722 24.89 0.82 36.02
CA GLU C 722 24.90 0.85 36.00
C GLU C 722 25.54 -0.38 35.34
C GLU C 722 25.54 -0.39 35.36
N ASP C 723 26.85 -0.31 35.09
CA ASP C 723 27.63 -1.38 34.40
C ASP C 723 27.61 -2.65 35.25
N THR C 724 27.33 -3.79 34.60
CA THR C 724 27.21 -5.14 35.24
C THR C 724 28.54 -5.89 35.10
N PRO C 725 28.89 -6.77 36.05
CA PRO C 725 30.07 -7.63 35.92
C PRO C 725 29.79 -8.79 34.95
N GLN C 726 30.76 -9.10 34.08
CA GLN C 726 30.68 -10.17 33.06
C GLN C 726 31.77 -11.20 33.34
N PHE C 727 31.42 -12.50 33.37
CA PHE C 727 32.35 -13.63 33.58
C PHE C 727 32.93 -14.07 32.23
N LYS C 728 34.11 -13.54 31.88
CA LYS C 728 34.81 -13.82 30.61
C LYS C 728 35.55 -15.16 30.72
N ILE C 729 35.09 -16.18 29.99
CA ILE C 729 35.75 -17.52 29.89
C ILE C 729 36.53 -17.56 28.57
N ASP C 730 37.77 -18.05 28.61
CA ASP C 730 38.74 -18.03 27.48
C ASP C 730 39.14 -19.47 27.13
N ILE C 731 38.61 -19.99 26.01
CA ILE C 731 38.90 -21.37 25.50
C ILE C 731 40.24 -21.33 24.75
N ASP C 732 41.25 -22.03 25.26
CA ASP C 732 42.57 -22.21 24.61
C ASP C 732 42.42 -23.30 23.54
N GLN C 733 42.20 -22.88 22.28
CA GLN C 733 41.88 -23.78 21.14
C GLN C 733 43.10 -24.65 20.79
N GLU C 734 44.31 -24.14 21.04
CA GLU C 734 45.59 -24.87 20.79
C GLU C 734 45.70 -26.05 21.78
N LYS C 735 45.38 -25.82 23.06
CA LYS C 735 45.38 -26.87 24.12
C LYS C 735 44.26 -27.88 23.83
N ALA C 736 43.09 -27.40 23.43
CA ALA C 736 41.91 -28.22 23.06
C ALA C 736 42.26 -29.13 21.87
N GLN C 737 43.01 -28.59 20.90
CA GLN C 737 43.47 -29.31 19.68
C GLN C 737 44.54 -30.34 20.06
N ALA C 738 45.40 -30.01 21.04
CA ALA C 738 46.48 -30.89 21.56
C ALA C 738 45.87 -32.10 22.28
N LEU C 739 44.72 -31.90 22.96
CA LEU C 739 44.01 -32.96 23.74
C LEU C 739 42.98 -33.67 22.84
N GLY C 740 42.84 -33.24 21.58
CA GLY C 740 41.95 -33.87 20.58
C GLY C 740 40.49 -33.58 20.87
N VAL C 741 40.19 -32.38 21.37
CA VAL C 741 38.81 -31.90 21.71
C VAL C 741 38.41 -30.85 20.66
N SER C 742 37.29 -31.06 19.97
CA SER C 742 36.75 -30.14 18.93
C SER C 742 36.16 -28.89 19.60
N ILE C 743 36.28 -27.73 18.95
CA ILE C 743 35.85 -26.41 19.48
C ILE C 743 34.31 -26.34 19.47
N ASN C 744 33.68 -26.95 18.47
CA ASN C 744 32.20 -26.99 18.32
C ASN C 744 31.57 -27.72 19.52
N ASP C 745 32.20 -28.81 19.98
CA ASP C 745 31.74 -29.61 21.15
C ASP C 745 31.91 -28.79 22.44
N ILE C 746 33.01 -28.04 22.56
CA ILE C 746 33.30 -27.14 23.71
C ILE C 746 32.24 -26.03 23.75
N ASN C 747 32.02 -25.35 22.61
CA ASN C 747 31.07 -24.21 22.47
C ASN C 747 29.65 -24.66 22.84
N THR C 748 29.23 -25.84 22.34
CA THR C 748 27.89 -26.43 22.55
C THR C 748 27.71 -26.82 24.02
N THR C 749 28.70 -27.50 24.60
CA THR C 749 28.70 -27.98 26.01
C THR C 749 28.50 -26.79 26.96
N LEU C 750 29.35 -25.76 26.84
CA LEU C 750 29.28 -24.50 27.63
C LEU C 750 27.95 -23.80 27.35
N GLY C 751 27.61 -23.63 26.07
CA GLY C 751 26.40 -22.93 25.59
C GLY C 751 25.13 -23.57 26.10
N ALA C 752 24.97 -24.87 25.87
CA ALA C 752 23.76 -25.66 26.20
C ALA C 752 23.57 -25.70 27.73
N ALA C 753 24.63 -26.02 28.48
CA ALA C 753 24.61 -26.21 29.95
C ALA C 753 24.21 -24.91 30.64
N TRP C 754 25.01 -23.85 30.46
CA TRP C 754 24.94 -22.58 31.24
C TRP C 754 23.88 -21.64 30.67
N GLY C 755 23.67 -21.65 29.34
CA GLY C 755 22.76 -20.73 28.64
C GLY C 755 21.40 -21.36 28.34
N GLY C 756 21.36 -22.68 28.12
CA GLY C 756 20.17 -23.40 27.62
C GLY C 756 20.13 -23.35 26.10
N SER C 757 19.89 -24.49 25.45
CA SER C 757 19.88 -24.65 23.97
C SER C 757 18.49 -25.08 23.49
N TYR C 758 17.86 -24.25 22.64
CA TYR C 758 16.60 -24.56 21.92
C TYR C 758 16.92 -25.56 20.80
N VAL C 759 16.59 -26.83 21.01
CA VAL C 759 16.98 -27.97 20.13
C VAL C 759 16.02 -28.04 18.93
N ASN C 760 14.74 -28.32 19.19
CA ASN C 760 13.68 -28.47 18.15
C ASN C 760 12.30 -28.38 18.84
N ASP C 761 11.23 -28.59 18.08
CA ASP C 761 9.82 -28.47 18.57
C ASP C 761 9.25 -29.86 18.89
N PHE C 762 8.27 -29.90 19.80
CA PHE C 762 7.45 -31.09 20.15
C PHE C 762 5.99 -30.65 20.27
N ILE C 763 5.05 -31.61 20.33
CA ILE C 763 3.58 -31.34 20.33
C ILE C 763 3.01 -31.66 21.71
N ASP C 764 2.66 -30.63 22.49
CA ASP C 764 2.05 -30.74 23.84
C ASP C 764 0.54 -30.49 23.71
N ARG C 765 -0.26 -31.56 23.81
CA ARG C 765 -1.76 -31.52 23.79
C ARG C 765 -2.24 -30.79 22.52
N GLY C 766 -1.63 -31.11 21.37
CA GLY C 766 -2.08 -30.66 20.04
C GLY C 766 -1.46 -29.32 19.62
N ARG C 767 -0.61 -28.73 20.47
CA ARG C 767 0.05 -27.42 20.20
C ARG C 767 1.56 -27.61 20.09
N VAL C 768 2.18 -26.98 19.09
CA VAL C 768 3.66 -26.99 18.87
C VAL C 768 4.31 -26.14 19.96
N LYS C 769 5.29 -26.70 20.68
CA LYS C 769 6.06 -26.02 21.75
C LYS C 769 7.54 -26.42 21.64
N LYS C 770 8.42 -25.68 22.30
CA LYS C 770 9.90 -25.81 22.17
C LYS C 770 10.41 -26.96 23.04
N VAL C 771 11.60 -27.47 22.72
CA VAL C 771 12.39 -28.45 23.54
C VAL C 771 13.71 -27.77 23.91
N TYR C 772 13.96 -27.60 25.22
CA TYR C 772 15.18 -26.96 25.77
C TYR C 772 16.02 -28.01 26.53
N VAL C 773 17.31 -28.08 26.21
CA VAL C 773 18.34 -28.80 27.03
C VAL C 773 19.17 -27.75 27.77
N MET C 774 19.40 -27.97 29.06
CA MET C 774 20.14 -27.03 29.95
C MET C 774 20.67 -27.80 31.17
N SER C 775 21.68 -27.26 31.84
CA SER C 775 22.23 -27.81 33.10
C SER C 775 21.19 -27.70 34.21
N GLU C 776 21.08 -28.72 35.07
CA GLU C 776 20.33 -28.66 36.35
C GLU C 776 20.94 -27.54 37.20
N ALA C 777 20.10 -26.73 37.84
CA ALA C 777 20.46 -25.45 38.51
C ALA C 777 21.81 -25.55 39.23
N LYS C 778 22.02 -26.60 40.04
CA LYS C 778 23.11 -26.68 41.06
C LYS C 778 24.49 -26.78 40.39
N TYR C 779 24.56 -27.09 39.08
CA TYR C 779 25.83 -27.27 38.33
C TYR C 779 26.14 -26.05 37.45
N ARG C 780 25.35 -24.98 37.50
CA ARG C 780 25.55 -23.75 36.70
C ARG C 780 25.29 -22.51 37.56
N MET C 781 25.67 -22.55 38.84
CA MET C 781 25.48 -21.45 39.83
C MET C 781 26.80 -20.69 40.02
N LEU C 782 27.90 -21.42 40.26
CA LEU C 782 29.20 -20.84 40.75
C LEU C 782 30.26 -20.91 39.66
N PRO C 783 31.17 -19.90 39.60
CA PRO C 783 32.30 -19.92 38.66
C PRO C 783 33.12 -21.21 38.58
N ASP C 784 33.29 -21.91 39.71
CA ASP C 784 34.14 -23.14 39.84
C ASP C 784 33.42 -24.35 39.22
N ASP C 785 32.12 -24.26 38.97
CA ASP C 785 31.31 -25.35 38.37
C ASP C 785 31.67 -25.53 36.89
N ILE C 786 32.37 -24.56 36.29
CA ILE C 786 32.88 -24.61 34.88
C ILE C 786 33.67 -25.90 34.68
N GLY C 787 34.59 -26.21 35.60
CA GLY C 787 35.53 -27.35 35.52
C GLY C 787 34.85 -28.70 35.63
N ASP C 788 33.62 -28.76 36.16
CA ASP C 788 32.85 -30.01 36.38
C ASP C 788 32.33 -30.57 35.04
N TRP C 789 32.36 -29.76 33.97
CA TRP C 789 31.83 -30.14 32.63
C TRP C 789 32.94 -30.77 31.78
N TYR C 790 32.66 -31.94 31.20
CA TYR C 790 33.62 -32.77 30.43
C TYR C 790 33.19 -32.83 28.96
N VAL C 791 34.17 -32.75 28.05
CA VAL C 791 33.99 -32.90 26.58
C VAL C 791 34.78 -34.13 26.13
N ARG C 792 34.17 -35.03 25.37
CA ARG C 792 34.79 -36.29 24.87
C ARG C 792 35.78 -35.94 23.76
N ALA C 793 37.06 -36.31 23.93
CA ALA C 793 38.13 -36.16 22.93
C ALA C 793 37.97 -37.24 21.85
N ALA C 794 38.74 -37.12 20.75
CA ALA C 794 38.69 -38.01 19.56
C ALA C 794 38.98 -39.46 19.98
N ASP C 795 39.89 -39.66 20.94
CA ASP C 795 40.34 -41.00 21.42
C ASP C 795 39.29 -41.62 22.34
N GLY C 796 38.35 -40.82 22.85
CA GLY C 796 37.22 -41.28 23.70
C GLY C 796 37.39 -40.86 25.15
N GLN C 797 38.52 -40.23 25.50
CA GLN C 797 38.82 -39.72 26.87
C GLN C 797 37.95 -38.47 27.14
N MET C 798 37.43 -38.35 28.36
CA MET C 798 36.61 -37.21 28.83
C MET C 798 37.54 -36.16 29.45
N VAL C 799 37.61 -34.97 28.84
CA VAL C 799 38.52 -33.85 29.23
C VAL C 799 37.69 -32.79 29.97
N PRO C 800 38.06 -32.42 31.22
CA PRO C 800 37.37 -31.32 31.91
C PRO C 800 37.71 -29.96 31.31
N PHE C 801 36.79 -28.99 31.43
CA PHE C 801 36.93 -27.60 30.91
C PHE C 801 38.19 -26.94 31.47
N SER C 802 38.53 -27.24 32.73
CA SER C 802 39.69 -26.67 33.47
C SER C 802 41.01 -26.93 32.73
N ALA C 803 41.06 -27.94 31.86
CA ALA C 803 42.26 -28.36 31.10
C ALA C 803 42.58 -27.38 29.97
N PHE C 804 41.55 -26.79 29.34
CA PHE C 804 41.69 -25.96 28.10
C PHE C 804 40.98 -24.60 28.25
N SER C 805 40.63 -24.18 29.47
CA SER C 805 39.87 -22.92 29.71
C SER C 805 40.44 -22.17 30.93
N SER C 806 40.51 -20.84 30.83
CA SER C 806 40.77 -19.88 31.93
C SER C 806 39.64 -18.85 31.96
N SER C 807 39.47 -18.13 33.07
CA SER C 807 38.37 -17.14 33.28
C SER C 807 38.88 -15.89 34.00
N ARG C 808 38.21 -14.76 33.77
CA ARG C 808 38.47 -13.45 34.44
C ARG C 808 37.16 -12.65 34.47
N TRP C 809 37.13 -11.56 35.25
CA TRP C 809 35.94 -10.69 35.43
C TRP C 809 36.10 -9.42 34.59
N GLU C 810 35.16 -9.17 33.68
CA GLU C 810 35.05 -7.94 32.84
C GLU C 810 33.83 -7.13 33.32
N TYR C 811 33.68 -5.90 32.81
CA TYR C 811 32.58 -4.96 33.14
C TYR C 811 32.10 -4.26 31.88
N GLY C 812 30.80 -4.38 31.57
CA GLY C 812 30.14 -3.77 30.41
C GLY C 812 28.76 -3.25 30.75
N SER C 813 28.21 -2.36 29.90
CA SER C 813 26.88 -1.73 30.07
C SER C 813 25.79 -2.75 29.78
N PRO C 814 24.78 -2.93 30.67
CA PRO C 814 23.67 -3.84 30.41
C PRO C 814 22.65 -3.28 29.41
N ARG C 815 22.64 -1.96 29.21
CA ARG C 815 21.76 -1.24 28.25
C ARG C 815 22.50 -0.02 27.70
N LEU C 816 22.73 0.02 26.38
CA LEU C 816 23.29 1.18 25.64
C LEU C 816 22.16 1.86 24.86
N GLU C 817 21.93 3.14 25.12
CA GLU C 817 20.86 3.96 24.49
C GLU C 817 21.47 4.80 23.36
N ARG C 818 20.68 5.11 22.33
CA ARG C 818 21.04 6.04 21.23
C ARG C 818 19.83 6.93 20.91
N TYR C 819 20.06 8.20 20.58
CA TYR C 819 19.02 9.18 20.17
C TYR C 819 19.44 9.85 18.86
N ASN C 820 18.64 9.68 17.81
CA ASN C 820 18.89 10.18 16.43
C ASN C 820 20.26 9.68 15.95
N GLY C 821 20.57 8.41 16.23
CA GLY C 821 21.75 7.70 15.70
C GLY C 821 23.02 7.94 16.51
N LEU C 822 22.94 8.67 17.63
CA LEU C 822 24.11 9.03 18.48
C LEU C 822 23.94 8.45 19.88
N PRO C 823 25.04 8.11 20.58
CA PRO C 823 24.96 7.61 21.96
C PRO C 823 24.29 8.65 22.87
N SER C 824 23.30 8.21 23.66
CA SER C 824 22.48 9.09 24.54
C SER C 824 22.27 8.44 25.90
N MET C 825 21.70 9.19 26.85
CA MET C 825 21.25 8.71 28.18
C MET C 825 19.99 9.48 28.59
N GLU C 826 18.85 8.79 28.58
CA GLU C 826 17.50 9.34 28.90
C GLU C 826 17.43 9.62 30.41
N ILE C 827 16.99 10.82 30.79
CA ILE C 827 16.75 11.24 32.20
C ILE C 827 15.28 11.63 32.36
N LEU C 828 14.54 10.90 33.21
CA LEU C 828 13.12 11.18 33.56
C LEU C 828 13.10 11.93 34.90
N GLY C 829 12.05 12.73 35.13
CA GLY C 829 11.88 13.51 36.36
C GLY C 829 10.56 14.26 36.38
N GLN C 830 10.12 14.66 37.58
CA GLN C 830 8.86 15.42 37.82
C GLN C 830 9.20 16.82 38.33
N ALA C 831 8.34 17.81 38.02
CA ALA C 831 8.37 19.15 38.62
C ALA C 831 7.92 19.04 40.08
N ALA C 832 8.64 19.71 41.00
CA ALA C 832 8.40 19.66 42.46
C ALA C 832 7.01 20.22 42.78
N PRO C 833 6.40 19.85 43.93
CA PRO C 833 5.08 20.36 44.30
C PRO C 833 5.01 21.90 44.26
N GLY C 834 4.04 22.44 43.52
CA GLY C 834 3.80 23.89 43.35
C GLY C 834 4.57 24.46 42.17
N LYS C 835 5.21 23.61 41.37
CA LYS C 835 5.98 24.00 40.15
C LYS C 835 5.37 23.32 38.92
N SER C 836 5.45 23.98 37.76
CA SER C 836 5.00 23.47 36.45
C SER C 836 6.15 22.71 35.78
N THR C 837 5.83 21.82 34.82
CA THR C 837 6.81 21.03 34.03
C THR C 837 7.67 21.97 33.19
N GLY C 838 7.11 23.12 32.77
CA GLY C 838 7.82 24.17 32.02
C GLY C 838 8.97 24.77 32.83
N GLU C 839 8.74 25.04 34.13
CA GLU C 839 9.76 25.56 35.07
C GLU C 839 10.85 24.51 35.29
N ALA C 840 10.48 23.24 35.37
CA ALA C 840 11.40 22.08 35.53
C ALA C 840 12.28 21.93 34.29
N MET C 841 11.66 21.98 33.11
CA MET C 841 12.37 21.93 31.79
C MET C 841 13.35 23.09 31.68
N GLU C 842 12.91 24.30 32.05
CA GLU C 842 13.71 25.56 32.00
C GLU C 842 15.01 25.37 32.81
N LEU C 843 14.92 24.78 34.01
CA LEU C 843 16.08 24.56 34.92
C LEU C 843 17.01 23.49 34.32
N MET C 844 16.44 22.38 33.83
CA MET C 844 17.20 21.25 33.24
C MET C 844 18.06 21.74 32.07
N GLU C 845 17.53 22.68 31.26
CA GLU C 845 18.26 23.32 30.13
C GLU C 845 19.43 24.14 30.68
N GLN C 846 19.20 24.88 31.79
CA GLN C 846 20.22 25.71 32.47
C GLN C 846 21.35 24.82 33.01
N LEU C 847 21.01 23.69 33.62
CA LEU C 847 21.98 22.70 34.17
C LEU C 847 22.72 22.00 33.03
N ALA C 848 22.01 21.68 31.94
CA ALA C 848 22.53 20.97 30.74
C ALA C 848 23.57 21.84 30.02
N SER C 849 23.40 23.17 30.07
CA SER C 849 24.27 24.18 29.40
C SER C 849 25.63 24.28 30.10
N LYS C 850 25.76 23.73 31.31
CA LYS C 850 26.99 23.77 32.15
C LYS C 850 27.82 22.49 31.97
N LEU C 851 27.36 21.56 31.13
CA LEU C 851 28.02 20.23 30.91
C LEU C 851 29.17 20.39 29.91
N PRO C 852 30.15 19.45 29.88
CA PRO C 852 31.27 19.53 28.94
C PRO C 852 30.85 19.75 27.48
N THR C 853 31.66 20.51 26.73
CA THR C 853 31.47 20.76 25.27
C THR C 853 31.52 19.41 24.54
N GLY C 854 30.54 19.17 23.66
CA GLY C 854 30.35 17.89 22.95
C GLY C 854 29.12 17.16 23.46
N VAL C 855 28.74 17.38 24.72
CA VAL C 855 27.51 16.83 25.36
C VAL C 855 26.36 17.82 25.12
N GLY C 856 25.53 17.54 24.12
CA GLY C 856 24.27 18.27 23.86
C GLY C 856 23.11 17.61 24.59
N TYR C 857 21.88 18.05 24.31
CA TYR C 857 20.63 17.48 24.87
C TYR C 857 19.46 17.74 23.91
N ASP C 858 18.31 17.12 24.20
CA ASP C 858 17.03 17.31 23.47
C ASP C 858 15.87 16.80 24.33
N TRP C 859 14.68 17.33 24.10
CA TRP C 859 13.41 16.89 24.75
C TRP C 859 12.70 15.90 23.82
N THR C 860 12.25 14.76 24.36
CA THR C 860 11.59 13.66 23.60
C THR C 860 10.19 13.42 24.18
N GLY C 861 9.36 12.66 23.45
CA GLY C 861 8.00 12.22 23.86
C GLY C 861 7.14 13.39 24.30
N MET C 862 6.74 13.41 25.58
CA MET C 862 5.79 14.39 26.16
C MET C 862 6.42 15.79 26.16
N SER C 863 7.69 15.89 26.55
CA SER C 863 8.46 17.15 26.66
C SER C 863 8.63 17.80 25.27
N TYR C 864 8.79 16.98 24.22
CA TYR C 864 8.91 17.42 22.81
C TYR C 864 7.63 18.16 22.40
N GLN C 865 6.46 17.57 22.70
CA GLN C 865 5.12 18.14 22.39
C GLN C 865 4.90 19.42 23.19
N GLU C 866 5.40 19.46 24.43
CA GLU C 866 5.26 20.62 25.36
C GLU C 866 6.06 21.81 24.83
N ARG C 867 7.32 21.60 24.44
CA ARG C 867 8.20 22.62 23.82
C ARG C 867 7.54 23.17 22.56
N LEU C 868 7.09 22.28 21.67
CA LEU C 868 6.41 22.60 20.39
C LEU C 868 5.18 23.47 20.65
N SER C 869 4.32 23.04 21.59
CA SER C 869 3.05 23.71 21.99
C SER C 869 3.33 25.17 22.38
N GLY C 870 4.33 25.38 23.24
CA GLY C 870 4.73 26.72 23.74
C GLY C 870 5.36 27.58 22.65
N ASN C 871 6.13 26.97 21.75
CA ASN C 871 6.92 27.67 20.70
C ASN C 871 5.99 28.27 19.63
N GLN C 872 4.86 27.62 19.34
CA GLN C 872 3.97 27.97 18.19
C GLN C 872 2.77 28.81 18.66
N ALA C 873 2.60 29.00 19.97
CA ALA C 873 1.44 29.70 20.58
C ALA C 873 1.41 31.18 20.19
N PRO C 874 2.55 31.91 20.27
CA PRO C 874 2.58 33.33 19.90
C PRO C 874 2.10 33.61 18.47
N SER C 875 2.63 32.85 17.49
CA SER C 875 2.28 32.97 16.05
C SER C 875 0.81 32.63 15.83
N LEU C 876 0.26 31.69 16.60
CA LEU C 876 -1.17 31.27 16.57
C LEU C 876 -2.05 32.45 17.02
N TYR C 877 -1.63 33.19 18.05
CA TYR C 877 -2.35 34.38 18.59
C TYR C 877 -2.29 35.51 17.56
N ALA C 878 -1.11 35.75 16.99
CA ALA C 878 -0.84 36.82 15.99
C ALA C 878 -1.73 36.65 14.76
N ILE C 879 -1.74 35.45 14.17
CA ILE C 879 -2.55 35.12 12.94
C ILE C 879 -4.04 35.15 13.29
N SER C 880 -4.42 34.69 14.49
CA SER C 880 -5.82 34.64 14.98
C SER C 880 -6.39 36.05 15.09
N LEU C 881 -5.64 36.98 15.70
CA LEU C 881 -6.02 38.41 15.86
C LEU C 881 -6.21 39.05 14.48
N ILE C 882 -5.28 38.80 13.55
CA ILE C 882 -5.26 39.38 12.18
C ILE C 882 -6.50 38.89 11.40
N VAL C 883 -6.81 37.59 11.47
CA VAL C 883 -7.95 36.95 10.73
C VAL C 883 -9.26 37.58 11.22
N VAL C 884 -9.42 37.77 12.53
CA VAL C 884 -10.64 38.37 13.16
C VAL C 884 -10.77 39.83 12.68
N PHE C 885 -9.67 40.57 12.69
CA PHE C 885 -9.59 42.01 12.26
C PHE C 885 -10.03 42.14 10.79
N LEU C 886 -9.43 41.33 9.91
CA LEU C 886 -9.69 41.36 8.44
C LEU C 886 -11.14 40.95 8.16
N CYS C 887 -11.64 39.92 8.85
CA CYS C 887 -13.03 39.42 8.75
C CYS C 887 -14.03 40.52 9.12
N LEU C 888 -13.71 41.32 10.15
CA LEU C 888 -14.54 42.47 10.61
C LEU C 888 -14.45 43.61 9.59
N ALA C 889 -13.26 43.88 9.06
CA ALA C 889 -12.97 44.94 8.07
C ALA C 889 -13.79 44.71 6.80
N ALA C 890 -13.85 43.46 6.32
CA ALA C 890 -14.58 43.03 5.11
C ALA C 890 -16.09 43.09 5.34
N LEU C 891 -16.55 42.56 6.48
CA LEU C 891 -17.99 42.45 6.84
C LEU C 891 -18.61 43.85 6.95
N TYR C 892 -17.94 44.76 7.65
CA TYR C 892 -18.47 46.11 8.03
C TYR C 892 -17.95 47.20 7.10
N GLU C 893 -17.12 46.85 6.12
CA GLU C 893 -16.57 47.79 5.10
C GLU C 893 -15.96 48.99 5.83
N SER C 894 -15.02 48.73 6.76
CA SER C 894 -14.45 49.73 7.69
C SER C 894 -13.05 49.29 8.16
N TRP C 895 -12.20 50.27 8.49
CA TRP C 895 -10.91 50.07 9.22
C TRP C 895 -11.07 50.55 10.67
N SER C 896 -12.03 51.44 10.93
CA SER C 896 -12.26 52.09 12.24
C SER C 896 -13.00 51.15 13.19
N ILE C 897 -14.09 50.51 12.72
CA ILE C 897 -14.91 49.55 13.53
C ILE C 897 -14.02 48.40 13.98
N PRO C 898 -13.29 47.71 13.07
CA PRO C 898 -12.41 46.60 13.48
C PRO C 898 -11.39 47.00 14.54
N PHE C 899 -10.69 48.13 14.34
CA PHE C 899 -9.62 48.64 15.23
C PHE C 899 -10.22 49.00 16.60
N SER C 900 -11.40 49.63 16.61
CA SER C 900 -12.19 49.97 17.82
C SER C 900 -12.54 48.69 18.59
N VAL C 901 -12.92 47.63 17.86
CA VAL C 901 -13.30 46.30 18.43
C VAL C 901 -12.04 45.61 18.97
N MET C 902 -11.00 45.47 18.14
CA MET C 902 -9.78 44.66 18.45
C MET C 902 -9.03 45.21 19.67
N LEU C 903 -9.24 46.48 20.03
CA LEU C 903 -8.62 47.12 21.23
C LEU C 903 -9.17 46.51 22.52
N VAL C 904 -10.29 45.78 22.45
CA VAL C 904 -10.99 45.18 23.62
C VAL C 904 -10.22 43.95 24.13
N VAL C 905 -9.44 43.29 23.26
CA VAL C 905 -8.85 41.94 23.52
C VAL C 905 -8.08 41.95 24.85
N PRO C 906 -7.17 42.92 25.11
CA PRO C 906 -6.47 43.00 26.40
C PRO C 906 -7.37 43.01 27.64
N LEU C 907 -8.57 43.60 27.55
CA LEU C 907 -9.56 43.66 28.66
C LEU C 907 -9.98 42.24 29.06
N GLY C 908 -10.12 41.35 28.07
CA GLY C 908 -10.47 39.94 28.28
C GLY C 908 -9.28 39.12 28.75
N VAL C 909 -8.13 39.25 28.07
CA VAL C 909 -6.92 38.40 28.27
C VAL C 909 -6.42 38.54 29.72
N ILE C 910 -6.46 39.76 30.28
CA ILE C 910 -5.99 40.03 31.68
C ILE C 910 -6.87 39.25 32.67
N GLY C 911 -8.18 39.19 32.43
CA GLY C 911 -9.15 38.45 33.26
C GLY C 911 -8.83 36.96 33.28
N ALA C 912 -8.47 36.40 32.12
CA ALA C 912 -8.07 34.99 31.95
C ALA C 912 -6.77 34.71 32.71
N LEU C 913 -5.78 35.61 32.58
CA LEU C 913 -4.47 35.52 33.27
C LEU C 913 -4.67 35.62 34.79
N LEU C 914 -5.53 36.54 35.24
CA LEU C 914 -5.85 36.77 36.68
C LEU C 914 -6.46 35.49 37.28
N ALA C 915 -7.48 34.94 36.64
CA ALA C 915 -8.23 33.73 37.07
C ALA C 915 -7.28 32.54 37.19
N ALA C 916 -6.43 32.33 36.18
CA ALA C 916 -5.44 31.22 36.10
C ALA C 916 -4.38 31.39 37.19
N THR C 917 -3.86 32.61 37.38
CA THR C 917 -2.78 32.96 38.32
C THR C 917 -3.23 32.69 39.76
N PHE C 918 -4.39 33.23 40.16
CA PHE C 918 -4.89 33.22 41.56
C PHE C 918 -5.45 31.83 41.92
N ARG C 919 -5.86 31.04 40.94
CA ARG C 919 -6.31 29.63 41.16
C ARG C 919 -5.09 28.71 41.20
N GLY C 920 -3.99 29.09 40.55
CA GLY C 920 -2.72 28.34 40.52
C GLY C 920 -2.66 27.36 39.36
N LEU C 921 -3.36 27.67 38.25
CA LEU C 921 -3.27 26.91 36.98
C LEU C 921 -2.09 27.44 36.16
N THR C 922 -1.78 26.79 35.04
CA THR C 922 -0.59 27.06 34.19
C THR C 922 -1.02 27.46 32.77
N ASN C 923 -0.13 28.11 32.03
CA ASN C 923 -0.30 28.42 30.58
C ASN C 923 -0.13 27.12 29.80
N ASP C 924 -1.21 26.33 29.71
CA ASP C 924 -1.23 24.98 29.07
C ASP C 924 -2.10 25.04 27.80
N VAL C 925 -2.24 23.91 27.11
CA VAL C 925 -2.97 23.78 25.81
C VAL C 925 -4.42 24.27 25.97
N TYR C 926 -5.05 23.96 27.11
CA TYR C 926 -6.46 24.34 27.42
C TYR C 926 -6.55 25.85 27.64
N PHE C 927 -5.51 26.46 28.22
CA PHE C 927 -5.42 27.93 28.44
C PHE C 927 -5.21 28.64 27.09
N GLN C 928 -4.40 28.05 26.21
CA GLN C 928 -4.14 28.55 24.83
C GLN C 928 -5.47 28.61 24.06
N VAL C 929 -6.27 27.55 24.14
CA VAL C 929 -7.64 27.47 23.55
C VAL C 929 -8.52 28.53 24.22
N GLY C 930 -8.35 28.72 25.53
CA GLY C 930 -9.08 29.72 26.34
C GLY C 930 -8.78 31.15 25.89
N LEU C 931 -7.52 31.45 25.61
CA LEU C 931 -7.06 32.81 25.16
C LEU C 931 -7.64 33.12 23.78
N LEU C 932 -7.69 32.12 22.88
CA LEU C 932 -8.33 32.23 21.54
C LEU C 932 -9.82 32.51 21.71
N THR C 933 -10.48 31.79 22.63
CA THR C 933 -11.92 31.94 22.96
C THR C 933 -12.16 33.36 23.52
N THR C 934 -11.25 33.83 24.38
CA THR C 934 -11.34 35.15 25.06
C THR C 934 -11.32 36.29 24.03
N ILE C 935 -10.52 36.15 22.97
CA ILE C 935 -10.44 37.14 21.84
C ILE C 935 -11.84 37.29 21.22
N GLY C 936 -12.51 36.16 20.96
CA GLY C 936 -13.86 36.12 20.36
C GLY C 936 -14.92 36.66 21.31
N LEU C 937 -14.83 36.31 22.60
CA LEU C 937 -15.77 36.77 23.67
C LEU C 937 -15.72 38.29 23.79
N SER C 938 -14.50 38.86 23.82
CA SER C 938 -14.23 40.31 23.98
C SER C 938 -14.72 41.07 22.73
N ALA C 939 -14.40 40.56 21.54
CA ALA C 939 -14.81 41.12 20.22
C ALA C 939 -16.34 41.14 20.12
N LYS C 940 -17.00 40.07 20.58
CA LYS C 940 -18.47 39.89 20.55
C LYS C 940 -19.15 40.99 21.40
N ASN C 941 -18.62 41.27 22.59
CA ASN C 941 -19.14 42.32 23.52
C ASN C 941 -18.91 43.71 22.90
N ALA C 942 -17.74 43.91 22.27
CA ALA C 942 -17.34 45.19 21.62
C ALA C 942 -18.23 45.45 20.39
N ILE C 943 -18.51 44.42 19.60
CA ILE C 943 -19.37 44.47 18.38
C ILE C 943 -20.76 45.02 18.75
N LEU C 944 -21.37 44.47 19.81
CA LEU C 944 -22.75 44.81 20.25
C LEU C 944 -22.86 46.32 20.53
N ILE C 945 -21.77 46.98 20.94
CA ILE C 945 -21.69 48.45 21.17
C ILE C 945 -21.32 49.15 19.85
N VAL C 946 -20.17 48.80 19.27
CA VAL C 946 -19.51 49.54 18.14
C VAL C 946 -20.40 49.49 16.89
N GLU C 947 -20.73 48.28 16.41
CA GLU C 947 -21.53 48.05 15.18
C GLU C 947 -22.83 48.86 15.23
N PHE C 948 -23.51 48.82 16.39
CA PHE C 948 -24.85 49.43 16.62
C PHE C 948 -24.73 50.95 16.67
N ALA C 949 -23.64 51.48 17.25
CA ALA C 949 -23.34 52.92 17.37
C ALA C 949 -23.13 53.51 15.96
N LYS C 950 -22.30 52.88 15.14
CA LYS C 950 -22.01 53.28 13.74
C LYS C 950 -23.32 53.28 12.93
N ASP C 951 -24.15 52.25 13.11
CA ASP C 951 -25.42 52.04 12.36
C ASP C 951 -26.39 53.17 12.69
N LEU C 952 -26.41 53.63 13.95
CA LEU C 952 -27.26 54.75 14.42
C LEU C 952 -26.75 56.07 13.83
N MET C 953 -25.43 56.22 13.66
CA MET C 953 -24.79 57.42 13.05
C MET C 953 -25.13 57.50 11.56
N ASP C 954 -25.22 56.35 10.88
CA ASP C 954 -25.43 56.25 9.41
C ASP C 954 -26.92 56.39 9.09
N LYS C 955 -27.76 55.52 9.68
CA LYS C 955 -29.20 55.39 9.33
C LYS C 955 -30.00 56.56 9.91
N GLU C 956 -29.77 56.92 11.18
CA GLU C 956 -30.57 57.93 11.92
C GLU C 956 -29.82 59.27 11.99
N GLY C 957 -28.65 59.37 11.37
CA GLY C 957 -27.86 60.62 11.25
C GLY C 957 -27.57 61.25 12.60
N LYS C 958 -27.25 60.43 13.61
CA LYS C 958 -26.98 60.88 15.00
C LYS C 958 -25.50 61.23 15.16
N GLY C 959 -25.18 62.13 16.10
CA GLY C 959 -23.80 62.51 16.46
C GLY C 959 -23.04 61.36 17.08
N LEU C 960 -21.70 61.45 17.11
CA LEU C 960 -20.79 60.38 17.59
C LEU C 960 -21.14 60.01 19.04
N ILE C 961 -21.29 61.02 19.92
CA ILE C 961 -21.54 60.84 21.38
C ILE C 961 -22.96 60.29 21.58
N GLU C 962 -23.95 60.90 20.93
CA GLU C 962 -25.40 60.55 21.08
C GLU C 962 -25.63 59.10 20.65
N ALA C 963 -25.05 58.70 19.52
CA ALA C 963 -25.16 57.34 18.92
C ALA C 963 -24.54 56.30 19.86
N THR C 964 -23.38 56.63 20.46
CA THR C 964 -22.63 55.76 21.40
C THR C 964 -23.45 55.55 22.68
N LEU C 965 -24.02 56.61 23.23
CA LEU C 965 -24.81 56.58 24.50
C LEU C 965 -26.13 55.83 24.28
N ASP C 966 -26.76 56.00 23.13
CA ASP C 966 -28.01 55.28 22.74
C ASP C 966 -27.70 53.79 22.56
N ALA C 967 -26.55 53.47 21.94
CA ALA C 967 -26.10 52.09 21.65
C ALA C 967 -25.91 51.32 22.97
N VAL C 968 -25.09 51.84 23.88
CA VAL C 968 -24.69 51.17 25.16
C VAL C 968 -25.93 51.00 26.06
N ARG C 969 -26.86 51.96 26.04
CA ARG C 969 -28.12 51.93 26.83
C ARG C 969 -28.96 50.73 26.40
N MET C 970 -29.27 50.64 25.10
CA MET C 970 -30.16 49.61 24.50
C MET C 970 -29.49 48.23 24.52
N ARG C 971 -28.16 48.19 24.65
CA ARG C 971 -27.34 46.96 24.48
C ARG C 971 -26.80 46.44 25.83
N LEU C 972 -27.00 47.16 26.94
CA LEU C 972 -26.52 46.72 28.27
C LEU C 972 -27.15 45.37 28.63
N ARG C 973 -28.48 45.27 28.51
CA ARG C 973 -29.25 44.05 28.87
C ARG C 973 -28.75 42.85 28.06
N PRO C 974 -28.79 42.88 26.71
CA PRO C 974 -28.37 41.72 25.91
C PRO C 974 -26.87 41.37 26.08
N ILE C 975 -26.02 42.33 26.40
CA ILE C 975 -24.56 42.11 26.66
C ILE C 975 -24.40 41.33 27.97
N LEU C 976 -24.94 41.87 29.07
CA LEU C 976 -24.88 41.24 30.42
C LEU C 976 -25.58 39.87 30.39
N MET C 977 -26.67 39.76 29.62
CA MET C 977 -27.51 38.53 29.50
C MET C 977 -26.71 37.42 28.81
N THR C 978 -26.10 37.72 27.66
CA THR C 978 -25.29 36.77 26.85
C THR C 978 -23.98 36.46 27.57
N SER C 979 -23.42 37.43 28.31
CA SER C 979 -22.14 37.31 29.06
C SER C 979 -22.32 36.38 30.25
N LEU C 980 -23.38 36.58 31.04
CA LEU C 980 -23.70 35.76 32.25
C LEU C 980 -24.04 34.32 31.82
N ALA C 981 -24.70 34.17 30.67
CA ALA C 981 -25.04 32.85 30.07
C ALA C 981 -23.76 32.02 29.90
N PHE C 982 -22.70 32.63 29.36
CA PHE C 982 -21.38 31.98 29.14
C PHE C 982 -20.69 31.71 30.48
N ILE C 983 -20.64 32.72 31.36
CA ILE C 983 -19.94 32.67 32.68
C ILE C 983 -20.53 31.52 33.52
N LEU C 984 -21.87 31.41 33.56
CA LEU C 984 -22.60 30.34 34.29
C LEU C 984 -22.66 29.06 33.44
N GLY C 985 -22.40 29.18 32.14
CA GLY C 985 -22.30 28.05 31.19
C GLY C 985 -21.04 27.22 31.42
N VAL C 986 -19.90 27.90 31.64
CA VAL C 986 -18.57 27.26 31.89
C VAL C 986 -18.36 27.07 33.39
N MET C 987 -19.27 27.60 34.23
CA MET C 987 -19.20 27.52 35.71
C MET C 987 -19.03 26.06 36.15
N PRO C 988 -19.83 25.09 35.64
CA PRO C 988 -19.68 23.68 36.00
C PRO C 988 -18.27 23.12 35.77
N LEU C 989 -17.60 23.51 34.68
CA LEU C 989 -16.20 23.13 34.36
C LEU C 989 -15.27 23.60 35.48
N VAL C 990 -15.47 24.83 35.97
CA VAL C 990 -14.58 25.54 36.93
C VAL C 990 -14.65 24.84 38.30
N ILE C 991 -15.86 24.53 38.80
CA ILE C 991 -16.08 24.01 40.18
C ILE C 991 -16.11 22.47 40.17
N SER C 992 -15.88 21.83 39.02
CA SER C 992 -15.83 20.35 38.87
C SER C 992 -14.73 19.79 39.77
N THR C 993 -15.05 18.72 40.53
CA THR C 993 -14.10 17.98 41.40
C THR C 993 -14.27 16.47 41.18
N GLY C 994 -14.69 16.07 39.98
CA GLY C 994 -14.91 14.66 39.59
C GLY C 994 -13.69 14.08 38.88
N ALA C 995 -13.81 12.84 38.39
CA ALA C 995 -12.75 12.14 37.60
C ALA C 995 -12.55 12.88 36.28
N GLY C 996 -11.33 13.39 36.04
CA GLY C 996 -10.97 14.16 34.84
C GLY C 996 -11.30 15.63 34.97
N SER C 997 -11.39 16.14 36.21
CA SER C 997 -11.74 17.56 36.52
C SER C 997 -10.53 18.47 36.29
N GLY C 998 -9.31 17.90 36.26
CA GLY C 998 -8.06 18.61 35.92
C GLY C 998 -8.19 19.32 34.58
N ALA C 999 -8.74 18.62 33.58
CA ALA C 999 -9.00 19.14 32.22
C ALA C 999 -10.16 20.14 32.27
N GLN C 1000 -11.25 19.80 32.98
CA GLN C 1000 -12.46 20.65 33.13
C GLN C 1000 -12.07 22.01 33.71
N ASN C 1001 -11.36 22.00 34.85
CA ASN C 1001 -10.91 23.22 35.57
C ASN C 1001 -10.05 24.09 34.65
N ALA C 1002 -9.17 23.46 33.86
CA ALA C 1002 -8.20 24.13 32.95
C ALA C 1002 -8.94 24.82 31.80
N VAL C 1003 -9.97 24.17 31.24
CA VAL C 1003 -10.77 24.69 30.09
C VAL C 1003 -11.63 25.87 30.55
N GLY C 1004 -12.24 25.78 31.73
CA GLY C 1004 -13.29 26.69 32.20
C GLY C 1004 -12.75 27.95 32.87
N THR C 1005 -11.68 27.83 33.67
CA THR C 1005 -11.18 28.89 34.59
C THR C 1005 -10.79 30.14 33.79
N GLY C 1006 -9.90 29.99 32.80
CA GLY C 1006 -9.38 31.10 31.98
C GLY C 1006 -10.49 31.87 31.29
N VAL C 1007 -11.34 31.18 30.53
CA VAL C 1007 -12.44 31.78 29.71
C VAL C 1007 -13.46 32.46 30.63
N MET C 1008 -13.72 31.90 31.82
CA MET C 1008 -14.67 32.47 32.82
C MET C 1008 -14.15 33.84 33.28
N GLY C 1009 -12.90 33.89 33.76
CA GLY C 1009 -12.19 35.12 34.12
C GLY C 1009 -12.10 36.08 32.95
N GLY C 1010 -11.85 35.54 31.74
CA GLY C 1010 -11.79 36.29 30.47
C GLY C 1010 -13.09 37.02 30.20
N MET C 1011 -14.23 36.32 30.28
CA MET C 1011 -15.57 36.86 29.97
C MET C 1011 -16.01 37.87 31.04
N VAL C 1012 -15.64 37.62 32.30
CA VAL C 1012 -15.95 38.51 33.47
C VAL C 1012 -15.42 39.92 33.18
N THR C 1013 -14.10 40.03 32.93
CA THR C 1013 -13.39 41.32 32.67
C THR C 1013 -13.79 41.86 31.30
N ALA C 1014 -14.00 40.99 30.31
CA ALA C 1014 -14.40 41.34 28.92
C ALA C 1014 -15.85 41.83 28.88
N THR C 1015 -16.57 41.77 30.00
CA THR C 1015 -17.93 42.33 30.18
C THR C 1015 -17.86 43.59 31.05
N VAL C 1016 -17.27 43.47 32.24
CA VAL C 1016 -17.22 44.55 33.29
C VAL C 1016 -16.41 45.73 32.75
N LEU C 1017 -15.25 45.49 32.14
CA LEU C 1017 -14.34 46.56 31.62
C LEU C 1017 -14.88 47.09 30.28
N ALA C 1018 -15.21 46.18 29.35
CA ALA C 1018 -15.57 46.47 27.94
C ALA C 1018 -16.69 47.52 27.87
N ILE C 1019 -17.75 47.36 28.67
CA ILE C 1019 -18.96 48.25 28.66
C ILE C 1019 -18.55 49.70 28.96
N PHE C 1020 -17.40 49.92 29.59
CA PHE C 1020 -16.86 51.27 29.94
C PHE C 1020 -15.79 51.71 28.93
N PHE C 1021 -14.93 50.79 28.48
CA PHE C 1021 -13.70 51.08 27.69
C PHE C 1021 -13.99 51.10 26.19
N VAL C 1022 -14.93 50.26 25.71
CA VAL C 1022 -15.27 50.14 24.26
C VAL C 1022 -15.85 51.46 23.74
N PRO C 1023 -16.76 52.13 24.48
CA PRO C 1023 -17.22 53.47 24.11
C PRO C 1023 -16.07 54.47 23.95
N VAL C 1024 -15.04 54.38 24.81
CA VAL C 1024 -13.83 55.24 24.78
C VAL C 1024 -13.05 54.95 23.49
N PHE C 1025 -12.81 53.67 23.19
CA PHE C 1025 -12.08 53.20 21.98
C PHE C 1025 -12.76 53.76 20.73
N PHE C 1026 -14.07 53.51 20.58
CA PHE C 1026 -14.89 53.88 19.40
C PHE C 1026 -14.81 55.40 19.16
N VAL C 1027 -15.08 56.20 20.19
CA VAL C 1027 -15.12 57.69 20.12
C VAL C 1027 -13.73 58.22 19.76
N VAL C 1028 -12.69 57.80 20.49
CA VAL C 1028 -11.28 58.28 20.31
C VAL C 1028 -10.79 57.94 18.89
N VAL C 1029 -11.05 56.72 18.41
CA VAL C 1029 -10.60 56.22 17.08
C VAL C 1029 -11.33 57.00 15.98
N ARG C 1030 -12.65 57.16 16.09
CA ARG C 1030 -13.51 57.89 15.11
C ARG C 1030 -13.11 59.37 15.08
N ARG C 1031 -12.70 59.93 16.22
CA ARG C 1031 -12.33 61.37 16.38
CA ARG C 1031 -12.36 61.38 16.32
C ARG C 1031 -10.99 61.65 15.68
N ARG C 1032 -10.09 60.67 15.72
CA ARG C 1032 -8.67 60.82 15.29
C ARG C 1032 -8.46 60.30 13.86
N PHE C 1033 -9.31 59.37 13.38
CA PHE C 1033 -9.11 58.66 12.08
C PHE C 1033 -10.41 58.65 11.24
N SER C 1034 -11.31 59.62 11.45
CA SER C 1034 -12.54 59.81 10.65
C SER C 1034 -13.02 61.26 10.77
N GLY D 11 51.32 -6.22 -32.98
CA GLY D 11 50.67 -6.41 -34.32
C GLY D 11 50.59 -5.10 -35.09
N SER D 12 49.47 -4.89 -35.81
CA SER D 12 49.21 -3.69 -36.65
C SER D 12 47.72 -3.33 -36.59
N ASP D 13 47.36 -2.17 -37.17
CA ASP D 13 45.97 -1.62 -37.20
C ASP D 13 45.08 -2.55 -38.02
N LEU D 14 45.54 -2.96 -39.22
CA LEU D 14 44.77 -3.82 -40.16
C LEU D 14 44.65 -5.25 -39.62
N GLY D 15 45.66 -5.71 -38.87
CA GLY D 15 45.65 -7.01 -38.19
C GLY D 15 44.47 -7.16 -37.25
N LYS D 16 44.13 -6.08 -36.52
CA LYS D 16 42.97 -6.02 -35.58
C LYS D 16 41.65 -6.09 -36.37
N LYS D 17 41.54 -5.32 -37.45
CA LYS D 17 40.32 -5.21 -38.29
C LYS D 17 40.03 -6.57 -38.96
N LEU D 18 41.07 -7.31 -39.34
CA LEU D 18 40.95 -8.65 -39.97
C LEU D 18 40.43 -9.66 -38.94
N LEU D 19 40.96 -9.62 -37.70
CA LEU D 19 40.50 -10.47 -36.57
C LEU D 19 39.00 -10.22 -36.32
N GLU D 20 38.57 -8.96 -36.33
CA GLU D 20 37.16 -8.55 -36.13
C GLU D 20 36.30 -9.00 -37.30
N ALA D 21 36.75 -8.73 -38.54
CA ALA D 21 36.02 -9.02 -39.80
C ALA D 21 35.87 -10.54 -39.99
N ALA D 22 36.94 -11.30 -39.74
CA ALA D 22 36.99 -12.77 -39.87
C ALA D 22 35.98 -13.41 -38.91
N ARG D 23 35.94 -12.94 -37.66
CA ARG D 23 35.01 -13.39 -36.60
C ARG D 23 33.56 -13.05 -37.00
N ALA D 24 33.33 -11.80 -37.41
CA ALA D 24 31.99 -11.22 -37.70
C ALA D 24 31.36 -11.90 -38.92
N GLY D 25 32.17 -12.42 -39.84
CA GLY D 25 31.72 -13.09 -41.08
C GLY D 25 31.46 -12.10 -42.19
N ARG D 26 32.21 -10.99 -42.22
CA ARG D 26 32.09 -9.92 -43.23
C ARG D 26 33.05 -10.22 -44.39
N ASP D 27 32.54 -10.94 -45.40
CA ASP D 27 33.32 -11.46 -46.57
C ASP D 27 33.90 -10.27 -47.36
N ASP D 28 33.09 -9.23 -47.60
CA ASP D 28 33.46 -8.03 -48.40
C ASP D 28 34.63 -7.29 -47.73
N GLU D 29 34.59 -7.14 -46.40
CA GLU D 29 35.63 -6.41 -45.61
C GLU D 29 36.92 -7.22 -45.61
N VAL D 30 36.84 -8.54 -45.42
CA VAL D 30 37.99 -9.48 -45.48
C VAL D 30 38.65 -9.37 -46.86
N ARG D 31 37.84 -9.33 -47.93
CA ARG D 31 38.28 -9.23 -49.35
C ARG D 31 39.17 -7.99 -49.52
N ILE D 32 38.70 -6.83 -49.05
CA ILE D 32 39.38 -5.50 -49.19
C ILE D 32 40.66 -5.52 -48.33
N LEU D 33 40.62 -6.14 -47.15
CA LEU D 33 41.75 -6.23 -46.20
C LEU D 33 42.86 -7.12 -46.77
N MET D 34 42.50 -8.18 -47.49
CA MET D 34 43.46 -9.10 -48.17
C MET D 34 44.16 -8.36 -49.32
N ALA D 35 43.43 -7.50 -50.03
CA ALA D 35 43.94 -6.66 -51.14
C ALA D 35 44.90 -5.60 -50.59
N ASN D 36 44.60 -5.05 -49.40
CA ASN D 36 45.39 -3.97 -48.74
C ASN D 36 46.57 -4.58 -47.96
N GLY D 37 46.57 -5.90 -47.75
CA GLY D 37 47.68 -6.65 -47.14
C GLY D 37 47.60 -6.71 -45.63
N ALA D 38 46.41 -6.99 -45.10
CA ALA D 38 46.15 -7.20 -43.65
C ALA D 38 46.83 -8.50 -43.21
N ASP D 39 47.58 -8.46 -42.09
CA ASP D 39 48.40 -9.58 -41.57
C ASP D 39 47.49 -10.78 -41.27
N VAL D 40 47.59 -11.84 -42.07
CA VAL D 40 46.81 -13.11 -41.91
C VAL D 40 47.30 -13.85 -40.66
N ASN D 41 48.52 -13.56 -40.19
CA ASN D 41 49.15 -14.22 -39.01
C ASN D 41 48.96 -13.36 -37.75
N ALA D 42 48.15 -12.30 -37.84
CA ALA D 42 47.78 -11.44 -36.70
C ALA D 42 47.05 -12.29 -35.64
N ALA D 43 47.51 -12.24 -34.39
CA ALA D 43 46.96 -13.03 -33.26
C ALA D 43 46.59 -12.11 -32.10
N ASP D 44 45.44 -12.37 -31.46
CA ASP D 44 44.98 -11.67 -30.23
C ASP D 44 45.78 -12.20 -29.03
N VAL D 45 45.43 -11.78 -27.82
CA VAL D 45 46.19 -12.06 -26.56
C VAL D 45 46.17 -13.57 -26.25
N VAL D 46 45.11 -14.29 -26.62
CA VAL D 46 44.95 -15.75 -26.35
C VAL D 46 45.60 -16.57 -27.48
N GLY D 47 46.03 -15.90 -28.57
CA GLY D 47 46.81 -16.51 -29.67
C GLY D 47 45.92 -17.03 -30.78
N TRP D 48 44.76 -16.40 -31.00
CA TRP D 48 43.77 -16.77 -32.05
C TRP D 48 44.00 -15.92 -33.30
N THR D 49 44.35 -16.57 -34.42
CA THR D 49 44.51 -15.95 -35.76
C THR D 49 43.12 -15.73 -36.37
N PRO D 50 43.00 -14.95 -37.47
CA PRO D 50 41.73 -14.82 -38.18
C PRO D 50 41.12 -16.18 -38.61
N LEU D 51 41.96 -17.16 -38.94
CA LEU D 51 41.54 -18.51 -39.38
C LEU D 51 40.93 -19.28 -38.19
N HIS D 52 41.52 -19.14 -36.99
CA HIS D 52 40.96 -19.67 -35.72
C HIS D 52 39.51 -19.19 -35.57
N LEU D 53 39.30 -17.87 -35.67
CA LEU D 53 37.98 -17.20 -35.47
C LEU D 53 36.99 -17.66 -36.54
N ALA D 54 37.40 -17.62 -37.81
CA ALA D 54 36.57 -18.03 -38.98
C ALA D 54 36.13 -19.49 -38.82
N ALA D 55 37.03 -20.36 -38.34
CA ALA D 55 36.80 -21.80 -38.10
C ALA D 55 35.79 -21.99 -36.95
N TYR D 56 35.96 -21.21 -35.87
CA TYR D 56 35.11 -21.25 -34.64
C TYR D 56 33.66 -20.91 -34.99
N TRP D 57 33.45 -19.75 -35.62
CA TRP D 57 32.11 -19.16 -35.91
C TRP D 57 31.49 -19.76 -37.18
N GLY D 58 32.27 -20.53 -37.95
CA GLY D 58 31.78 -21.30 -39.10
C GLY D 58 31.59 -20.43 -40.34
N HIS D 59 32.57 -19.60 -40.65
CA HIS D 59 32.59 -18.69 -41.84
C HIS D 59 33.45 -19.32 -42.94
N LEU D 60 32.81 -20.10 -43.84
CA LEU D 60 33.46 -21.00 -44.82
C LEU D 60 34.28 -20.21 -45.84
N GLU D 61 33.69 -19.18 -46.45
CA GLU D 61 34.31 -18.37 -47.53
C GLU D 61 35.59 -17.69 -47.01
N ILE D 62 35.52 -17.11 -45.81
CA ILE D 62 36.66 -16.38 -45.15
C ILE D 62 37.79 -17.37 -44.86
N VAL D 63 37.46 -18.59 -44.39
CA VAL D 63 38.44 -19.69 -44.15
C VAL D 63 39.20 -19.95 -45.45
N GLU D 64 38.48 -20.05 -46.58
CA GLU D 64 39.05 -20.36 -47.92
C GLU D 64 39.90 -19.17 -48.40
N VAL D 65 39.40 -17.94 -48.24
CA VAL D 65 40.10 -16.69 -48.69
C VAL D 65 41.39 -16.51 -47.88
N LEU D 66 41.37 -16.80 -46.58
CA LEU D 66 42.54 -16.67 -45.67
C LEU D 66 43.63 -17.68 -46.06
N LEU D 67 43.24 -18.91 -46.38
CA LEU D 67 44.16 -20.01 -46.79
C LEU D 67 44.79 -19.69 -48.16
N LYS D 68 44.04 -19.05 -49.05
CA LYS D 68 44.53 -18.56 -50.36
C LYS D 68 45.62 -17.50 -50.14
N ASN D 69 45.49 -16.69 -49.09
CA ASN D 69 46.40 -15.55 -48.76
C ASN D 69 47.43 -15.98 -47.70
N GLY D 70 47.81 -17.27 -47.69
CA GLY D 70 48.97 -17.80 -46.93
C GLY D 70 48.78 -17.71 -45.42
N ALA D 71 47.58 -18.05 -44.93
CA ALA D 71 47.28 -18.20 -43.48
C ALA D 71 47.83 -19.54 -43.00
N ASP D 72 48.47 -19.57 -41.83
CA ASP D 72 49.04 -20.78 -41.19
C ASP D 72 47.87 -21.70 -40.79
N VAL D 73 47.68 -22.81 -41.51
CA VAL D 73 46.56 -23.77 -41.31
C VAL D 73 46.74 -24.50 -39.98
N ASN D 74 47.99 -24.62 -39.51
CA ASN D 74 48.36 -25.34 -38.26
C ASN D 74 48.82 -24.35 -37.19
N ALA D 75 48.36 -23.10 -37.25
CA ALA D 75 48.54 -22.08 -36.17
C ALA D 75 47.85 -22.59 -34.91
N TYR D 76 48.50 -22.44 -33.74
CA TYR D 76 47.97 -22.90 -32.44
C TYR D 76 47.94 -21.72 -31.45
N ASP D 77 46.93 -21.73 -30.56
CA ASP D 77 46.72 -20.70 -29.50
C ASP D 77 47.67 -20.98 -28.34
N THR D 78 47.57 -20.22 -27.24
CA THR D 78 48.49 -20.29 -26.08
C THR D 78 48.24 -21.57 -25.27
N LEU D 79 47.15 -22.31 -25.56
CA LEU D 79 46.85 -23.64 -24.96
C LEU D 79 46.96 -24.75 -26.02
N GLY D 80 47.58 -24.44 -27.17
CA GLY D 80 48.05 -25.43 -28.17
C GLY D 80 46.96 -25.94 -29.09
N SER D 81 45.80 -25.27 -29.13
CA SER D 81 44.62 -25.67 -29.97
C SER D 81 44.68 -24.97 -31.33
N THR D 82 44.35 -25.70 -32.41
CA THR D 82 44.45 -25.28 -33.83
C THR D 82 43.05 -24.97 -34.37
N PRO D 83 42.93 -24.35 -35.57
CA PRO D 83 41.63 -24.11 -36.19
C PRO D 83 40.82 -25.39 -36.49
N LEU D 84 41.49 -26.50 -36.77
CA LEU D 84 40.84 -27.82 -37.03
C LEU D 84 40.17 -28.31 -35.75
N HIS D 85 40.81 -28.12 -34.59
CA HIS D 85 40.24 -28.39 -33.24
C HIS D 85 38.88 -27.67 -33.11
N LEU D 86 38.85 -26.36 -33.45
CA LEU D 86 37.67 -25.49 -33.31
C LEU D 86 36.57 -25.94 -34.29
N ALA D 87 36.90 -26.08 -35.58
CA ALA D 87 35.97 -26.45 -36.67
C ALA D 87 35.34 -27.82 -36.38
N ALA D 88 36.14 -28.79 -35.93
CA ALA D 88 35.74 -30.18 -35.63
C ALA D 88 34.82 -30.21 -34.40
N HIS D 89 35.11 -29.39 -33.38
CA HIS D 89 34.40 -29.35 -32.08
C HIS D 89 32.99 -28.79 -32.26
N PHE D 90 32.83 -27.74 -33.08
CA PHE D 90 31.57 -26.96 -33.24
C PHE D 90 30.81 -27.38 -34.50
N GLY D 91 31.18 -28.51 -35.10
CA GLY D 91 30.37 -29.23 -36.12
C GLY D 91 30.33 -28.51 -37.46
N HIS D 92 31.43 -27.88 -37.87
CA HIS D 92 31.58 -27.19 -39.19
C HIS D 92 32.26 -28.15 -40.18
N LEU D 93 31.45 -28.99 -40.84
CA LEU D 93 31.90 -30.11 -41.71
C LEU D 93 32.71 -29.58 -42.90
N GLU D 94 32.19 -28.57 -43.60
CA GLU D 94 32.77 -28.02 -44.86
C GLU D 94 34.16 -27.44 -44.57
N ILE D 95 34.30 -26.71 -43.46
CA ILE D 95 35.57 -26.04 -43.03
C ILE D 95 36.61 -27.10 -42.67
N VAL D 96 36.20 -28.16 -41.95
CA VAL D 96 37.08 -29.30 -41.56
C VAL D 96 37.70 -29.90 -42.82
N GLU D 97 36.89 -30.13 -43.87
CA GLU D 97 37.32 -30.69 -45.17
C GLU D 97 38.32 -29.74 -45.84
N VAL D 98 38.00 -28.45 -45.89
CA VAL D 98 38.85 -27.39 -46.53
C VAL D 98 40.22 -27.34 -45.82
N LEU D 99 40.22 -27.26 -44.48
CA LEU D 99 41.45 -27.19 -43.65
C LEU D 99 42.32 -28.42 -43.90
N LEU D 100 41.71 -29.61 -43.96
CA LEU D 100 42.42 -30.92 -44.15
C LEU D 100 42.99 -31.00 -45.57
N LYS D 101 42.31 -30.44 -46.57
CA LYS D 101 42.78 -30.37 -47.98
C LYS D 101 43.98 -29.44 -48.09
N ASN D 102 44.06 -28.41 -47.22
CA ASN D 102 45.14 -27.40 -47.21
C ASN D 102 46.24 -27.78 -46.20
N GLY D 103 46.21 -29.02 -45.69
CA GLY D 103 47.32 -29.65 -44.95
C GLY D 103 47.26 -29.39 -43.46
N ALA D 104 46.06 -29.39 -42.86
CA ALA D 104 45.86 -29.29 -41.39
C ALA D 104 46.25 -30.63 -40.75
N ASP D 105 47.05 -30.58 -39.69
CA ASP D 105 47.52 -31.78 -38.94
C ASP D 105 46.30 -32.45 -38.29
N VAL D 106 45.89 -33.61 -38.81
CA VAL D 106 44.66 -34.36 -38.40
C VAL D 106 44.86 -34.89 -36.97
N ASN D 107 46.10 -35.14 -36.56
CA ASN D 107 46.48 -35.70 -35.23
C ASN D 107 47.12 -34.61 -34.36
N ALA D 108 46.77 -33.34 -34.58
CA ALA D 108 47.24 -32.19 -33.78
C ALA D 108 46.77 -32.36 -32.33
N LYS D 109 47.71 -32.33 -31.38
CA LYS D 109 47.42 -32.44 -29.91
C LYS D 109 47.56 -31.05 -29.29
N ASP D 110 46.56 -30.65 -28.49
CA ASP D 110 46.62 -29.42 -27.64
C ASP D 110 47.45 -29.75 -26.39
N ASP D 111 47.52 -28.82 -25.43
CA ASP D 111 48.32 -28.96 -24.18
C ASP D 111 47.74 -30.08 -23.31
N ASN D 112 46.47 -30.44 -23.51
CA ASN D 112 45.75 -31.49 -22.74
C ASN D 112 45.88 -32.85 -23.42
N GLY D 113 46.50 -32.90 -24.60
CA GLY D 113 46.65 -34.13 -25.42
C GLY D 113 45.39 -34.44 -26.22
N ILE D 114 44.46 -33.49 -26.28
CA ILE D 114 43.15 -33.62 -27.00
C ILE D 114 43.37 -33.34 -28.49
N THR D 115 42.75 -34.14 -29.36
CA THR D 115 42.86 -34.07 -30.84
C THR D 115 41.53 -33.64 -31.42
N PRO D 116 41.48 -33.22 -32.71
CA PRO D 116 40.20 -32.90 -33.37
C PRO D 116 39.17 -34.05 -33.33
N LEU D 117 39.64 -35.31 -33.32
CA LEU D 117 38.78 -36.52 -33.28
C LEU D 117 38.07 -36.61 -31.93
N HIS D 118 38.79 -36.37 -30.82
CA HIS D 118 38.25 -36.36 -29.43
C HIS D 118 37.08 -35.37 -29.33
N LEU D 119 37.28 -34.15 -29.81
CA LEU D 119 36.30 -33.03 -29.72
C LEU D 119 35.06 -33.34 -30.57
N ALA D 120 35.27 -33.89 -31.77
CA ALA D 120 34.20 -34.29 -32.72
C ALA D 120 33.36 -35.43 -32.10
N ALA D 121 34.04 -36.40 -31.47
CA ALA D 121 33.43 -37.57 -30.79
C ALA D 121 32.61 -37.11 -29.58
N ASN D 122 33.06 -36.05 -28.90
CA ASN D 122 32.45 -35.54 -27.64
C ASN D 122 31.10 -34.90 -27.93
N ARG D 123 30.98 -34.19 -29.08
CA ARG D 123 29.75 -33.47 -29.51
C ARG D 123 28.92 -34.34 -30.47
N GLY D 124 29.41 -35.55 -30.78
CA GLY D 124 28.69 -36.54 -31.62
C GLY D 124 28.55 -36.08 -33.06
N HIS D 125 29.58 -35.43 -33.60
CA HIS D 125 29.66 -34.99 -35.02
C HIS D 125 30.15 -36.16 -35.88
N LEU D 126 29.22 -37.02 -36.33
CA LEU D 126 29.50 -38.33 -36.97
C LEU D 126 30.17 -38.12 -38.34
N GLU D 127 29.62 -37.22 -39.16
CA GLU D 127 30.13 -36.91 -40.52
C GLU D 127 31.59 -36.42 -40.41
N ILE D 128 31.88 -35.54 -39.45
CA ILE D 128 33.23 -34.94 -39.22
C ILE D 128 34.20 -36.02 -38.76
N VAL D 129 33.78 -36.87 -37.81
CA VAL D 129 34.60 -38.01 -37.28
C VAL D 129 35.06 -38.88 -38.45
N GLU D 130 34.15 -39.18 -39.38
CA GLU D 130 34.42 -40.03 -40.58
C GLU D 130 35.44 -39.33 -41.49
N VAL D 131 35.32 -38.01 -41.68
CA VAL D 131 36.22 -37.20 -42.54
C VAL D 131 37.63 -37.20 -41.92
N LEU D 132 37.74 -37.05 -40.60
CA LEU D 132 39.03 -37.08 -39.86
C LEU D 132 39.68 -38.45 -40.03
N LEU D 133 38.91 -39.54 -39.87
CA LEU D 133 39.36 -40.94 -40.04
C LEU D 133 39.79 -41.17 -41.51
N LYS D 134 39.11 -40.52 -42.46
CA LYS D 134 39.40 -40.60 -43.91
C LYS D 134 40.77 -39.98 -44.21
N TYR D 135 41.17 -38.95 -43.46
CA TYR D 135 42.45 -38.21 -43.62
C TYR D 135 43.51 -38.75 -42.65
N GLY D 136 43.23 -39.88 -41.98
CA GLY D 136 44.21 -40.63 -41.17
C GLY D 136 44.28 -40.13 -39.74
N ALA D 137 43.13 -39.96 -39.08
CA ALA D 137 43.02 -39.59 -37.65
C ALA D 137 43.36 -40.83 -36.80
N ASP D 138 44.37 -40.71 -35.94
CA ASP D 138 44.84 -41.79 -35.02
C ASP D 138 43.71 -42.10 -34.03
N VAL D 139 42.99 -43.21 -34.25
CA VAL D 139 41.79 -43.62 -33.47
C VAL D 139 42.22 -44.05 -32.06
N ASN D 140 43.48 -44.45 -31.89
CA ASN D 140 44.06 -44.98 -30.62
C ASN D 140 44.75 -43.85 -29.84
N ALA D 141 44.75 -42.62 -30.36
CA ALA D 141 45.37 -41.43 -29.71
C ALA D 141 44.67 -41.16 -28.38
N GLN D 142 45.46 -41.05 -27.30
CA GLN D 142 44.98 -40.83 -25.90
C GLN D 142 45.26 -39.39 -25.48
N ASP D 143 44.39 -38.81 -24.65
CA ASP D 143 44.57 -37.49 -24.01
C ASP D 143 45.37 -37.69 -22.72
N LYS D 144 45.51 -36.63 -21.90
CA LYS D 144 46.30 -36.64 -20.64
C LYS D 144 45.71 -37.64 -19.63
N PHE D 145 44.42 -37.98 -19.76
CA PHE D 145 43.70 -38.92 -18.87
C PHE D 145 43.61 -40.32 -19.51
N GLY D 146 44.38 -40.56 -20.58
CA GLY D 146 44.47 -41.86 -21.27
C GLY D 146 43.16 -42.27 -21.93
N LYS D 147 42.38 -41.29 -22.39
CA LYS D 147 41.03 -41.49 -23.00
C LYS D 147 41.12 -41.31 -24.51
N THR D 148 40.54 -42.24 -25.27
CA THR D 148 40.43 -42.22 -26.76
C THR D 148 39.06 -41.66 -27.16
N ALA D 149 38.83 -41.47 -28.46
CA ALA D 149 37.54 -41.00 -29.04
C ALA D 149 36.45 -42.05 -28.78
N PHE D 150 36.83 -43.33 -28.71
CA PHE D 150 35.93 -44.49 -28.44
C PHE D 150 35.49 -44.48 -26.96
N ASP D 151 36.42 -44.18 -26.05
CA ASP D 151 36.15 -44.09 -24.58
C ASP D 151 35.13 -42.98 -24.30
N ILE D 152 35.13 -41.93 -25.13
CA ILE D 152 34.19 -40.77 -25.02
C ILE D 152 32.79 -41.22 -25.47
N SER D 153 32.70 -42.02 -26.54
CA SER D 153 31.44 -42.48 -27.17
C SER D 153 30.65 -43.38 -26.21
N ILE D 154 31.32 -44.31 -25.54
CA ILE D 154 30.70 -45.27 -24.57
C ILE D 154 30.28 -44.51 -23.30
N ASN D 155 31.07 -43.51 -22.87
CA ASN D 155 30.78 -42.67 -21.68
C ASN D 155 29.60 -41.75 -21.98
N ASN D 156 29.55 -41.19 -23.19
CA ASN D 156 28.46 -40.29 -23.67
C ASN D 156 27.21 -41.11 -23.98
N GLY D 157 27.36 -42.40 -24.30
CA GLY D 157 26.26 -43.31 -24.65
C GLY D 157 25.83 -43.15 -26.11
N ASN D 158 26.77 -42.73 -26.97
CA ASN D 158 26.56 -42.54 -28.44
C ASN D 158 26.90 -43.86 -29.13
N GLU D 159 25.90 -44.74 -29.31
CA GLU D 159 26.08 -46.12 -29.82
C GLU D 159 26.36 -46.11 -31.32
N ASP D 160 25.85 -45.10 -32.04
CA ASP D 160 26.11 -44.89 -33.49
C ASP D 160 27.61 -44.60 -33.70
N LEU D 161 28.16 -43.65 -32.92
CA LEU D 161 29.57 -43.19 -33.00
C LEU D 161 30.51 -44.34 -32.60
N ALA D 162 30.19 -45.07 -31.53
CA ALA D 162 31.01 -46.16 -30.96
C ALA D 162 31.24 -47.26 -32.00
N GLU D 163 30.25 -47.50 -32.88
CA GLU D 163 30.30 -48.53 -33.95
C GLU D 163 31.29 -48.12 -35.04
N ILE D 164 31.27 -46.84 -35.43
CA ILE D 164 32.18 -46.24 -36.47
C ILE D 164 33.64 -46.44 -36.02
N LEU D 165 33.94 -46.16 -34.75
CA LEU D 165 35.31 -46.19 -34.17
C LEU D 165 35.74 -47.63 -33.86
N GLN D 166 34.79 -48.58 -33.90
CA GLN D 166 35.04 -50.04 -33.72
C GLN D 166 35.72 -50.29 -32.36
N ASP E 13 -19.84 -55.85 -3.24
CA ASP E 13 -20.84 -54.74 -3.23
C ASP E 13 -21.50 -54.66 -1.85
N LEU E 14 -22.10 -55.76 -1.39
CA LEU E 14 -22.74 -55.86 -0.06
C LEU E 14 -21.66 -55.87 1.04
N GLY E 15 -20.53 -56.53 0.77
CA GLY E 15 -19.35 -56.56 1.65
C GLY E 15 -18.76 -55.18 1.85
N LYS E 16 -18.74 -54.36 0.79
CA LYS E 16 -18.23 -52.95 0.80
C LYS E 16 -19.15 -52.09 1.70
N LYS E 17 -20.46 -52.20 1.50
CA LYS E 17 -21.50 -51.48 2.28
C LYS E 17 -21.37 -51.85 3.77
N LEU E 18 -21.08 -53.12 4.06
CA LEU E 18 -20.90 -53.66 5.43
C LEU E 18 -19.63 -53.07 6.07
N LEU E 19 -18.53 -52.99 5.32
CA LEU E 19 -17.24 -52.40 5.76
C LEU E 19 -17.49 -50.96 6.23
N GLU E 20 -18.25 -50.18 5.46
CA GLU E 20 -18.61 -48.77 5.78
C GLU E 20 -19.53 -48.74 7.01
N ALA E 21 -20.53 -49.61 7.04
CA ALA E 21 -21.53 -49.74 8.14
C ALA E 21 -20.82 -50.12 9.44
N ALA E 22 -19.87 -51.05 9.38
CA ALA E 22 -19.08 -51.57 10.53
C ALA E 22 -18.20 -50.46 11.12
N ARG E 23 -17.49 -49.71 10.26
CA ARG E 23 -16.60 -48.60 10.65
C ARG E 23 -17.42 -47.47 11.28
N ALA E 24 -18.44 -46.99 10.56
CA ALA E 24 -19.30 -45.84 10.95
C ALA E 24 -19.96 -46.09 12.30
N GLY E 25 -20.26 -47.36 12.61
CA GLY E 25 -20.91 -47.78 13.87
C GLY E 25 -22.42 -47.82 13.75
N ARG E 26 -22.93 -48.17 12.56
CA ARG E 26 -24.37 -48.29 12.26
C ARG E 26 -24.83 -49.71 12.61
N ASP E 27 -25.38 -49.90 13.82
CA ASP E 27 -25.80 -51.22 14.36
C ASP E 27 -26.90 -51.81 13.47
N ASP E 28 -27.97 -51.05 13.22
CA ASP E 28 -29.18 -51.49 12.47
C ASP E 28 -28.78 -51.92 11.06
N GLU E 29 -27.96 -51.14 10.36
CA GLU E 29 -27.52 -51.39 8.96
C GLU E 29 -26.75 -52.71 8.87
N VAL E 30 -25.87 -52.97 9.84
CA VAL E 30 -24.99 -54.19 9.87
C VAL E 30 -25.89 -55.44 9.93
N ARG E 31 -26.89 -55.45 10.82
CA ARG E 31 -27.86 -56.56 10.98
C ARG E 31 -28.64 -56.75 9.68
N ILE E 32 -29.16 -55.65 9.12
CA ILE E 32 -29.95 -55.61 7.86
C ILE E 32 -29.12 -56.17 6.70
N LEU E 33 -27.90 -55.66 6.51
CA LEU E 33 -26.95 -56.12 5.46
C LEU E 33 -26.60 -57.59 5.67
N MET E 34 -26.52 -58.03 6.94
CA MET E 34 -26.18 -59.43 7.35
C MET E 34 -27.34 -60.36 6.97
N ALA E 35 -28.57 -59.93 7.23
CA ALA E 35 -29.82 -60.67 6.91
C ALA E 35 -29.98 -60.81 5.39
N ASN E 36 -29.47 -59.84 4.63
CA ASN E 36 -29.51 -59.83 3.14
C ASN E 36 -28.35 -60.66 2.58
N GLY E 37 -27.45 -61.14 3.45
CA GLY E 37 -26.41 -62.14 3.12
C GLY E 37 -25.16 -61.51 2.53
N ALA E 38 -24.63 -60.47 3.19
CA ALA E 38 -23.35 -59.81 2.86
C ALA E 38 -22.19 -60.64 3.39
N ASP E 39 -21.06 -60.67 2.67
CA ASP E 39 -19.84 -61.41 3.06
C ASP E 39 -19.30 -60.83 4.36
N VAL E 40 -19.34 -61.62 5.45
CA VAL E 40 -18.94 -61.20 6.83
C VAL E 40 -17.42 -61.01 6.88
N ASN E 41 -16.67 -61.68 6.00
CA ASN E 41 -15.19 -61.62 5.91
C ASN E 41 -14.78 -60.82 4.66
N ALA E 42 -15.56 -59.79 4.30
CA ALA E 42 -15.30 -58.89 3.14
C ALA E 42 -14.09 -57.99 3.46
N ALA E 43 -12.96 -58.23 2.79
CA ALA E 43 -11.68 -57.52 3.02
C ALA E 43 -11.61 -56.28 2.12
N ASP E 44 -11.11 -55.16 2.66
CA ASP E 44 -10.88 -53.89 1.91
C ASP E 44 -9.49 -53.96 1.26
N VAL E 45 -8.99 -52.83 0.76
CA VAL E 45 -7.73 -52.75 -0.05
C VAL E 45 -6.51 -53.13 0.81
N VAL E 46 -6.54 -52.86 2.12
CA VAL E 46 -5.42 -53.15 3.07
C VAL E 46 -5.66 -54.49 3.77
N GLY E 47 -6.79 -55.15 3.49
CA GLY E 47 -7.11 -56.51 3.98
C GLY E 47 -7.86 -56.48 5.31
N TRP E 48 -8.53 -55.36 5.62
CA TRP E 48 -9.32 -55.17 6.87
C TRP E 48 -10.75 -55.66 6.64
N THR E 49 -11.21 -56.59 7.48
CA THR E 49 -12.59 -57.14 7.51
C THR E 49 -13.48 -56.19 8.30
N PRO E 50 -14.83 -56.35 8.27
CA PRO E 50 -15.72 -55.57 9.13
C PRO E 50 -15.37 -55.68 10.63
N LEU E 51 -14.85 -56.85 11.05
CA LEU E 51 -14.45 -57.13 12.46
C LEU E 51 -13.21 -56.29 12.81
N HIS E 52 -12.26 -56.16 11.89
CA HIS E 52 -11.05 -55.29 12.01
C HIS E 52 -11.48 -53.85 12.31
N LEU E 53 -12.40 -53.31 11.49
CA LEU E 53 -12.88 -51.90 11.56
C LEU E 53 -13.63 -51.69 12.89
N ALA E 54 -14.58 -52.57 13.22
CA ALA E 54 -15.39 -52.52 14.46
C ALA E 54 -14.48 -52.54 15.69
N ALA E 55 -13.40 -53.32 15.66
CA ALA E 55 -12.42 -53.48 16.75
C ALA E 55 -11.58 -52.19 16.90
N TYR E 56 -11.16 -51.60 15.78
CA TYR E 56 -10.29 -50.40 15.71
C TYR E 56 -11.00 -49.17 16.31
N TRP E 57 -12.23 -48.92 15.85
CA TRP E 57 -13.06 -47.74 16.26
C TRP E 57 -13.84 -48.06 17.54
N GLY E 58 -13.81 -49.32 17.99
CA GLY E 58 -14.36 -49.74 19.30
C GLY E 58 -15.88 -49.77 19.31
N HIS E 59 -16.48 -50.55 18.41
CA HIS E 59 -17.95 -50.77 18.29
C HIS E 59 -18.29 -52.18 18.80
N LEU E 60 -18.41 -52.34 20.12
CA LEU E 60 -18.60 -53.63 20.83
C LEU E 60 -19.82 -54.37 20.27
N GLU E 61 -20.92 -53.64 20.02
CA GLU E 61 -22.23 -54.21 19.59
C GLU E 61 -22.06 -54.90 18.23
N ILE E 62 -21.39 -54.24 17.29
CA ILE E 62 -21.16 -54.72 15.89
C ILE E 62 -20.19 -55.91 15.90
N VAL E 63 -19.15 -55.86 16.75
CA VAL E 63 -18.16 -56.96 16.93
C VAL E 63 -18.90 -58.25 17.34
N GLU E 64 -19.84 -58.13 18.28
CA GLU E 64 -20.65 -59.26 18.82
C GLU E 64 -21.60 -59.80 17.73
N VAL E 65 -22.20 -58.91 16.94
CA VAL E 65 -23.15 -59.26 15.84
C VAL E 65 -22.40 -59.99 14.72
N LEU E 66 -21.24 -59.48 14.32
CA LEU E 66 -20.39 -60.06 13.24
C LEU E 66 -19.92 -61.47 13.64
N LEU E 67 -19.47 -61.64 14.88
CA LEU E 67 -19.01 -62.95 15.43
C LEU E 67 -20.20 -63.92 15.52
N LYS E 68 -21.41 -63.43 15.79
CA LYS E 68 -22.65 -64.24 15.84
C LYS E 68 -23.00 -64.76 14.42
N ASN E 69 -22.61 -64.02 13.38
CA ASN E 69 -22.93 -64.33 11.96
C ASN E 69 -21.70 -64.92 11.25
N GLY E 70 -20.74 -65.45 12.03
CA GLY E 70 -19.64 -66.30 11.53
C GLY E 70 -18.49 -65.50 10.92
N ALA E 71 -18.14 -64.37 11.52
CA ALA E 71 -16.98 -63.53 11.14
C ALA E 71 -15.69 -64.22 11.61
N ASP E 72 -14.73 -64.43 10.69
CA ASP E 72 -13.42 -65.07 10.97
C ASP E 72 -12.70 -64.24 12.04
N VAL E 73 -12.61 -64.78 13.26
CA VAL E 73 -12.06 -64.09 14.46
C VAL E 73 -10.55 -63.90 14.31
N ASN E 74 -9.88 -64.83 13.60
CA ASN E 74 -8.41 -64.83 13.39
C ASN E 74 -8.07 -64.36 11.97
N ALA E 75 -8.96 -63.58 11.34
CA ALA E 75 -8.70 -62.86 10.08
C ALA E 75 -7.55 -61.87 10.30
N TYR E 76 -6.64 -61.73 9.31
CA TYR E 76 -5.46 -60.83 9.39
C TYR E 76 -5.35 -59.99 8.12
N ASP E 77 -4.77 -58.79 8.24
CA ASP E 77 -4.57 -57.81 7.15
C ASP E 77 -3.32 -58.19 6.34
N THR E 78 -2.92 -57.34 5.39
CA THR E 78 -1.77 -57.60 4.47
C THR E 78 -0.43 -57.49 5.21
N LEU E 79 -0.43 -56.98 6.45
CA LEU E 79 0.77 -56.91 7.34
C LEU E 79 0.65 -57.92 8.49
N GLY E 80 -0.41 -58.74 8.51
CA GLY E 80 -0.54 -59.93 9.37
C GLY E 80 -1.21 -59.65 10.71
N SER E 81 -1.69 -58.42 10.95
CA SER E 81 -2.34 -58.00 12.22
C SER E 81 -3.83 -58.39 12.20
N THR E 82 -4.37 -58.76 13.36
CA THR E 82 -5.75 -59.30 13.57
C THR E 82 -6.60 -58.27 14.31
N PRO E 83 -7.94 -58.46 14.41
CA PRO E 83 -8.78 -57.57 15.21
C PRO E 83 -8.38 -57.48 16.69
N LEU E 84 -7.85 -58.57 17.27
CA LEU E 84 -7.38 -58.62 18.68
C LEU E 84 -6.21 -57.65 18.86
N HIS E 85 -5.29 -57.58 17.88
CA HIS E 85 -4.16 -56.63 17.82
C HIS E 85 -4.69 -55.19 17.96
N LEU E 86 -5.72 -54.84 17.17
CA LEU E 86 -6.32 -53.48 17.14
C LEU E 86 -7.05 -53.20 18.46
N ALA E 87 -7.90 -54.13 18.90
CA ALA E 87 -8.70 -54.03 20.15
C ALA E 87 -7.76 -53.84 21.35
N ALA E 88 -6.67 -54.61 21.40
CA ALA E 88 -5.67 -54.62 22.51
C ALA E 88 -4.87 -53.31 22.50
N HIS E 89 -4.47 -52.83 21.32
CA HIS E 89 -3.57 -51.67 21.12
C HIS E 89 -4.28 -50.36 21.50
N PHE E 90 -5.58 -50.24 21.19
CA PHE E 90 -6.38 -49.00 21.33
C PHE E 90 -7.22 -49.05 22.62
N GLY E 91 -6.98 -50.04 23.49
CA GLY E 91 -7.51 -50.09 24.87
C GLY E 91 -9.00 -50.35 24.92
N HIS E 92 -9.51 -51.27 24.08
CA HIS E 92 -10.93 -51.70 24.04
C HIS E 92 -11.08 -53.00 24.82
N LEU E 93 -11.18 -52.91 26.15
CA LEU E 93 -11.17 -54.06 27.10
C LEU E 93 -12.29 -55.05 26.78
N GLU E 94 -13.53 -54.56 26.69
CA GLU E 94 -14.74 -55.41 26.46
C GLU E 94 -14.58 -56.20 25.17
N ILE E 95 -14.13 -55.55 24.10
CA ILE E 95 -13.96 -56.18 22.74
C ILE E 95 -12.87 -57.26 22.82
N VAL E 96 -11.78 -56.99 23.55
CA VAL E 96 -10.65 -57.95 23.75
C VAL E 96 -11.21 -59.22 24.41
N GLU E 97 -12.06 -59.08 25.43
CA GLU E 97 -12.70 -60.22 26.16
C GLU E 97 -13.60 -60.99 25.19
N VAL E 98 -14.45 -60.28 24.44
CA VAL E 98 -15.44 -60.87 23.48
C VAL E 98 -14.68 -61.67 22.42
N LEU E 99 -13.64 -61.08 21.83
CA LEU E 99 -12.80 -61.71 20.78
C LEU E 99 -12.18 -63.01 21.31
N LEU E 100 -11.55 -62.95 22.50
CA LEU E 100 -10.85 -64.09 23.15
C LEU E 100 -11.85 -65.22 23.43
N LYS E 101 -13.04 -64.89 23.94
CA LYS E 101 -14.13 -65.85 24.25
C LYS E 101 -14.55 -66.60 22.98
N ASN E 102 -14.51 -65.93 21.82
CA ASN E 102 -14.93 -66.48 20.50
C ASN E 102 -13.71 -67.07 19.77
N GLY E 103 -12.64 -67.42 20.51
CA GLY E 103 -11.51 -68.21 20.01
C GLY E 103 -10.54 -67.38 19.18
N ALA E 104 -10.14 -66.20 19.68
CA ALA E 104 -9.09 -65.34 19.08
C ALA E 104 -7.72 -65.85 19.52
N ASP E 105 -6.80 -66.02 18.56
CA ASP E 105 -5.41 -66.47 18.81
C ASP E 105 -4.70 -65.40 19.64
N VAL E 106 -4.56 -65.65 20.95
CA VAL E 106 -4.02 -64.69 21.96
C VAL E 106 -2.52 -64.45 21.69
N ASN E 107 -1.82 -65.44 21.13
CA ASN E 107 -0.36 -65.39 20.83
C ASN E 107 -0.13 -65.14 19.33
N ALA E 108 -1.12 -64.58 18.62
CA ALA E 108 -1.06 -64.27 17.18
C ALA E 108 0.03 -63.23 16.92
N LYS E 109 0.93 -63.50 15.95
CA LYS E 109 2.03 -62.60 15.54
C LYS E 109 1.72 -61.97 14.18
N ASP E 110 1.93 -60.67 14.04
CA ASP E 110 1.91 -59.95 12.73
C ASP E 110 3.24 -60.24 12.02
N ASP E 111 3.48 -59.64 10.85
CA ASP E 111 4.69 -59.85 10.02
C ASP E 111 5.94 -59.40 10.78
N ASN E 112 5.80 -58.51 11.76
CA ASN E 112 6.90 -57.94 12.57
C ASN E 112 7.18 -58.83 13.80
N GLY E 113 6.37 -59.87 14.02
CA GLY E 113 6.47 -60.77 15.18
C GLY E 113 5.83 -60.16 16.43
N ILE E 114 5.05 -59.10 16.27
CA ILE E 114 4.40 -58.34 17.38
C ILE E 114 3.06 -59.02 17.71
N THR E 115 2.77 -59.19 19.00
CA THR E 115 1.57 -59.87 19.54
C THR E 115 0.66 -58.84 20.21
N PRO E 116 -0.62 -59.18 20.50
CA PRO E 116 -1.51 -58.29 21.24
C PRO E 116 -0.97 -57.85 22.61
N LEU E 117 -0.19 -58.70 23.28
CA LEU E 117 0.43 -58.41 24.60
C LEU E 117 1.48 -57.30 24.43
N HIS E 118 2.31 -57.38 23.39
CA HIS E 118 3.34 -56.36 23.03
C HIS E 118 2.67 -54.98 22.88
N LEU E 119 1.55 -54.92 22.14
CA LEU E 119 0.83 -53.66 21.81
C LEU E 119 0.18 -53.08 23.08
N ALA E 120 -0.55 -53.91 23.83
CA ALA E 120 -1.26 -53.54 25.09
C ALA E 120 -0.25 -53.02 26.13
N ALA E 121 0.91 -53.69 26.24
CA ALA E 121 2.01 -53.35 27.17
C ALA E 121 2.63 -52.01 26.79
N ASN E 122 2.79 -51.75 25.49
CA ASN E 122 3.45 -50.53 24.94
C ASN E 122 2.64 -49.28 25.29
N ARG E 123 1.32 -49.34 25.13
CA ARG E 123 0.39 -48.19 25.37
C ARG E 123 -0.06 -48.17 26.84
N GLY E 124 0.35 -49.17 27.62
CA GLY E 124 0.14 -49.22 29.09
C GLY E 124 -1.29 -49.54 29.46
N HIS E 125 -1.90 -50.54 28.81
CA HIS E 125 -3.27 -51.03 29.07
C HIS E 125 -3.21 -52.25 30.01
N LEU E 126 -3.26 -52.00 31.33
CA LEU E 126 -2.96 -53.01 32.38
C LEU E 126 -4.10 -54.04 32.48
N GLU E 127 -5.35 -53.58 32.49
CA GLU E 127 -6.56 -54.44 32.55
C GLU E 127 -6.53 -55.45 31.40
N ILE E 128 -6.21 -54.99 30.18
CA ILE E 128 -6.17 -55.81 28.94
C ILE E 128 -5.03 -56.83 29.04
N VAL E 129 -3.84 -56.39 29.48
CA VAL E 129 -2.63 -57.27 29.65
C VAL E 129 -3.00 -58.47 30.53
N GLU E 130 -3.68 -58.22 31.66
CA GLU E 130 -4.10 -59.26 32.64
C GLU E 130 -5.07 -60.25 31.97
N VAL E 131 -6.00 -59.75 31.14
CA VAL E 131 -7.00 -60.58 30.39
C VAL E 131 -6.25 -61.49 29.42
N LEU E 132 -5.29 -60.94 28.67
CA LEU E 132 -4.47 -61.69 27.67
C LEU E 132 -3.64 -62.78 28.37
N LEU E 133 -3.02 -62.44 29.51
CA LEU E 133 -2.25 -63.39 30.37
C LEU E 133 -3.17 -64.49 30.89
N LYS E 134 -4.42 -64.15 31.20
CA LYS E 134 -5.46 -65.07 31.75
C LYS E 134 -5.87 -66.09 30.66
N TYR E 135 -5.80 -65.70 29.39
CA TYR E 135 -6.17 -66.55 28.21
C TYR E 135 -4.94 -67.25 27.65
N GLY E 136 -3.77 -67.10 28.31
CA GLY E 136 -2.54 -67.85 28.01
C GLY E 136 -1.66 -67.14 27.00
N ALA E 137 -1.37 -65.85 27.22
CA ALA E 137 -0.43 -65.03 26.42
C ALA E 137 1.00 -65.35 26.87
N ASP E 138 1.87 -65.69 25.91
CA ASP E 138 3.30 -66.04 26.14
C ASP E 138 4.06 -64.76 26.51
N VAL E 139 4.46 -64.63 27.78
CA VAL E 139 5.20 -63.45 28.34
C VAL E 139 6.60 -63.37 27.71
N ASN E 140 7.15 -64.52 27.29
CA ASN E 140 8.53 -64.64 26.74
C ASN E 140 8.52 -64.54 25.21
N ALA E 141 7.34 -64.34 24.60
CA ALA E 141 7.17 -64.14 23.14
C ALA E 141 7.96 -62.90 22.70
N GLN E 142 8.85 -63.07 21.72
CA GLN E 142 9.77 -62.01 21.22
C GLN E 142 9.29 -61.52 19.85
N ASP E 143 9.44 -60.22 19.58
CA ASP E 143 9.21 -59.61 18.23
C ASP E 143 10.50 -59.78 17.41
N LYS E 144 10.55 -59.20 16.21
CA LYS E 144 11.67 -59.36 15.24
C LYS E 144 12.99 -58.81 15.82
N PHE E 145 12.92 -57.89 16.79
CA PHE E 145 14.10 -57.26 17.44
C PHE E 145 14.43 -57.97 18.77
N GLY E 146 13.74 -59.08 19.07
CA GLY E 146 13.97 -59.90 20.27
C GLY E 146 13.52 -59.21 21.54
N LYS E 147 12.41 -58.46 21.47
CA LYS E 147 11.83 -57.68 22.61
C LYS E 147 10.57 -58.39 23.11
N THR E 148 10.47 -58.60 24.43
CA THR E 148 9.30 -59.16 25.13
C THR E 148 8.39 -58.02 25.60
N ALA E 149 7.22 -58.34 26.17
CA ALA E 149 6.27 -57.39 26.77
C ALA E 149 6.90 -56.75 28.02
N PHE E 150 7.78 -57.48 28.70
CA PHE E 150 8.52 -57.02 29.92
C PHE E 150 9.58 -55.99 29.51
N ASP E 151 10.37 -56.29 28.47
CA ASP E 151 11.42 -55.39 27.92
C ASP E 151 10.81 -54.02 27.62
N ILE E 152 9.57 -54.00 27.09
CA ILE E 152 8.81 -52.76 26.73
C ILE E 152 8.49 -51.98 28.01
N SER E 153 7.96 -52.65 29.03
CA SER E 153 7.53 -52.04 30.33
C SER E 153 8.73 -51.37 31.02
N ILE E 154 9.91 -51.98 30.93
CA ILE E 154 11.18 -51.47 31.52
C ILE E 154 11.61 -50.20 30.78
N ASN E 155 11.62 -50.24 29.44
CA ASN E 155 12.05 -49.12 28.55
C ASN E 155 11.08 -47.95 28.72
N ASN E 156 9.77 -48.22 28.79
CA ASN E 156 8.69 -47.22 28.97
C ASN E 156 8.73 -46.65 30.39
N GLY E 157 9.26 -47.42 31.35
CA GLY E 157 9.37 -47.03 32.78
C GLY E 157 8.06 -47.24 33.51
N ASN E 158 7.28 -48.23 33.09
CA ASN E 158 5.98 -48.61 33.69
C ASN E 158 6.21 -49.76 34.68
N GLU E 159 6.28 -49.44 35.98
CA GLU E 159 6.58 -50.40 37.07
C GLU E 159 5.32 -51.22 37.41
N ASP E 160 4.15 -50.58 37.35
CA ASP E 160 2.82 -51.23 37.55
C ASP E 160 2.68 -52.40 36.57
N LEU E 161 3.16 -52.22 35.34
CA LEU E 161 3.11 -53.24 34.25
C LEU E 161 4.25 -54.26 34.44
N ALA E 162 5.46 -53.78 34.72
CA ALA E 162 6.70 -54.59 34.87
C ALA E 162 6.51 -55.65 35.97
N GLU E 163 5.83 -55.28 37.06
CA GLU E 163 5.53 -56.16 38.22
C GLU E 163 4.60 -57.31 37.77
N ILE E 164 3.50 -56.97 37.07
CA ILE E 164 2.48 -57.93 36.57
C ILE E 164 3.15 -59.00 35.70
N LEU E 165 4.15 -58.61 34.91
CA LEU E 165 4.87 -59.49 33.94
C LEU E 165 6.06 -60.18 34.62
N GLN E 166 6.43 -59.74 35.84
CA GLN E 166 7.58 -60.27 36.64
C GLN E 166 8.89 -59.91 35.92
#